data_6PJW
#
_entry.id   6PJW
#
_cell.length_a   88.770
_cell.length_b   121.390
_cell.length_c   121.040
_cell.angle_alpha   90.00
_cell.angle_beta   102.95
_cell.angle_gamma   90.00
#
_symmetry.space_group_name_H-M   'P 1 21 1'
#
loop_
_entity.id
_entity.type
_entity.pdbx_description
1 polymer 'Adenylate kinase'
2 non-polymer 'ADENOSINE MONOPHOSPHATE'
3 non-polymer 'MAGNESIUM ION'
4 water water
#
_entity_poly.entity_id   1
_entity_poly.type   'polypeptide(L)'
_entity_poly.pdbx_seq_one_letter_code
;MKNKVVVVTGVPGVGGTTLTQKTIEKLKEEGIEYKMVNFGTVMFEVAKEEGLVEDRDQMRKLDPDTQKRIQKLAGRKIAE
MAKESNVIVDTHSTVKTPKGYLAGLPIWVLEELNPDIIVIVETSSDEILMRRLGDATRNRDIELTSDIDEHQFMNRCAAM
AYGVLTGATVKIIKNRDGLLDKAVEELISVLKLEHHHHHH
;
_entity_poly.pdbx_strand_id   A,B,C,D,E,F,G,H,I,J,K,L
#
loop_
_chem_comp.id
_chem_comp.type
_chem_comp.name
_chem_comp.formula
AMP non-polymer 'ADENOSINE MONOPHOSPHATE' 'C10 H14 N5 O7 P'
MG non-polymer 'MAGNESIUM ION' 'Mg 2'
#
# COMPACT_ATOMS: atom_id res chain seq x y z
N LYS A 2 2.24 -25.78 46.97
CA LYS A 2 2.73 -24.49 46.48
C LYS A 2 2.25 -23.20 47.16
N ASN A 3 3.19 -22.33 47.46
CA ASN A 3 2.89 -21.24 48.39
C ASN A 3 2.56 -19.89 47.73
N LYS A 4 1.73 -19.10 48.46
CA LYS A 4 1.32 -17.80 47.94
C LYS A 4 2.40 -16.79 48.31
N VAL A 5 2.72 -15.93 47.33
CA VAL A 5 3.75 -14.87 47.49
C VAL A 5 3.02 -13.58 47.22
N VAL A 6 2.90 -12.74 48.27
CA VAL A 6 2.21 -11.45 48.18
C VAL A 6 3.24 -10.35 48.36
N VAL A 7 3.21 -9.37 47.47
CA VAL A 7 4.02 -8.16 47.58
C VAL A 7 3.09 -7.04 48.03
N VAL A 8 3.49 -6.32 49.09
CA VAL A 8 2.80 -5.12 49.56
C VAL A 8 3.76 -3.96 49.31
N THR A 9 3.28 -2.92 48.65
CA THR A 9 4.11 -1.76 48.33
C THR A 9 3.37 -0.50 48.77
N GLY A 10 4.12 0.59 48.95
CA GLY A 10 3.57 1.88 49.30
C GLY A 10 4.71 2.83 49.60
N VAL A 11 4.54 4.12 49.34
CA VAL A 11 5.62 5.04 49.65
C VAL A 11 5.83 5.10 51.15
N PRO A 12 7.03 5.45 51.60
CA PRO A 12 7.26 5.68 53.03
C PRO A 12 6.19 6.58 53.64
N GLY A 13 5.68 6.19 54.81
CA GLY A 13 4.65 6.93 55.52
C GLY A 13 3.23 6.50 55.23
N VAL A 14 3.01 5.68 54.21
CA VAL A 14 1.65 5.32 53.80
C VAL A 14 1.10 4.15 54.58
N GLY A 15 1.96 3.36 55.22
CA GLY A 15 1.54 2.30 56.09
C GLY A 15 1.63 0.90 55.52
N GLY A 16 2.47 0.65 54.53
CA GLY A 16 2.63 -0.71 54.03
C GLY A 16 3.08 -1.68 55.11
N THR A 17 4.08 -1.28 55.90
CA THR A 17 4.54 -2.14 56.98
C THR A 17 3.44 -2.37 58.03
N THR A 18 2.76 -1.30 58.45
CA THR A 18 1.72 -1.39 59.48
C THR A 18 0.55 -2.25 59.02
N LEU A 19 0.14 -2.06 57.77
CA LEU A 19 -0.95 -2.87 57.23
C LEU A 19 -0.57 -4.34 57.22
N THR A 20 0.70 -4.62 56.91
CA THR A 20 1.19 -6.01 56.81
C THR A 20 1.24 -6.70 58.18
N GLN A 21 1.73 -6.02 59.23
CA GLN A 21 1.82 -6.68 60.53
C GLN A 21 0.41 -6.99 61.04
N LYS A 22 -0.48 -6.01 60.91
CA LYS A 22 -1.86 -6.14 61.37
C LYS A 22 -2.59 -7.22 60.59
N THR A 23 -2.29 -7.36 59.29
CA THR A 23 -2.96 -8.39 58.50
C THR A 23 -2.51 -9.80 58.89
N ILE A 24 -1.22 -10.02 59.13
CA ILE A 24 -0.75 -11.35 59.44
C ILE A 24 -1.26 -11.83 60.79
N GLU A 25 -1.33 -10.91 61.79
CA GLU A 25 -1.89 -11.33 63.11
C GLU A 25 -3.38 -11.67 62.98
N LYS A 26 -4.10 -10.94 62.17
CA LYS A 26 -5.51 -11.20 61.94
C LYS A 26 -5.74 -12.50 61.19
N LEU A 27 -4.77 -12.89 60.33
CA LEU A 27 -4.86 -14.15 59.60
C LEU A 27 -4.54 -15.32 60.52
N LYS A 28 -3.54 -15.16 61.41
CA LYS A 28 -3.17 -16.23 62.33
C LYS A 28 -4.28 -16.55 63.28
N GLU A 29 -5.15 -15.56 63.57
CA GLU A 29 -6.28 -15.82 64.46
C GLU A 29 -7.37 -16.66 63.78
N GLU A 30 -7.43 -16.62 62.46
CA GLU A 30 -8.32 -17.41 61.62
C GLU A 30 -7.66 -18.72 61.17
N GLY A 31 -6.42 -18.99 61.63
CA GLY A 31 -5.65 -20.16 61.26
C GLY A 31 -4.81 -20.08 59.99
N ILE A 32 -4.47 -18.89 59.51
CA ILE A 32 -3.82 -18.73 58.23
C ILE A 32 -2.36 -18.28 58.40
N GLU A 33 -1.42 -19.09 57.96
CA GLU A 33 0.01 -18.90 58.21
C GLU A 33 0.60 -18.10 57.05
N TYR A 34 0.99 -16.85 57.33
CA TYR A 34 1.87 -16.07 56.48
C TYR A 34 3.11 -15.62 57.22
N LYS A 35 4.21 -15.52 56.49
CA LYS A 35 5.49 -14.99 56.98
C LYS A 35 5.66 -13.56 56.48
N MET A 36 5.98 -12.65 57.40
CA MET A 36 6.36 -11.29 57.03
C MET A 36 7.86 -11.22 56.74
N VAL A 37 8.20 -10.56 55.62
CA VAL A 37 9.58 -10.32 55.20
C VAL A 37 9.68 -8.89 54.71
N ASN A 38 10.60 -8.12 55.26
CA ASN A 38 10.85 -6.75 54.79
C ASN A 38 12.05 -6.77 53.84
N PHE A 39 11.79 -6.47 52.55
CA PHE A 39 12.84 -6.48 51.53
C PHE A 39 14.04 -5.61 51.93
N GLY A 40 13.78 -4.44 52.51
CA GLY A 40 14.86 -3.53 52.87
C GLY A 40 15.75 -4.08 53.97
N THR A 41 15.17 -4.80 54.94
CA THR A 41 15.99 -5.49 55.94
C THR A 41 16.89 -6.53 55.31
N VAL A 42 16.35 -7.32 54.37
CA VAL A 42 17.17 -8.34 53.72
C VAL A 42 18.39 -7.72 53.10
N MET A 43 18.20 -6.63 52.37
CA MET A 43 19.29 -5.89 51.78
C MET A 43 20.23 -5.32 52.84
N PHE A 44 19.66 -4.72 53.89
CA PHE A 44 20.45 -4.03 54.90
C PHE A 44 21.34 -5.00 55.66
N GLU A 45 20.90 -6.24 55.88
CA GLU A 45 21.82 -7.21 56.46
C GLU A 45 23.05 -7.37 55.56
N VAL A 46 22.81 -7.45 54.24
CA VAL A 46 23.92 -7.57 53.29
C VAL A 46 24.76 -6.29 53.29
N ALA A 47 24.11 -5.13 53.16
CA ALA A 47 24.88 -3.88 53.07
C ALA A 47 25.60 -3.59 54.38
N LYS A 48 24.96 -3.83 55.52
CA LYS A 48 25.59 -3.58 56.82
C LYS A 48 26.79 -4.46 57.03
N GLU A 49 26.74 -5.67 56.49
CA GLU A 49 27.83 -6.64 56.63
C GLU A 49 29.04 -6.27 55.79
N GLU A 50 28.83 -5.57 54.66
CA GLU A 50 29.91 -5.12 53.79
C GLU A 50 30.46 -3.76 54.19
N GLY A 51 29.84 -3.09 55.15
CA GLY A 51 30.28 -1.79 55.65
C GLY A 51 29.86 -0.60 54.81
N LEU A 52 28.90 -0.78 53.91
CA LEU A 52 28.49 0.28 53.00
C LEU A 52 27.54 1.27 53.65
N VAL A 53 26.87 0.91 54.74
CA VAL A 53 25.86 1.76 55.35
C VAL A 53 25.85 1.53 56.83
N GLU A 54 25.31 2.48 57.58
CA GLU A 54 25.09 2.35 59.01
C GLU A 54 23.61 2.10 59.32
N ASP A 55 22.70 2.69 58.53
CA ASP A 55 21.28 2.57 58.74
C ASP A 55 20.61 2.38 57.38
N ARG A 56 19.35 1.92 57.44
CA ARG A 56 18.70 1.43 56.23
C ARG A 56 18.30 2.55 55.27
N ASP A 57 18.23 3.80 55.73
CA ASP A 57 17.84 4.91 54.88
C ASP A 57 19.01 5.54 54.13
N GLN A 58 20.22 4.98 54.30
CA GLN A 58 21.38 5.27 53.47
C GLN A 58 21.45 4.41 52.22
N MET A 59 20.63 3.38 52.13
CA MET A 59 20.76 2.47 51.01
C MET A 59 20.35 3.15 49.72
N ARG A 60 19.27 3.94 49.75
CA ARG A 60 18.80 4.56 48.51
C ARG A 60 19.71 5.66 48.00
N LYS A 61 20.74 6.04 48.74
CA LYS A 61 21.70 7.05 48.29
C LYS A 61 22.99 6.44 47.75
N LEU A 62 23.09 5.11 47.78
CA LEU A 62 24.27 4.46 47.25
C LEU A 62 24.27 4.46 45.72
N ASP A 63 25.45 4.26 45.16
CA ASP A 63 25.60 4.05 43.73
C ASP A 63 24.55 3.03 43.28
N PRO A 64 23.74 3.33 42.26
CA PRO A 64 22.64 2.41 41.94
C PRO A 64 23.07 1.05 41.41
N ASP A 65 24.26 0.89 40.86
CA ASP A 65 24.72 -0.46 40.55
C ASP A 65 24.94 -1.26 41.83
N THR A 66 25.43 -0.62 42.90
CA THR A 66 25.53 -1.30 44.17
C THR A 66 24.16 -1.74 44.70
N GLN A 67 23.15 -0.86 44.59
CA GLN A 67 21.81 -1.20 45.05
C GLN A 67 21.25 -2.41 44.28
N LYS A 68 21.48 -2.49 42.96
CA LYS A 68 20.94 -3.60 42.16
C LYS A 68 21.65 -4.92 42.43
N ARG A 69 22.95 -4.88 42.76
CA ARG A 69 23.64 -6.09 43.19
C ARG A 69 23.02 -6.65 44.47
N ILE A 70 22.83 -5.80 45.50
CA ILE A 70 22.24 -6.26 46.75
C ILE A 70 20.75 -6.52 46.59
N GLN A 71 20.11 -5.75 45.73
CA GLN A 71 18.73 -6.04 45.40
C GLN A 71 18.57 -7.49 44.94
N LYS A 72 19.50 -8.01 44.13
CA LYS A 72 19.29 -9.35 43.60
C LYS A 72 19.53 -10.43 44.66
N LEU A 73 20.56 -10.27 45.50
CA LEU A 73 20.80 -11.22 46.58
C LEU A 73 19.61 -11.26 47.53
N ALA A 74 19.03 -10.10 47.83
CA ALA A 74 17.87 -10.09 48.73
C ALA A 74 16.70 -10.86 48.12
N GLY A 75 16.45 -10.64 46.82
CA GLY A 75 15.39 -11.34 46.11
C GLY A 75 15.59 -12.84 46.03
N ARG A 76 16.82 -13.29 45.91
CA ARG A 76 17.09 -14.72 45.94
C ARG A 76 16.83 -15.32 47.34
N LYS A 77 17.23 -14.64 48.40
CA LYS A 77 17.05 -15.17 49.74
C LYS A 77 15.57 -15.22 50.09
N ILE A 78 14.80 -14.28 49.54
CA ILE A 78 13.36 -14.22 49.76
C ILE A 78 12.65 -15.31 48.95
N ALA A 79 13.12 -15.57 47.72
CA ALA A 79 12.56 -16.67 46.95
C ALA A 79 12.76 -17.99 47.69
N GLU A 80 13.87 -18.13 48.41
CA GLU A 80 14.07 -19.35 49.19
C GLU A 80 12.96 -19.46 50.24
N MET A 81 12.62 -18.32 50.87
CA MET A 81 11.58 -18.29 51.88
C MET A 81 10.24 -18.72 51.32
N ALA A 82 9.96 -18.38 50.07
CA ALA A 82 8.68 -18.70 49.45
C ALA A 82 8.46 -20.21 49.32
N LYS A 83 9.54 -20.98 49.25
CA LYS A 83 9.38 -22.42 49.18
C LYS A 83 8.86 -23.03 50.47
N GLU A 84 9.12 -22.41 51.59
CA GLU A 84 8.92 -23.03 52.88
C GLU A 84 7.68 -22.54 53.63
N SER A 85 7.10 -21.43 53.21
CA SER A 85 5.84 -20.97 53.78
C SER A 85 5.28 -19.91 52.84
N ASN A 86 4.00 -19.61 53.02
CA ASN A 86 3.44 -18.40 52.47
C ASN A 86 4.24 -17.20 52.96
N VAL A 87 4.31 -16.16 52.15
CA VAL A 87 5.14 -15.00 52.47
C VAL A 87 4.46 -13.71 51.98
N ILE A 88 4.53 -12.66 52.81
CA ILE A 88 4.17 -11.30 52.40
C ILE A 88 5.44 -10.46 52.40
N VAL A 89 5.76 -9.86 51.27
CA VAL A 89 6.95 -9.04 51.11
C VAL A 89 6.56 -7.57 51.19
N ASP A 90 7.01 -6.90 52.25
CA ASP A 90 6.81 -5.47 52.45
C ASP A 90 7.96 -4.76 51.75
N THR A 91 7.66 -4.09 50.65
CA THR A 91 8.72 -3.46 49.91
C THR A 91 8.16 -2.26 49.14
N HIS A 92 8.74 -1.96 47.98
CA HIS A 92 8.48 -0.72 47.27
C HIS A 92 8.40 -0.98 45.77
N SER A 93 7.37 -0.41 45.15
CA SER A 93 7.20 -0.50 43.70
C SER A 93 8.32 0.23 42.98
N THR A 94 8.65 1.45 43.43
CA THR A 94 9.90 2.09 43.04
C THR A 94 10.55 2.69 44.27
N VAL A 95 11.88 2.84 44.21
CA VAL A 95 12.69 3.49 45.24
C VAL A 95 13.24 4.81 44.69
N LYS A 96 13.09 5.87 45.45
CA LYS A 96 13.55 7.19 45.03
C LYS A 96 15.03 7.34 45.40
N THR A 97 15.92 7.25 44.41
CA THR A 97 17.34 7.46 44.58
C THR A 97 17.71 8.82 44.00
N PRO A 98 18.87 9.36 44.37
CA PRO A 98 19.30 10.65 43.80
C PRO A 98 19.41 10.67 42.29
N LYS A 99 19.51 9.51 41.67
CA LYS A 99 19.64 9.39 40.22
C LYS A 99 18.32 9.02 39.55
N GLY A 100 17.21 9.09 40.29
CA GLY A 100 15.87 8.86 39.81
C GLY A 100 15.21 7.69 40.51
N TYR A 101 13.98 7.38 40.06
CA TYR A 101 13.24 6.22 40.57
C TYR A 101 13.87 4.93 40.04
N LEU A 102 14.15 4.00 40.94
CA LEU A 102 14.65 2.66 40.64
C LEU A 102 13.54 1.65 40.89
N ALA A 103 13.25 0.83 39.89
CA ALA A 103 12.22 -0.20 40.03
C ALA A 103 12.56 -1.12 41.17
N GLY A 104 11.57 -1.39 42.04
CA GLY A 104 11.80 -2.29 43.16
C GLY A 104 11.84 -3.73 42.77
N LEU A 105 11.16 -4.09 41.70
CA LEU A 105 11.17 -5.46 41.18
C LEU A 105 11.45 -5.46 39.69
N PRO A 106 12.64 -5.07 39.27
CA PRO A 106 12.99 -5.20 37.85
C PRO A 106 12.85 -6.64 37.44
N ILE A 107 12.71 -6.83 36.12
CA ILE A 107 12.16 -8.07 35.59
C ILE A 107 12.94 -9.28 36.10
N TRP A 108 14.27 -9.13 36.29
CA TRP A 108 15.00 -10.28 36.81
C TRP A 108 14.63 -10.57 38.27
N VAL A 109 14.33 -9.55 39.07
CA VAL A 109 13.88 -9.80 40.44
C VAL A 109 12.44 -10.32 40.45
N LEU A 110 11.60 -9.71 39.64
CA LEU A 110 10.23 -10.14 39.48
C LEU A 110 10.14 -11.60 39.06
N GLU A 111 10.98 -12.05 38.14
CA GLU A 111 10.83 -13.40 37.64
C GLU A 111 11.20 -14.46 38.65
N GLU A 112 12.02 -14.09 39.67
CA GLU A 112 12.44 -15.07 40.67
C GLU A 112 11.46 -15.11 41.83
N LEU A 113 10.83 -13.99 42.16
CA LEU A 113 9.78 -14.05 43.17
C LEU A 113 8.48 -14.57 42.59
N ASN A 114 8.19 -14.19 41.34
CA ASN A 114 6.92 -14.50 40.68
C ASN A 114 5.78 -14.24 41.63
N PRO A 115 5.55 -13.00 42.05
CA PRO A 115 4.54 -12.74 43.06
C PRO A 115 3.16 -13.03 42.49
N ASP A 116 2.27 -13.54 43.35
CA ASP A 116 0.90 -13.80 42.92
C ASP A 116 0.06 -12.50 42.87
N ILE A 117 0.32 -11.55 43.77
CA ILE A 117 -0.47 -10.32 43.89
C ILE A 117 0.49 -9.21 44.24
N ILE A 118 0.28 -8.02 43.66
CA ILE A 118 1.02 -6.82 44.02
C ILE A 118 0.02 -5.81 44.53
N VAL A 119 0.13 -5.51 45.83
CA VAL A 119 -0.74 -4.59 46.56
C VAL A 119 -0.07 -3.22 46.57
N ILE A 120 -0.81 -2.19 46.21
CA ILE A 120 -0.37 -0.80 46.35
C ILE A 120 -1.21 -0.13 47.45
N VAL A 121 -0.54 0.32 48.49
CA VAL A 121 -1.17 1.05 49.57
C VAL A 121 -1.03 2.55 49.30
N GLU A 122 -2.16 3.25 49.30
CA GLU A 122 -2.23 4.66 48.97
C GLU A 122 -3.08 5.41 49.98
N THR A 123 -2.79 6.69 50.11
CA THR A 123 -3.73 7.65 50.66
C THR A 123 -3.34 8.99 50.07
N SER A 124 -3.98 10.05 50.51
CA SER A 124 -3.65 11.37 49.99
C SER A 124 -2.26 11.83 50.48
N SER A 125 -1.55 12.55 49.62
CA SER A 125 -0.21 12.99 50.02
C SER A 125 -0.25 13.86 51.31
N ASP A 126 -1.39 14.48 51.57
CA ASP A 126 -1.64 15.17 52.82
C ASP A 126 -1.29 14.37 54.05
N GLU A 127 -1.87 13.17 54.12
CA GLU A 127 -1.78 12.34 55.30
C GLU A 127 -0.39 11.74 55.38
N ILE A 128 0.17 11.41 54.23
CA ILE A 128 1.51 10.87 54.19
C ILE A 128 2.50 11.90 54.74
N LEU A 129 2.38 13.16 54.30
CA LEU A 129 3.34 14.16 54.74
C LEU A 129 3.24 14.39 56.24
N MET A 130 2.01 14.60 56.74
CA MET A 130 1.79 14.83 58.18
C MET A 130 2.21 13.61 58.98
N ARG A 131 2.06 12.41 58.43
CA ARG A 131 2.59 11.22 59.09
C ARG A 131 4.13 11.19 59.12
N ARG A 132 4.81 11.58 58.01
CA ARG A 132 6.28 11.66 58.02
C ARG A 132 6.79 12.67 59.05
N LEU A 133 6.13 13.82 59.16
CA LEU A 133 6.53 14.81 60.13
C LEU A 133 6.35 14.32 61.57
N GLY A 134 5.63 13.21 61.77
CA GLY A 134 5.35 12.68 63.08
C GLY A 134 6.22 11.56 63.59
N ASP A 135 7.32 11.22 62.92
CA ASP A 135 8.04 9.98 63.29
C ASP A 135 9.53 10.08 62.92
N ALA A 136 10.36 10.58 63.89
CA ALA A 136 11.83 10.63 63.86
C ALA A 136 12.49 9.17 64.09
N THR A 137 11.61 8.14 64.02
CA THR A 137 12.03 6.73 64.06
C THR A 137 12.78 6.34 62.80
N ARG A 138 12.49 7.03 61.69
CA ARG A 138 13.22 6.87 60.45
C ARG A 138 13.82 8.20 60.02
N ASN A 139 14.87 8.10 59.20
CA ASN A 139 15.39 9.25 58.46
C ASN A 139 14.62 9.33 57.14
N ARG A 140 13.33 9.61 57.31
CA ARG A 140 12.36 9.70 56.21
C ARG A 140 12.47 11.09 55.58
N ASP A 141 12.34 11.14 54.24
CA ASP A 141 12.47 12.39 53.49
C ASP A 141 11.17 13.18 53.64
N ILE A 142 11.24 14.39 54.27
CA ILE A 142 10.13 15.35 54.10
C ILE A 142 10.32 15.92 52.72
N GLU A 143 9.55 15.39 51.78
CA GLU A 143 9.38 15.96 50.46
C GLU A 143 8.14 16.84 50.45
N LEU A 144 7.96 17.54 49.35
CA LEU A 144 6.66 18.17 49.14
C LEU A 144 5.60 17.10 48.91
N THR A 145 4.35 17.49 49.14
CA THR A 145 3.25 16.62 48.74
C THR A 145 3.26 16.37 47.23
N SER A 146 3.70 17.32 46.43
CA SER A 146 3.78 17.06 45.00
C SER A 146 4.86 16.02 44.66
N ASP A 147 5.95 15.95 45.47
CA ASP A 147 6.93 14.89 45.30
C ASP A 147 6.39 13.53 45.71
N ILE A 148 5.57 13.46 46.76
CA ILE A 148 4.93 12.21 47.15
C ILE A 148 3.91 11.79 46.09
N ASP A 149 3.14 12.75 45.58
CA ASP A 149 2.20 12.46 44.49
C ASP A 149 2.96 11.94 43.28
N GLU A 150 4.09 12.55 42.93
CA GLU A 150 4.93 12.02 41.87
C GLU A 150 5.37 10.60 42.15
N HIS A 151 5.73 10.29 43.38
CA HIS A 151 6.18 8.93 43.66
C HIS A 151 5.03 7.93 43.55
N GLN A 152 3.85 8.27 44.08
CA GLN A 152 2.73 7.37 43.95
C GLN A 152 2.30 7.22 42.47
N PHE A 153 2.49 8.25 41.65
CA PHE A 153 2.22 8.12 40.22
C PHE A 153 3.14 7.06 39.59
N MET A 154 4.44 7.23 39.78
CA MET A 154 5.40 6.32 39.17
C MET A 154 5.26 4.91 39.73
N ASN A 155 4.92 4.79 41.01
CA ASN A 155 4.71 3.48 41.60
C ASN A 155 3.53 2.76 40.96
N ARG A 156 2.50 3.49 40.53
CA ARG A 156 1.42 2.80 39.82
C ARG A 156 1.90 2.27 38.50
N CYS A 157 2.67 3.09 37.75
CA CYS A 157 3.20 2.67 36.44
C CYS A 157 4.08 1.43 36.57
N ALA A 158 5.02 1.46 37.50
CA ALA A 158 5.91 0.31 37.68
C ALA A 158 5.11 -0.94 38.03
N ALA A 159 4.12 -0.83 38.95
CA ALA A 159 3.32 -1.97 39.37
C ALA A 159 2.47 -2.51 38.22
N MET A 160 1.87 -1.65 37.42
CA MET A 160 1.09 -2.20 36.33
C MET A 160 2.02 -2.88 35.34
N ALA A 161 3.24 -2.39 35.17
CA ALA A 161 4.20 -3.10 34.33
C ALA A 161 4.46 -4.50 34.87
N TYR A 162 4.59 -4.65 36.20
CA TYR A 162 4.83 -5.96 36.77
C TYR A 162 3.73 -6.94 36.36
N GLY A 163 2.50 -6.46 36.34
CA GLY A 163 1.35 -7.29 36.04
C GLY A 163 1.31 -7.72 34.61
N VAL A 164 1.83 -6.89 33.72
CA VAL A 164 1.93 -7.26 32.31
C VAL A 164 2.97 -8.36 32.10
N LEU A 165 4.07 -8.31 32.86
CA LEU A 165 5.19 -9.23 32.66
C LEU A 165 4.93 -10.59 33.26
N THR A 166 4.24 -10.66 34.40
CA THR A 166 4.08 -11.91 35.14
C THR A 166 2.65 -12.45 35.18
N GLY A 167 1.67 -11.62 34.95
CA GLY A 167 0.30 -12.02 35.13
C GLY A 167 -0.26 -11.73 36.52
N ALA A 168 0.54 -11.20 37.44
CA ALA A 168 0.05 -10.86 38.77
C ALA A 168 -0.97 -9.73 38.71
N THR A 169 -1.96 -9.80 39.61
CA THR A 169 -2.98 -8.76 39.74
C THR A 169 -2.46 -7.64 40.65
N VAL A 170 -2.87 -6.40 40.37
CA VAL A 170 -2.36 -5.22 41.06
C VAL A 170 -3.50 -4.59 41.83
N LYS A 171 -3.43 -4.72 43.15
CA LYS A 171 -4.51 -4.34 44.04
C LYS A 171 -4.13 -3.07 44.77
N ILE A 172 -4.97 -2.04 44.60
CA ILE A 172 -4.80 -0.76 45.27
C ILE A 172 -5.72 -0.75 46.46
N ILE A 173 -5.15 -0.49 47.64
CA ILE A 173 -5.88 -0.45 48.91
C ILE A 173 -5.59 0.91 49.52
N LYS A 174 -6.65 1.66 49.81
CA LYS A 174 -6.51 2.94 50.47
C LYS A 174 -6.40 2.75 51.97
N ASN A 175 -5.39 3.36 52.55
CA ASN A 175 -5.15 3.34 54.00
C ASN A 175 -5.22 4.78 54.52
N ARG A 176 -6.43 5.22 54.86
CA ARG A 176 -6.70 6.61 55.20
C ARG A 176 -6.64 6.85 56.70
N ASP A 177 -6.32 8.09 57.09
CA ASP A 177 -6.25 8.44 58.50
C ASP A 177 -7.56 8.03 59.17
N GLY A 178 -7.47 7.27 60.27
CA GLY A 178 -8.63 6.79 60.99
C GLY A 178 -9.26 5.53 60.45
N LEU A 179 -8.82 5.03 59.30
CA LEU A 179 -9.47 3.90 58.66
C LEU A 179 -8.47 2.79 58.37
N LEU A 180 -7.52 2.59 59.28
CA LEU A 180 -6.58 1.48 59.14
C LEU A 180 -7.32 0.17 59.08
N ASP A 181 -8.40 0.07 59.87
CA ASP A 181 -9.18 -1.16 59.97
C ASP A 181 -9.90 -1.50 58.66
N LYS A 182 -10.40 -0.50 57.91
CA LYS A 182 -11.02 -0.86 56.64
C LYS A 182 -9.99 -1.42 55.68
N ALA A 183 -8.75 -0.94 55.77
CA ALA A 183 -7.71 -1.47 54.89
C ALA A 183 -7.34 -2.88 55.27
N VAL A 184 -7.32 -3.19 56.55
CA VAL A 184 -7.01 -4.56 56.95
C VAL A 184 -8.12 -5.52 56.49
N GLU A 185 -9.38 -5.10 56.57
CA GLU A 185 -10.48 -5.89 55.99
C GLU A 185 -10.26 -6.17 54.51
N GLU A 186 -9.85 -5.13 53.76
CA GLU A 186 -9.67 -5.26 52.33
C GLU A 186 -8.53 -6.23 52.03
N LEU A 187 -7.41 -6.09 52.71
CA LEU A 187 -6.30 -6.99 52.43
C LEU A 187 -6.63 -8.41 52.88
N ILE A 188 -7.27 -8.59 54.03
CA ILE A 188 -7.66 -9.94 54.44
C ILE A 188 -8.62 -10.57 53.45
N SER A 189 -9.63 -9.80 53.01
CA SER A 189 -10.53 -10.33 52.01
C SER A 189 -9.78 -10.75 50.76
N VAL A 190 -8.70 -10.03 50.42
CA VAL A 190 -7.95 -10.42 49.23
C VAL A 190 -7.20 -11.74 49.40
N LEU A 191 -6.72 -12.06 50.58
CA LEU A 191 -5.79 -13.19 50.66
C LEU A 191 -6.50 -14.53 50.81
N LYS A 192 -7.75 -14.63 50.36
CA LYS A 192 -8.54 -15.85 50.40
C LYS A 192 -8.99 -16.24 48.99
N LYS B 2 33.13 0.81 31.12
CA LYS B 2 32.33 1.06 29.90
C LYS B 2 31.83 2.49 29.97
N ASN B 3 31.19 2.95 28.90
CA ASN B 3 30.83 4.35 28.76
C ASN B 3 29.39 4.55 29.20
N LYS B 4 29.08 5.75 29.67
CA LYS B 4 27.77 6.05 30.25
C LYS B 4 26.83 6.43 29.12
N VAL B 5 25.61 5.92 29.16
CA VAL B 5 24.55 6.21 28.23
C VAL B 5 23.40 6.83 29.00
N VAL B 6 23.11 8.07 28.71
CA VAL B 6 22.09 8.84 29.39
C VAL B 6 21.10 9.22 28.32
N VAL B 7 19.83 8.99 28.58
CA VAL B 7 18.76 9.37 27.68
C VAL B 7 18.07 10.55 28.30
N VAL B 8 17.89 11.62 27.55
CA VAL B 8 17.12 12.79 28.00
C VAL B 8 15.82 12.85 27.18
N THR B 9 14.68 12.97 27.86
CA THR B 9 13.39 12.97 27.15
C THR B 9 12.57 14.16 27.56
N GLY B 10 11.64 14.55 26.68
CA GLY B 10 10.67 15.58 26.98
C GLY B 10 9.80 15.92 25.80
N VAL B 11 8.54 16.35 26.01
CA VAL B 11 7.71 16.69 24.87
C VAL B 11 8.34 17.85 24.12
N PRO B 12 8.10 17.97 22.82
CA PRO B 12 8.60 19.16 22.11
C PRO B 12 8.23 20.42 22.87
N GLY B 13 9.18 21.33 22.97
CA GLY B 13 8.97 22.61 23.61
C GLY B 13 9.34 22.66 25.05
N VAL B 14 9.60 21.51 25.68
CA VAL B 14 9.87 21.49 27.10
C VAL B 14 11.36 21.81 27.38
N GLY B 15 12.21 21.70 26.36
CA GLY B 15 13.60 22.09 26.49
C GLY B 15 14.56 20.95 26.71
N GLY B 16 14.19 19.73 26.30
CA GLY B 16 15.11 18.60 26.41
C GLY B 16 16.47 18.85 25.73
N THR B 17 16.44 19.40 24.49
CA THR B 17 17.65 19.77 23.74
C THR B 17 18.47 20.88 24.41
N THR B 18 17.83 21.96 24.83
CA THR B 18 18.52 23.05 25.51
C THR B 18 19.17 22.58 26.80
N LEU B 19 18.48 21.72 27.56
CA LEU B 19 19.07 21.19 28.78
C LEU B 19 20.26 20.29 28.46
N THR B 20 20.18 19.50 27.39
CA THR B 20 21.27 18.60 27.04
C THR B 20 22.51 19.37 26.57
N GLN B 21 22.32 20.40 25.73
CA GLN B 21 23.46 21.19 25.26
C GLN B 21 24.07 22.05 26.38
N LYS B 22 23.26 22.68 27.24
CA LYS B 22 23.78 23.53 28.32
C LYS B 22 24.53 22.71 29.37
N THR B 23 24.06 21.49 29.63
CA THR B 23 24.71 20.61 30.59
C THR B 23 26.07 20.12 30.08
N ILE B 24 26.11 19.70 28.81
CA ILE B 24 27.34 19.17 28.24
C ILE B 24 28.45 20.23 28.20
N GLU B 25 28.09 21.47 27.87
CA GLU B 25 29.10 22.50 27.72
C GLU B 25 29.68 22.93 29.06
N LYS B 26 28.85 22.92 30.13
CA LYS B 26 29.35 23.22 31.47
C LYS B 26 30.28 22.13 32.00
N LEU B 27 30.03 20.88 31.58
CA LEU B 27 30.88 19.75 31.93
C LEU B 27 32.21 19.80 31.17
N LYS B 28 32.20 20.27 29.93
CA LYS B 28 33.46 20.49 29.22
C LYS B 28 34.33 21.55 29.86
N GLU B 29 33.80 22.46 30.71
CA GLU B 29 34.67 23.44 31.34
C GLU B 29 35.56 22.76 32.36
N GLU B 30 35.10 21.65 32.90
CA GLU B 30 35.80 20.80 33.85
C GLU B 30 36.55 19.66 33.18
N GLY B 31 36.46 19.51 31.87
CA GLY B 31 37.08 18.38 31.20
C GLY B 31 36.28 17.08 31.15
N ILE B 32 34.99 17.10 31.38
CA ILE B 32 34.16 15.91 31.42
C ILE B 32 33.39 15.88 30.11
N GLU B 33 33.71 14.93 29.25
CA GLU B 33 33.21 14.88 27.90
C GLU B 33 31.99 13.97 27.72
N TYR B 34 30.90 14.56 27.28
CA TYR B 34 29.79 13.80 26.71
C TYR B 34 29.57 14.24 25.28
N LYS B 35 29.18 13.28 24.44
CA LYS B 35 28.78 13.58 23.09
C LYS B 35 27.24 13.61 23.03
N MET B 36 26.71 14.67 22.47
CA MET B 36 25.30 14.84 22.27
C MET B 36 24.86 14.11 21.00
N VAL B 37 23.74 13.39 21.08
CA VAL B 37 23.17 12.71 19.93
C VAL B 37 21.68 12.91 20.00
N ASN B 38 21.13 13.60 19.01
CA ASN B 38 19.69 13.74 18.84
C ASN B 38 19.24 12.57 17.99
N PHE B 39 18.42 11.67 18.57
CA PHE B 39 17.89 10.48 17.88
C PHE B 39 17.14 10.84 16.58
N GLY B 40 16.40 11.93 16.59
CA GLY B 40 15.68 12.33 15.40
C GLY B 40 16.56 12.81 14.28
N THR B 41 17.68 13.47 14.60
CA THR B 41 18.65 13.84 13.55
C THR B 41 19.22 12.58 12.90
N VAL B 42 19.52 11.57 13.71
CA VAL B 42 19.97 10.29 13.16
C VAL B 42 18.88 9.70 12.25
N MET B 43 17.62 9.75 12.69
CA MET B 43 16.53 9.31 11.84
C MET B 43 16.37 10.20 10.60
N PHE B 44 16.43 11.52 10.79
CA PHE B 44 16.19 12.44 9.67
C PHE B 44 17.23 12.33 8.56
N GLU B 45 18.49 12.06 8.91
CA GLU B 45 19.50 11.84 7.88
C GLU B 45 19.12 10.65 6.98
N VAL B 46 18.58 9.59 7.58
CA VAL B 46 18.15 8.42 6.82
C VAL B 46 16.91 8.71 5.96
N ALA B 47 15.91 9.33 6.56
CA ALA B 47 14.65 9.56 5.87
C ALA B 47 14.84 10.49 4.70
N LYS B 48 15.65 11.52 4.89
CA LYS B 48 15.86 12.51 3.84
C LYS B 48 16.66 11.94 2.70
N GLU B 49 17.56 11.00 3.02
CA GLU B 49 18.39 10.30 2.07
C GLU B 49 17.56 9.33 1.25
N GLU B 50 16.44 8.84 1.83
CA GLU B 50 15.48 8.01 1.08
C GLU B 50 14.42 8.82 0.36
N GLY B 51 14.34 10.14 0.55
CA GLY B 51 13.33 10.93 -0.10
C GLY B 51 11.96 10.90 0.56
N LEU B 52 11.88 10.52 1.84
CA LEU B 52 10.59 10.36 2.50
C LEU B 52 10.08 11.68 3.06
N VAL B 53 11.00 12.59 3.38
CA VAL B 53 10.68 13.86 4.04
C VAL B 53 11.58 14.98 3.54
N GLU B 54 11.12 16.21 3.79
CA GLU B 54 11.89 17.45 3.65
C GLU B 54 12.40 17.98 5.00
N ASP B 55 11.66 17.82 6.09
CA ASP B 55 12.08 18.34 7.38
C ASP B 55 11.73 17.32 8.47
N ARG B 56 12.28 17.57 9.67
CA ARG B 56 12.24 16.59 10.74
C ARG B 56 10.86 16.44 11.39
N ASP B 57 10.00 17.44 11.26
CA ASP B 57 8.69 17.40 11.88
C ASP B 57 7.67 16.66 11.02
N GLN B 58 8.06 16.18 9.83
CA GLN B 58 7.25 15.29 9.01
C GLN B 58 7.45 13.82 9.35
N MET B 59 8.44 13.47 10.15
CA MET B 59 8.71 12.04 10.33
C MET B 59 7.62 11.36 11.14
N ARG B 60 7.10 12.02 12.19
CA ARG B 60 6.06 11.40 13.02
C ARG B 60 4.72 11.26 12.33
N LYS B 61 4.54 11.81 11.11
CA LYS B 61 3.34 11.64 10.31
C LYS B 61 3.55 10.59 9.24
N LEU B 62 4.67 9.87 9.26
CA LEU B 62 4.87 8.76 8.35
C LEU B 62 4.15 7.52 8.90
N ASP B 63 3.89 6.57 8.03
CA ASP B 63 3.41 5.24 8.39
C ASP B 63 4.18 4.78 9.62
N PRO B 64 3.53 4.27 10.67
CA PRO B 64 4.33 3.82 11.82
C PRO B 64 5.29 2.67 11.50
N ASP B 65 5.02 1.87 10.49
CA ASP B 65 5.97 0.84 10.11
C ASP B 65 7.27 1.43 9.55
N THR B 66 7.19 2.53 8.81
CA THR B 66 8.38 3.21 8.35
C THR B 66 9.19 3.81 9.49
N GLN B 67 8.50 4.42 10.46
CA GLN B 67 9.14 5.05 11.62
C GLN B 67 9.88 4.01 12.42
N LYS B 68 9.27 2.84 12.63
CA LYS B 68 9.92 1.82 13.41
C LYS B 68 11.10 1.24 12.65
N ARG B 69 11.02 1.21 11.33
CA ARG B 69 12.16 0.71 10.56
C ARG B 69 13.38 1.61 10.74
N ILE B 70 13.18 2.92 10.58
CA ILE B 70 14.22 3.91 10.68
C ILE B 70 14.61 4.12 12.13
N GLN B 71 13.65 3.99 13.06
CA GLN B 71 13.95 4.02 14.49
C GLN B 71 14.95 2.93 14.88
N LYS B 72 14.78 1.72 14.34
CA LYS B 72 15.67 0.61 14.69
C LYS B 72 17.09 0.84 14.13
N LEU B 73 17.19 1.36 12.91
CA LEU B 73 18.50 1.70 12.39
C LEU B 73 19.22 2.72 13.28
N ALA B 74 18.50 3.74 13.75
CA ALA B 74 19.13 4.80 14.52
C ALA B 74 19.64 4.27 15.85
N GLY B 75 18.89 3.38 16.49
CA GLY B 75 19.34 2.82 17.74
C GLY B 75 20.61 2.04 17.62
N ARG B 76 20.78 1.33 16.51
CA ARG B 76 22.04 0.64 16.27
C ARG B 76 23.15 1.62 16.01
N LYS B 77 22.88 2.69 15.26
CA LYS B 77 23.94 3.63 14.95
C LYS B 77 24.42 4.36 16.20
N ILE B 78 23.49 4.65 17.11
CA ILE B 78 23.77 5.33 18.36
C ILE B 78 24.48 4.40 19.33
N ALA B 79 24.04 3.15 19.38
CA ALA B 79 24.76 2.19 20.20
C ALA B 79 26.22 2.06 19.78
N GLU B 80 26.53 2.18 18.47
CA GLU B 80 27.92 2.15 18.07
C GLU B 80 28.65 3.37 18.60
N MET B 81 27.99 4.53 18.59
CA MET B 81 28.62 5.72 19.13
C MET B 81 28.95 5.55 20.61
N ALA B 82 28.10 4.86 21.37
CA ALA B 82 28.34 4.70 22.80
C ALA B 82 29.60 3.91 23.08
N LYS B 83 30.06 3.13 22.12
CA LYS B 83 31.37 2.48 22.23
C LYS B 83 32.56 3.48 22.14
N GLU B 84 32.40 4.66 21.59
CA GLU B 84 33.54 5.53 21.33
C GLU B 84 33.62 6.66 22.34
N SER B 85 32.55 6.94 23.09
CA SER B 85 32.53 7.98 24.13
C SER B 85 31.24 7.84 24.96
N ASN B 86 31.22 8.54 26.11
CA ASN B 86 29.94 8.77 26.79
C ASN B 86 28.98 9.48 25.86
N VAL B 87 27.69 9.19 26.01
CA VAL B 87 26.67 9.81 25.18
C VAL B 87 25.44 10.16 26.02
N ILE B 88 24.87 11.31 25.69
CA ILE B 88 23.55 11.69 26.11
C ILE B 88 22.68 11.68 24.87
N VAL B 89 21.62 10.89 24.90
CA VAL B 89 20.73 10.77 23.75
C VAL B 89 19.53 11.67 24.01
N ASP B 90 19.44 12.73 23.24
CA ASP B 90 18.32 13.65 23.32
C ASP B 90 17.20 13.08 22.44
N THR B 91 16.13 12.57 23.08
CA THR B 91 15.10 11.87 22.34
C THR B 91 13.73 11.91 23.03
N HIS B 92 12.92 10.84 22.89
CA HIS B 92 11.53 10.93 23.33
C HIS B 92 11.02 9.66 23.98
N SER B 93 10.36 9.83 25.11
CA SER B 93 9.77 8.68 25.76
C SER B 93 8.67 8.08 24.88
N THR B 94 7.79 8.91 24.37
CA THR B 94 6.87 8.48 23.33
C THR B 94 6.84 9.56 22.26
N VAL B 95 6.55 9.15 21.03
CA VAL B 95 6.34 10.04 19.91
C VAL B 95 4.85 10.03 19.56
N LYS B 96 4.27 11.21 19.36
CA LYS B 96 2.86 11.33 19.00
C LYS B 96 2.69 11.24 17.49
N THR B 97 2.16 10.10 17.02
CA THR B 97 1.84 9.87 15.62
C THR B 97 0.31 9.99 15.47
N PRO B 98 -0.19 10.20 14.26
CA PRO B 98 -1.64 10.21 14.07
C PRO B 98 -2.28 8.89 14.44
N LYS B 99 -1.53 7.80 14.50
CA LYS B 99 -2.09 6.51 14.88
C LYS B 99 -1.83 6.18 16.34
N GLY B 100 -1.36 7.18 17.14
CA GLY B 100 -1.18 7.08 18.57
C GLY B 100 0.26 7.31 19.02
N TYR B 101 0.47 7.11 20.32
CA TYR B 101 1.79 7.22 20.91
C TYR B 101 2.63 6.02 20.50
N LEU B 102 3.83 6.30 19.97
CA LEU B 102 4.82 5.30 19.64
C LEU B 102 5.94 5.39 20.67
N ALA B 103 6.24 4.27 21.33
CA ALA B 103 7.36 4.20 22.23
C ALA B 103 8.66 4.60 21.52
N GLY B 104 9.42 5.48 22.17
CA GLY B 104 10.69 5.93 21.64
C GLY B 104 11.79 4.90 21.80
N LEU B 105 11.63 4.03 22.81
CA LEU B 105 12.54 2.93 23.06
C LEU B 105 11.74 1.63 23.19
N PRO B 106 11.15 1.13 22.08
CA PRO B 106 10.62 -0.22 22.14
C PRO B 106 11.69 -1.18 22.61
N ILE B 107 11.29 -2.31 23.14
CA ILE B 107 12.20 -3.10 23.96
C ILE B 107 13.51 -3.44 23.20
N TRP B 108 13.41 -3.72 21.89
CA TRP B 108 14.63 -4.10 21.15
C TRP B 108 15.60 -2.92 21.01
N VAL B 109 15.08 -1.71 20.89
CA VAL B 109 15.94 -0.55 20.86
C VAL B 109 16.52 -0.31 22.23
N LEU B 110 15.69 -0.45 23.26
CA LEU B 110 16.11 -0.25 24.64
C LEU B 110 17.29 -1.14 25.00
N GLU B 111 17.23 -2.39 24.59
CA GLU B 111 18.29 -3.34 24.91
C GLU B 111 19.55 -3.09 24.10
N GLU B 112 19.45 -2.35 23.01
CA GLU B 112 20.56 -2.02 22.15
C GLU B 112 21.32 -0.78 22.66
N LEU B 113 20.58 0.19 23.22
CA LEU B 113 21.22 1.35 23.82
C LEU B 113 21.71 1.05 25.22
N ASN B 114 20.91 0.25 25.93
CA ASN B 114 21.12 -0.11 27.33
C ASN B 114 21.48 1.10 28.20
N PRO B 115 20.58 2.07 28.31
CA PRO B 115 20.85 3.25 29.13
C PRO B 115 20.90 3.02 30.64
N ASP B 116 21.74 3.84 31.28
CA ASP B 116 21.88 3.87 32.73
C ASP B 116 20.85 4.76 33.42
N ILE B 117 20.46 5.86 32.75
CA ILE B 117 19.58 6.88 33.27
C ILE B 117 18.65 7.33 32.15
N ILE B 118 17.37 7.49 32.48
CA ILE B 118 16.37 8.06 31.58
C ILE B 118 15.86 9.33 32.26
N VAL B 119 16.11 10.48 31.64
CA VAL B 119 15.73 11.76 32.24
C VAL B 119 14.45 12.21 31.57
N ILE B 120 13.46 12.58 32.40
CA ILE B 120 12.21 13.15 31.94
C ILE B 120 12.22 14.61 32.31
N VAL B 121 12.24 15.47 31.31
CA VAL B 121 12.15 16.90 31.50
C VAL B 121 10.68 17.30 31.36
N GLU B 122 10.16 17.99 32.38
CA GLU B 122 8.76 18.35 32.48
C GLU B 122 8.64 19.82 32.86
N THR B 123 7.50 20.41 32.51
CA THR B 123 7.02 21.64 33.14
C THR B 123 5.52 21.72 32.85
N SER B 124 4.89 22.83 33.19
CA SER B 124 3.46 22.89 32.93
C SER B 124 3.17 22.96 31.42
N SER B 125 2.05 22.37 31.01
CA SER B 125 1.67 22.43 29.60
C SER B 125 1.41 23.87 29.15
N ASP B 126 1.00 24.72 30.08
CA ASP B 126 0.96 26.16 29.85
C ASP B 126 2.32 26.70 29.37
N GLU B 127 3.39 26.35 30.07
CA GLU B 127 4.69 26.92 29.69
C GLU B 127 5.18 26.29 28.38
N ILE B 128 4.90 25.00 28.15
CA ILE B 128 5.23 24.33 26.89
C ILE B 128 4.53 25.00 25.70
N LEU B 129 3.22 25.22 25.83
CA LEU B 129 2.48 25.80 24.72
C LEU B 129 3.03 27.17 24.37
N MET B 130 3.30 27.97 25.38
CA MET B 130 3.84 29.32 25.17
C MET B 130 5.24 29.29 24.52
N ARG B 131 6.07 28.30 24.83
CA ARG B 131 7.35 28.16 24.13
C ARG B 131 7.16 27.73 22.67
N ARG B 132 6.26 26.78 22.38
CA ARG B 132 6.06 26.37 20.99
C ARG B 132 5.59 27.53 20.13
N LEU B 133 4.73 28.39 20.70
CA LEU B 133 4.24 29.55 19.96
C LEU B 133 5.34 30.58 19.75
N GLY B 134 6.37 30.57 20.58
CA GLY B 134 7.45 31.51 20.47
C GLY B 134 8.67 31.00 19.75
N ASP B 135 8.59 29.81 19.15
CA ASP B 135 9.74 29.09 18.60
C ASP B 135 9.68 29.04 17.07
N ALA B 136 10.29 30.02 16.40
CA ALA B 136 10.30 30.02 14.93
C ALA B 136 11.35 29.10 14.29
N THR B 137 12.10 28.32 15.07
CA THR B 137 12.93 27.28 14.45
C THR B 137 12.14 26.07 13.98
N ARG B 138 11.02 25.76 14.66
CA ARG B 138 10.27 24.56 14.34
C ARG B 138 8.84 24.88 13.93
N ASN B 139 8.25 23.88 13.25
CA ASN B 139 6.82 23.77 12.97
C ASN B 139 6.16 22.97 14.09
N ARG B 140 6.01 23.65 15.22
CA ARG B 140 5.51 23.02 16.45
C ARG B 140 3.97 23.00 16.45
N ASP B 141 3.42 21.91 16.94
CA ASP B 141 1.99 21.71 16.95
C ASP B 141 1.37 22.54 18.08
N ILE B 142 0.48 23.47 17.69
CA ILE B 142 -0.46 24.07 18.65
C ILE B 142 -1.53 23.02 18.92
N GLU B 143 -1.32 22.27 20.00
CA GLU B 143 -2.37 21.43 20.58
C GLU B 143 -3.00 22.18 21.72
N LEU B 144 -4.10 21.65 22.24
CA LEU B 144 -4.65 22.14 23.50
C LEU B 144 -3.65 21.82 24.60
N THR B 145 -3.72 22.56 25.71
CA THR B 145 -2.90 22.16 26.85
C THR B 145 -3.25 20.77 27.36
N SER B 146 -4.51 20.35 27.26
CA SER B 146 -4.84 18.99 27.70
C SER B 146 -4.19 17.89 26.82
N ASP B 147 -3.97 18.13 25.53
CA ASP B 147 -3.24 17.14 24.75
C ASP B 147 -1.77 17.05 25.18
N ILE B 148 -1.18 18.18 25.58
CA ILE B 148 0.19 18.16 26.12
C ILE B 148 0.24 17.42 27.44
N ASP B 149 -0.72 17.64 28.33
CA ASP B 149 -0.73 16.89 29.60
C ASP B 149 -0.92 15.40 29.38
N GLU B 150 -1.77 15.02 28.42
CA GLU B 150 -1.89 13.63 28.01
C GLU B 150 -0.55 13.08 27.48
N HIS B 151 0.20 13.86 26.72
CA HIS B 151 1.50 13.36 26.27
C HIS B 151 2.49 13.20 27.45
N GLN B 152 2.54 14.17 28.36
CA GLN B 152 3.43 13.99 29.51
C GLN B 152 2.97 12.84 30.41
N PHE B 153 1.65 12.58 30.51
CA PHE B 153 1.20 11.38 31.22
C PHE B 153 1.77 10.11 30.56
N MET B 154 1.57 9.96 29.25
CA MET B 154 2.00 8.68 28.67
C MET B 154 3.52 8.54 28.66
N ASN B 155 4.24 9.66 28.52
CA ASN B 155 5.68 9.60 28.60
C ASN B 155 6.13 9.07 29.95
N ARG B 156 5.43 9.41 31.03
CA ARG B 156 5.86 8.88 32.32
C ARG B 156 5.71 7.37 32.35
N CYS B 157 4.56 6.89 31.84
CA CYS B 157 4.23 5.49 31.76
C CYS B 157 5.27 4.72 30.98
N ALA B 158 5.59 5.17 29.78
CA ALA B 158 6.58 4.44 28.97
C ALA B 158 7.93 4.41 29.68
N ALA B 159 8.35 5.54 30.25
CA ALA B 159 9.66 5.63 30.87
C ALA B 159 9.81 4.70 32.07
N MET B 160 8.78 4.58 32.90
CA MET B 160 8.90 3.69 34.07
C MET B 160 8.97 2.25 33.64
N ALA B 161 8.31 1.93 32.51
CA ALA B 161 8.45 0.62 31.87
C ALA B 161 9.88 0.37 31.39
N TYR B 162 10.54 1.39 30.86
CA TYR B 162 11.95 1.21 30.51
C TYR B 162 12.78 0.83 31.73
N GLY B 163 12.55 1.53 32.86
CA GLY B 163 13.28 1.27 34.09
C GLY B 163 12.99 -0.09 34.67
N VAL B 164 11.78 -0.60 34.46
CA VAL B 164 11.46 -1.96 34.87
C VAL B 164 12.20 -2.99 34.02
N LEU B 165 12.31 -2.72 32.71
CA LEU B 165 12.89 -3.71 31.82
C LEU B 165 14.42 -3.74 31.88
N THR B 166 15.09 -2.61 32.13
CA THR B 166 16.55 -2.59 32.11
C THR B 166 17.23 -2.34 33.46
N GLY B 167 16.52 -1.75 34.43
CA GLY B 167 17.11 -1.31 35.66
C GLY B 167 17.55 0.13 35.63
N ALA B 168 17.35 0.84 34.53
CA ALA B 168 17.76 2.23 34.50
C ALA B 168 16.91 3.00 35.48
N THR B 169 17.54 3.97 36.14
CA THR B 169 16.79 4.85 37.01
C THR B 169 16.10 5.91 36.16
N VAL B 170 14.95 6.36 36.63
CA VAL B 170 14.09 7.30 35.90
C VAL B 170 13.99 8.58 36.70
N LYS B 171 14.65 9.61 36.22
CA LYS B 171 14.80 10.88 36.91
C LYS B 171 13.91 11.92 36.24
N ILE B 172 13.07 12.56 37.03
CA ILE B 172 12.23 13.67 36.57
C ILE B 172 12.90 14.98 36.95
N ILE B 173 13.03 15.87 35.99
CA ILE B 173 13.66 17.17 36.19
C ILE B 173 12.73 18.23 35.68
N LYS B 174 12.42 19.19 36.52
CA LYS B 174 11.59 20.31 36.10
C LYS B 174 12.45 21.38 35.40
N ASN B 175 12.01 21.84 34.24
CA ASN B 175 12.67 22.89 33.49
C ASN B 175 11.69 24.05 33.31
N ARG B 176 11.66 24.94 34.30
CA ARG B 176 10.68 26.02 34.43
C ARG B 176 11.19 27.32 33.82
N ASP B 177 10.23 28.14 33.41
CA ASP B 177 10.53 29.41 32.77
C ASP B 177 11.47 30.23 33.64
N GLY B 178 12.58 30.63 33.03
CA GLY B 178 13.55 31.41 33.75
C GLY B 178 14.48 30.60 34.63
N LEU B 179 14.23 29.30 34.78
CA LEU B 179 14.98 28.50 35.73
C LEU B 179 15.67 27.37 35.02
N LEU B 180 16.10 27.64 33.79
CA LEU B 180 16.88 26.68 33.04
C LEU B 180 18.13 26.27 33.81
N ASP B 181 18.79 27.23 34.46
CA ASP B 181 20.07 26.99 35.09
C ASP B 181 19.96 26.01 36.23
N LYS B 182 18.85 26.11 37.03
CA LYS B 182 18.63 25.13 38.10
C LYS B 182 18.39 23.75 37.54
N ALA B 183 17.75 23.65 36.39
CA ALA B 183 17.61 22.35 35.76
C ALA B 183 18.95 21.79 35.26
N VAL B 184 19.81 22.67 34.73
CA VAL B 184 21.18 22.27 34.35
C VAL B 184 21.97 21.84 35.59
N GLU B 185 21.89 22.62 36.68
CA GLU B 185 22.52 22.22 37.95
C GLU B 185 22.08 20.82 38.40
N GLU B 186 20.80 20.50 38.27
CA GLU B 186 20.31 19.20 38.73
C GLU B 186 20.87 18.05 37.90
N LEU B 187 20.89 18.20 36.57
CA LEU B 187 21.38 17.14 35.69
C LEU B 187 22.87 16.96 35.87
N ILE B 188 23.64 18.06 35.95
CA ILE B 188 25.07 17.94 36.21
C ILE B 188 25.28 17.13 37.48
N SER B 189 24.53 17.44 38.51
CA SER B 189 24.62 16.68 39.75
C SER B 189 24.22 15.21 39.57
N VAL B 190 23.19 14.94 38.76
CA VAL B 190 22.85 13.55 38.55
C VAL B 190 23.97 12.83 37.82
N LEU B 191 24.75 13.53 36.98
CA LEU B 191 25.78 12.86 36.16
C LEU B 191 27.14 12.82 36.87
N LYS B 192 27.19 13.15 38.14
CA LYS B 192 28.39 12.98 38.94
C LYS B 192 28.02 12.00 40.08
N LYS C 2 0.07 -8.99 4.67
CA LYS C 2 0.07 -8.91 6.14
C LYS C 2 -1.25 -8.38 6.69
N ASN C 3 -1.83 -9.03 7.71
CA ASN C 3 -3.15 -8.64 8.17
C ASN C 3 -3.07 -7.77 9.40
N LYS C 4 -4.08 -6.92 9.56
CA LYS C 4 -4.18 -5.93 10.62
C LYS C 4 -4.76 -6.55 11.89
N VAL C 5 -4.16 -6.24 13.03
CA VAL C 5 -4.71 -6.60 14.31
C VAL C 5 -4.82 -5.31 15.12
N VAL C 6 -6.05 -4.87 15.37
CA VAL C 6 -6.36 -3.68 16.15
C VAL C 6 -7.04 -4.13 17.42
N VAL C 7 -6.57 -3.62 18.54
CA VAL C 7 -7.17 -3.87 19.84
C VAL C 7 -7.90 -2.59 20.25
N VAL C 8 -9.19 -2.73 20.61
CA VAL C 8 -9.98 -1.62 21.19
C VAL C 8 -10.29 -2.00 22.63
N THR C 9 -9.95 -1.11 23.56
CA THR C 9 -10.03 -1.39 25.00
C THR C 9 -10.77 -0.27 25.69
N GLY C 10 -11.42 -0.56 26.83
CA GLY C 10 -12.13 0.46 27.58
C GLY C 10 -12.91 -0.07 28.78
N VAL C 11 -13.04 0.76 29.83
CA VAL C 11 -13.73 0.27 31.03
C VAL C 11 -15.15 -0.09 30.65
N PRO C 12 -15.79 -1.01 31.35
CA PRO C 12 -17.22 -1.26 31.08
C PRO C 12 -18.03 0.01 31.18
N GLY C 13 -18.94 0.19 30.26
CA GLY C 13 -19.75 1.40 30.19
C GLY C 13 -19.25 2.49 29.26
N VAL C 14 -18.04 2.39 28.77
CA VAL C 14 -17.48 3.49 28.00
C VAL C 14 -17.84 3.41 26.53
N GLY C 15 -18.25 2.24 26.07
CA GLY C 15 -18.71 2.07 24.70
C GLY C 15 -17.71 1.48 23.71
N GLY C 16 -16.67 0.78 24.19
CA GLY C 16 -15.77 0.12 23.28
C GLY C 16 -16.48 -0.85 22.34
N THR C 17 -17.42 -1.63 22.88
CA THR C 17 -18.15 -2.56 22.04
C THR C 17 -18.93 -1.81 20.97
N THR C 18 -19.67 -0.78 21.36
CA THR C 18 -20.47 -0.01 20.40
C THR C 18 -19.61 0.67 19.35
N LEU C 19 -18.49 1.25 19.75
CA LEU C 19 -17.59 1.90 18.80
C LEU C 19 -17.06 0.93 17.75
N THR C 20 -16.74 -0.30 18.14
CA THR C 20 -16.23 -1.26 17.17
C THR C 20 -17.28 -1.66 16.15
N GLN C 21 -18.52 -1.92 16.60
CA GLN C 21 -19.54 -2.36 15.65
C GLN C 21 -19.86 -1.25 14.66
N LYS C 22 -20.00 -0.01 15.12
CA LYS C 22 -20.33 1.07 14.18
C LYS C 22 -19.19 1.28 13.18
N THR C 23 -17.94 1.15 13.64
CA THR C 23 -16.78 1.39 12.75
C THR C 23 -16.72 0.34 11.66
N ILE C 24 -17.02 -0.90 12.00
CA ILE C 24 -17.00 -1.99 11.01
C ILE C 24 -18.14 -1.81 9.97
N GLU C 25 -19.30 -1.32 10.33
CA GLU C 25 -20.34 -1.15 9.31
C GLU C 25 -19.97 -0.03 8.35
N LYS C 26 -19.40 1.10 8.86
CA LYS C 26 -19.10 2.20 7.94
C LYS C 26 -17.91 1.82 7.06
N LEU C 27 -17.04 0.95 7.56
CA LEU C 27 -15.93 0.49 6.74
C LEU C 27 -16.39 -0.43 5.63
N LYS C 28 -17.37 -1.30 5.89
CA LYS C 28 -17.80 -2.14 4.78
C LYS C 28 -18.48 -1.32 3.68
N GLU C 29 -18.96 -0.10 3.98
CA GLU C 29 -19.54 0.72 2.91
C GLU C 29 -18.44 1.20 1.97
N GLU C 30 -17.20 1.25 2.48
CA GLU C 30 -16.00 1.53 1.70
C GLU C 30 -15.31 0.26 1.20
N GLY C 31 -15.86 -0.92 1.46
CA GLY C 31 -15.24 -2.16 1.01
C GLY C 31 -14.12 -2.66 1.88
N ILE C 32 -14.04 -2.23 3.12
CA ILE C 32 -12.93 -2.60 4.00
C ILE C 32 -13.43 -3.63 5.00
N GLU C 33 -12.88 -4.82 4.93
CA GLU C 33 -13.34 -5.96 5.71
C GLU C 33 -12.48 -6.04 6.95
N TYR C 34 -13.09 -5.83 8.10
CA TYR C 34 -12.55 -6.23 9.39
C TYR C 34 -13.56 -7.19 10.00
N LYS C 35 -13.05 -8.12 10.81
CA LYS C 35 -13.85 -9.03 11.60
C LYS C 35 -13.81 -8.59 13.05
N MET C 36 -14.97 -8.47 13.68
CA MET C 36 -15.04 -8.16 15.10
C MET C 36 -14.81 -9.44 15.92
N VAL C 37 -14.08 -9.33 17.02
CA VAL C 37 -13.93 -10.43 17.96
C VAL C 37 -13.97 -9.85 19.37
N ASN C 38 -14.91 -10.32 20.19
CA ASN C 38 -14.96 -9.99 21.60
C ASN C 38 -14.18 -11.06 22.37
N PHE C 39 -13.05 -10.66 22.96
CA PHE C 39 -12.21 -11.56 23.74
C PHE C 39 -12.99 -12.28 24.82
N GLY C 40 -13.90 -11.58 25.50
CA GLY C 40 -14.64 -12.20 26.58
C GLY C 40 -15.60 -13.27 26.09
N THR C 41 -16.21 -13.04 24.94
CA THR C 41 -17.09 -14.04 24.31
C THR C 41 -16.31 -15.30 23.97
N VAL C 42 -15.09 -15.13 23.43
CA VAL C 42 -14.22 -16.27 23.17
C VAL C 42 -13.91 -17.00 24.48
N MET C 43 -13.55 -16.25 25.53
CA MET C 43 -13.30 -16.86 26.84
C MET C 43 -14.53 -17.61 27.36
N PHE C 44 -15.72 -17.02 27.25
CA PHE C 44 -16.91 -17.61 27.85
C PHE C 44 -17.28 -18.89 27.15
N GLU C 45 -17.01 -19.01 25.85
CA GLU C 45 -17.26 -20.26 25.14
C GLU C 45 -16.47 -21.42 25.75
N VAL C 46 -15.18 -21.19 26.00
CA VAL C 46 -14.33 -22.20 26.62
C VAL C 46 -14.80 -22.48 28.03
N ALA C 47 -15.08 -21.41 28.77
CA ALA C 47 -15.43 -21.52 30.17
C ALA C 47 -16.75 -22.26 30.38
N LYS C 48 -17.79 -21.92 29.62
CA LYS C 48 -19.05 -22.62 29.82
C LYS C 48 -18.98 -24.08 29.36
N GLU C 49 -18.07 -24.39 28.43
CA GLU C 49 -17.86 -25.78 28.00
C GLU C 49 -17.17 -26.61 29.09
N GLU C 50 -16.35 -25.95 29.94
CA GLU C 50 -15.77 -26.59 31.12
C GLU C 50 -16.68 -26.45 32.35
N GLY C 51 -17.76 -25.69 32.25
CA GLY C 51 -18.72 -25.58 33.33
C GLY C 51 -18.40 -24.61 34.46
N LEU C 52 -17.56 -23.62 34.23
CA LEU C 52 -17.15 -22.81 35.37
C LEU C 52 -18.14 -21.69 35.69
N VAL C 53 -18.87 -21.19 34.71
CA VAL C 53 -19.77 -20.05 34.89
C VAL C 53 -21.01 -20.29 34.03
N GLU C 54 -22.09 -19.58 34.37
CA GLU C 54 -23.30 -19.51 33.58
C GLU C 54 -23.39 -18.23 32.75
N ASP C 55 -22.80 -17.13 33.21
CA ASP C 55 -22.81 -15.88 32.48
C ASP C 55 -21.42 -15.26 32.54
N ARG C 56 -21.20 -14.26 31.69
CA ARG C 56 -19.83 -13.75 31.46
C ARG C 56 -19.29 -12.86 32.58
N ASP C 57 -20.14 -12.32 33.45
CA ASP C 57 -19.69 -11.44 34.53
C ASP C 57 -19.21 -12.21 35.75
N GLN C 58 -19.30 -13.55 35.70
CA GLN C 58 -18.74 -14.47 36.68
C GLN C 58 -17.30 -14.85 36.37
N MET C 59 -16.83 -14.53 35.17
CA MET C 59 -15.50 -14.93 34.73
C MET C 59 -14.42 -14.17 35.47
N ARG C 60 -14.59 -12.85 35.63
CA ARG C 60 -13.56 -12.09 36.35
C ARG C 60 -13.52 -12.37 37.87
N LYS C 61 -14.43 -13.15 38.39
CA LYS C 61 -14.37 -13.61 39.76
C LYS C 61 -13.91 -15.07 39.87
N LEU C 62 -13.49 -15.67 38.75
CA LEU C 62 -12.96 -17.04 38.77
C LEU C 62 -11.49 -17.03 39.22
N ASP C 63 -11.02 -18.20 39.62
CA ASP C 63 -9.63 -18.50 39.93
C ASP C 63 -8.67 -17.88 38.93
N PRO C 64 -7.88 -16.84 39.28
CA PRO C 64 -6.97 -16.25 38.27
C PRO C 64 -5.93 -17.22 37.74
N ASP C 65 -5.72 -18.38 38.37
CA ASP C 65 -4.99 -19.44 37.69
C ASP C 65 -5.84 -20.01 36.54
N THR C 66 -7.13 -20.24 36.79
CA THR C 66 -8.03 -20.69 35.73
C THR C 66 -8.29 -19.61 34.67
N GLN C 67 -8.41 -18.33 35.07
CA GLN C 67 -8.67 -17.31 34.05
C GLN C 67 -7.53 -17.24 33.05
N LYS C 68 -6.27 -17.27 33.55
CA LYS C 68 -5.11 -17.12 32.68
C LYS C 68 -4.93 -18.33 31.81
N ARG C 69 -5.35 -19.50 32.28
CA ARG C 69 -5.37 -20.63 31.37
C ARG C 69 -6.33 -20.37 30.22
N ILE C 70 -7.53 -19.82 30.53
CA ILE C 70 -8.55 -19.55 29.51
C ILE C 70 -8.24 -18.29 28.71
N GLN C 71 -7.71 -17.26 29.36
CA GLN C 71 -7.13 -16.13 28.61
C GLN C 71 -6.03 -16.59 27.65
N LYS C 72 -5.18 -17.50 28.08
CA LYS C 72 -4.12 -18.00 27.22
C LYS C 72 -4.71 -18.69 26.00
N LEU C 73 -5.71 -19.57 26.19
CA LEU C 73 -6.29 -20.23 25.03
C LEU C 73 -7.08 -19.25 24.16
N ALA C 74 -7.81 -18.31 24.75
CA ALA C 74 -8.56 -17.38 23.92
C ALA C 74 -7.64 -16.50 23.08
N GLY C 75 -6.51 -16.04 23.65
CA GLY C 75 -5.56 -15.30 22.84
C GLY C 75 -5.02 -16.14 21.67
N ARG C 76 -4.81 -17.44 21.90
CA ARG C 76 -4.35 -18.33 20.85
C ARG C 76 -5.41 -18.54 19.76
N LYS C 77 -6.69 -18.63 20.15
CA LYS C 77 -7.78 -18.78 19.18
C LYS C 77 -7.97 -17.50 18.38
N ILE C 78 -7.73 -16.33 18.98
CA ILE C 78 -7.88 -15.06 18.27
C ILE C 78 -6.73 -14.86 17.28
N ALA C 79 -5.52 -15.31 17.63
CA ALA C 79 -4.40 -15.23 16.71
C ALA C 79 -4.69 -15.98 15.40
N GLU C 80 -5.35 -17.13 15.49
CA GLU C 80 -5.69 -17.84 14.26
C GLU C 80 -6.64 -17.03 13.41
N MET C 81 -7.58 -16.34 14.03
CA MET C 81 -8.51 -15.53 13.26
C MET C 81 -7.76 -14.46 12.48
N ALA C 82 -6.72 -13.90 13.05
CA ALA C 82 -5.99 -12.84 12.35
C ALA C 82 -5.23 -13.32 11.11
N LYS C 83 -4.83 -14.61 11.06
CA LYS C 83 -4.16 -15.17 9.89
C LYS C 83 -5.07 -15.18 8.65
N GLU C 84 -6.37 -15.13 8.84
CA GLU C 84 -7.39 -15.28 7.80
C GLU C 84 -8.06 -13.95 7.43
N SER C 85 -7.89 -12.89 8.23
CA SER C 85 -8.45 -11.57 7.92
C SER C 85 -7.89 -10.52 8.89
N ASN C 86 -8.12 -9.25 8.52
CA ASN C 86 -7.99 -8.18 9.51
C ASN C 86 -8.92 -8.47 10.69
N VAL C 87 -8.53 -8.01 11.86
CA VAL C 87 -9.37 -8.22 13.04
C VAL C 87 -9.30 -7.02 13.97
N ILE C 88 -10.45 -6.68 14.56
CA ILE C 88 -10.57 -5.77 15.70
C ILE C 88 -10.97 -6.61 16.90
N VAL C 89 -10.14 -6.59 17.93
CA VAL C 89 -10.37 -7.32 19.17
C VAL C 89 -10.94 -6.34 20.18
N ASP C 90 -12.18 -6.57 20.62
CA ASP C 90 -12.89 -5.78 21.62
C ASP C 90 -12.60 -6.45 22.98
N THR C 91 -11.79 -5.78 23.79
CA THR C 91 -11.34 -6.36 25.05
C THR C 91 -10.97 -5.21 25.99
N HIS C 92 -10.04 -5.46 26.91
CA HIS C 92 -9.76 -4.59 28.02
C HIS C 92 -8.28 -4.56 28.35
N SER C 93 -7.78 -3.38 28.60
CA SER C 93 -6.40 -3.23 29.00
C SER C 93 -6.13 -3.90 30.34
N THR C 94 -7.00 -3.66 31.32
CA THR C 94 -7.01 -4.42 32.56
C THR C 94 -8.45 -4.74 32.87
N VAL C 95 -8.62 -5.87 33.53
CA VAL C 95 -9.91 -6.33 34.03
C VAL C 95 -9.89 -6.12 35.51
N LYS C 96 -10.94 -5.49 36.07
CA LYS C 96 -10.99 -5.23 37.50
C LYS C 96 -11.58 -6.44 38.23
N THR C 97 -10.74 -7.15 39.00
CA THR C 97 -11.08 -8.29 39.85
C THR C 97 -10.99 -7.94 41.35
N PRO C 98 -11.54 -8.78 42.24
CA PRO C 98 -11.35 -8.49 43.66
C PRO C 98 -9.92 -8.64 44.07
N LYS C 99 -9.09 -9.27 43.25
CA LYS C 99 -7.70 -9.50 43.59
C LYS C 99 -6.81 -8.44 42.97
N GLY C 100 -7.40 -7.39 42.43
CA GLY C 100 -6.64 -6.32 41.79
C GLY C 100 -6.94 -6.26 40.30
N TYR C 101 -6.23 -5.33 39.61
CA TYR C 101 -6.27 -5.21 38.15
C TYR C 101 -5.45 -6.36 37.55
N LEU C 102 -6.03 -7.04 36.56
CA LEU C 102 -5.37 -8.10 35.81
C LEU C 102 -5.08 -7.62 34.38
N ALA C 103 -3.82 -7.67 33.97
CA ALA C 103 -3.52 -7.31 32.59
C ALA C 103 -4.29 -8.21 31.63
N GLY C 104 -4.99 -7.58 30.69
CA GLY C 104 -5.72 -8.27 29.65
C GLY C 104 -4.83 -8.90 28.59
N LEU C 105 -3.62 -8.37 28.42
CA LEU C 105 -2.66 -8.93 27.47
C LEU C 105 -1.33 -9.11 28.18
N PRO C 106 -1.24 -10.03 29.14
CA PRO C 106 0.08 -10.34 29.68
C PRO C 106 1.02 -10.66 28.51
N ILE C 107 2.33 -10.58 28.74
CA ILE C 107 3.29 -10.56 27.64
C ILE C 107 3.08 -11.76 26.73
N TRP C 108 2.80 -12.94 27.28
CA TRP C 108 2.63 -14.12 26.40
C TRP C 108 1.34 -14.01 25.57
N VAL C 109 0.29 -13.39 26.06
CA VAL C 109 -0.89 -13.15 25.24
C VAL C 109 -0.63 -12.03 24.23
N LEU C 110 -0.01 -10.95 24.68
CA LEU C 110 0.33 -9.83 23.80
C LEU C 110 1.16 -10.25 22.59
N GLU C 111 2.16 -11.12 22.79
CA GLU C 111 3.06 -11.55 21.71
C GLU C 111 2.43 -12.54 20.74
N GLU C 112 1.36 -13.21 21.13
CA GLU C 112 0.67 -14.16 20.29
C GLU C 112 -0.28 -13.43 19.36
N LEU C 113 -0.85 -12.32 19.82
CA LEU C 113 -1.66 -11.41 19.01
C LEU C 113 -0.81 -10.43 18.22
N ASN C 114 0.25 -9.92 18.82
CA ASN C 114 1.12 -8.91 18.24
C ASN C 114 0.32 -7.80 17.58
N PRO C 115 -0.43 -7.02 18.35
CA PRO C 115 -1.27 -6.00 17.71
C PRO C 115 -0.46 -4.87 17.11
N ASP C 116 -1.03 -4.26 16.08
CA ASP C 116 -0.47 -3.08 15.42
C ASP C 116 -0.84 -1.77 16.10
N ILE C 117 -2.07 -1.63 16.63
CA ILE C 117 -2.60 -0.41 17.22
C ILE C 117 -3.41 -0.84 18.43
N ILE C 118 -3.30 -0.10 19.50
CA ILE C 118 -4.08 -0.32 20.72
C ILE C 118 -4.91 0.93 20.99
N VAL C 119 -6.22 0.84 20.85
CA VAL C 119 -7.10 1.98 21.00
C VAL C 119 -7.60 1.97 22.42
N ILE C 120 -7.55 3.14 23.06
CA ILE C 120 -8.10 3.36 24.38
C ILE C 120 -9.32 4.27 24.22
N VAL C 121 -10.50 3.77 24.58
CA VAL C 121 -11.71 4.59 24.53
C VAL C 121 -11.93 5.14 25.92
N GLU C 122 -12.09 6.48 26.03
CA GLU C 122 -12.21 7.21 27.30
C GLU C 122 -13.34 8.22 27.21
N THR C 123 -13.94 8.52 28.35
CA THR C 123 -14.67 9.76 28.57
C THR C 123 -14.64 10.02 30.07
N SER C 124 -15.33 11.05 30.51
CA SER C 124 -15.36 11.37 31.93
C SER C 124 -16.12 10.28 32.71
N SER C 125 -15.61 10.02 33.92
CA SER C 125 -16.14 8.98 34.81
C SER C 125 -17.61 9.24 35.13
N ASP C 126 -18.03 10.49 35.13
CA ASP C 126 -19.44 10.86 35.17
C ASP C 126 -20.27 10.19 34.09
N GLU C 127 -19.83 10.23 32.84
CA GLU C 127 -20.65 9.69 31.76
C GLU C 127 -20.68 8.16 31.77
N ILE C 128 -19.55 7.54 32.09
CA ILE C 128 -19.45 6.11 32.26
C ILE C 128 -20.34 5.68 33.41
N LEU C 129 -20.23 6.37 34.54
CA LEU C 129 -21.04 5.97 35.67
C LEU C 129 -22.53 6.04 35.31
N MET C 130 -22.96 7.14 34.72
CA MET C 130 -24.37 7.33 34.40
C MET C 130 -24.81 6.31 33.34
N ARG C 131 -23.92 5.91 32.43
CA ARG C 131 -24.30 4.90 31.46
C ARG C 131 -24.51 3.54 32.09
N ARG C 132 -23.70 3.20 33.08
CA ARG C 132 -23.85 1.95 33.81
C ARG C 132 -25.19 1.88 34.53
N LEU C 133 -25.71 3.00 35.03
CA LEU C 133 -26.99 3.00 35.74
C LEU C 133 -28.19 2.73 34.85
N GLY C 134 -28.12 2.99 33.54
CA GLY C 134 -29.29 2.75 32.71
C GLY C 134 -29.34 1.42 31.99
N ASP C 135 -28.38 0.54 32.27
CA ASP C 135 -28.01 -0.64 31.49
C ASP C 135 -28.41 -1.90 32.26
N ALA C 136 -29.58 -2.44 31.93
CA ALA C 136 -29.99 -3.73 32.47
C ALA C 136 -29.43 -4.97 31.70
N THR C 137 -28.53 -4.80 30.72
CA THR C 137 -27.89 -5.96 30.09
C THR C 137 -26.89 -6.64 31.04
N ARG C 138 -26.33 -5.91 32.02
CA ARG C 138 -25.48 -6.43 33.09
C ARG C 138 -26.16 -6.08 34.44
N ASN C 139 -25.60 -6.57 35.54
CA ASN C 139 -25.84 -5.92 36.84
C ASN C 139 -24.77 -4.88 37.07
N ARG C 140 -24.36 -4.27 35.95
CA ARG C 140 -23.30 -3.29 35.82
C ARG C 140 -22.75 -2.78 37.15
N ASP C 141 -21.42 -2.68 37.19
CA ASP C 141 -20.71 -2.25 38.41
C ASP C 141 -20.95 -0.76 38.61
N ILE C 142 -21.76 -0.41 39.60
CA ILE C 142 -21.82 0.95 40.09
C ILE C 142 -20.62 1.12 41.05
N GLU C 143 -19.53 1.62 40.52
CA GLU C 143 -18.48 2.13 41.35
C GLU C 143 -18.63 3.64 41.48
N LEU C 144 -17.86 4.18 42.41
CA LEU C 144 -17.66 5.60 42.53
C LEU C 144 -16.96 6.10 41.27
N THR C 145 -17.13 7.38 40.97
CA THR C 145 -16.40 7.92 39.84
C THR C 145 -14.88 7.86 40.06
N SER C 146 -14.40 7.94 41.31
CA SER C 146 -12.97 7.87 41.53
C SER C 146 -12.41 6.50 41.23
N ASP C 147 -13.21 5.44 41.41
CA ASP C 147 -12.80 4.09 41.02
C ASP C 147 -12.80 3.91 39.51
N ILE C 148 -13.74 4.53 38.83
CA ILE C 148 -13.71 4.48 37.38
C ILE C 148 -12.48 5.23 36.89
N ASP C 149 -12.16 6.38 37.51
CA ASP C 149 -10.92 7.08 37.18
C ASP C 149 -9.67 6.27 37.52
N GLU C 150 -9.65 5.63 38.66
CA GLU C 150 -8.54 4.72 38.95
C GLU C 150 -8.41 3.64 37.89
N HIS C 151 -9.52 3.09 37.41
CA HIS C 151 -9.41 2.05 36.40
C HIS C 151 -8.85 2.64 35.10
N GLN C 152 -9.29 3.83 34.71
CA GLN C 152 -8.76 4.41 33.49
C GLN C 152 -7.27 4.79 33.62
N PHE C 153 -6.82 5.19 34.80
CA PHE C 153 -5.42 5.46 35.01
C PHE C 153 -4.60 4.19 34.79
N MET C 154 -5.00 3.09 35.42
CA MET C 154 -4.25 1.85 35.24
C MET C 154 -4.36 1.31 33.82
N ASN C 155 -5.46 1.52 33.10
CA ASN C 155 -5.53 1.07 31.71
C ASN C 155 -4.51 1.80 30.81
N ARG C 156 -4.27 3.09 31.08
CA ARG C 156 -3.26 3.82 30.33
C ARG C 156 -1.87 3.23 30.59
N CYS C 157 -1.57 2.93 31.85
CA CYS C 157 -0.29 2.36 32.22
C CYS C 157 -0.05 1.05 31.50
N ALA C 158 -1.02 0.13 31.56
CA ALA C 158 -0.84 -1.14 30.88
C ALA C 158 -0.71 -0.96 29.38
N ALA C 159 -1.53 -0.11 28.78
CA ALA C 159 -1.48 0.01 27.32
C ALA C 159 -0.11 0.50 26.84
N MET C 160 0.45 1.50 27.52
CA MET C 160 1.75 2.00 27.14
C MET C 160 2.84 0.94 27.32
N ALA C 161 2.71 0.08 28.34
CA ALA C 161 3.61 -1.06 28.45
C ALA C 161 3.49 -1.99 27.24
N TYR C 162 2.27 -2.24 26.77
CA TYR C 162 2.08 -3.03 25.56
C TYR C 162 2.81 -2.39 24.39
N GLY C 163 2.74 -1.08 24.26
CA GLY C 163 3.45 -0.41 23.15
C GLY C 163 4.98 -0.50 23.24
N VAL C 164 5.52 -0.52 24.47
CA VAL C 164 6.96 -0.68 24.64
C VAL C 164 7.40 -2.07 24.22
N LEU C 165 6.56 -3.09 24.52
CA LEU C 165 6.93 -4.49 24.29
C LEU C 165 6.80 -4.92 22.84
N THR C 166 5.85 -4.36 22.10
CA THR C 166 5.54 -4.80 20.75
C THR C 166 5.79 -3.80 19.63
N GLY C 167 5.80 -2.49 19.93
CA GLY C 167 5.81 -1.45 18.93
C GLY C 167 4.43 -0.92 18.52
N ALA C 168 3.34 -1.43 19.08
CA ALA C 168 2.03 -0.94 18.67
C ALA C 168 1.91 0.53 19.02
N THR C 169 1.24 1.30 18.16
CA THR C 169 0.91 2.68 18.54
C THR C 169 -0.29 2.66 19.51
N VAL C 170 -0.31 3.62 20.44
CA VAL C 170 -1.31 3.65 21.51
C VAL C 170 -2.15 4.90 21.33
N LYS C 171 -3.39 4.70 20.88
CA LYS C 171 -4.28 5.76 20.42
C LYS C 171 -5.43 5.96 21.39
N ILE C 172 -5.60 7.19 21.85
CA ILE C 172 -6.69 7.58 22.73
C ILE C 172 -7.79 8.27 21.93
N ILE C 173 -9.01 7.75 22.09
CA ILE C 173 -10.20 8.23 21.39
C ILE C 173 -11.26 8.54 22.43
N LYS C 174 -11.75 9.77 22.41
CA LYS C 174 -12.83 10.20 23.30
C LYS C 174 -14.17 9.79 22.71
N ASN C 175 -14.96 9.08 23.51
CA ASN C 175 -16.28 8.65 23.08
C ASN C 175 -17.25 9.34 24.02
N ARG C 176 -17.61 10.57 23.70
CA ARG C 176 -18.42 11.38 24.59
C ARG C 176 -19.91 11.25 24.32
N ASP C 177 -20.69 11.51 25.35
CA ASP C 177 -22.14 11.43 25.24
C ASP C 177 -22.65 12.22 24.05
N GLY C 178 -23.44 11.57 23.21
CA GLY C 178 -24.07 12.21 22.07
C GLY C 178 -23.19 12.36 20.85
N LEU C 179 -21.90 12.00 20.98
CA LEU C 179 -20.88 12.21 19.98
C LEU C 179 -20.20 10.92 19.65
N LEU C 180 -20.96 9.83 19.64
CA LEU C 180 -20.40 8.58 19.18
C LEU C 180 -19.91 8.69 17.74
N ASP C 181 -20.70 9.35 16.86
CA ASP C 181 -20.36 9.45 15.43
C ASP C 181 -18.98 10.12 15.25
N LYS C 182 -18.64 11.08 16.10
CA LYS C 182 -17.28 11.65 16.04
C LYS C 182 -16.18 10.71 16.52
N ALA C 183 -16.45 9.86 17.51
CA ALA C 183 -15.43 8.88 17.86
C ALA C 183 -15.26 7.85 16.75
N VAL C 184 -16.35 7.52 16.03
CA VAL C 184 -16.30 6.59 14.91
C VAL C 184 -15.52 7.17 13.74
N GLU C 185 -15.74 8.45 13.42
CA GLU C 185 -14.95 9.08 12.38
C GLU C 185 -13.46 8.97 12.72
N GLU C 186 -13.13 9.21 13.98
CA GLU C 186 -11.73 9.21 14.36
C GLU C 186 -11.12 7.84 14.17
N LEU C 187 -11.83 6.78 14.58
CA LEU C 187 -11.25 5.45 14.48
C LEU C 187 -11.13 5.02 13.03
N ILE C 188 -12.12 5.36 12.22
CA ILE C 188 -12.04 5.06 10.80
C ILE C 188 -10.82 5.74 10.19
N SER C 189 -10.64 7.01 10.52
CA SER C 189 -9.50 7.75 10.02
C SER C 189 -8.20 7.12 10.47
N VAL C 190 -8.18 6.59 11.67
CA VAL C 190 -6.98 5.93 12.15
C VAL C 190 -6.70 4.65 11.39
N LEU C 191 -7.71 3.99 10.82
CA LEU C 191 -7.46 2.69 10.22
C LEU C 191 -7.28 2.75 8.73
N LYS C 192 -6.98 3.90 8.16
CA LYS C 192 -6.73 3.93 6.73
C LYS C 192 -5.27 4.31 6.43
N LYS D 2 -12.38 14.79 -2.35
CA LYS D 2 -12.65 14.17 -1.04
C LYS D 2 -12.70 15.26 0.03
N ASN D 3 -11.67 16.11 0.10
CA ASN D 3 -11.60 17.19 1.07
C ASN D 3 -11.96 18.41 0.28
N LYS D 4 -12.59 19.38 0.91
CA LYS D 4 -13.14 20.55 0.25
C LYS D 4 -12.07 21.61 0.05
N VAL D 5 -11.97 22.16 -1.14
CA VAL D 5 -11.07 23.24 -1.46
C VAL D 5 -11.92 24.42 -1.89
N VAL D 6 -11.94 25.46 -1.10
CA VAL D 6 -12.72 26.65 -1.34
C VAL D 6 -11.73 27.77 -1.49
N VAL D 7 -11.88 28.54 -2.55
CA VAL D 7 -11.07 29.71 -2.80
C VAL D 7 -11.93 30.93 -2.53
N VAL D 8 -11.47 31.80 -1.64
CA VAL D 8 -12.12 33.09 -1.38
C VAL D 8 -11.17 34.18 -1.89
N THR D 9 -11.66 35.06 -2.75
CA THR D 9 -10.81 36.06 -3.38
C THR D 9 -11.48 37.40 -3.15
N GLY D 10 -10.73 38.50 -3.26
CA GLY D 10 -11.27 39.85 -3.12
C GLY D 10 -10.18 40.88 -3.18
N VAL D 11 -10.46 42.08 -3.68
CA VAL D 11 -9.41 43.08 -3.79
C VAL D 11 -8.94 43.43 -2.38
N PRO D 12 -7.74 43.89 -2.18
CA PRO D 12 -7.39 44.40 -0.85
C PRO D 12 -8.43 45.40 -0.34
N GLY D 13 -8.78 45.25 0.94
CA GLY D 13 -9.76 46.10 1.58
C GLY D 13 -11.19 45.59 1.56
N VAL D 14 -11.51 44.56 0.76
CA VAL D 14 -12.90 44.17 0.67
C VAL D 14 -13.35 43.21 1.77
N GLY D 15 -12.41 42.55 2.44
CA GLY D 15 -12.70 41.67 3.55
C GLY D 15 -12.63 40.20 3.25
N GLY D 16 -11.93 39.78 2.18
CA GLY D 16 -11.77 38.36 1.94
C GLY D 16 -11.16 37.64 3.14
N THR D 17 -10.11 38.23 3.70
CA THR D 17 -9.49 37.64 4.87
C THR D 17 -10.49 37.57 6.03
N THR D 18 -11.17 38.67 6.32
CA THR D 18 -12.12 38.70 7.44
C THR D 18 -13.30 37.74 7.24
N LEU D 19 -13.89 37.70 6.06
CA LEU D 19 -14.97 36.75 5.85
C LEU D 19 -14.47 35.32 6.05
N THR D 20 -13.23 35.05 5.67
CA THR D 20 -12.67 33.72 5.84
C THR D 20 -12.45 33.41 7.32
N GLN D 21 -11.95 34.40 8.07
CA GLN D 21 -11.71 34.17 9.49
C GLN D 21 -13.02 33.90 10.21
N LYS D 22 -14.04 34.73 9.95
CA LYS D 22 -15.31 34.60 10.70
C LYS D 22 -16.05 33.30 10.35
N THR D 23 -15.95 32.85 9.08
CA THR D 23 -16.61 31.62 8.64
C THR D 23 -15.97 30.40 9.28
N ILE D 24 -14.64 30.35 9.36
CA ILE D 24 -13.96 29.22 9.98
C ILE D 24 -14.28 29.12 11.47
N GLU D 25 -14.34 30.25 12.17
CA GLU D 25 -14.72 30.23 13.59
C GLU D 25 -16.24 30.03 13.80
N LYS D 26 -17.10 30.54 12.90
CA LYS D 26 -18.55 30.28 13.02
C LYS D 26 -18.90 28.80 12.71
N LEU D 27 -18.12 28.14 11.86
CA LEU D 27 -18.33 26.73 11.56
C LEU D 27 -17.91 25.84 12.70
N LYS D 28 -16.81 26.20 13.40
CA LYS D 28 -16.38 25.40 14.55
C LYS D 28 -17.40 25.37 15.71
N GLU D 29 -18.34 26.31 15.73
CA GLU D 29 -19.43 26.32 16.73
C GLU D 29 -20.39 25.17 16.50
N GLU D 30 -20.46 24.66 15.29
CA GLU D 30 -21.22 23.48 14.94
C GLU D 30 -20.36 22.23 14.86
N GLY D 31 -19.05 22.35 15.06
CA GLY D 31 -18.18 21.22 14.92
C GLY D 31 -17.68 20.94 13.52
N ILE D 32 -17.70 21.94 12.64
CA ILE D 32 -17.29 21.80 11.25
C ILE D 32 -15.92 22.45 11.06
N GLU D 33 -14.91 21.63 10.77
CA GLU D 33 -13.52 22.04 10.75
C GLU D 33 -12.98 22.41 9.36
N TYR D 34 -12.59 23.67 9.19
CA TYR D 34 -11.78 24.10 8.05
C TYR D 34 -10.49 24.74 8.53
N LYS D 35 -9.42 24.50 7.75
CA LYS D 35 -8.14 25.12 8.01
C LYS D 35 -8.02 26.33 7.11
N MET D 36 -7.67 27.46 7.71
CA MET D 36 -7.50 28.71 6.98
C MET D 36 -6.12 28.71 6.38
N VAL D 37 -6.03 29.15 5.13
CA VAL D 37 -4.74 29.28 4.45
C VAL D 37 -4.73 30.58 3.66
N ASN D 38 -3.79 31.46 3.96
CA ASN D 38 -3.53 32.65 3.16
C ASN D 38 -2.44 32.32 2.12
N PHE D 39 -2.81 32.35 0.82
CA PHE D 39 -1.84 32.09 -0.24
C PHE D 39 -0.65 33.06 -0.15
N GLY D 40 -0.92 34.33 0.13
CA GLY D 40 0.14 35.32 0.15
C GLY D 40 1.14 35.11 1.26
N THR D 41 0.68 34.63 2.42
CA THR D 41 1.56 34.24 3.53
C THR D 41 2.48 33.09 3.13
N VAL D 42 1.96 32.10 2.41
CA VAL D 42 2.78 31.00 1.93
C VAL D 42 3.91 31.52 1.05
N MET D 43 3.57 32.41 0.09
CA MET D 43 4.56 33.11 -0.72
C MET D 43 5.53 33.96 0.10
N PHE D 44 5.04 34.65 1.12
CA PHE D 44 5.90 35.57 1.88
C PHE D 44 7.01 34.82 2.63
N GLU D 45 6.76 33.61 3.11
CA GLU D 45 7.80 32.84 3.76
C GLU D 45 8.96 32.64 2.81
N VAL D 46 8.66 32.25 1.57
CA VAL D 46 9.69 32.00 0.56
C VAL D 46 10.40 33.30 0.19
N ALA D 47 9.65 34.35 -0.11
CA ALA D 47 10.27 35.60 -0.56
C ALA D 47 11.14 36.21 0.53
N LYS D 48 10.69 36.15 1.79
CA LYS D 48 11.47 36.73 2.87
C LYS D 48 12.75 35.92 3.12
N GLU D 49 12.69 34.60 2.90
CA GLU D 49 13.82 33.67 3.08
C GLU D 49 14.84 33.82 1.97
N GLU D 50 14.42 34.17 0.76
CA GLU D 50 15.37 34.39 -0.31
C GLU D 50 15.99 35.79 -0.25
N GLY D 51 15.49 36.63 0.66
CA GLY D 51 15.96 38.00 0.82
C GLY D 51 15.37 39.00 -0.12
N LEU D 52 14.26 38.66 -0.76
CA LEU D 52 13.64 39.53 -1.75
C LEU D 52 12.69 40.56 -1.18
N VAL D 53 12.12 40.38 0.02
CA VAL D 53 11.12 41.30 0.53
C VAL D 53 11.27 41.44 2.04
N GLU D 54 10.71 42.51 2.59
CA GLU D 54 10.64 42.75 4.04
C GLU D 54 9.24 42.53 4.56
N ASP D 55 8.24 42.85 3.74
CA ASP D 55 6.84 42.67 4.07
C ASP D 55 6.04 42.32 2.81
N ARG D 56 4.82 41.84 3.05
CA ARG D 56 4.07 41.16 2.02
C ARG D 56 3.58 42.10 0.94
N ASP D 57 3.56 43.40 1.20
CA ASP D 57 3.06 44.36 0.23
C ASP D 57 4.11 44.80 -0.79
N GLN D 58 5.34 44.28 -0.68
CA GLN D 58 6.36 44.48 -1.70
C GLN D 58 6.34 43.41 -2.80
N MET D 59 5.70 42.28 -2.53
CA MET D 59 5.82 41.14 -3.43
C MET D 59 5.19 41.43 -4.76
N ARG D 60 4.05 42.14 -4.77
CA ARG D 60 3.38 42.47 -6.03
C ARG D 60 4.17 43.48 -6.83
N LYS D 61 5.26 43.99 -6.27
CA LYS D 61 6.15 44.90 -7.01
C LYS D 61 7.40 44.19 -7.52
N LEU D 62 7.57 42.89 -7.30
CA LEU D 62 8.74 42.16 -7.82
C LEU D 62 8.52 41.83 -9.30
N ASP D 63 9.60 41.51 -9.98
CA ASP D 63 9.56 40.98 -11.34
C ASP D 63 8.46 39.92 -11.50
N PRO D 64 7.55 40.01 -12.49
CA PRO D 64 6.44 39.03 -12.50
C PRO D 64 6.96 37.62 -12.73
N ASP D 65 8.15 37.47 -13.31
CA ASP D 65 8.74 36.15 -13.44
C ASP D 65 9.13 35.60 -12.09
N THR D 66 9.67 36.45 -11.21
CA THR D 66 9.92 36.05 -9.81
C THR D 66 8.63 35.75 -9.05
N GLN D 67 7.58 36.55 -9.29
CA GLN D 67 6.30 36.27 -8.63
C GLN D 67 5.73 34.93 -9.09
N LYS D 68 5.83 34.62 -10.38
CA LYS D 68 5.22 33.40 -10.89
C LYS D 68 5.98 32.18 -10.39
N ARG D 69 7.29 32.27 -10.22
CA ARG D 69 8.02 31.16 -9.61
C ARG D 69 7.57 30.92 -8.18
N ILE D 70 7.43 31.98 -7.39
CA ILE D 70 7.08 31.80 -5.98
C ILE D 70 5.62 31.45 -5.84
N GLN D 71 4.78 31.96 -6.71
CA GLN D 71 3.37 31.58 -6.77
C GLN D 71 3.18 30.08 -6.97
N LYS D 72 3.94 29.47 -7.86
CA LYS D 72 3.81 28.04 -8.12
C LYS D 72 4.29 27.20 -6.94
N LEU D 73 5.39 27.61 -6.31
CA LEU D 73 5.85 26.89 -5.13
C LEU D 73 4.77 26.92 -4.06
N ALA D 74 4.16 28.09 -3.85
CA ALA D 74 3.08 28.24 -2.89
C ALA D 74 1.86 27.43 -3.32
N GLY D 75 1.60 27.36 -4.62
CA GLY D 75 0.47 26.56 -5.08
C GLY D 75 0.61 25.09 -4.74
N ARG D 76 1.82 24.55 -4.85
CA ARG D 76 2.04 23.14 -4.52
C ARG D 76 1.99 22.84 -3.02
N LYS D 77 2.47 23.78 -2.18
CA LYS D 77 2.41 23.53 -0.73
C LYS D 77 0.98 23.52 -0.25
N ILE D 78 0.17 24.42 -0.80
CA ILE D 78 -1.23 24.50 -0.44
C ILE D 78 -1.97 23.28 -0.94
N ALA D 79 -1.65 22.82 -2.16
CA ALA D 79 -2.30 21.62 -2.66
C ALA D 79 -2.03 20.43 -1.75
N GLU D 80 -0.84 20.37 -1.13
CA GLU D 80 -0.56 19.35 -0.12
C GLU D 80 -1.34 19.57 1.18
N MET D 81 -1.50 20.82 1.61
CA MET D 81 -2.32 21.07 2.80
C MET D 81 -3.74 20.57 2.57
N ALA D 82 -4.25 20.63 1.35
CA ALA D 82 -5.59 20.18 1.05
C ALA D 82 -5.75 18.69 1.27
N LYS D 83 -4.64 17.90 1.23
CA LYS D 83 -4.83 16.46 1.42
C LYS D 83 -5.20 16.05 2.83
N GLU D 84 -4.72 16.75 3.84
CA GLU D 84 -4.92 16.38 5.23
C GLU D 84 -6.10 17.10 5.89
N SER D 85 -6.66 18.12 5.26
CA SER D 85 -7.83 18.78 5.81
C SER D 85 -8.62 19.49 4.72
N ASN D 86 -9.86 19.85 5.04
CA ASN D 86 -10.58 20.87 4.28
C ASN D 86 -9.85 22.20 4.41
N VAL D 87 -9.90 23.01 3.35
CA VAL D 87 -9.22 24.29 3.38
C VAL D 87 -10.06 25.35 2.67
N ILE D 88 -9.96 26.58 3.18
CA ILE D 88 -10.38 27.77 2.48
C ILE D 88 -9.10 28.50 2.10
N VAL D 89 -8.87 28.73 0.83
CA VAL D 89 -7.65 29.40 0.40
C VAL D 89 -8.01 30.86 0.24
N ASP D 90 -7.43 31.71 1.09
CA ASP D 90 -7.65 33.16 1.11
C ASP D 90 -6.65 33.82 0.13
N THR D 91 -7.15 34.29 -1.00
CA THR D 91 -6.23 34.71 -2.04
C THR D 91 -6.91 35.70 -2.99
N HIS D 92 -6.44 35.74 -4.25
CA HIS D 92 -6.83 36.80 -5.18
C HIS D 92 -7.09 36.27 -6.57
N SER D 93 -8.18 36.74 -7.17
CA SER D 93 -8.47 36.37 -8.55
C SER D 93 -7.41 36.93 -9.48
N THR D 94 -7.11 38.22 -9.39
CA THR D 94 -5.91 38.77 -10.02
C THR D 94 -5.23 39.71 -9.02
N VAL D 95 -3.89 39.81 -9.14
CA VAL D 95 -3.04 40.70 -8.35
C VAL D 95 -2.61 41.87 -9.23
N LYS D 96 -2.76 43.06 -8.72
CA LYS D 96 -2.41 44.28 -9.45
C LYS D 96 -0.94 44.57 -9.26
N THR D 97 -0.13 44.32 -10.28
CA THR D 97 1.27 44.59 -10.29
C THR D 97 1.52 45.81 -11.15
N PRO D 98 2.69 46.42 -11.05
CA PRO D 98 3.01 47.55 -11.96
C PRO D 98 2.98 47.17 -13.41
N LYS D 99 3.11 45.91 -13.75
CA LYS D 99 3.15 45.48 -15.14
C LYS D 99 1.80 44.93 -15.60
N GLY D 100 0.78 45.08 -14.76
CA GLY D 100 -0.57 44.65 -15.08
C GLY D 100 -1.17 43.70 -14.06
N TYR D 101 -2.42 43.32 -14.35
CA TYR D 101 -3.08 42.32 -13.54
C TYR D 101 -2.44 40.98 -13.81
N LEU D 102 -2.12 40.26 -12.76
CA LEU D 102 -1.57 38.92 -12.88
C LEU D 102 -2.60 37.92 -12.36
N ALA D 103 -2.96 36.97 -13.20
CA ALA D 103 -3.87 35.92 -12.76
C ALA D 103 -3.33 35.28 -11.48
N GLY D 104 -4.20 35.16 -10.47
CA GLY D 104 -3.85 34.54 -9.21
C GLY D 104 -3.82 33.02 -9.26
N LEU D 105 -4.57 32.42 -10.18
CA LEU D 105 -4.58 30.97 -10.38
C LEU D 105 -4.35 30.69 -11.87
N PRO D 106 -3.17 30.99 -12.39
CA PRO D 106 -2.88 30.63 -13.79
C PRO D 106 -3.09 29.15 -13.96
N ILE D 107 -3.30 28.73 -15.22
CA ILE D 107 -3.88 27.42 -15.42
C ILE D 107 -3.08 26.32 -14.69
N TRP D 108 -1.75 26.41 -14.66
CA TRP D 108 -1.00 25.35 -13.98
C TRP D 108 -1.21 25.37 -12.46
N VAL D 109 -1.41 26.53 -11.85
CA VAL D 109 -1.76 26.55 -10.42
C VAL D 109 -3.23 26.15 -10.19
N LEU D 110 -4.14 26.57 -11.06
CA LEU D 110 -5.56 26.23 -10.91
C LEU D 110 -5.79 24.73 -10.88
N GLU D 111 -5.21 24.01 -11.82
CA GLU D 111 -5.44 22.58 -11.89
C GLU D 111 -4.73 21.81 -10.83
N GLU D 112 -3.75 22.42 -10.17
CA GLU D 112 -3.07 21.81 -9.03
C GLU D 112 -3.86 22.04 -7.74
N LEU D 113 -4.51 23.20 -7.60
CA LEU D 113 -5.41 23.42 -6.47
C LEU D 113 -6.75 22.73 -6.68
N ASN D 114 -7.24 22.75 -7.90
CA ASN D 114 -8.52 22.17 -8.29
C ASN D 114 -9.57 22.55 -7.26
N PRO D 115 -9.84 23.83 -7.08
CA PRO D 115 -10.89 24.21 -6.14
C PRO D 115 -12.26 23.83 -6.66
N ASP D 116 -13.16 23.55 -5.71
CA ASP D 116 -14.56 23.26 -6.01
C ASP D 116 -15.39 24.53 -6.18
N ILE D 117 -15.08 25.57 -5.42
CA ILE D 117 -15.84 26.81 -5.40
C ILE D 117 -14.85 27.96 -5.38
N ILE D 118 -15.16 29.00 -6.17
CA ILE D 118 -14.41 30.26 -6.20
C ILE D 118 -15.38 31.34 -5.78
N VAL D 119 -15.15 31.91 -4.63
CA VAL D 119 -15.96 32.93 -4.01
C VAL D 119 -15.32 34.27 -4.31
N ILE D 120 -16.11 35.19 -4.82
CA ILE D 120 -15.68 36.56 -5.06
C ILE D 120 -16.39 37.45 -4.07
N VAL D 121 -15.60 38.07 -3.19
CA VAL D 121 -16.13 39.01 -2.23
C VAL D 121 -16.05 40.38 -2.83
N GLU D 122 -17.19 41.08 -2.83
CA GLU D 122 -17.32 42.38 -3.46
C GLU D 122 -18.05 43.35 -2.56
N THR D 123 -17.77 44.63 -2.77
CA THR D 123 -18.68 45.71 -2.37
C THR D 123 -18.39 46.93 -3.23
N SER D 124 -18.99 48.04 -2.87
CA SER D 124 -18.77 49.25 -3.64
C SER D 124 -17.34 49.77 -3.41
N SER D 125 -16.76 50.33 -4.47
CA SER D 125 -15.42 50.88 -4.40
C SER D 125 -15.30 51.99 -3.36
N ASP D 126 -16.39 52.72 -3.09
CA ASP D 126 -16.46 53.64 -1.96
C ASP D 126 -16.09 52.98 -0.62
N GLU D 127 -16.71 51.84 -0.34
CA GLU D 127 -16.48 51.27 0.99
C GLU D 127 -15.09 50.67 1.09
N ILE D 128 -14.60 50.08 0.00
CA ILE D 128 -13.25 49.53 -0.07
C ILE D 128 -12.20 50.61 0.22
N LEU D 129 -12.32 51.78 -0.41
CA LEU D 129 -11.34 52.84 -0.22
C LEU D 129 -11.31 53.29 1.23
N MET D 130 -12.48 53.50 1.80
CA MET D 130 -12.57 53.95 3.18
C MET D 130 -11.97 52.91 4.12
N ARG D 131 -12.13 51.62 3.81
CA ARG D 131 -11.50 50.60 4.64
C ARG D 131 -9.97 50.62 4.50
N ARG D 132 -9.46 50.89 3.29
CA ARG D 132 -8.02 51.00 3.13
C ARG D 132 -7.46 52.14 3.96
N LEU D 133 -8.15 53.29 3.96
CA LEU D 133 -7.67 54.49 4.63
C LEU D 133 -7.72 54.38 6.14
N GLY D 134 -8.58 53.51 6.65
CA GLY D 134 -8.81 53.30 8.07
C GLY D 134 -8.06 52.12 8.66
N ASP D 135 -7.13 51.53 7.93
CA ASP D 135 -6.47 50.25 8.26
C ASP D 135 -4.95 50.40 8.34
N ALA D 136 -4.45 50.62 9.56
CA ALA D 136 -3.01 50.69 9.81
C ALA D 136 -2.30 49.34 9.97
N THR D 137 -2.98 48.21 9.80
CA THR D 137 -2.26 46.95 9.71
C THR D 137 -1.53 46.78 8.37
N ARG D 138 -1.96 47.46 7.32
CA ARG D 138 -1.31 47.33 6.02
C ARG D 138 -0.93 48.67 5.41
N ASN D 139 0.02 48.56 4.50
CA ASN D 139 0.53 49.62 3.63
C ASN D 139 -0.37 49.61 2.38
N ARG D 140 -1.55 50.20 2.59
CA ARG D 140 -2.60 50.12 1.57
C ARG D 140 -2.45 51.17 0.48
N ASP D 141 -2.70 50.71 -0.75
CA ASP D 141 -2.60 51.54 -1.94
C ASP D 141 -3.89 52.35 -2.01
N ILE D 142 -3.81 53.66 -1.77
CA ILE D 142 -4.94 54.50 -2.13
C ILE D 142 -4.83 54.81 -3.62
N GLU D 143 -5.65 54.09 -4.39
CA GLU D 143 -6.00 54.30 -5.78
C GLU D 143 -7.29 55.10 -5.85
N LEU D 144 -7.64 55.50 -7.07
CA LEU D 144 -8.97 56.04 -7.33
C LEU D 144 -10.03 54.95 -7.13
N THR D 145 -11.26 55.37 -6.86
CA THR D 145 -12.33 54.38 -6.79
C THR D 145 -12.50 53.69 -8.13
N SER D 146 -12.25 54.40 -9.23
CA SER D 146 -12.35 53.83 -10.57
C SER D 146 -11.27 52.79 -10.82
N ASP D 147 -10.10 52.94 -10.20
CA ASP D 147 -9.10 51.87 -10.28
C ASP D 147 -9.55 50.64 -9.49
N ILE D 148 -10.27 50.85 -8.38
CA ILE D 148 -10.82 49.72 -7.62
C ILE D 148 -11.91 49.00 -8.41
N ASP D 149 -12.77 49.76 -9.09
CA ASP D 149 -13.80 49.16 -9.93
C ASP D 149 -13.19 48.33 -11.07
N GLU D 150 -12.16 48.86 -11.71
CA GLU D 150 -11.46 48.12 -12.76
C GLU D 150 -10.88 46.82 -12.22
N HIS D 151 -10.31 46.85 -11.02
CA HIS D 151 -9.74 45.64 -10.48
C HIS D 151 -10.83 44.60 -10.22
N GLN D 152 -11.99 45.04 -9.66
CA GLN D 152 -13.12 44.13 -9.43
C GLN D 152 -13.70 43.61 -10.75
N PHE D 153 -13.67 44.43 -11.81
CA PHE D 153 -14.06 43.99 -13.13
C PHE D 153 -13.20 42.82 -13.58
N MET D 154 -11.87 43.03 -13.57
CA MET D 154 -10.96 42.01 -14.09
C MET D 154 -10.98 40.77 -13.22
N ASN D 155 -11.17 40.91 -11.91
CA ASN D 155 -11.30 39.74 -11.04
C ASN D 155 -12.49 38.88 -11.43
N ARG D 156 -13.60 39.50 -11.86
CA ARG D 156 -14.71 38.72 -12.38
C ARG D 156 -14.33 37.97 -13.63
N CYS D 157 -13.57 38.63 -14.55
CA CYS D 157 -13.19 37.99 -15.80
C CYS D 157 -12.35 36.76 -15.54
N ALA D 158 -11.29 36.91 -14.74
CA ALA D 158 -10.38 35.78 -14.49
C ALA D 158 -11.14 34.64 -13.84
N ALA D 159 -11.99 34.96 -12.84
CA ALA D 159 -12.71 33.97 -12.09
C ALA D 159 -13.65 33.19 -12.99
N MET D 160 -14.37 33.85 -13.87
CA MET D 160 -15.22 33.04 -14.73
C MET D 160 -14.38 32.17 -15.67
N ALA D 161 -13.21 32.65 -16.08
CA ALA D 161 -12.32 31.81 -16.86
C ALA D 161 -11.95 30.55 -16.07
N TYR D 162 -11.66 30.69 -14.76
CA TYR D 162 -11.33 29.52 -13.95
C TYR D 162 -12.46 28.48 -13.98
N GLY D 163 -13.73 28.93 -13.88
CA GLY D 163 -14.82 27.97 -13.87
C GLY D 163 -15.02 27.26 -15.19
N VAL D 164 -14.79 27.96 -16.30
CA VAL D 164 -14.86 27.30 -17.59
C VAL D 164 -13.81 26.20 -17.68
N LEU D 165 -12.61 26.44 -17.13
CA LEU D 165 -11.50 25.51 -17.28
C LEU D 165 -11.59 24.31 -16.35
N THR D 166 -12.14 24.47 -15.14
CA THR D 166 -12.20 23.37 -14.19
C THR D 166 -13.61 22.89 -13.92
N GLY D 167 -14.63 23.71 -14.13
CA GLY D 167 -15.96 23.35 -13.70
C GLY D 167 -16.33 23.86 -12.33
N ALA D 168 -15.45 24.63 -11.69
CA ALA D 168 -15.75 25.23 -10.40
C ALA D 168 -16.85 26.27 -10.56
N THR D 169 -17.69 26.39 -9.51
CA THR D 169 -18.74 27.39 -9.45
C THR D 169 -18.14 28.68 -8.93
N VAL D 170 -18.69 29.81 -9.39
CA VAL D 170 -18.18 31.15 -9.02
C VAL D 170 -19.30 31.88 -8.28
N LYS D 171 -19.10 32.05 -7.00
CA LYS D 171 -20.09 32.61 -6.10
C LYS D 171 -19.67 34.03 -5.75
N ILE D 172 -20.54 34.99 -5.98
CA ILE D 172 -20.29 36.37 -5.60
C ILE D 172 -21.08 36.61 -4.32
N ILE D 173 -20.42 37.13 -3.30
CA ILE D 173 -21.00 37.41 -2.00
C ILE D 173 -20.69 38.88 -1.74
N LYS D 174 -21.71 39.65 -1.44
CA LYS D 174 -21.56 41.07 -1.10
C LYS D 174 -21.18 41.27 0.36
N ASN D 175 -20.12 42.03 0.58
CA ASN D 175 -19.68 42.32 1.93
C ASN D 175 -19.73 43.82 2.22
N ARG D 176 -20.92 44.29 2.61
CA ARG D 176 -21.22 45.71 2.79
C ARG D 176 -20.94 46.12 4.21
N ASP D 177 -20.62 47.41 4.40
CA ASP D 177 -20.19 47.92 5.70
C ASP D 177 -21.25 47.65 6.75
N GLY D 178 -20.84 46.98 7.84
CA GLY D 178 -21.74 46.68 8.94
C GLY D 178 -22.55 45.42 8.72
N LEU D 179 -22.45 44.80 7.55
CA LEU D 179 -23.25 43.65 7.20
C LEU D 179 -22.33 42.47 6.94
N LEU D 180 -21.23 42.42 7.68
CA LEU D 180 -20.35 41.28 7.60
C LEU D 180 -21.14 40.02 7.91
N ASP D 181 -22.10 40.12 8.81
CA ASP D 181 -22.80 38.95 9.31
C ASP D 181 -23.61 38.27 8.22
N LYS D 182 -24.26 39.06 7.32
CA LYS D 182 -25.02 38.40 6.26
C LYS D 182 -24.10 37.72 5.25
N ALA D 183 -22.91 38.26 4.99
CA ALA D 183 -22.01 37.61 4.04
C ALA D 183 -21.43 36.32 4.60
N VAL D 184 -21.22 36.26 5.90
CA VAL D 184 -20.74 35.05 6.55
C VAL D 184 -21.79 33.96 6.47
N GLU D 185 -23.06 34.30 6.82
CA GLU D 185 -24.19 33.36 6.71
C GLU D 185 -24.30 32.79 5.31
N GLU D 186 -24.19 33.66 4.30
CA GLU D 186 -24.33 33.22 2.94
C GLU D 186 -23.24 32.24 2.58
N LEU D 187 -21.99 32.50 3.03
CA LEU D 187 -20.90 31.61 2.68
C LEU D 187 -21.04 30.28 3.39
N ILE D 188 -21.42 30.33 4.67
CA ILE D 188 -21.70 29.10 5.42
C ILE D 188 -22.77 28.33 4.71
N SER D 189 -23.80 29.04 4.25
CA SER D 189 -24.87 28.40 3.51
C SER D 189 -24.35 27.69 2.27
N VAL D 190 -23.38 28.29 1.58
CA VAL D 190 -22.83 27.65 0.40
C VAL D 190 -22.01 26.41 0.75
N LEU D 191 -21.35 26.41 1.91
CA LEU D 191 -20.42 25.34 2.20
C LEU D 191 -21.11 24.14 2.77
N LYS D 192 -22.39 24.30 3.10
CA LYS D 192 -23.20 23.25 3.67
C LYS D 192 -24.27 22.77 2.67
N LYS E 2 16.26 36.41 -22.81
CA LYS E 2 14.83 36.55 -23.20
C LYS E 2 14.62 37.73 -24.17
N ASN E 3 13.94 37.52 -25.31
CA ASN E 3 13.53 38.68 -26.08
C ASN E 3 12.13 39.01 -25.57
N LYS E 4 11.89 40.29 -25.24
CA LYS E 4 10.65 40.66 -24.61
C LYS E 4 9.64 40.82 -25.74
N VAL E 5 8.44 40.31 -25.49
CA VAL E 5 7.34 40.34 -26.44
C VAL E 5 6.21 41.06 -25.77
N VAL E 6 5.86 42.25 -26.28
CA VAL E 6 4.73 43.03 -25.75
C VAL E 6 3.64 43.14 -26.81
N VAL E 7 2.39 42.89 -26.40
CA VAL E 7 1.21 43.04 -27.25
C VAL E 7 0.45 44.29 -26.82
N VAL E 8 0.21 45.19 -27.75
CA VAL E 8 -0.59 46.37 -27.50
C VAL E 8 -1.89 46.20 -28.27
N THR E 9 -3.01 46.34 -27.58
CA THR E 9 -4.34 46.12 -28.15
C THR E 9 -5.21 47.33 -27.87
N GLY E 10 -6.28 47.49 -28.68
CA GLY E 10 -7.24 48.57 -28.50
C GLY E 10 -8.20 48.60 -29.65
N VAL E 11 -9.44 49.04 -29.44
CA VAL E 11 -10.39 49.02 -30.54
C VAL E 11 -9.88 50.05 -31.53
N PRO E 12 -10.25 49.94 -32.80
CA PRO E 12 -9.89 50.98 -33.77
C PRO E 12 -10.32 52.36 -33.31
N GLY E 13 -9.43 53.31 -33.50
CA GLY E 13 -9.66 54.69 -33.16
C GLY E 13 -9.16 55.09 -31.80
N VAL E 14 -8.78 54.13 -30.96
CA VAL E 14 -8.41 54.44 -29.59
C VAL E 14 -6.93 54.80 -29.45
N GLY E 15 -6.13 54.44 -30.43
CA GLY E 15 -4.74 54.81 -30.47
C GLY E 15 -3.70 53.77 -30.13
N GLY E 16 -3.99 52.47 -30.32
CA GLY E 16 -2.96 51.46 -30.12
C GLY E 16 -1.73 51.69 -31.01
N THR E 17 -1.98 51.99 -32.28
CA THR E 17 -0.88 52.33 -33.17
C THR E 17 -0.17 53.61 -32.72
N THR E 18 -0.94 54.66 -32.43
CA THR E 18 -0.28 55.93 -32.08
C THR E 18 0.61 55.79 -30.85
N LEU E 19 0.11 55.08 -29.83
CA LEU E 19 0.87 54.90 -28.60
C LEU E 19 2.12 54.04 -28.83
N THR E 20 1.98 53.04 -29.68
CA THR E 20 3.10 52.16 -29.98
C THR E 20 4.19 52.91 -30.70
N GLN E 21 3.84 53.82 -31.62
CA GLN E 21 4.87 54.57 -32.33
C GLN E 21 5.55 55.60 -31.43
N LYS E 22 4.80 56.41 -30.68
CA LYS E 22 5.43 57.43 -29.84
C LYS E 22 6.24 56.80 -28.72
N THR E 23 5.79 55.65 -28.23
CA THR E 23 6.52 54.94 -27.19
C THR E 23 7.83 54.40 -27.72
N ILE E 24 7.80 53.85 -28.94
CA ILE E 24 9.04 53.32 -29.49
C ILE E 24 10.03 54.44 -29.68
N GLU E 25 9.58 55.63 -30.12
CA GLU E 25 10.57 56.70 -30.37
C GLU E 25 11.09 57.30 -29.05
N LYS E 26 10.25 57.42 -28.02
CA LYS E 26 10.74 57.94 -26.75
C LYS E 26 11.71 56.93 -26.09
N LEU E 27 11.58 55.64 -26.39
CA LEU E 27 12.55 54.66 -25.90
C LEU E 27 13.92 54.76 -26.58
N LYS E 28 13.98 55.15 -27.86
CA LYS E 28 15.28 55.38 -28.48
C LYS E 28 16.06 56.52 -27.84
N GLU E 29 15.38 57.45 -27.17
CA GLU E 29 16.06 58.55 -26.50
C GLU E 29 16.81 58.05 -25.26
N GLU E 30 16.37 56.93 -24.69
CA GLU E 30 17.04 56.27 -23.57
C GLU E 30 17.90 55.09 -24.00
N GLY E 31 17.98 54.82 -25.30
CA GLY E 31 18.78 53.72 -25.80
C GLY E 31 18.13 52.36 -25.82
N ILE E 32 16.80 52.27 -25.78
CA ILE E 32 16.08 51.01 -25.67
C ILE E 32 15.37 50.69 -26.98
N GLU E 33 15.82 49.63 -27.66
CA GLU E 33 15.33 49.28 -28.98
C GLU E 33 14.22 48.25 -28.92
N TYR E 34 13.05 48.60 -29.42
CA TYR E 34 12.00 47.66 -29.74
C TYR E 34 11.62 47.79 -31.22
N LYS E 35 11.21 46.70 -31.81
CA LYS E 35 10.68 46.70 -33.17
C LYS E 35 9.16 46.66 -33.16
N MET E 36 8.52 47.59 -33.86
CA MET E 36 7.08 47.61 -34.01
C MET E 36 6.64 46.63 -35.08
N VAL E 37 5.59 45.89 -34.78
CA VAL E 37 4.99 44.97 -35.75
C VAL E 37 3.49 45.06 -35.63
N ASN E 38 2.81 45.45 -36.70
CA ASN E 38 1.36 45.46 -36.77
C ASN E 38 0.86 44.12 -37.31
N PHE E 39 0.19 43.37 -36.45
CA PHE E 39 -0.37 42.06 -36.81
C PHE E 39 -1.25 42.17 -38.03
N GLY E 40 -2.03 43.25 -38.13
CA GLY E 40 -2.93 43.38 -39.26
C GLY E 40 -2.19 43.54 -40.56
N THR E 41 -1.05 44.26 -40.53
CA THR E 41 -0.23 44.43 -41.72
C THR E 41 0.33 43.11 -42.19
N VAL E 42 0.81 42.29 -41.25
CA VAL E 42 1.33 40.99 -41.66
C VAL E 42 0.24 40.18 -42.34
N MET E 43 -0.99 40.23 -41.80
CA MET E 43 -2.12 39.52 -42.42
C MET E 43 -2.46 40.06 -43.82
N PHE E 44 -2.46 41.39 -43.97
CA PHE E 44 -2.81 42.02 -45.24
C PHE E 44 -1.80 41.70 -46.35
N GLU E 45 -0.51 41.53 -46.01
CA GLU E 45 0.44 41.10 -47.04
C GLU E 45 0.04 39.73 -47.61
N VAL E 46 -0.34 38.80 -46.75
CA VAL E 46 -0.76 37.48 -47.22
C VAL E 46 -2.08 37.60 -47.97
N ALA E 47 -3.07 38.29 -47.39
CA ALA E 47 -4.39 38.36 -48.02
C ALA E 47 -4.33 39.11 -49.34
N LYS E 48 -3.65 40.27 -49.39
CA LYS E 48 -3.66 41.02 -50.63
C LYS E 48 -3.01 40.19 -51.73
N GLU E 49 -2.05 39.36 -51.33
CA GLU E 49 -1.32 38.49 -52.25
C GLU E 49 -2.19 37.37 -52.80
N GLU E 50 -3.16 36.92 -52.05
CA GLU E 50 -4.09 35.89 -52.50
C GLU E 50 -5.24 36.46 -53.30
N GLY E 51 -5.31 37.79 -53.39
CA GLY E 51 -6.40 38.44 -54.09
C GLY E 51 -7.65 38.52 -53.28
N LEU E 52 -7.58 38.36 -51.95
CA LEU E 52 -8.80 38.31 -51.15
C LEU E 52 -9.34 39.69 -50.82
N VAL E 53 -8.49 40.71 -50.81
CA VAL E 53 -8.88 42.05 -50.39
C VAL E 53 -8.15 43.10 -51.18
N GLU E 54 -8.73 44.29 -51.24
CA GLU E 54 -8.10 45.44 -51.87
C GLU E 54 -7.52 46.33 -50.79
N ASP E 55 -8.14 46.34 -49.59
CA ASP E 55 -7.66 47.13 -48.47
C ASP E 55 -7.83 46.34 -47.16
N ARG E 56 -7.15 46.84 -46.11
CA ARG E 56 -7.02 46.07 -44.87
C ARG E 56 -8.30 46.01 -44.03
N ASP E 57 -9.27 46.90 -44.26
CA ASP E 57 -10.52 46.96 -43.48
C ASP E 57 -11.58 45.99 -44.02
N GLN E 58 -11.28 45.30 -45.11
CA GLN E 58 -12.10 44.21 -45.61
C GLN E 58 -11.78 42.89 -44.97
N MET E 59 -10.66 42.80 -44.25
CA MET E 59 -10.23 41.51 -43.74
C MET E 59 -11.18 40.97 -42.66
N ARG E 60 -11.69 41.82 -41.78
CA ARG E 60 -12.59 41.33 -40.75
C ARG E 60 -13.95 40.92 -41.29
N LYS E 61 -14.24 41.15 -42.56
CA LYS E 61 -15.51 40.74 -43.18
C LYS E 61 -15.36 39.44 -43.99
N LEU E 62 -14.19 38.83 -43.96
CA LEU E 62 -13.96 37.55 -44.63
C LEU E 62 -14.53 36.41 -43.79
N ASP E 63 -14.80 35.29 -44.43
CA ASP E 63 -15.18 34.08 -43.72
C ASP E 63 -14.24 33.85 -42.54
N PRO E 64 -14.74 33.59 -41.33
CA PRO E 64 -13.83 33.45 -40.16
C PRO E 64 -12.86 32.25 -40.20
N ASP E 65 -13.10 31.23 -41.02
CA ASP E 65 -12.06 30.19 -41.19
C ASP E 65 -10.85 30.73 -41.95
N THR E 66 -11.08 31.54 -43.00
CA THR E 66 -9.99 32.22 -43.70
C THR E 66 -9.25 33.18 -42.79
N GLN E 67 -9.98 33.93 -41.97
CA GLN E 67 -9.33 34.84 -41.05
C GLN E 67 -8.42 34.09 -40.09
N LYS E 68 -8.89 32.93 -39.59
CA LYS E 68 -8.10 32.16 -38.65
C LYS E 68 -6.93 31.47 -39.34
N ARG E 69 -7.10 31.06 -40.59
CA ARG E 69 -5.99 30.46 -41.33
C ARG E 69 -4.84 31.45 -41.49
N ILE E 70 -5.15 32.69 -41.86
CA ILE E 70 -4.16 33.76 -42.04
C ILE E 70 -3.71 34.36 -40.71
N GLN E 71 -4.60 34.45 -39.74
CA GLN E 71 -4.19 34.87 -38.42
C GLN E 71 -3.06 34.01 -37.89
N LYS E 72 -3.22 32.69 -38.06
CA LYS E 72 -2.24 31.73 -37.55
C LYS E 72 -0.91 31.85 -38.26
N LEU E 73 -0.95 31.97 -39.57
CA LEU E 73 0.24 32.19 -40.36
C LEU E 73 0.91 33.49 -39.99
N ALA E 74 0.13 34.55 -39.75
CA ALA E 74 0.73 35.83 -39.40
C ALA E 74 1.45 35.75 -38.05
N GLY E 75 0.83 35.11 -37.07
CA GLY E 75 1.45 34.96 -35.76
C GLY E 75 2.70 34.14 -35.77
N ARG E 76 2.74 33.14 -36.64
CA ARG E 76 4.00 32.42 -36.80
C ARG E 76 5.06 33.31 -37.42
N LYS E 77 4.69 34.20 -38.34
CA LYS E 77 5.73 35.08 -38.91
C LYS E 77 6.23 36.08 -37.88
N ILE E 78 5.38 36.50 -36.94
CA ILE E 78 5.79 37.42 -35.89
C ILE E 78 6.64 36.69 -34.85
N ALA E 79 6.27 35.45 -34.52
CA ALA E 79 7.06 34.69 -33.56
C ALA E 79 8.50 34.56 -34.04
N GLU E 80 8.70 34.54 -35.37
CA GLU E 80 10.03 34.58 -35.97
C GLU E 80 10.73 35.93 -35.79
N MET E 81 9.95 37.02 -35.90
CA MET E 81 10.49 38.35 -35.66
C MET E 81 11.00 38.49 -34.23
N ALA E 82 10.30 37.88 -33.26
CA ALA E 82 10.68 37.92 -31.86
C ALA E 82 11.97 37.16 -31.58
N LYS E 83 12.34 36.19 -32.42
CA LYS E 83 13.62 35.54 -32.19
C LYS E 83 14.80 36.49 -32.48
N GLU E 84 14.61 37.51 -33.33
CA GLU E 84 15.71 38.39 -33.76
C GLU E 84 15.68 39.78 -33.07
N SER E 85 14.59 40.15 -32.40
CA SER E 85 14.57 41.41 -31.66
C SER E 85 13.38 41.45 -30.69
N ASN E 86 13.43 42.39 -29.76
CA ASN E 86 12.25 42.76 -29.00
C ASN E 86 11.21 43.31 -29.95
N VAL E 87 9.94 43.07 -29.64
CA VAL E 87 8.89 43.50 -30.54
C VAL E 87 7.71 44.00 -29.73
N ILE E 88 7.06 45.03 -30.22
CA ILE E 88 5.73 45.44 -29.79
C ILE E 88 4.81 45.04 -30.92
N VAL E 89 3.85 44.20 -30.60
CA VAL E 89 2.83 43.74 -31.54
C VAL E 89 1.59 44.60 -31.32
N ASP E 90 1.29 45.41 -32.31
CA ASP E 90 0.13 46.28 -32.39
C ASP E 90 -1.00 45.44 -32.98
N THR E 91 -2.01 45.08 -32.15
CA THR E 91 -3.05 44.16 -32.60
C THR E 91 -4.34 44.34 -31.79
N HIS E 92 -5.15 43.29 -31.66
CA HIS E 92 -6.50 43.47 -31.13
C HIS E 92 -6.84 42.29 -30.23
N SER E 93 -7.42 42.61 -29.08
CA SER E 93 -7.80 41.53 -28.19
C SER E 93 -8.90 40.68 -28.83
N THR E 94 -9.93 41.33 -29.40
CA THR E 94 -10.88 40.72 -30.30
C THR E 94 -11.08 41.61 -31.54
N VAL E 95 -11.45 40.93 -32.62
CA VAL E 95 -11.80 41.53 -33.90
C VAL E 95 -13.31 41.40 -34.08
N LYS E 96 -13.95 42.48 -34.46
CA LYS E 96 -15.38 42.47 -34.68
C LYS E 96 -15.66 41.99 -36.11
N THR E 97 -16.22 40.79 -36.24
CA THR E 97 -16.62 40.28 -37.53
C THR E 97 -18.14 40.26 -37.60
N PRO E 98 -18.70 40.13 -38.80
CA PRO E 98 -20.17 40.06 -38.92
C PRO E 98 -20.79 38.90 -38.16
N LYS E 99 -20.04 37.85 -37.89
CA LYS E 99 -20.51 36.71 -37.15
C LYS E 99 -20.07 36.75 -35.69
N GLY E 100 -19.55 37.88 -35.24
CA GLY E 100 -19.21 38.05 -33.85
C GLY E 100 -17.75 38.37 -33.63
N TYR E 101 -17.43 38.51 -32.33
CA TYR E 101 -16.09 38.82 -31.91
C TYR E 101 -15.24 37.58 -32.07
N LEU E 102 -14.15 37.71 -32.81
CA LEU E 102 -13.17 36.64 -32.99
C LEU E 102 -11.97 36.93 -32.10
N ALA E 103 -11.59 35.99 -31.28
CA ALA E 103 -10.38 36.19 -30.47
C ALA E 103 -9.14 36.50 -31.33
N GLY E 104 -8.42 37.55 -30.92
CA GLY E 104 -7.19 37.96 -31.61
C GLY E 104 -6.00 37.08 -31.33
N LEU E 105 -5.98 36.45 -30.16
CA LEU E 105 -4.91 35.53 -29.77
C LEU E 105 -5.56 34.25 -29.25
N PRO E 106 -6.21 33.49 -30.13
CA PRO E 106 -6.77 32.22 -29.71
C PRO E 106 -5.66 31.33 -29.21
N ILE E 107 -6.02 30.33 -28.40
CA ILE E 107 -5.03 29.63 -27.59
C ILE E 107 -3.83 29.18 -28.42
N TRP E 108 -4.07 28.69 -29.64
CA TRP E 108 -2.94 28.20 -30.44
C TRP E 108 -2.05 29.34 -30.93
N VAL E 109 -2.62 30.52 -31.19
CA VAL E 109 -1.79 31.66 -31.57
C VAL E 109 -1.09 32.28 -30.36
N LEU E 110 -1.83 32.37 -29.25
CA LEU E 110 -1.31 32.93 -28.00
C LEU E 110 -0.12 32.14 -27.50
N GLU E 111 -0.22 30.81 -27.51
CA GLU E 111 0.92 30.01 -27.06
C GLU E 111 2.12 30.13 -28.03
N GLU E 112 1.91 30.54 -29.24
CA GLU E 112 3.02 30.67 -30.17
C GLU E 112 3.74 32.03 -30.11
N LEU E 113 3.01 33.12 -29.86
CA LEU E 113 3.66 34.41 -29.68
C LEU E 113 4.25 34.49 -28.29
N ASN E 114 3.55 33.89 -27.32
CA ASN E 114 3.84 33.90 -25.89
C ASN E 114 4.23 35.27 -25.32
N PRO E 115 3.31 36.23 -25.40
CA PRO E 115 3.64 37.59 -24.93
C PRO E 115 3.87 37.60 -23.43
N ASP E 116 4.71 38.55 -23.02
CA ASP E 116 4.97 38.75 -21.60
C ASP E 116 3.93 39.64 -20.98
N ILE E 117 3.43 40.60 -21.74
CA ILE E 117 2.54 41.63 -21.28
C ILE E 117 1.52 41.82 -22.36
N ILE E 118 0.25 41.99 -21.95
CA ILE E 118 -0.83 42.34 -22.85
C ILE E 118 -1.35 43.70 -22.43
N VAL E 119 -1.12 44.71 -23.26
CA VAL E 119 -1.54 46.07 -23.00
C VAL E 119 -2.90 46.32 -23.63
N ILE E 120 -3.83 46.86 -22.84
CA ILE E 120 -5.13 47.27 -23.33
C ILE E 120 -5.16 48.79 -23.28
N VAL E 121 -5.34 49.41 -24.45
CA VAL E 121 -5.45 50.85 -24.59
C VAL E 121 -6.91 51.19 -24.61
N GLU E 122 -7.32 52.12 -23.75
CA GLU E 122 -8.73 52.46 -23.60
C GLU E 122 -8.95 53.95 -23.51
N THR E 123 -10.13 54.37 -23.91
CA THR E 123 -10.63 55.66 -23.48
C THR E 123 -12.15 55.60 -23.61
N SER E 124 -12.81 56.71 -23.37
CA SER E 124 -14.26 56.74 -23.46
C SER E 124 -14.72 56.61 -24.91
N SER E 125 -15.84 55.88 -25.12
CA SER E 125 -16.34 55.62 -26.45
C SER E 125 -16.70 56.91 -27.19
N ASP E 126 -17.06 57.95 -26.45
CA ASP E 126 -17.22 59.27 -27.06
C ASP E 126 -15.98 59.73 -27.82
N GLU E 127 -14.81 59.59 -27.18
CA GLU E 127 -13.60 60.10 -27.80
C GLU E 127 -13.19 59.25 -28.98
N ILE E 128 -13.40 57.94 -28.86
CA ILE E 128 -13.07 57.01 -29.94
C ILE E 128 -13.91 57.32 -31.18
N LEU E 129 -15.21 57.49 -30.99
CA LEU E 129 -16.07 57.75 -32.14
C LEU E 129 -15.64 59.03 -32.80
N MET E 130 -15.39 60.07 -32.02
CA MET E 130 -15.00 61.36 -32.60
C MET E 130 -13.66 61.21 -33.33
N ARG E 131 -12.76 60.39 -32.83
CA ARG E 131 -11.52 60.16 -33.55
C ARG E 131 -11.76 59.40 -34.87
N ARG E 132 -12.68 58.43 -34.86
CA ARG E 132 -12.98 57.71 -36.10
C ARG E 132 -13.55 58.63 -37.19
N LEU E 133 -14.42 59.58 -36.80
CA LEU E 133 -15.06 60.46 -37.78
C LEU E 133 -14.08 61.46 -38.41
N GLY E 134 -12.98 61.74 -37.72
CA GLY E 134 -11.98 62.67 -38.20
C GLY E 134 -10.83 62.01 -38.91
N ASP E 135 -10.93 60.72 -39.23
CA ASP E 135 -9.83 59.89 -39.71
C ASP E 135 -10.16 59.35 -41.12
N ALA E 136 -9.85 60.17 -42.13
CA ALA E 136 -9.93 59.78 -43.54
C ALA E 136 -8.71 59.00 -44.02
N THR E 137 -7.78 58.63 -43.15
CA THR E 137 -6.73 57.67 -43.51
C THR E 137 -7.25 56.24 -43.53
N ARG E 138 -8.35 55.96 -42.83
CA ARG E 138 -9.00 54.66 -42.81
C ARG E 138 -10.46 54.74 -43.23
N ASN E 139 -10.99 53.57 -43.56
CA ASN E 139 -12.43 53.34 -43.67
C ASN E 139 -12.94 52.79 -42.33
N ARG E 140 -12.94 53.70 -41.33
CA ARG E 140 -13.29 53.35 -39.94
C ARG E 140 -14.81 53.23 -39.86
N ASP E 141 -15.28 52.15 -39.22
CA ASP E 141 -16.71 51.91 -39.15
C ASP E 141 -17.30 52.79 -38.03
N ILE E 142 -18.27 53.68 -38.40
CA ILE E 142 -19.07 54.33 -37.39
C ILE E 142 -20.09 53.31 -36.85
N GLU E 143 -19.81 52.84 -35.65
CA GLU E 143 -20.77 52.13 -34.83
C GLU E 143 -21.39 53.13 -33.85
N LEU E 144 -22.42 52.69 -33.15
CA LEU E 144 -22.87 53.44 -31.98
C LEU E 144 -21.77 53.42 -30.92
N THR E 145 -21.79 54.38 -30.01
CA THR E 145 -20.84 54.31 -28.89
C THR E 145 -21.14 53.10 -27.99
N SER E 146 -22.42 52.64 -27.93
CA SER E 146 -22.65 51.44 -27.11
C SER E 146 -22.00 50.22 -27.72
N ASP E 147 -21.92 50.16 -29.05
CA ASP E 147 -21.16 49.11 -29.71
C ASP E 147 -19.67 49.25 -29.44
N ILE E 148 -19.18 50.48 -29.29
CA ILE E 148 -17.77 50.63 -28.93
C ILE E 148 -17.55 50.19 -27.47
N ASP E 149 -18.40 50.62 -26.56
CA ASP E 149 -18.31 50.15 -25.17
C ASP E 149 -18.43 48.62 -25.08
N GLU E 150 -19.35 48.00 -25.84
CA GLU E 150 -19.40 46.53 -25.91
C GLU E 150 -18.08 45.92 -26.40
N HIS E 151 -17.45 46.52 -27.41
CA HIS E 151 -16.17 45.97 -27.86
C HIS E 151 -15.12 46.08 -26.76
N GLN E 152 -15.04 47.22 -26.06
CA GLN E 152 -14.05 47.30 -24.98
C GLN E 152 -14.41 46.33 -23.83
N PHE E 153 -15.70 46.07 -23.58
CA PHE E 153 -16.04 45.06 -22.57
C PHE E 153 -15.45 43.71 -22.98
N MET E 154 -15.75 43.24 -24.20
CA MET E 154 -15.29 41.91 -24.61
C MET E 154 -13.78 41.84 -24.74
N ASN E 155 -13.13 42.93 -25.12
CA ASN E 155 -11.68 42.91 -25.19
C ASN E 155 -11.06 42.67 -23.82
N ARG E 156 -11.69 43.18 -22.76
CA ARG E 156 -11.18 42.94 -21.41
C ARG E 156 -11.31 41.47 -21.06
N CYS E 157 -12.44 40.85 -21.44
CA CYS E 157 -12.67 39.45 -21.10
C CYS E 157 -11.66 38.56 -21.76
N ALA E 158 -11.47 38.72 -23.09
CA ALA E 158 -10.52 37.86 -23.80
C ALA E 158 -9.10 38.03 -23.26
N ALA E 159 -8.72 39.28 -22.96
CA ALA E 159 -7.37 39.58 -22.48
C ALA E 159 -7.09 38.93 -21.14
N MET E 160 -8.05 39.00 -20.21
CA MET E 160 -7.81 38.37 -18.93
C MET E 160 -7.72 36.87 -19.08
N ALA E 161 -8.48 36.30 -20.05
CA ALA E 161 -8.33 34.87 -20.38
C ALA E 161 -6.93 34.53 -20.94
N TYR E 162 -6.35 35.39 -21.78
CA TYR E 162 -4.99 35.16 -22.21
C TYR E 162 -4.06 35.09 -21.01
N GLY E 163 -4.25 36.00 -20.06
CA GLY E 163 -3.41 36.03 -18.88
C GLY E 163 -3.60 34.86 -17.94
N VAL E 164 -4.81 34.31 -17.87
CA VAL E 164 -5.02 33.07 -17.12
C VAL E 164 -4.32 31.93 -17.80
N LEU E 165 -4.32 31.92 -19.14
CA LEU E 165 -3.74 30.80 -19.86
C LEU E 165 -2.22 30.84 -19.91
N THR E 166 -1.59 32.02 -19.97
CA THR E 166 -0.12 32.06 -20.15
C THR E 166 0.69 32.61 -18.97
N GLY E 167 0.08 33.40 -18.10
CA GLY E 167 0.79 34.11 -17.06
C GLY E 167 1.13 35.54 -17.41
N ALA E 168 0.78 35.97 -18.61
CA ALA E 168 1.09 37.32 -19.00
C ALA E 168 0.29 38.28 -18.15
N THR E 169 0.89 39.41 -17.80
CA THR E 169 0.17 40.45 -17.09
C THR E 169 -0.62 41.26 -18.09
N VAL E 170 -1.74 41.82 -17.61
CA VAL E 170 -2.71 42.53 -18.43
C VAL E 170 -2.79 43.94 -17.86
N LYS E 171 -2.22 44.89 -18.57
CA LYS E 171 -2.06 46.28 -18.16
C LYS E 171 -3.02 47.15 -18.95
N ILE E 172 -3.83 47.95 -18.27
CA ILE E 172 -4.76 48.87 -18.91
C ILE E 172 -4.22 50.29 -18.83
N ILE E 173 -4.17 50.97 -19.96
CA ILE E 173 -3.58 52.29 -20.09
C ILE E 173 -4.62 53.17 -20.73
N LYS E 174 -4.93 54.27 -20.08
CA LYS E 174 -5.87 55.23 -20.66
C LYS E 174 -5.14 56.16 -21.62
N ASN E 175 -5.69 56.32 -22.82
CA ASN E 175 -5.18 57.23 -23.83
C ASN E 175 -6.28 58.27 -24.09
N ARG E 176 -6.33 59.27 -23.21
CA ARG E 176 -7.41 60.23 -23.26
C ARG E 176 -7.03 61.45 -24.11
N ASP E 177 -8.05 62.10 -24.68
CA ASP E 177 -7.83 63.30 -25.47
C ASP E 177 -7.11 64.32 -24.60
N GLY E 178 -6.01 64.86 -25.12
CA GLY E 178 -5.21 65.84 -24.41
C GLY E 178 -4.17 65.28 -23.47
N LEU E 179 -4.14 63.99 -23.27
CA LEU E 179 -3.24 63.37 -22.29
C LEU E 179 -2.50 62.21 -22.95
N LEU E 180 -2.21 62.33 -24.25
CA LEU E 180 -1.43 61.30 -24.93
C LEU E 180 -0.08 61.09 -24.27
N ASP E 181 0.56 62.18 -23.80
CA ASP E 181 1.88 62.02 -23.22
C ASP E 181 1.84 61.18 -21.95
N LYS E 182 0.80 61.31 -21.14
CA LYS E 182 0.72 60.49 -19.93
C LYS E 182 0.60 59.02 -20.28
N ALA E 183 -0.08 58.70 -21.39
CA ALA E 183 -0.18 57.32 -21.81
C ALA E 183 1.17 56.77 -22.24
N VAL E 184 2.02 57.59 -22.86
CA VAL E 184 3.33 57.17 -23.30
C VAL E 184 4.23 56.87 -22.15
N GLU E 185 4.26 57.82 -21.18
CA GLU E 185 5.10 57.65 -20.01
C GLU E 185 4.74 56.41 -19.26
N GLU E 186 3.43 56.15 -19.15
CA GLU E 186 2.93 54.98 -18.45
C GLU E 186 3.38 53.71 -19.14
N LEU E 187 3.33 53.67 -20.48
CA LEU E 187 3.83 52.49 -21.20
C LEU E 187 5.38 52.41 -21.18
N ILE E 188 6.07 53.53 -21.32
CA ILE E 188 7.53 53.47 -21.20
C ILE E 188 7.93 52.89 -19.86
N SER E 189 7.29 53.35 -18.78
CA SER E 189 7.55 52.85 -17.44
C SER E 189 7.34 51.33 -17.37
N VAL E 190 6.30 50.84 -18.03
CA VAL E 190 6.07 49.40 -18.02
C VAL E 190 7.11 48.59 -18.81
N LEU E 191 7.81 49.19 -19.78
CA LEU E 191 8.67 48.35 -20.61
C LEU E 191 10.07 48.24 -20.06
N LYS E 192 10.27 48.56 -18.79
CA LYS E 192 11.57 48.57 -18.15
C LYS E 192 11.77 47.67 -16.94
N LYS F 2 -19.96 15.77 -39.25
CA LYS F 2 -19.77 17.23 -39.04
C LYS F 2 -20.74 18.11 -39.80
N ASN F 3 -21.39 19.02 -39.06
CA ASN F 3 -22.38 19.93 -39.62
C ASN F 3 -22.20 21.27 -38.91
N LYS F 4 -23.08 22.22 -39.23
CA LYS F 4 -22.99 23.53 -38.61
C LYS F 4 -23.64 23.47 -37.23
N VAL F 5 -22.93 24.04 -36.25
CA VAL F 5 -23.34 23.99 -34.84
C VAL F 5 -23.38 25.39 -34.29
N VAL F 6 -24.58 25.89 -34.02
CA VAL F 6 -24.78 27.24 -33.49
C VAL F 6 -25.29 27.11 -32.06
N VAL F 7 -24.63 27.78 -31.12
CA VAL F 7 -25.07 27.83 -29.72
C VAL F 7 -25.70 29.20 -29.47
N VAL F 8 -26.90 29.20 -28.91
CA VAL F 8 -27.64 30.40 -28.57
C VAL F 8 -27.84 30.45 -27.06
N THR F 9 -27.44 31.58 -26.44
CA THR F 9 -27.47 31.69 -24.98
C THR F 9 -28.21 32.95 -24.56
N GLY F 10 -28.73 32.97 -23.30
CA GLY F 10 -29.45 34.10 -22.75
C GLY F 10 -29.98 33.81 -21.37
N VAL F 11 -30.12 34.82 -20.52
CA VAL F 11 -30.71 34.59 -19.20
C VAL F 11 -32.16 34.23 -19.42
N PRO F 12 -32.80 33.51 -18.52
CA PRO F 12 -34.26 33.32 -18.63
C PRO F 12 -35.04 34.64 -18.76
N GLY F 13 -36.04 34.64 -19.66
CA GLY F 13 -36.86 35.79 -19.91
C GLY F 13 -36.37 36.65 -21.04
N VAL F 14 -35.15 36.42 -21.52
CA VAL F 14 -34.59 37.28 -22.55
C VAL F 14 -34.97 36.84 -23.95
N GLY F 15 -35.39 35.61 -24.13
CA GLY F 15 -35.90 35.19 -25.41
C GLY F 15 -34.96 34.35 -26.21
N GLY F 16 -33.99 33.71 -25.56
CA GLY F 16 -33.17 32.77 -26.27
C GLY F 16 -33.97 31.67 -26.94
N THR F 17 -34.97 31.12 -26.23
CA THR F 17 -35.84 30.09 -26.80
C THR F 17 -36.70 30.65 -27.93
N THR F 18 -37.30 31.82 -27.73
CA THR F 18 -38.19 32.36 -28.75
C THR F 18 -37.42 32.68 -30.02
N LEU F 19 -36.26 33.30 -29.86
CA LEU F 19 -35.49 33.69 -31.03
C LEU F 19 -35.09 32.49 -31.86
N THR F 20 -34.75 31.37 -31.21
CA THR F 20 -34.30 30.20 -31.95
C THR F 20 -35.42 29.59 -32.79
N GLN F 21 -36.63 29.49 -32.23
CA GLN F 21 -37.75 28.95 -32.96
C GLN F 21 -38.17 29.85 -34.12
N LYS F 22 -38.24 31.16 -33.90
CA LYS F 22 -38.68 32.03 -34.98
C LYS F 22 -37.70 31.97 -36.14
N THR F 23 -36.41 31.91 -35.80
CA THR F 23 -35.32 31.88 -36.79
C THR F 23 -35.30 30.55 -37.54
N ILE F 24 -35.54 29.44 -36.85
CA ILE F 24 -35.53 28.15 -37.52
C ILE F 24 -36.62 28.04 -38.58
N GLU F 25 -37.83 28.60 -38.28
CA GLU F 25 -38.96 28.51 -39.21
C GLU F 25 -38.76 29.43 -40.42
N LYS F 26 -38.21 30.64 -40.21
CA LYS F 26 -37.96 31.49 -41.36
C LYS F 26 -36.89 30.93 -42.30
N LEU F 27 -36.00 30.08 -41.78
CA LEU F 27 -35.01 29.40 -42.61
C LEU F 27 -35.63 28.26 -43.44
N LYS F 28 -36.60 27.50 -42.89
CA LYS F 28 -37.22 26.47 -43.72
C LYS F 28 -37.96 27.09 -44.89
N GLU F 29 -38.29 28.38 -44.82
CA GLU F 29 -38.88 29.07 -45.97
C GLU F 29 -37.85 29.30 -47.08
N GLU F 30 -36.56 29.33 -46.73
CA GLU F 30 -35.47 29.40 -47.70
C GLU F 30 -34.86 28.04 -48.01
N GLY F 31 -35.34 26.97 -47.34
CA GLY F 31 -34.80 25.63 -47.54
C GLY F 31 -33.60 25.31 -46.71
N ILE F 32 -33.35 26.04 -45.63
CA ILE F 32 -32.18 25.84 -44.80
C ILE F 32 -32.65 25.14 -43.53
N GLU F 33 -32.23 23.88 -43.39
CA GLU F 33 -32.70 23.05 -42.29
C GLU F 33 -31.70 23.11 -41.14
N TYR F 34 -32.18 23.64 -40.02
CA TYR F 34 -31.48 23.52 -38.74
C TYR F 34 -32.45 22.82 -37.79
N LYS F 35 -31.90 21.95 -36.92
CA LYS F 35 -32.69 21.26 -35.90
C LYS F 35 -32.51 21.97 -34.57
N MET F 36 -33.60 22.26 -33.90
CA MET F 36 -33.54 22.89 -32.59
C MET F 36 -33.27 21.84 -31.52
N VAL F 37 -32.32 22.12 -30.62
CA VAL F 37 -32.01 21.25 -29.48
C VAL F 37 -31.79 22.13 -28.25
N ASN F 38 -32.59 21.90 -27.22
CA ASN F 38 -32.48 22.54 -25.92
C ASN F 38 -31.62 21.64 -25.03
N PHE F 39 -30.46 22.13 -24.64
CA PHE F 39 -29.56 21.37 -23.76
C PHE F 39 -30.30 20.96 -22.49
N GLY F 40 -31.10 21.85 -21.92
CA GLY F 40 -31.77 21.51 -20.68
C GLY F 40 -32.77 20.38 -20.85
N THR F 41 -33.49 20.38 -21.97
CA THR F 41 -34.39 19.28 -22.22
C THR F 41 -33.60 17.98 -22.31
N VAL F 42 -32.45 18.00 -22.98
CA VAL F 42 -31.64 16.79 -23.01
C VAL F 42 -31.26 16.38 -21.60
N MET F 43 -30.82 17.33 -20.77
CA MET F 43 -30.50 16.98 -19.38
C MET F 43 -31.72 16.47 -18.60
N PHE F 44 -32.88 17.13 -18.75
CA PHE F 44 -34.04 16.81 -17.91
C PHE F 44 -34.51 15.39 -18.16
N GLU F 45 -34.30 14.84 -19.35
CA GLU F 45 -34.66 13.45 -19.61
C GLU F 45 -33.93 12.48 -18.68
N VAL F 46 -32.61 12.64 -18.60
CA VAL F 46 -31.82 11.76 -17.74
C VAL F 46 -32.18 11.97 -16.28
N ALA F 47 -32.29 13.24 -15.85
CA ALA F 47 -32.52 13.55 -14.45
C ALA F 47 -33.88 13.03 -13.97
N LYS F 48 -34.95 13.22 -14.77
CA LYS F 48 -36.27 12.71 -14.36
C LYS F 48 -36.32 11.18 -14.38
N GLU F 49 -35.55 10.54 -15.28
CA GLU F 49 -35.48 9.08 -15.33
C GLU F 49 -34.73 8.51 -14.13
N GLU F 50 -33.76 9.25 -13.60
CA GLU F 50 -33.03 8.85 -12.40
C GLU F 50 -33.79 9.22 -11.15
N GLY F 51 -34.94 9.85 -11.30
CA GLY F 51 -35.73 10.20 -10.14
C GLY F 51 -35.18 11.37 -9.39
N LEU F 52 -34.31 12.18 -10.03
CA LEU F 52 -33.64 13.28 -9.35
C LEU F 52 -34.46 14.57 -9.33
N VAL F 53 -35.33 14.78 -10.31
CA VAL F 53 -36.12 16.00 -10.41
C VAL F 53 -37.51 15.65 -10.93
N GLU F 54 -38.48 16.53 -10.60
CA GLU F 54 -39.84 16.49 -11.14
C GLU F 54 -40.07 17.54 -12.21
N ASP F 55 -39.39 18.68 -12.12
CA ASP F 55 -39.50 19.72 -13.14
C ASP F 55 -38.12 20.28 -13.44
N ARG F 56 -38.03 20.97 -14.58
CA ARG F 56 -36.72 21.33 -15.11
C ARG F 56 -36.04 22.44 -14.32
N ASP F 57 -36.82 23.17 -13.51
CA ASP F 57 -36.32 24.30 -12.76
C ASP F 57 -35.73 23.91 -11.42
N GLN F 58 -35.75 22.62 -11.10
CA GLN F 58 -35.07 22.01 -9.96
C GLN F 58 -33.65 21.54 -10.27
N MET F 59 -33.28 21.48 -11.55
CA MET F 59 -31.99 20.89 -11.94
C MET F 59 -30.82 21.76 -11.52
N ARG F 60 -30.95 23.09 -11.63
CA ARG F 60 -29.89 23.98 -11.19
C ARG F 60 -29.79 24.05 -9.66
N LYS F 61 -30.68 23.40 -8.90
CA LYS F 61 -30.60 23.42 -7.44
C LYS F 61 -29.94 22.15 -6.91
N LEU F 62 -29.54 21.26 -7.80
CA LEU F 62 -28.88 20.02 -7.43
C LEU F 62 -27.40 20.25 -7.14
N ASP F 63 -26.84 19.34 -6.36
CA ASP F 63 -25.42 19.23 -6.08
C ASP F 63 -24.62 19.40 -7.37
N PRO F 64 -23.60 20.28 -7.40
CA PRO F 64 -22.90 20.56 -8.67
C PRO F 64 -22.12 19.38 -9.26
N ASP F 65 -21.76 18.33 -8.52
CA ASP F 65 -21.19 17.17 -9.22
C ASP F 65 -22.23 16.51 -10.10
N THR F 66 -23.44 16.35 -9.59
CA THR F 66 -24.53 15.73 -10.33
C THR F 66 -24.89 16.53 -11.59
N GLN F 67 -24.90 17.86 -11.50
CA GLN F 67 -25.21 18.67 -12.69
C GLN F 67 -24.15 18.49 -13.79
N LYS F 68 -22.87 18.44 -13.40
CA LYS F 68 -21.79 18.31 -14.39
C LYS F 68 -21.73 16.92 -14.98
N ARG F 69 -22.08 15.90 -14.21
CA ARG F 69 -22.21 14.57 -14.79
C ARG F 69 -23.30 14.53 -15.85
N ILE F 70 -24.47 15.07 -15.53
CA ILE F 70 -25.54 15.02 -16.49
C ILE F 70 -25.30 16.03 -17.60
N GLN F 71 -24.65 17.14 -17.31
CA GLN F 71 -24.23 18.05 -18.37
C GLN F 71 -23.36 17.35 -19.42
N LYS F 72 -22.39 16.54 -18.97
CA LYS F 72 -21.46 15.90 -19.90
C LYS F 72 -22.15 14.88 -20.80
N LEU F 73 -23.04 14.07 -20.25
CA LEU F 73 -23.81 13.14 -21.07
C LEU F 73 -24.61 13.90 -22.11
N ALA F 74 -25.21 15.02 -21.72
CA ALA F 74 -26.06 15.74 -22.65
C ALA F 74 -25.26 16.30 -23.81
N GLY F 75 -24.06 16.85 -23.52
CA GLY F 75 -23.21 17.37 -24.58
C GLY F 75 -22.80 16.29 -25.54
N ARG F 76 -22.55 15.11 -25.03
CA ARG F 76 -22.21 14.01 -25.92
C ARG F 76 -23.40 13.61 -26.79
N LYS F 77 -24.60 13.63 -26.23
CA LYS F 77 -25.77 13.29 -27.05
C LYS F 77 -25.99 14.37 -28.09
N ILE F 78 -25.78 15.62 -27.72
CA ILE F 78 -26.00 16.68 -28.68
C ILE F 78 -24.95 16.58 -29.77
N ALA F 79 -23.72 16.20 -29.40
CA ALA F 79 -22.68 16.01 -30.41
C ALA F 79 -23.03 14.90 -31.40
N GLU F 80 -23.65 13.79 -30.95
CA GLU F 80 -24.02 12.75 -31.91
C GLU F 80 -25.12 13.25 -32.84
N MET F 81 -26.05 14.08 -32.33
CA MET F 81 -27.10 14.66 -33.18
C MET F 81 -26.50 15.50 -34.30
N ALA F 82 -25.42 16.20 -34.00
CA ALA F 82 -24.73 17.09 -34.93
C ALA F 82 -24.10 16.37 -36.11
N LYS F 83 -23.74 15.09 -35.95
CA LYS F 83 -23.24 14.32 -37.08
C LYS F 83 -24.34 14.10 -38.11
N GLU F 84 -25.61 14.20 -37.71
CA GLU F 84 -26.72 13.87 -38.57
C GLU F 84 -27.42 15.09 -39.17
N SER F 85 -27.20 16.28 -38.61
CA SER F 85 -27.81 17.50 -39.15
C SER F 85 -27.18 18.74 -38.51
N ASN F 86 -27.38 19.91 -39.16
CA ASN F 86 -27.12 21.19 -38.53
C ASN F 86 -28.00 21.34 -37.30
N VAL F 87 -27.52 22.06 -36.31
CA VAL F 87 -28.21 22.23 -35.05
C VAL F 87 -28.03 23.65 -34.50
N ILE F 88 -29.08 24.19 -33.87
CA ILE F 88 -28.99 25.33 -32.95
C ILE F 88 -29.25 24.84 -31.51
N VAL F 89 -28.30 25.06 -30.60
CA VAL F 89 -28.41 24.60 -29.22
C VAL F 89 -28.85 25.76 -28.37
N ASP F 90 -30.08 25.68 -27.83
CA ASP F 90 -30.67 26.68 -26.94
C ASP F 90 -30.24 26.30 -25.53
N THR F 91 -29.34 27.10 -24.97
CA THR F 91 -28.76 26.76 -23.68
C THR F 91 -28.28 28.06 -23.00
N HIS F 92 -27.26 27.93 -22.15
CA HIS F 92 -26.88 29.05 -21.28
C HIS F 92 -25.38 29.11 -21.11
N SER F 93 -24.85 30.34 -21.17
CA SER F 93 -23.43 30.57 -20.97
C SER F 93 -23.01 30.21 -19.56
N THR F 94 -23.77 30.66 -18.55
CA THR F 94 -23.58 30.09 -17.22
C THR F 94 -24.93 29.83 -16.58
N VAL F 95 -24.94 28.90 -15.63
CA VAL F 95 -26.12 28.57 -14.88
C VAL F 95 -25.95 29.10 -13.46
N LYS F 96 -26.95 29.81 -12.94
CA LYS F 96 -26.91 30.34 -11.59
C LYS F 96 -27.36 29.27 -10.60
N THR F 97 -26.44 28.72 -9.81
CA THR F 97 -26.76 27.74 -8.79
C THR F 97 -26.60 28.31 -7.40
N PRO F 98 -27.15 27.63 -6.39
CA PRO F 98 -26.93 28.09 -5.02
C PRO F 98 -25.45 28.21 -4.67
N LYS F 99 -24.58 27.49 -5.37
CA LYS F 99 -23.14 27.53 -5.09
C LYS F 99 -22.38 28.43 -6.07
N GLY F 100 -23.06 29.21 -6.88
CA GLY F 100 -22.42 30.14 -7.78
C GLY F 100 -22.73 29.82 -9.23
N TYR F 101 -22.12 30.58 -10.11
CA TYR F 101 -22.28 30.37 -11.54
C TYR F 101 -21.51 29.13 -11.99
N LEU F 102 -22.20 28.26 -12.75
CA LEU F 102 -21.61 27.09 -13.40
C LEU F 102 -21.52 27.32 -14.91
N ALA F 103 -20.33 27.19 -15.48
CA ALA F 103 -20.24 27.30 -16.93
C ALA F 103 -21.13 26.27 -17.60
N GLY F 104 -21.88 26.73 -18.61
CA GLY F 104 -22.71 25.81 -19.36
C GLY F 104 -21.90 24.94 -20.30
N LEU F 105 -20.73 25.43 -20.71
CA LEU F 105 -19.84 24.69 -21.60
C LEU F 105 -18.42 24.68 -21.04
N PRO F 106 -18.21 24.01 -19.91
CA PRO F 106 -16.84 23.82 -19.44
C PRO F 106 -16.04 23.15 -20.57
N ILE F 107 -14.71 23.30 -20.51
CA ILE F 107 -13.89 23.09 -21.71
C ILE F 107 -14.14 21.72 -22.32
N TRP F 108 -14.34 20.69 -21.47
CA TRP F 108 -14.53 19.33 -21.99
C TRP F 108 -15.88 19.18 -22.70
N VAL F 109 -16.91 19.90 -22.25
CA VAL F 109 -18.17 19.93 -22.99
C VAL F 109 -17.99 20.79 -24.23
N LEU F 110 -17.28 21.90 -24.08
CA LEU F 110 -17.04 22.79 -25.20
C LEU F 110 -16.38 22.06 -26.35
N GLU F 111 -15.39 21.23 -26.07
CA GLU F 111 -14.67 20.52 -27.13
C GLU F 111 -15.48 19.37 -27.71
N GLU F 112 -16.46 18.82 -27.00
CA GLU F 112 -17.29 17.81 -27.62
C GLU F 112 -18.33 18.46 -28.52
N LEU F 113 -18.89 19.61 -28.11
CA LEU F 113 -19.87 20.30 -28.95
C LEU F 113 -19.19 21.05 -30.09
N ASN F 114 -18.04 21.65 -29.80
CA ASN F 114 -17.25 22.43 -30.74
C ASN F 114 -18.13 23.37 -31.57
N PRO F 115 -18.79 24.33 -30.93
CA PRO F 115 -19.66 25.22 -31.68
C PRO F 115 -18.89 26.14 -32.60
N ASP F 116 -19.52 26.48 -33.73
CA ASP F 116 -18.94 27.43 -34.66
C ASP F 116 -19.19 28.88 -34.22
N ILE F 117 -20.35 29.16 -33.64
CA ILE F 117 -20.75 30.51 -33.28
C ILE F 117 -21.45 30.42 -31.94
N ILE F 118 -21.15 31.35 -31.05
CA ILE F 118 -21.83 31.44 -29.76
C ILE F 118 -22.57 32.78 -29.72
N VAL F 119 -23.88 32.71 -29.66
CA VAL F 119 -24.77 33.87 -29.69
C VAL F 119 -25.17 34.21 -28.26
N ILE F 120 -25.04 35.48 -27.89
CA ILE F 120 -25.51 35.98 -26.60
C ILE F 120 -26.70 36.88 -26.87
N VAL F 121 -27.88 36.51 -26.37
CA VAL F 121 -29.11 37.31 -26.52
C VAL F 121 -29.22 38.22 -25.32
N GLU F 122 -29.40 39.54 -25.55
CA GLU F 122 -29.45 40.49 -24.43
C GLU F 122 -30.52 41.56 -24.61
N THR F 123 -31.02 42.08 -23.46
CA THR F 123 -31.70 43.38 -23.42
C THR F 123 -31.46 43.91 -22.02
N SER F 124 -31.99 45.08 -21.72
CA SER F 124 -31.81 45.64 -20.39
C SER F 124 -32.60 44.84 -19.33
N SER F 125 -31.97 44.69 -18.14
CA SER F 125 -32.47 43.85 -17.07
C SER F 125 -33.84 44.31 -16.67
N ASP F 126 -34.15 45.56 -16.94
CA ASP F 126 -35.47 46.19 -16.88
C ASP F 126 -36.60 45.37 -17.51
N GLU F 127 -36.39 45.06 -18.77
CA GLU F 127 -37.34 44.39 -19.61
C GLU F 127 -37.40 42.94 -19.25
N ILE F 128 -36.24 42.37 -18.90
CA ILE F 128 -36.16 40.98 -18.50
C ILE F 128 -37.00 40.72 -17.26
N LEU F 129 -36.84 41.56 -16.24
CA LEU F 129 -37.61 41.37 -15.01
C LEU F 129 -39.10 41.44 -15.31
N MET F 130 -39.53 42.42 -16.08
CA MET F 130 -40.94 42.54 -16.41
C MET F 130 -41.47 41.33 -17.15
N ARG F 131 -40.67 40.72 -17.99
CA ARG F 131 -41.14 39.52 -18.68
C ARG F 131 -41.31 38.36 -17.72
N ARG F 132 -40.37 38.17 -16.80
CA ARG F 132 -40.47 37.11 -15.78
C ARG F 132 -41.71 37.29 -14.89
N LEU F 133 -42.08 38.54 -14.56
CA LEU F 133 -43.22 38.78 -13.69
C LEU F 133 -44.53 38.42 -14.36
N GLY F 134 -44.58 38.36 -15.69
CA GLY F 134 -45.85 38.05 -16.27
C GLY F 134 -46.03 36.60 -16.63
N ASP F 135 -45.04 35.73 -16.32
CA ASP F 135 -44.98 34.35 -16.82
C ASP F 135 -44.64 33.40 -15.65
N ALA F 136 -45.69 33.10 -14.86
CA ALA F 136 -45.78 32.05 -13.83
C ALA F 136 -46.06 30.68 -14.47
N THR F 137 -46.01 30.62 -15.81
CA THR F 137 -46.06 29.37 -16.57
C THR F 137 -44.81 28.56 -16.30
N ARG F 138 -43.76 29.26 -15.88
CA ARG F 138 -42.49 28.75 -15.42
C ARG F 138 -42.36 29.10 -13.94
N ASN F 139 -41.29 28.56 -13.36
CA ASN F 139 -40.74 29.08 -12.12
C ASN F 139 -39.67 30.11 -12.55
N ARG F 140 -40.17 31.25 -13.10
CA ARG F 140 -39.29 32.32 -13.63
C ARG F 140 -38.81 33.14 -12.44
N ASP F 141 -37.50 33.36 -12.36
CA ASP F 141 -36.86 33.97 -11.19
C ASP F 141 -37.14 35.49 -11.13
N ILE F 142 -38.03 35.93 -10.20
CA ILE F 142 -38.03 37.35 -9.89
C ILE F 142 -36.75 37.49 -9.04
N GLU F 143 -35.65 37.79 -9.73
CA GLU F 143 -34.51 38.34 -9.03
C GLU F 143 -34.59 39.84 -9.24
N LEU F 144 -33.77 40.54 -8.51
CA LEU F 144 -33.61 41.96 -8.77
C LEU F 144 -33.02 42.17 -10.16
N THR F 145 -33.19 43.36 -10.70
CA THR F 145 -32.51 43.68 -11.96
C THR F 145 -30.99 43.61 -11.77
N SER F 146 -30.47 43.92 -10.59
CA SER F 146 -29.03 43.82 -10.43
C SER F 146 -28.53 42.38 -10.43
N ASP F 147 -29.36 41.43 -9.96
CA ASP F 147 -29.01 40.02 -10.04
C ASP F 147 -28.99 39.56 -11.50
N ILE F 148 -29.91 40.11 -12.30
CA ILE F 148 -29.94 39.87 -13.74
C ILE F 148 -28.76 40.53 -14.42
N ASP F 149 -28.45 41.78 -14.07
CA ASP F 149 -27.26 42.46 -14.60
C ASP F 149 -25.98 41.70 -14.28
N GLU F 150 -25.86 41.21 -13.05
CA GLU F 150 -24.72 40.38 -12.68
C GLU F 150 -24.65 39.14 -13.56
N HIS F 151 -25.80 38.53 -13.85
CA HIS F 151 -25.80 37.31 -14.65
C HIS F 151 -25.40 37.60 -16.08
N GLN F 152 -25.89 38.68 -16.70
CA GLN F 152 -25.44 38.99 -18.08
C GLN F 152 -23.95 39.37 -18.14
N PHE F 153 -23.40 39.98 -17.08
CA PHE F 153 -21.96 40.22 -17.02
C PHE F 153 -21.21 38.90 -17.09
N MET F 154 -21.57 37.99 -16.19
CA MET F 154 -20.80 36.74 -16.13
C MET F 154 -20.95 35.91 -17.38
N ASN F 155 -22.08 36.01 -18.06
CA ASN F 155 -22.28 35.30 -19.31
C ASN F 155 -21.33 35.77 -20.40
N ARG F 156 -21.05 37.09 -20.46
CA ARG F 156 -20.13 37.58 -21.46
C ARG F 156 -18.74 37.03 -21.20
N CYS F 157 -18.34 36.98 -19.92
CA CYS F 157 -17.02 36.50 -19.53
C CYS F 157 -16.85 35.06 -19.91
N ALA F 158 -17.83 34.23 -19.59
CA ALA F 158 -17.72 32.82 -19.95
C ALA F 158 -17.69 32.67 -21.47
N ALA F 159 -18.52 33.43 -22.18
CA ALA F 159 -18.63 33.25 -23.62
C ALA F 159 -17.32 33.60 -24.35
N MET F 160 -16.70 34.74 -24.00
CA MET F 160 -15.47 35.14 -24.64
C MET F 160 -14.36 34.15 -24.29
N ALA F 161 -14.40 33.54 -23.11
CA ALA F 161 -13.47 32.48 -22.81
C ALA F 161 -13.66 31.28 -23.72
N TYR F 162 -14.92 30.96 -24.07
CA TYR F 162 -15.20 29.90 -25.05
C TYR F 162 -14.56 30.22 -26.40
N GLY F 163 -14.67 31.48 -26.86
CA GLY F 163 -14.10 31.86 -28.15
C GLY F 163 -12.58 31.84 -28.16
N VAL F 164 -11.96 32.15 -27.03
CA VAL F 164 -10.52 32.03 -26.92
C VAL F 164 -10.05 30.59 -27.05
N LEU F 165 -10.80 29.64 -26.46
CA LEU F 165 -10.34 28.24 -26.43
C LEU F 165 -10.57 27.49 -27.74
N THR F 166 -11.65 27.80 -28.46
CA THR F 166 -12.05 27.11 -29.68
C THR F 166 -11.90 27.93 -30.96
N GLY F 167 -11.87 29.25 -30.88
CA GLY F 167 -11.91 30.07 -32.06
C GLY F 167 -13.30 30.43 -32.52
N ALA F 168 -14.34 29.99 -31.81
CA ALA F 168 -15.69 30.35 -32.21
C ALA F 168 -15.89 31.84 -32.04
N THR F 169 -16.66 32.44 -32.92
CA THR F 169 -17.05 33.84 -32.77
C THR F 169 -18.24 34.00 -31.79
N VAL F 170 -18.25 35.14 -31.11
CA VAL F 170 -19.20 35.46 -30.05
C VAL F 170 -20.04 36.64 -30.46
N LYS F 171 -21.32 36.37 -30.77
CA LYS F 171 -22.20 37.37 -31.35
C LYS F 171 -23.23 37.81 -30.34
N ILE F 172 -23.32 39.11 -30.09
CA ILE F 172 -24.30 39.68 -29.20
C ILE F 172 -25.41 40.27 -30.04
N ILE F 173 -26.65 39.86 -29.75
CA ILE F 173 -27.85 40.25 -30.47
C ILE F 173 -28.81 40.81 -29.44
N LYS F 174 -29.30 42.02 -29.68
CA LYS F 174 -30.27 42.64 -28.79
C LYS F 174 -31.69 42.18 -29.12
N ASN F 175 -32.41 41.70 -28.11
CA ASN F 175 -33.81 41.29 -28.28
C ASN F 175 -34.63 42.18 -27.37
N ARG F 176 -34.95 43.39 -27.87
CA ARG F 176 -35.57 44.45 -27.09
C ARG F 176 -37.09 44.38 -27.22
N ASP F 177 -37.79 44.86 -26.19
CA ASP F 177 -39.26 44.76 -26.17
C ASP F 177 -39.79 45.36 -27.45
N GLY F 178 -40.62 44.60 -28.15
CA GLY F 178 -41.25 45.08 -29.38
C GLY F 178 -40.46 44.94 -30.66
N LEU F 179 -39.22 44.48 -30.60
CA LEU F 179 -38.32 44.41 -31.73
C LEU F 179 -37.74 43.01 -31.85
N LEU F 180 -38.56 42.01 -31.58
CA LEU F 180 -38.12 40.64 -31.76
C LEU F 180 -37.71 40.37 -33.20
N ASP F 181 -38.49 40.86 -34.19
CA ASP F 181 -38.20 40.56 -35.59
C ASP F 181 -36.83 41.09 -35.99
N LYS F 182 -36.42 42.22 -35.40
CA LYS F 182 -35.09 42.76 -35.68
C LYS F 182 -33.99 41.85 -35.18
N ALA F 183 -34.19 41.21 -34.03
CA ALA F 183 -33.21 40.22 -33.59
C ALA F 183 -33.28 38.96 -34.46
N VAL F 184 -34.46 38.57 -34.95
CA VAL F 184 -34.54 37.41 -35.84
C VAL F 184 -33.84 37.71 -37.18
N GLU F 185 -34.09 38.86 -37.75
CA GLU F 185 -33.35 39.26 -38.95
C GLU F 185 -31.84 39.19 -38.73
N GLU F 186 -31.36 39.69 -37.59
CA GLU F 186 -29.92 39.74 -37.37
C GLU F 186 -29.33 38.34 -37.34
N LEU F 187 -30.03 37.40 -36.69
CA LEU F 187 -29.51 36.04 -36.60
C LEU F 187 -29.56 35.33 -37.95
N ILE F 188 -30.65 35.51 -38.70
CA ILE F 188 -30.73 34.91 -40.02
C ILE F 188 -29.52 35.33 -40.85
N SER F 189 -29.20 36.61 -40.83
CA SER F 189 -28.08 37.13 -41.59
C SER F 189 -26.77 36.46 -41.19
N VAL F 190 -26.60 36.19 -39.90
CA VAL F 190 -25.39 35.53 -39.42
C VAL F 190 -25.31 34.09 -39.93
N LEU F 191 -26.45 33.41 -40.14
CA LEU F 191 -26.42 31.99 -40.43
C LEU F 191 -26.31 31.66 -41.92
N LYS F 192 -25.77 32.56 -42.74
CA LYS F 192 -25.57 32.28 -44.17
C LYS F 192 -24.14 32.36 -44.73
N LYS G 2 5.57 -26.86 46.67
CA LYS G 2 5.57 -27.24 45.25
C LYS G 2 5.63 -28.76 45.04
N ASN G 3 5.01 -29.25 43.97
CA ASN G 3 4.95 -30.68 43.73
C ASN G 3 5.76 -31.16 42.52
N LYS G 4 6.18 -32.41 42.68
CA LYS G 4 7.01 -33.13 41.73
C LYS G 4 6.10 -33.76 40.67
N VAL G 5 6.50 -33.63 39.40
CA VAL G 5 5.76 -34.27 38.32
C VAL G 5 6.79 -35.10 37.58
N VAL G 6 6.70 -36.43 37.71
CA VAL G 6 7.60 -37.36 37.06
C VAL G 6 6.79 -38.17 36.06
N VAL G 7 7.25 -38.19 34.82
CA VAL G 7 6.60 -38.95 33.77
C VAL G 7 7.46 -40.17 33.50
N VAL G 8 6.84 -41.36 33.52
CA VAL G 8 7.49 -42.63 33.18
C VAL G 8 6.94 -43.16 31.85
N THR G 9 7.83 -43.40 30.90
CA THR G 9 7.46 -43.80 29.56
C THR G 9 8.20 -45.06 29.19
N GLY G 10 7.62 -45.79 28.24
CA GLY G 10 8.20 -47.02 27.73
C GLY G 10 7.23 -47.72 26.80
N VAL G 11 7.74 -48.42 25.79
CA VAL G 11 6.85 -49.10 24.85
C VAL G 11 6.10 -50.20 25.58
N PRO G 12 4.91 -50.58 25.09
CA PRO G 12 4.23 -51.75 25.65
C PRO G 12 5.13 -52.97 25.78
N GLY G 13 5.05 -53.62 26.93
CA GLY G 13 5.86 -54.77 27.23
C GLY G 13 7.14 -54.44 27.97
N VAL G 14 7.53 -53.16 28.05
CA VAL G 14 8.84 -52.91 28.64
C VAL G 14 8.80 -52.87 30.16
N GLY G 15 7.63 -52.64 30.74
CA GLY G 15 7.44 -52.65 32.19
C GLY G 15 7.35 -51.30 32.86
N GLY G 16 6.99 -50.25 32.11
CA GLY G 16 6.80 -48.93 32.70
C GLY G 16 5.78 -48.95 33.83
N THR G 17 4.67 -49.65 33.62
CA THR G 17 3.66 -49.82 34.66
C THR G 17 4.20 -50.61 35.84
N THR G 18 4.83 -51.77 35.60
CA THR G 18 5.33 -52.57 36.73
C THR G 18 6.40 -51.78 37.50
N LEU G 19 7.31 -51.11 36.80
CA LEU G 19 8.35 -50.32 37.49
C LEU G 19 7.77 -49.14 38.28
N THR G 20 6.69 -48.51 37.79
CA THR G 20 6.12 -47.38 38.53
C THR G 20 5.49 -47.84 39.85
N GLN G 21 4.75 -48.96 39.84
CA GLN G 21 4.06 -49.44 41.05
C GLN G 21 5.07 -49.90 42.10
N LYS G 22 6.06 -50.69 41.69
CA LYS G 22 7.07 -51.18 42.61
C LYS G 22 7.87 -50.04 43.19
N THR G 23 8.10 -48.97 42.41
CA THR G 23 8.81 -47.80 42.91
C THR G 23 7.95 -47.03 43.93
N ILE G 24 6.65 -46.86 43.64
CA ILE G 24 5.78 -46.11 44.53
C ILE G 24 5.60 -46.83 45.85
N GLU G 25 5.46 -48.15 45.81
CA GLU G 25 5.31 -48.88 47.07
C GLU G 25 6.60 -48.82 47.91
N LYS G 26 7.77 -48.94 47.33
CA LYS G 26 8.98 -48.82 48.11
C LYS G 26 9.22 -47.40 48.63
N LEU G 27 8.67 -46.36 47.96
CA LEU G 27 8.80 -45.01 48.52
C LEU G 27 7.90 -44.84 49.74
N LYS G 28 6.72 -45.49 49.76
CA LYS G 28 5.86 -45.41 50.94
C LYS G 28 6.55 -46.01 52.16
N GLU G 29 7.55 -46.88 51.95
CA GLU G 29 8.27 -47.44 53.09
C GLU G 29 9.15 -46.40 53.75
N GLU G 30 9.56 -45.38 53.00
CA GLU G 30 10.28 -44.25 53.54
C GLU G 30 9.37 -43.09 53.86
N GLY G 31 8.06 -43.22 53.68
CA GLY G 31 7.21 -42.09 53.98
C GLY G 31 7.16 -41.08 52.87
N ILE G 32 7.50 -41.49 51.66
CA ILE G 32 7.60 -40.61 50.50
C ILE G 32 6.36 -40.85 49.64
N GLU G 33 5.53 -39.82 49.54
CA GLU G 33 4.21 -39.95 48.95
C GLU G 33 4.29 -39.63 47.49
N TYR G 34 4.03 -40.61 46.63
CA TYR G 34 3.76 -40.34 45.23
C TYR G 34 2.41 -40.96 44.91
N LYS G 35 1.66 -40.31 44.03
CA LYS G 35 0.39 -40.82 43.51
C LYS G 35 0.64 -41.34 42.09
N MET G 36 0.20 -42.56 41.82
CA MET G 36 0.30 -43.17 40.51
C MET G 36 -0.83 -42.70 39.60
N VAL G 37 -0.48 -42.41 38.35
CA VAL G 37 -1.50 -42.06 37.36
C VAL G 37 -1.13 -42.68 36.03
N ASN G 38 -2.01 -43.52 35.50
CA ASN G 38 -1.85 -44.05 34.16
C ASN G 38 -2.58 -43.11 33.20
N PHE G 39 -1.81 -42.42 32.34
CA PHE G 39 -2.43 -41.53 31.36
C PHE G 39 -3.47 -42.28 30.53
N GLY G 40 -3.20 -43.53 30.18
CA GLY G 40 -4.15 -44.27 29.39
C GLY G 40 -5.44 -44.54 30.13
N THR G 41 -5.36 -44.78 31.44
CA THR G 41 -6.56 -45.02 32.24
C THR G 41 -7.49 -43.81 32.23
N VAL G 42 -6.94 -42.61 32.41
CA VAL G 42 -7.74 -41.39 32.37
C VAL G 42 -8.44 -41.25 31.02
N MET G 43 -7.69 -41.49 29.93
CA MET G 43 -8.27 -41.44 28.59
C MET G 43 -9.36 -42.49 28.42
N PHE G 44 -9.12 -43.70 28.92
CA PHE G 44 -10.05 -44.80 28.70
C PHE G 44 -11.40 -44.55 29.37
N GLU G 45 -11.42 -43.84 30.51
CA GLU G 45 -12.70 -43.49 31.14
C GLU G 45 -13.56 -42.62 30.23
N VAL G 46 -12.97 -41.62 29.59
CA VAL G 46 -13.75 -40.76 28.68
C VAL G 46 -14.20 -41.55 27.46
N ALA G 47 -13.27 -42.27 26.82
CA ALA G 47 -13.55 -42.97 25.57
C ALA G 47 -14.59 -44.07 25.79
N LYS G 48 -14.51 -44.77 26.91
CA LYS G 48 -15.49 -45.80 27.20
C LYS G 48 -16.87 -45.20 27.45
N GLU G 49 -16.91 -43.98 28.01
CA GLU G 49 -18.18 -43.32 28.27
C GLU G 49 -18.84 -42.73 27.04
N GLU G 50 -18.07 -42.29 26.06
CA GLU G 50 -18.64 -41.76 24.83
C GLU G 50 -19.04 -42.86 23.86
N GLY G 51 -18.74 -44.12 24.20
CA GLY G 51 -19.10 -45.25 23.37
C GLY G 51 -18.14 -45.55 22.26
N LEU G 52 -16.89 -45.11 22.40
CA LEU G 52 -15.90 -45.21 21.34
C LEU G 52 -15.05 -46.49 21.36
N VAL G 53 -14.88 -47.10 22.55
CA VAL G 53 -14.02 -48.28 22.67
C VAL G 53 -14.61 -49.20 23.74
N GLU G 54 -14.16 -50.47 23.69
CA GLU G 54 -14.48 -51.43 24.76
C GLU G 54 -13.30 -51.67 25.71
N ASP G 55 -12.06 -51.63 25.21
CA ASP G 55 -10.89 -51.85 26.02
C ASP G 55 -9.85 -50.85 25.61
N ARG G 56 -8.84 -50.74 26.44
CA ARG G 56 -7.90 -49.65 26.35
C ARG G 56 -7.00 -49.77 25.14
N ASP G 57 -6.83 -50.96 24.56
CA ASP G 57 -5.94 -51.19 23.43
C ASP G 57 -6.58 -50.90 22.08
N GLN G 58 -7.85 -50.47 22.07
CA GLN G 58 -8.52 -49.99 20.87
C GLN G 58 -8.37 -48.48 20.65
N MET G 59 -7.89 -47.73 21.65
CA MET G 59 -7.84 -46.26 21.57
C MET G 59 -6.82 -45.79 20.53
N ARG G 60 -5.64 -46.41 20.49
CA ARG G 60 -4.61 -45.98 19.55
C ARG G 60 -4.99 -46.29 18.11
N LYS G 61 -6.08 -47.00 17.90
CA LYS G 61 -6.63 -47.32 16.60
C LYS G 61 -7.80 -46.43 16.20
N LEU G 62 -8.12 -45.41 17.02
CA LEU G 62 -9.15 -44.47 16.63
C LEU G 62 -8.61 -43.36 15.73
N ASP G 63 -9.55 -42.68 15.06
CA ASP G 63 -9.31 -41.46 14.32
C ASP G 63 -8.27 -40.62 15.05
N PRO G 64 -7.21 -40.15 14.39
CA PRO G 64 -6.18 -39.40 15.15
C PRO G 64 -6.71 -38.09 15.73
N ASP G 65 -7.75 -37.51 15.16
CA ASP G 65 -8.35 -36.30 15.72
C ASP G 65 -9.09 -36.60 17.02
N THR G 66 -9.79 -37.71 17.07
CA THR G 66 -10.44 -38.13 18.29
C THR G 66 -9.42 -38.40 19.40
N GLN G 67 -8.27 -39.00 19.04
CA GLN G 67 -7.26 -39.29 20.05
C GLN G 67 -6.73 -38.01 20.68
N LYS G 68 -6.46 -36.97 19.88
CA LYS G 68 -5.89 -35.74 20.42
C LYS G 68 -6.95 -34.99 21.21
N ARG G 69 -8.21 -35.13 20.83
CA ARG G 69 -9.29 -34.55 21.61
C ARG G 69 -9.33 -35.13 23.02
N ILE G 70 -9.26 -36.46 23.14
CA ILE G 70 -9.33 -37.15 24.43
C ILE G 70 -8.02 -37.05 25.20
N GLN G 71 -6.89 -37.04 24.49
CA GLN G 71 -5.57 -36.82 25.07
C GLN G 71 -5.52 -35.52 25.85
N LYS G 72 -6.12 -34.47 25.27
CA LYS G 72 -6.07 -33.12 25.83
C LYS G 72 -6.80 -33.03 27.16
N LEU G 73 -8.03 -33.52 27.27
CA LEU G 73 -8.71 -33.48 28.58
C LEU G 73 -7.99 -34.36 29.59
N ALA G 74 -7.47 -35.48 29.14
CA ALA G 74 -6.77 -36.35 30.08
C ALA G 74 -5.61 -35.61 30.73
N GLY G 75 -4.86 -34.81 29.94
CA GLY G 75 -3.76 -34.03 30.48
C GLY G 75 -4.18 -32.93 31.43
N ARG G 76 -5.33 -32.27 31.16
CA ARG G 76 -5.80 -31.20 32.04
C ARG G 76 -6.20 -31.75 33.41
N LYS G 77 -6.87 -32.89 33.45
CA LYS G 77 -7.25 -33.48 34.72
C LYS G 77 -6.03 -33.97 35.47
N ILE G 78 -4.99 -34.36 34.77
CA ILE G 78 -3.81 -34.85 35.45
C ILE G 78 -3.07 -33.69 36.10
N ALA G 79 -3.01 -32.55 35.40
CA ALA G 79 -2.36 -31.37 35.96
C ALA G 79 -3.01 -30.93 37.25
N GLU G 80 -4.35 -31.13 37.37
CA GLU G 80 -5.04 -30.78 38.60
C GLU G 80 -4.54 -31.63 39.77
N MET G 81 -4.30 -32.91 39.51
CA MET G 81 -3.80 -33.81 40.53
C MET G 81 -2.44 -33.36 41.03
N ALA G 82 -1.58 -32.84 40.13
CA ALA G 82 -0.26 -32.43 40.56
C ALA G 82 -0.35 -31.32 41.61
N LYS G 83 -1.45 -30.56 41.62
CA LYS G 83 -1.61 -29.56 42.65
C LYS G 83 -1.78 -30.20 44.03
N GLU G 84 -2.30 -31.43 44.11
CA GLU G 84 -2.60 -32.03 45.41
C GLU G 84 -1.60 -33.08 45.88
N SER G 85 -0.74 -33.61 45.01
CA SER G 85 0.29 -34.52 45.47
C SER G 85 1.38 -34.65 44.42
N ASN G 86 2.55 -35.14 44.87
CA ASN G 86 3.54 -35.67 43.97
C ASN G 86 2.87 -36.71 43.11
N VAL G 87 3.30 -36.81 41.87
CA VAL G 87 2.65 -37.73 40.96
C VAL G 87 3.69 -38.36 40.04
N ILE G 88 3.48 -39.64 39.73
CA ILE G 88 4.20 -40.35 38.67
C ILE G 88 3.16 -40.68 37.62
N VAL G 89 3.37 -40.20 36.40
CA VAL G 89 2.48 -40.44 35.27
C VAL G 89 3.07 -41.55 34.41
N ASP G 90 2.36 -42.69 34.33
CA ASP G 90 2.75 -43.87 33.54
C ASP G 90 2.16 -43.75 32.14
N THR G 91 2.99 -43.44 31.17
CA THR G 91 2.43 -43.18 29.85
C THR G 91 3.49 -43.47 28.79
N HIS G 92 3.43 -42.79 27.65
CA HIS G 92 4.17 -43.20 26.47
C HIS G 92 4.73 -41.98 25.77
N SER G 93 6.00 -42.05 25.40
CA SER G 93 6.64 -40.94 24.69
C SER G 93 6.00 -40.74 23.33
N THR G 94 5.79 -41.83 22.59
CA THR G 94 4.99 -41.85 21.37
C THR G 94 4.03 -43.03 21.44
N VAL G 95 2.88 -42.90 20.77
CA VAL G 95 1.90 -43.97 20.60
C VAL G 95 1.90 -44.36 19.12
N LYS G 96 2.01 -45.66 18.85
CA LYS G 96 2.03 -46.18 17.48
C LYS G 96 0.59 -46.42 16.99
N THR G 97 0.14 -45.55 16.10
CA THR G 97 -1.18 -45.60 15.49
C THR G 97 -1.06 -46.05 14.04
N PRO G 98 -2.18 -46.44 13.40
CA PRO G 98 -2.13 -46.75 11.97
C PRO G 98 -1.69 -45.59 11.07
N LYS G 99 -1.75 -44.36 11.55
CA LYS G 99 -1.34 -43.19 10.78
C LYS G 99 0.06 -42.69 11.18
N GLY G 100 0.78 -43.46 11.97
CA GLY G 100 2.13 -43.09 12.37
C GLY G 100 2.26 -42.96 13.87
N TYR G 101 3.44 -42.51 14.31
CA TYR G 101 3.69 -42.24 15.71
C TYR G 101 3.07 -40.91 16.13
N LEU G 102 2.29 -40.91 17.22
CA LEU G 102 1.67 -39.72 17.82
C LEU G 102 2.40 -39.36 19.10
N ALA G 103 2.86 -38.12 19.19
CA ALA G 103 3.56 -37.68 20.38
C ALA G 103 2.64 -37.83 21.58
N GLY G 104 3.16 -38.44 22.65
CA GLY G 104 2.38 -38.60 23.84
C GLY G 104 2.20 -37.30 24.58
N LEU G 105 3.11 -36.35 24.40
CA LEU G 105 3.03 -35.04 25.07
C LEU G 105 3.22 -33.89 24.08
N PRO G 106 2.28 -33.67 23.18
CA PRO G 106 2.38 -32.50 22.30
C PRO G 106 2.56 -31.26 23.14
N ILE G 107 3.03 -30.18 22.53
CA ILE G 107 3.49 -28.99 23.27
C ILE G 107 2.40 -28.46 24.22
N TRP G 108 1.12 -28.47 23.80
CA TRP G 108 0.07 -27.95 24.69
C TRP G 108 -0.18 -28.89 25.89
N VAL G 109 -0.05 -30.20 25.70
CA VAL G 109 -0.14 -31.10 26.85
C VAL G 109 1.12 -30.96 27.69
N LEU G 110 2.28 -30.87 27.02
CA LEU G 110 3.56 -30.76 27.72
C LEU G 110 3.60 -29.56 28.66
N GLU G 111 3.17 -28.39 28.19
CA GLU G 111 3.13 -27.24 29.10
C GLU G 111 1.99 -27.37 30.10
N GLU G 112 1.10 -28.31 29.92
CA GLU G 112 0.03 -28.49 30.88
C GLU G 112 0.52 -29.35 32.06
N LEU G 113 1.40 -30.34 31.81
CA LEU G 113 2.03 -31.10 32.90
C LEU G 113 3.24 -30.39 33.48
N ASN G 114 4.06 -29.81 32.62
CA ASN G 114 5.34 -29.22 32.98
C ASN G 114 6.07 -30.19 33.89
N PRO G 115 6.49 -31.32 33.35
CA PRO G 115 7.19 -32.32 34.16
C PRO G 115 8.58 -31.85 34.57
N ASP G 116 9.06 -32.40 35.69
CA ASP G 116 10.43 -32.20 36.15
C ASP G 116 11.39 -33.26 35.62
N ILE G 117 10.95 -34.49 35.43
CA ILE G 117 11.81 -35.59 35.01
C ILE G 117 11.05 -36.42 34.00
N ILE G 118 11.73 -36.86 32.94
CA ILE G 118 11.15 -37.79 31.97
C ILE G 118 11.99 -39.06 31.94
N VAL G 119 11.39 -40.16 32.35
CA VAL G 119 12.03 -41.47 32.43
C VAL G 119 11.64 -42.29 31.21
N ILE G 120 12.64 -42.89 30.58
CA ILE G 120 12.51 -43.83 29.46
C ILE G 120 12.96 -45.18 29.99
N VAL G 121 12.05 -46.14 30.02
CA VAL G 121 12.34 -47.50 30.44
C VAL G 121 12.64 -48.28 29.18
N GLU G 122 13.80 -48.95 29.14
CA GLU G 122 14.20 -49.66 27.92
C GLU G 122 14.76 -51.04 28.26
N THR G 123 14.63 -51.95 27.30
CA THR G 123 15.42 -53.19 27.26
C THR G 123 15.50 -53.65 25.80
N SER G 124 16.05 -54.82 25.60
CA SER G 124 16.16 -55.34 24.25
C SER G 124 14.81 -55.71 23.67
N SER G 125 14.65 -55.45 22.39
CA SER G 125 13.38 -55.74 21.74
C SER G 125 13.04 -57.20 21.79
N ASP G 126 14.06 -58.08 21.91
CA ASP G 126 13.88 -59.49 22.24
C ASP G 126 13.06 -59.69 23.51
N GLU G 127 13.42 -58.97 24.59
CA GLU G 127 12.73 -59.17 25.86
C GLU G 127 11.34 -58.55 25.83
N ILE G 128 11.19 -57.39 25.19
CA ILE G 128 9.87 -56.80 25.07
C ILE G 128 8.93 -57.73 24.32
N LEU G 129 9.36 -58.28 23.17
CA LEU G 129 8.50 -59.19 22.40
C LEU G 129 8.14 -60.42 23.23
N MET G 130 9.13 -60.96 23.94
CA MET G 130 8.91 -62.09 24.82
C MET G 130 7.98 -61.74 25.98
N ARG G 131 8.11 -60.53 26.53
CA ARG G 131 7.18 -60.15 27.59
C ARG G 131 5.77 -59.97 27.06
N ARG G 132 5.66 -59.45 25.84
CA ARG G 132 4.34 -59.27 25.25
C ARG G 132 3.62 -60.61 25.04
N LEU G 133 4.36 -61.66 24.66
CA LEU G 133 3.75 -62.95 24.33
C LEU G 133 3.23 -63.69 25.56
N GLY G 134 3.77 -63.36 26.73
CA GLY G 134 3.47 -64.05 27.97
C GLY G 134 2.39 -63.37 28.76
N ASP G 135 1.68 -62.47 28.10
CA ASP G 135 0.86 -61.46 28.73
C ASP G 135 -0.58 -61.61 28.25
N ALA G 136 -1.31 -62.45 28.95
CA ALA G 136 -2.74 -62.58 28.68
C ALA G 136 -3.58 -61.51 29.37
N THR G 137 -2.98 -60.58 30.12
CA THR G 137 -3.76 -59.45 30.62
C THR G 137 -3.97 -58.37 29.56
N ARG G 138 -3.11 -58.31 28.53
CA ARG G 138 -3.25 -57.38 27.40
C ARG G 138 -3.30 -58.17 26.09
N ASN G 139 -3.85 -57.54 25.05
CA ASN G 139 -3.82 -58.05 23.68
C ASN G 139 -2.62 -57.46 22.94
N ARG G 140 -1.47 -58.13 23.13
CA ARG G 140 -0.18 -57.55 22.68
C ARG G 140 0.12 -57.81 21.19
N ASP G 141 0.53 -56.73 20.50
CA ASP G 141 0.84 -56.77 19.05
C ASP G 141 2.21 -57.42 18.84
N ILE G 142 2.24 -58.63 18.29
CA ILE G 142 3.53 -59.17 17.84
C ILE G 142 3.88 -58.46 16.54
N GLU G 143 4.71 -57.44 16.70
CA GLU G 143 5.44 -56.83 15.63
C GLU G 143 6.75 -57.57 15.54
N LEU G 144 7.51 -57.26 14.49
CA LEU G 144 8.90 -57.68 14.44
C LEU G 144 9.65 -57.02 15.58
N THR G 145 10.73 -57.65 16.00
CA THR G 145 11.55 -57.00 17.02
C THR G 145 12.07 -55.65 16.52
N SER G 146 12.35 -55.55 15.23
CA SER G 146 12.85 -54.29 14.66
C SER G 146 11.81 -53.18 14.63
N ASP G 147 10.53 -53.49 14.53
CA ASP G 147 9.51 -52.44 14.66
C ASP G 147 9.50 -51.92 16.10
N ILE G 148 9.81 -52.82 17.04
CA ILE G 148 9.95 -52.43 18.44
C ILE G 148 11.16 -51.55 18.63
N ASP G 149 12.29 -51.90 18.00
CA ASP G 149 13.47 -51.04 18.01
C ASP G 149 13.19 -49.68 17.34
N GLU G 150 12.45 -49.66 16.24
CA GLU G 150 12.03 -48.37 15.67
C GLU G 150 11.21 -47.52 16.66
N HIS G 151 10.32 -48.14 17.43
CA HIS G 151 9.51 -47.38 18.37
C HIS G 151 10.38 -46.79 19.49
N GLN G 152 11.31 -47.58 20.01
CA GLN G 152 12.20 -47.05 21.04
C GLN G 152 13.08 -45.94 20.50
N PHE G 153 13.42 -45.97 19.21
CA PHE G 153 14.18 -44.87 18.60
C PHE G 153 13.37 -43.60 18.63
N MET G 154 12.15 -43.62 18.10
CA MET G 154 11.36 -42.40 18.05
C MET G 154 11.00 -41.93 19.45
N ASN G 155 10.90 -42.84 20.42
CA ASN G 155 10.63 -42.41 21.79
C ASN G 155 11.75 -41.55 22.31
N ARG G 156 13.00 -41.89 21.98
CA ARG G 156 14.11 -41.06 22.43
C ARG G 156 14.01 -39.68 21.81
N CYS G 157 13.67 -39.62 20.52
CA CYS G 157 13.55 -38.34 19.82
C CYS G 157 12.49 -37.44 20.45
N ALA G 158 11.29 -37.97 20.64
CA ALA G 158 10.24 -37.17 21.26
C ALA G 158 10.63 -36.74 22.68
N ALA G 159 11.19 -37.66 23.47
CA ALA G 159 11.50 -37.33 24.86
C ALA G 159 12.57 -36.24 24.95
N MET G 160 13.62 -36.34 24.14
CA MET G 160 14.65 -35.31 24.19
C MET G 160 14.09 -33.97 23.76
N ALA G 161 13.12 -33.95 22.84
CA ALA G 161 12.45 -32.68 22.51
C ALA G 161 11.69 -32.13 23.69
N TYR G 162 11.01 -32.98 24.46
CA TYR G 162 10.32 -32.51 25.66
C TYR G 162 11.30 -31.81 26.61
N GLY G 163 12.52 -32.35 26.73
CA GLY G 163 13.54 -31.79 27.60
C GLY G 163 14.08 -30.45 27.16
N VAL G 164 14.14 -30.24 25.84
CA VAL G 164 14.55 -28.95 25.28
C VAL G 164 13.55 -27.86 25.59
N LEU G 165 12.27 -28.19 25.52
CA LEU G 165 11.19 -27.21 25.62
C LEU G 165 10.90 -26.80 27.04
N THR G 166 11.06 -27.73 28.00
CA THR G 166 10.69 -27.48 29.39
C THR G 166 11.87 -27.40 30.33
N GLY G 167 13.01 -28.00 29.99
CA GLY G 167 14.08 -28.15 30.94
C GLY G 167 14.05 -29.44 31.71
N ALA G 168 13.11 -30.34 31.44
CA ALA G 168 13.08 -31.59 32.19
C ALA G 168 14.27 -32.46 31.83
N THR G 169 14.82 -33.15 32.80
CA THR G 169 15.90 -34.07 32.53
C THR G 169 15.33 -35.38 32.00
N VAL G 170 16.09 -36.03 31.12
CA VAL G 170 15.63 -37.22 30.42
C VAL G 170 16.50 -38.39 30.86
N LYS G 171 15.91 -39.28 31.65
CA LYS G 171 16.61 -40.35 32.35
C LYS G 171 16.26 -41.68 31.69
N ILE G 172 17.27 -42.44 31.31
CA ILE G 172 17.07 -43.76 30.75
C ILE G 172 17.39 -44.80 31.80
N ILE G 173 16.47 -45.74 31.98
CA ILE G 173 16.56 -46.79 32.97
C ILE G 173 16.40 -48.11 32.23
N LYS G 174 17.35 -49.01 32.43
CA LYS G 174 17.27 -50.36 31.89
C LYS G 174 16.50 -51.25 32.85
N ASN G 175 15.49 -51.93 32.32
CA ASN G 175 14.67 -52.89 33.06
C ASN G 175 14.86 -54.26 32.41
N ARG G 176 15.91 -54.97 32.81
CA ARG G 176 16.31 -56.24 32.21
C ARG G 176 15.69 -57.45 32.92
N ASP G 177 15.54 -58.54 32.16
CA ASP G 177 14.83 -59.70 32.68
C ASP G 177 15.45 -60.09 34.00
N GLY G 178 14.56 -60.25 35.00
CA GLY G 178 14.89 -60.69 36.34
C GLY G 178 15.44 -59.62 37.25
N LEU G 179 15.69 -58.43 36.74
CA LEU G 179 16.41 -57.38 37.44
C LEU G 179 15.53 -56.16 37.55
N LEU G 180 14.22 -56.41 37.73
CA LEU G 180 13.27 -55.33 37.99
C LEU G 180 13.68 -54.59 39.26
N ASP G 181 14.30 -55.29 40.23
CA ASP G 181 14.72 -54.59 41.45
C ASP G 181 15.79 -53.52 41.13
N LYS G 182 16.70 -53.78 40.20
CA LYS G 182 17.70 -52.76 39.87
C LYS G 182 17.10 -51.54 39.18
N ALA G 183 16.05 -51.72 38.39
CA ALA G 183 15.42 -50.56 37.78
C ALA G 183 14.71 -49.74 38.86
N VAL G 184 14.17 -50.40 39.88
CA VAL G 184 13.48 -49.72 40.97
C VAL G 184 14.43 -48.94 41.82
N GLU G 185 15.57 -49.58 42.20
CA GLU G 185 16.58 -48.85 42.96
C GLU G 185 17.07 -47.67 42.15
N GLU G 186 17.26 -47.85 40.86
CA GLU G 186 17.74 -46.79 39.99
C GLU G 186 16.77 -45.61 39.99
N LEU G 187 15.49 -45.90 39.90
CA LEU G 187 14.50 -44.84 39.80
C LEU G 187 14.36 -44.08 41.11
N ILE G 188 14.33 -44.79 42.23
CA ILE G 188 14.22 -44.12 43.53
C ILE G 188 15.38 -43.13 43.75
N SER G 189 16.59 -43.55 43.40
CA SER G 189 17.74 -42.66 43.50
C SER G 189 17.49 -41.39 42.70
N VAL G 190 16.82 -41.52 41.57
CA VAL G 190 16.51 -40.35 40.74
C VAL G 190 15.50 -39.43 41.39
N LEU G 191 14.70 -39.93 42.31
CA LEU G 191 13.65 -39.12 42.92
C LEU G 191 14.14 -38.47 44.20
N LYS G 192 15.45 -38.25 44.35
CA LYS G 192 16.00 -37.54 45.54
C LYS G 192 16.90 -36.30 45.36
N LYS H 2 -12.45 -28.24 5.82
CA LYS H 2 -11.04 -27.95 5.62
C LYS H 2 -10.57 -29.02 4.60
N ASN H 3 -9.26 -29.03 4.26
CA ASN H 3 -8.68 -29.97 3.31
C ASN H 3 -7.46 -30.63 3.97
N LYS H 4 -7.27 -31.93 3.69
CA LYS H 4 -6.26 -32.72 4.39
C LYS H 4 -4.91 -32.49 3.71
N VAL H 5 -3.86 -32.31 4.52
CA VAL H 5 -2.52 -31.97 4.06
C VAL H 5 -1.47 -32.95 4.57
N VAL H 6 -0.84 -33.68 3.65
CA VAL H 6 0.14 -34.70 4.00
C VAL H 6 1.51 -34.31 3.45
N VAL H 7 2.52 -34.36 4.32
CA VAL H 7 3.89 -34.08 3.93
C VAL H 7 4.61 -35.42 3.79
N VAL H 8 5.30 -35.59 2.67
CA VAL H 8 6.15 -36.75 2.41
C VAL H 8 7.60 -36.32 2.32
N THR H 9 8.46 -37.00 3.08
CA THR H 9 9.89 -36.70 3.19
C THR H 9 10.68 -37.96 2.91
N GLY H 10 11.97 -37.78 2.57
CA GLY H 10 12.90 -38.86 2.29
C GLY H 10 14.20 -38.36 1.67
N VAL H 11 15.35 -38.98 1.92
CA VAL H 11 16.57 -38.43 1.36
C VAL H 11 16.51 -38.58 -0.16
N PRO H 12 17.21 -37.77 -0.92
CA PRO H 12 17.25 -38.00 -2.37
C PRO H 12 17.65 -39.43 -2.75
N GLY H 13 16.89 -40.01 -3.67
CA GLY H 13 17.10 -41.38 -4.11
C GLY H 13 16.23 -42.40 -3.42
N VAL H 14 15.54 -42.02 -2.35
CA VAL H 14 14.75 -43.00 -1.60
C VAL H 14 13.37 -43.20 -2.20
N GLY H 15 12.93 -42.27 -3.03
CA GLY H 15 11.67 -42.39 -3.71
C GLY H 15 10.55 -41.56 -3.15
N GLY H 16 10.83 -40.46 -2.46
CA GLY H 16 9.74 -39.62 -2.00
C GLY H 16 8.86 -39.16 -3.16
N THR H 17 9.49 -38.65 -4.22
CA THR H 17 8.76 -38.19 -5.41
C THR H 17 8.03 -39.35 -6.12
N THR H 18 8.72 -40.48 -6.32
CA THR H 18 8.12 -41.57 -7.07
C THR H 18 6.85 -42.07 -6.38
N LEU H 19 6.95 -42.26 -5.05
CA LEU H 19 5.85 -42.77 -4.24
C LEU H 19 4.68 -41.80 -4.21
N THR H 20 4.95 -40.49 -4.16
CA THR H 20 3.87 -39.53 -4.18
C THR H 20 3.11 -39.57 -5.49
N GLN H 21 3.84 -39.65 -6.63
CA GLN H 21 3.18 -39.68 -7.92
C GLN H 21 2.40 -40.97 -8.12
N LYS H 22 3.01 -42.12 -7.81
CA LYS H 22 2.32 -43.39 -7.99
C LYS H 22 1.11 -43.50 -7.05
N THR H 23 1.14 -42.86 -5.90
CA THR H 23 -0.03 -42.88 -5.01
C THR H 23 -1.19 -42.00 -5.52
N ILE H 24 -0.83 -40.78 -5.97
CA ILE H 24 -1.85 -39.85 -6.48
C ILE H 24 -2.51 -40.44 -7.74
N GLU H 25 -1.76 -41.13 -8.55
CA GLU H 25 -2.35 -41.74 -9.73
C GLU H 25 -3.37 -42.83 -9.33
N LYS H 26 -3.11 -43.56 -8.28
CA LYS H 26 -3.98 -44.66 -7.85
C LYS H 26 -5.27 -44.14 -7.23
N LEU H 27 -5.19 -42.99 -6.55
CA LEU H 27 -6.38 -42.37 -5.94
C LEU H 27 -7.25 -41.69 -7.00
N LYS H 28 -6.66 -41.21 -8.09
CA LYS H 28 -7.47 -40.66 -9.19
C LYS H 28 -8.50 -41.66 -9.69
N GLU H 29 -8.24 -42.95 -9.48
CA GLU H 29 -9.13 -44.01 -9.91
C GLU H 29 -10.25 -44.29 -8.91
N GLU H 30 -10.04 -44.08 -7.62
CA GLU H 30 -11.11 -44.29 -6.65
C GLU H 30 -11.91 -43.03 -6.39
N GLY H 31 -11.52 -41.91 -7.02
CA GLY H 31 -12.21 -40.64 -6.83
C GLY H 31 -11.74 -39.81 -5.66
N ILE H 32 -10.54 -40.05 -5.14
CA ILE H 32 -10.01 -39.35 -3.97
C ILE H 32 -8.94 -38.39 -4.50
N GLU H 33 -9.22 -37.09 -4.42
CA GLU H 33 -8.46 -36.04 -5.11
C GLU H 33 -7.41 -35.45 -4.19
N TYR H 34 -6.14 -35.63 -4.54
CA TYR H 34 -5.03 -34.88 -3.95
C TYR H 34 -4.26 -34.17 -5.07
N LYS H 35 -3.69 -33.01 -4.76
CA LYS H 35 -2.82 -32.29 -5.68
C LYS H 35 -1.39 -32.46 -5.21
N MET H 36 -0.48 -32.84 -6.12
CA MET H 36 0.94 -32.97 -5.82
C MET H 36 1.63 -31.61 -5.86
N VAL H 37 2.46 -31.33 -4.87
CA VAL H 37 3.32 -30.15 -4.89
C VAL H 37 4.69 -30.51 -4.32
N ASN H 38 5.74 -30.26 -5.10
CA ASN H 38 7.13 -30.39 -4.64
C ASN H 38 7.65 -29.06 -4.07
N PHE H 39 7.96 -29.05 -2.77
CA PHE H 39 8.47 -27.86 -2.11
C PHE H 39 9.70 -27.30 -2.83
N GLY H 40 10.60 -28.16 -3.29
CA GLY H 40 11.81 -27.67 -3.95
C GLY H 40 11.52 -26.92 -5.23
N THR H 41 10.52 -27.37 -6.00
CA THR H 41 10.11 -26.65 -7.20
C THR H 41 9.55 -25.25 -6.89
N VAL H 42 8.72 -25.12 -5.86
CA VAL H 42 8.22 -23.79 -5.48
C VAL H 42 9.39 -22.86 -5.19
N MET H 43 10.36 -23.37 -4.41
CA MET H 43 11.56 -22.60 -4.11
C MET H 43 12.33 -22.26 -5.39
N PHE H 44 12.45 -23.22 -6.32
CA PHE H 44 13.30 -22.99 -7.49
C PHE H 44 12.72 -21.95 -8.43
N GLU H 45 11.39 -21.91 -8.59
CA GLU H 45 10.78 -20.88 -9.41
C GLU H 45 11.03 -19.48 -8.83
N VAL H 46 10.93 -19.36 -7.51
CA VAL H 46 11.22 -18.10 -6.85
C VAL H 46 12.69 -17.74 -7.03
N ALA H 47 13.58 -18.70 -6.77
CA ALA H 47 15.01 -18.45 -6.86
C ALA H 47 15.45 -18.17 -8.29
N LYS H 48 14.93 -18.91 -9.28
CA LYS H 48 15.31 -18.72 -10.68
C LYS H 48 14.84 -17.37 -11.18
N GLU H 49 13.78 -16.84 -10.58
CA GLU H 49 13.26 -15.52 -10.91
C GLU H 49 14.20 -14.40 -10.45
N GLU H 50 14.89 -14.61 -9.31
CA GLU H 50 15.80 -13.65 -8.73
C GLU H 50 17.24 -13.75 -9.23
N GLY H 51 17.57 -14.76 -10.02
CA GLY H 51 18.91 -14.87 -10.58
C GLY H 51 19.96 -15.43 -9.65
N LEU H 52 19.55 -16.13 -8.61
CA LEU H 52 20.44 -16.72 -7.62
C LEU H 52 20.95 -18.10 -8.01
N VAL H 53 20.18 -18.84 -8.78
CA VAL H 53 20.49 -20.22 -9.13
C VAL H 53 20.12 -20.45 -10.60
N GLU H 54 20.79 -21.44 -11.20
CA GLU H 54 20.45 -21.95 -12.51
C GLU H 54 19.75 -23.30 -12.48
N ASP H 55 20.09 -24.19 -11.56
CA ASP H 55 19.42 -25.48 -11.47
C ASP H 55 19.12 -25.71 -10.00
N ARG H 56 18.21 -26.64 -9.75
CA ARG H 56 17.66 -26.77 -8.41
C ARG H 56 18.66 -27.34 -7.41
N ASP H 57 19.72 -27.99 -7.88
CA ASP H 57 20.68 -28.64 -7.01
C ASP H 57 21.72 -27.66 -6.50
N GLN H 58 21.62 -26.39 -6.93
CA GLN H 58 22.43 -25.32 -6.38
C GLN H 58 21.79 -24.64 -5.18
N MET H 59 20.49 -24.87 -4.94
CA MET H 59 19.78 -24.12 -3.92
C MET H 59 20.28 -24.47 -2.52
N ARG H 60 20.56 -25.74 -2.25
CA ARG H 60 21.05 -26.09 -0.91
C ARG H 60 22.51 -25.65 -0.63
N LYS H 61 23.19 -25.04 -1.58
CA LYS H 61 24.55 -24.52 -1.36
C LYS H 61 24.58 -22.99 -1.23
N LEU H 62 23.41 -22.34 -1.22
CA LEU H 62 23.26 -20.91 -1.00
C LEU H 62 23.41 -20.57 0.49
N ASP H 63 23.66 -19.29 0.77
CA ASP H 63 23.62 -18.74 2.11
C ASP H 63 22.42 -19.25 2.88
N PRO H 64 22.56 -19.84 4.07
CA PRO H 64 21.40 -20.47 4.73
C PRO H 64 20.29 -19.48 5.08
N ASP H 65 20.63 -18.20 5.17
CA ASP H 65 19.65 -17.12 5.34
C ASP H 65 18.87 -16.87 4.05
N THR H 66 19.56 -16.87 2.90
CA THR H 66 18.82 -16.79 1.64
C THR H 66 17.93 -18.00 1.47
N GLN H 67 18.39 -19.18 1.90
CA GLN H 67 17.56 -20.37 1.79
C GLN H 67 16.29 -20.28 2.63
N LYS H 68 16.41 -19.83 3.88
CA LYS H 68 15.25 -19.78 4.77
C LYS H 68 14.27 -18.70 4.34
N ARG H 69 14.78 -17.63 3.72
CA ARG H 69 13.90 -16.61 3.18
C ARG H 69 13.00 -17.18 2.07
N ILE H 70 13.60 -17.94 1.15
CA ILE H 70 12.85 -18.51 0.03
C ILE H 70 12.07 -19.71 0.50
N GLN H 71 12.57 -20.43 1.51
CA GLN H 71 11.79 -21.48 2.15
C GLN H 71 10.46 -20.96 2.64
N LYS H 72 10.48 -19.79 3.28
CA LYS H 72 9.28 -19.22 3.87
C LYS H 72 8.29 -18.78 2.81
N LEU H 73 8.77 -18.13 1.73
CA LEU H 73 7.85 -17.75 0.66
C LEU H 73 7.20 -18.98 0.01
N ALA H 74 7.96 -20.08 -0.13
CA ALA H 74 7.39 -21.28 -0.73
C ALA H 74 6.34 -21.93 0.19
N GLY H 75 6.63 -21.99 1.49
CA GLY H 75 5.66 -22.54 2.43
C GLY H 75 4.37 -21.78 2.44
N ARG H 76 4.44 -20.45 2.22
CA ARG H 76 3.25 -19.61 2.17
C ARG H 76 2.43 -19.90 0.92
N LYS H 77 3.10 -20.07 -0.22
CA LYS H 77 2.42 -20.33 -1.49
C LYS H 77 1.80 -21.72 -1.48
N ILE H 78 2.39 -22.66 -0.73
CA ILE H 78 1.86 -24.03 -0.65
C ILE H 78 0.61 -24.10 0.27
N ALA H 79 0.62 -23.38 1.39
CA ALA H 79 -0.57 -23.36 2.24
C ALA H 79 -1.77 -22.83 1.48
N GLU H 80 -1.55 -21.87 0.58
CA GLU H 80 -2.67 -21.39 -0.24
C GLU H 80 -3.25 -22.48 -1.13
N MET H 81 -2.39 -23.31 -1.70
CA MET H 81 -2.86 -24.40 -2.53
C MET H 81 -3.81 -25.30 -1.74
N ALA H 82 -3.52 -25.52 -0.45
CA ALA H 82 -4.35 -26.38 0.40
C ALA H 82 -5.75 -25.83 0.61
N LYS H 83 -5.93 -24.53 0.45
CA LYS H 83 -7.24 -23.91 0.56
C LYS H 83 -8.18 -24.40 -0.53
N GLU H 84 -7.64 -24.95 -1.63
CA GLU H 84 -8.43 -25.30 -2.81
C GLU H 84 -8.63 -26.78 -3.03
N SER H 85 -7.78 -27.63 -2.44
CA SER H 85 -7.91 -29.09 -2.48
C SER H 85 -6.93 -29.69 -1.48
N ASN H 86 -7.16 -30.97 -1.16
CA ASN H 86 -6.15 -31.76 -0.43
C ASN H 86 -4.83 -31.79 -1.19
N VAL H 87 -3.72 -31.87 -0.46
CA VAL H 87 -2.41 -31.81 -1.10
C VAL H 87 -1.42 -32.73 -0.39
N ILE H 88 -0.54 -33.33 -1.18
CA ILE H 88 0.66 -34.00 -0.69
C ILE H 88 1.86 -33.16 -1.08
N VAL H 89 2.65 -32.79 -0.09
CA VAL H 89 3.82 -31.96 -0.23
C VAL H 89 5.02 -32.87 -0.32
N ASP H 90 5.66 -32.94 -1.48
CA ASP H 90 6.85 -33.76 -1.65
C ASP H 90 8.05 -32.93 -1.24
N THR H 91 8.67 -33.26 -0.11
CA THR H 91 9.73 -32.42 0.45
C THR H 91 10.71 -33.23 1.32
N HIS H 92 11.36 -32.58 2.30
CA HIS H 92 12.47 -33.14 3.04
C HIS H 92 12.43 -32.74 4.51
N SER H 93 12.69 -33.71 5.40
CA SER H 93 12.74 -33.42 6.82
C SER H 93 13.91 -32.52 7.20
N THR H 94 15.08 -32.81 6.67
CA THR H 94 16.22 -31.92 6.74
C THR H 94 16.83 -31.84 5.35
N VAL H 95 17.47 -30.71 5.07
CA VAL H 95 18.24 -30.47 3.84
C VAL H 95 19.70 -30.47 4.21
N LYS H 96 20.52 -31.20 3.45
CA LYS H 96 21.95 -31.27 3.70
C LYS H 96 22.64 -30.10 3.00
N THR H 97 23.10 -29.14 3.78
CA THR H 97 23.85 -28.01 3.24
C THR H 97 25.32 -28.09 3.64
N PRO H 98 26.19 -27.31 3.00
CA PRO H 98 27.58 -27.26 3.45
C PRO H 98 27.75 -26.79 4.88
N LYS H 99 26.81 -26.04 5.45
CA LYS H 99 26.92 -25.58 6.82
C LYS H 99 26.10 -26.42 7.80
N GLY H 100 25.63 -27.60 7.38
CA GLY H 100 24.93 -28.53 8.25
C GLY H 100 23.51 -28.82 7.78
N TYR H 101 22.81 -29.65 8.57
CA TYR H 101 21.43 -29.96 8.26
C TYR H 101 20.52 -28.76 8.55
N LEU H 102 19.70 -28.39 7.56
CA LEU H 102 18.70 -27.35 7.68
C LEU H 102 17.34 -28.04 7.76
N ALA H 103 16.61 -27.79 8.84
CA ALA H 103 15.27 -28.36 8.96
C ALA H 103 14.39 -27.90 7.82
N GLY H 104 13.68 -28.84 7.19
CA GLY H 104 12.79 -28.51 6.09
C GLY H 104 11.52 -27.80 6.51
N LEU H 105 11.09 -27.96 7.77
CA LEU H 105 9.92 -27.30 8.35
C LEU H 105 10.24 -26.69 9.71
N PRO H 106 11.04 -25.61 9.75
CA PRO H 106 11.20 -24.90 11.01
C PRO H 106 9.85 -24.44 11.50
N ILE H 107 9.76 -24.15 12.80
CA ILE H 107 8.46 -23.99 13.45
C ILE H 107 7.62 -22.95 12.73
N TRP H 108 8.24 -21.87 12.23
CA TRP H 108 7.43 -20.83 11.55
C TRP H 108 6.87 -21.35 10.21
N VAL H 109 7.59 -22.23 9.50
CA VAL H 109 7.03 -22.91 8.33
C VAL H 109 6.06 -24.02 8.76
N LEU H 110 6.43 -24.73 9.83
CA LEU H 110 5.60 -25.83 10.33
C LEU H 110 4.19 -25.37 10.65
N GLU H 111 4.07 -24.23 11.34
CA GLU H 111 2.79 -23.72 11.81
C GLU H 111 1.93 -23.08 10.73
N GLU H 112 2.50 -22.76 9.59
CA GLU H 112 1.80 -22.23 8.43
C GLU H 112 1.29 -23.31 7.48
N LEU H 113 2.04 -24.41 7.33
CA LEU H 113 1.61 -25.55 6.52
C LEU H 113 0.65 -26.44 7.28
N ASN H 114 0.91 -26.59 8.57
CA ASN H 114 0.15 -27.36 9.53
C ASN H 114 -0.26 -28.72 9.04
N PRO H 115 0.68 -29.62 8.83
CA PRO H 115 0.35 -30.95 8.31
C PRO H 115 -0.39 -31.83 9.31
N ASP H 116 -1.16 -32.76 8.76
CA ASP H 116 -1.82 -33.80 9.53
C ASP H 116 -0.92 -35.00 9.76
N ILE H 117 -0.12 -35.30 8.75
CA ILE H 117 0.71 -36.49 8.69
C ILE H 117 2.02 -36.09 8.05
N ILE H 118 3.11 -36.57 8.64
CA ILE H 118 4.47 -36.42 8.14
C ILE H 118 4.98 -37.81 7.84
N VAL H 119 5.12 -38.13 6.56
CA VAL H 119 5.57 -39.45 6.17
C VAL H 119 7.08 -39.43 5.93
N ILE H 120 7.78 -40.38 6.54
CA ILE H 120 9.22 -40.54 6.35
C ILE H 120 9.42 -41.77 5.51
N VAL H 121 9.95 -41.60 4.29
CA VAL H 121 10.28 -42.73 3.42
C VAL H 121 11.74 -43.12 3.61
N GLU H 122 11.95 -44.39 3.94
CA GLU H 122 13.23 -44.95 4.29
C GLU H 122 13.44 -46.26 3.54
N THR H 123 14.71 -46.58 3.31
CA THR H 123 15.19 -47.94 3.06
C THR H 123 16.68 -47.94 3.43
N SER H 124 17.35 -49.03 3.12
CA SER H 124 18.76 -49.14 3.45
C SER H 124 19.57 -48.20 2.58
N SER H 125 20.67 -47.68 3.16
CA SER H 125 21.54 -46.75 2.47
C SER H 125 22.20 -47.36 1.23
N ASP H 126 22.48 -48.65 1.23
CA ASP H 126 22.94 -49.33 0.02
C ASP H 126 22.03 -49.15 -1.16
N GLU H 127 20.72 -49.34 -0.92
CA GLU H 127 19.78 -49.26 -2.03
C GLU H 127 19.64 -47.83 -2.49
N ILE H 128 19.65 -46.89 -1.55
CA ILE H 128 19.58 -45.47 -1.91
C ILE H 128 20.76 -45.10 -2.79
N LEU H 129 21.97 -45.45 -2.34
CA LEU H 129 23.19 -45.13 -3.07
C LEU H 129 23.20 -45.80 -4.43
N MET H 130 22.82 -47.07 -4.46
CA MET H 130 22.80 -47.78 -5.74
C MET H 130 21.84 -47.10 -6.69
N ARG H 131 20.73 -46.58 -6.16
CA ARG H 131 19.79 -45.85 -7.02
C ARG H 131 20.38 -44.53 -7.47
N ARG H 132 21.05 -43.79 -6.57
CA ARG H 132 21.65 -42.52 -6.98
C ARG H 132 22.66 -42.74 -8.11
N LEU H 133 23.35 -43.87 -8.09
CA LEU H 133 24.31 -44.16 -9.15
C LEU H 133 23.63 -44.44 -10.49
N GLY H 134 22.35 -44.80 -10.53
CA GLY H 134 21.72 -45.16 -11.78
C GLY H 134 20.86 -44.12 -12.49
N ASP H 135 20.81 -42.89 -11.98
CA ASP H 135 19.77 -41.91 -12.36
C ASP H 135 20.50 -40.71 -12.95
N ALA H 136 20.68 -40.75 -14.28
CA ALA H 136 21.27 -39.72 -15.14
C ALA H 136 20.29 -38.58 -15.48
N THR H 137 19.13 -38.55 -14.82
CA THR H 137 18.18 -37.42 -14.87
C THR H 137 18.50 -36.32 -13.85
N ARG H 138 19.33 -36.61 -12.83
CA ARG H 138 19.77 -35.62 -11.83
C ARG H 138 21.30 -35.47 -11.80
N ASN H 139 21.77 -34.62 -10.86
CA ASN H 139 23.17 -34.65 -10.39
C ASN H 139 23.24 -35.57 -9.18
N ARG H 140 22.90 -36.87 -9.35
CA ARG H 140 22.61 -37.65 -8.14
C ARG H 140 23.91 -37.87 -7.37
N ASP H 141 23.94 -37.29 -6.16
CA ASP H 141 25.14 -37.08 -5.36
C ASP H 141 25.50 -38.38 -4.63
N ILE H 142 26.63 -38.94 -5.07
CA ILE H 142 27.30 -40.05 -4.40
C ILE H 142 28.00 -39.51 -3.15
N GLU H 143 27.33 -39.69 -2.01
CA GLU H 143 27.90 -39.62 -0.68
C GLU H 143 28.29 -41.05 -0.26
N LEU H 144 29.03 -41.18 0.85
CA LEU H 144 29.18 -42.49 1.46
C LEU H 144 27.80 -43.00 1.96
N THR H 145 27.67 -44.32 2.14
CA THR H 145 26.48 -44.83 2.81
C THR H 145 26.42 -44.39 4.27
N SER H 146 27.55 -44.12 4.91
CA SER H 146 27.41 -43.65 6.27
C SER H 146 26.83 -42.24 6.33
N ASP H 147 27.08 -41.42 5.30
CA ASP H 147 26.50 -40.08 5.21
C ASP H 147 25.01 -40.14 4.96
N ILE H 148 24.57 -41.13 4.18
CA ILE H 148 23.15 -41.35 3.94
C ILE H 148 22.47 -41.84 5.21
N ASP H 149 23.11 -42.76 5.92
CA ASP H 149 22.57 -43.19 7.20
C ASP H 149 22.51 -42.02 8.19
N GLU H 150 23.53 -41.18 8.22
CA GLU H 150 23.47 -40.01 9.07
C GLU H 150 22.27 -39.13 8.72
N HIS H 151 21.98 -38.99 7.44
CA HIS H 151 20.89 -38.13 7.01
C HIS H 151 19.54 -38.72 7.39
N GLN H 152 19.37 -40.04 7.22
CA GLN H 152 18.11 -40.64 7.64
C GLN H 152 17.94 -40.60 9.16
N PHE H 153 19.04 -40.60 9.92
CA PHE H 153 18.96 -40.44 11.37
C PHE H 153 18.42 -39.07 11.76
N MET H 154 19.03 -38.01 11.20
CA MET H 154 18.61 -36.66 11.55
C MET H 154 17.21 -36.38 11.02
N ASN H 155 16.81 -37.02 9.91
CA ASN H 155 15.44 -36.89 9.42
C ASN H 155 14.42 -37.42 10.44
N ARG H 156 14.71 -38.54 11.12
CA ARG H 156 13.77 -39.02 12.13
C ARG H 156 13.68 -38.02 13.26
N CYS H 157 14.84 -37.45 13.64
CA CYS H 157 14.84 -36.49 14.75
C CYS H 157 13.98 -35.26 14.42
N ALA H 158 14.20 -34.62 13.29
CA ALA H 158 13.40 -33.44 12.99
C ALA H 158 11.91 -33.75 12.92
N ALA H 159 11.53 -34.87 12.30
CA ALA H 159 10.13 -35.19 12.07
C ALA H 159 9.40 -35.47 13.38
N MET H 160 10.04 -36.19 14.30
CA MET H 160 9.41 -36.38 15.59
C MET H 160 9.31 -35.06 16.32
N ALA H 161 10.26 -34.14 16.07
CA ALA H 161 10.12 -32.78 16.58
C ALA H 161 8.93 -32.08 15.95
N TYR H 162 8.70 -32.30 14.65
CA TYR H 162 7.51 -31.74 14.01
C TYR H 162 6.24 -32.24 14.70
N GLY H 163 6.19 -33.55 15.01
CA GLY H 163 5.01 -34.12 15.63
C GLY H 163 4.78 -33.65 17.05
N VAL H 164 5.85 -33.41 17.81
CA VAL H 164 5.72 -32.86 19.16
C VAL H 164 5.10 -31.47 19.10
N LEU H 165 5.51 -30.68 18.12
CA LEU H 165 5.08 -29.29 18.06
C LEU H 165 3.69 -29.08 17.50
N THR H 166 3.22 -29.92 16.57
CA THR H 166 1.94 -29.70 15.91
C THR H 166 0.89 -30.76 16.21
N GLY H 167 1.27 -31.96 16.65
CA GLY H 167 0.33 -33.05 16.80
C GLY H 167 0.21 -33.94 15.59
N ALA H 168 0.98 -33.66 14.54
CA ALA H 168 0.96 -34.49 13.34
C ALA H 168 1.54 -35.85 13.67
N THR H 169 0.99 -36.89 13.06
CA THR H 169 1.59 -38.21 13.22
C THR H 169 2.76 -38.41 12.26
N VAL H 170 3.72 -39.21 12.71
CA VAL H 170 4.96 -39.44 11.96
C VAL H 170 4.99 -40.89 11.51
N LYS H 171 4.79 -41.10 10.21
CA LYS H 171 4.63 -42.43 9.65
C LYS H 171 5.89 -42.78 8.89
N ILE H 172 6.48 -43.93 9.24
CA ILE H 172 7.68 -44.45 8.60
C ILE H 172 7.25 -45.53 7.62
N ILE H 173 7.62 -45.38 6.35
CA ILE H 173 7.23 -46.29 5.28
C ILE H 173 8.48 -46.77 4.55
N LYS H 174 8.67 -48.10 4.47
CA LYS H 174 9.79 -48.69 3.75
C LYS H 174 9.47 -48.81 2.27
N ASN H 175 10.38 -48.33 1.43
CA ASN H 175 10.29 -48.41 -0.03
C ASN H 175 11.52 -49.21 -0.45
N ARG H 176 11.44 -50.53 -0.33
CA ARG H 176 12.58 -51.39 -0.52
C ARG H 176 12.69 -51.77 -2.00
N ASP H 177 13.93 -52.07 -2.44
CA ASP H 177 14.14 -52.48 -3.81
C ASP H 177 13.24 -53.67 -4.10
N GLY H 178 12.46 -53.55 -5.18
CA GLY H 178 11.54 -54.60 -5.56
C GLY H 178 10.16 -54.52 -4.94
N LEU H 179 9.90 -53.56 -4.07
CA LEU H 179 8.64 -53.51 -3.37
C LEU H 179 8.00 -52.13 -3.41
N LEU H 180 8.04 -51.41 -4.52
CA LEU H 180 7.31 -50.14 -4.57
C LEU H 180 5.81 -50.37 -4.36
N ASP H 181 5.25 -51.47 -4.90
CA ASP H 181 3.80 -51.66 -4.80
C ASP H 181 3.34 -51.73 -3.35
N LYS H 182 4.11 -52.38 -2.47
CA LYS H 182 3.72 -52.40 -1.06
C LYS H 182 3.83 -51.02 -0.40
N ALA H 183 4.78 -50.18 -0.83
CA ALA H 183 4.88 -48.85 -0.23
C ALA H 183 3.71 -47.96 -0.59
N VAL H 184 3.22 -48.08 -1.83
CA VAL H 184 2.11 -47.27 -2.31
C VAL H 184 0.81 -47.63 -1.59
N GLU H 185 0.56 -48.93 -1.42
CA GLU H 185 -0.62 -49.39 -0.67
C GLU H 185 -0.68 -48.77 0.70
N GLU H 186 0.46 -48.77 1.40
CA GLU H 186 0.51 -48.27 2.76
C GLU H 186 0.22 -46.78 2.80
N LEU H 187 0.75 -46.03 1.84
CA LEU H 187 0.47 -44.61 1.82
C LEU H 187 -1.00 -44.40 1.53
N ILE H 188 -1.54 -45.16 0.56
CA ILE H 188 -2.98 -45.08 0.28
C ILE H 188 -3.77 -45.38 1.54
N SER H 189 -3.40 -46.46 2.21
CA SER H 189 -4.09 -46.87 3.43
C SER H 189 -4.04 -45.78 4.48
N VAL H 190 -2.90 -45.10 4.59
CA VAL H 190 -2.76 -44.05 5.57
C VAL H 190 -3.61 -42.83 5.22
N LEU H 191 -3.96 -42.65 3.95
CA LEU H 191 -4.69 -41.45 3.54
C LEU H 191 -6.20 -41.66 3.55
N LYS H 192 -6.70 -42.62 4.31
CA LYS H 192 -8.18 -42.83 4.39
C LYS H 192 -8.78 -42.70 5.79
N LYS I 2 23.40 -9.95 13.88
CA LYS I 2 24.45 -9.14 13.25
C LYS I 2 25.76 -9.97 13.22
N ASN I 3 26.23 -10.38 14.40
CA ASN I 3 27.48 -11.13 14.51
C ASN I 3 27.16 -12.62 14.48
N LYS I 4 28.10 -13.43 13.99
CA LYS I 4 27.85 -14.84 13.87
C LYS I 4 28.21 -15.51 15.18
N VAL I 5 27.32 -16.37 15.64
CA VAL I 5 27.41 -17.13 16.88
C VAL I 5 27.39 -18.61 16.49
N VAL I 6 28.49 -19.31 16.69
CA VAL I 6 28.63 -20.72 16.31
C VAL I 6 28.76 -21.51 17.59
N VAL I 7 27.98 -22.56 17.73
CA VAL I 7 28.05 -23.43 18.89
C VAL I 7 28.74 -24.69 18.49
N VAL I 8 29.74 -25.10 19.26
CA VAL I 8 30.45 -26.36 19.07
C VAL I 8 30.13 -27.25 20.25
N THR I 9 29.60 -28.45 19.99
CA THR I 9 29.23 -29.36 21.07
C THR I 9 29.86 -30.72 20.82
N GLY I 10 30.03 -31.47 21.90
CA GLY I 10 30.60 -32.81 21.81
C GLY I 10 30.83 -33.37 23.19
N VAL I 11 30.70 -34.69 23.35
CA VAL I 11 30.83 -35.29 24.67
C VAL I 11 32.25 -35.04 25.18
N PRO I 12 32.46 -34.98 26.49
CA PRO I 12 33.82 -34.85 27.01
C PRO I 12 34.74 -35.92 26.42
N GLY I 13 35.93 -35.50 26.01
CA GLY I 13 36.90 -36.38 25.40
C GLY I 13 36.84 -36.47 23.89
N VAL I 14 35.81 -35.91 23.27
CA VAL I 14 35.67 -36.05 21.83
C VAL I 14 36.47 -34.99 21.12
N GLY I 15 36.85 -33.93 21.83
CA GLY I 15 37.70 -32.91 21.31
C GLY I 15 37.05 -31.60 20.91
N GLY I 16 35.87 -31.28 21.45
CA GLY I 16 35.27 -29.99 21.16
C GLY I 16 36.16 -28.81 21.52
N THR I 17 36.76 -28.86 22.72
CA THR I 17 37.63 -27.77 23.15
C THR I 17 38.85 -27.67 22.23
N THR I 18 39.49 -28.80 21.95
CA THR I 18 40.71 -28.79 21.14
C THR I 18 40.45 -28.23 19.74
N LEU I 19 39.32 -28.60 19.12
CA LEU I 19 39.01 -28.16 17.76
C LEU I 19 38.69 -26.67 17.71
N THR I 20 38.02 -26.14 18.73
CA THR I 20 37.66 -24.72 18.71
C THR I 20 38.90 -23.82 18.77
N GLN I 21 39.89 -24.20 19.60
CA GLN I 21 41.11 -23.42 19.76
C GLN I 21 41.95 -23.42 18.48
N LYS I 22 42.14 -24.60 17.88
CA LYS I 22 42.98 -24.73 16.69
C LYS I 22 42.37 -23.98 15.51
N THR I 23 41.04 -24.03 15.40
CA THR I 23 40.31 -23.37 14.32
C THR I 23 40.37 -21.85 14.47
N ILE I 24 40.25 -21.36 15.71
CA ILE I 24 40.21 -19.95 15.95
C ILE I 24 41.51 -19.30 15.59
N GLU I 25 42.65 -19.98 15.88
CA GLU I 25 43.92 -19.37 15.54
C GLU I 25 44.21 -19.50 14.06
N LYS I 26 43.84 -20.63 13.44
CA LYS I 26 44.01 -20.75 12.00
C LYS I 26 43.19 -19.69 11.27
N LEU I 27 42.07 -19.32 11.87
CA LEU I 27 41.32 -18.14 11.42
C LEU I 27 41.98 -16.80 11.82
N LYS I 28 42.63 -16.72 12.95
CA LYS I 28 43.26 -15.47 13.34
C LYS I 28 44.32 -15.04 12.30
N GLU I 29 44.90 -16.02 11.57
CA GLU I 29 45.94 -15.77 10.58
C GLU I 29 45.40 -15.26 9.26
N GLU I 30 44.12 -15.51 8.97
CA GLU I 30 43.47 -15.00 7.77
C GLU I 30 42.77 -13.65 7.97
N GLY I 31 42.85 -13.03 9.14
CA GLY I 31 42.16 -11.77 9.38
C GLY I 31 40.69 -11.91 9.75
N ILE I 32 40.27 -13.11 10.19
CA ILE I 32 38.88 -13.46 10.47
C ILE I 32 38.75 -13.67 11.99
N GLU I 33 38.07 -12.75 12.67
CA GLU I 33 38.16 -12.68 14.12
C GLU I 33 36.98 -13.38 14.79
N TYR I 34 37.25 -14.44 15.54
CA TYR I 34 36.27 -15.06 16.42
C TYR I 34 36.80 -15.09 17.83
N LYS I 35 35.92 -14.98 18.82
CA LYS I 35 36.29 -15.09 20.24
C LYS I 35 35.88 -16.46 20.78
N MET I 36 36.80 -17.16 21.44
CA MET I 36 36.43 -18.39 22.12
C MET I 36 35.75 -18.08 23.45
N VAL I 37 34.68 -18.81 23.72
CA VAL I 37 34.00 -18.72 25.01
C VAL I 37 33.51 -20.12 25.36
N ASN I 38 33.93 -20.63 26.50
CA ASN I 38 33.46 -21.89 27.04
C ASN I 38 32.25 -21.66 27.95
N PHE I 39 31.11 -22.22 27.57
CA PHE I 39 29.90 -22.10 28.38
C PHE I 39 30.17 -22.56 29.80
N GLY I 40 31.00 -23.59 29.97
CA GLY I 40 31.23 -24.14 31.30
C GLY I 40 31.97 -23.22 32.25
N THR I 41 32.96 -22.47 31.75
CA THR I 41 33.67 -21.51 32.59
C THR I 41 32.73 -20.42 33.07
N VAL I 42 31.85 -19.95 32.18
CA VAL I 42 30.89 -18.92 32.58
C VAL I 42 30.07 -19.44 33.77
N MET I 43 29.57 -20.67 33.68
CA MET I 43 28.86 -21.27 34.79
C MET I 43 29.75 -21.43 36.02
N PHE I 44 31.00 -21.85 35.82
CA PHE I 44 31.89 -22.14 36.94
C PHE I 44 32.23 -20.88 37.74
N GLU I 45 32.28 -19.73 37.08
CA GLU I 45 32.53 -18.46 37.76
C GLU I 45 31.41 -18.14 38.75
N VAL I 46 30.17 -18.31 38.30
CA VAL I 46 29.01 -18.07 39.15
C VAL I 46 28.97 -19.10 40.28
N ALA I 47 29.14 -20.37 39.92
CA ALA I 47 29.07 -21.42 40.92
C ALA I 47 30.22 -21.31 41.93
N LYS I 48 31.45 -21.04 41.46
CA LYS I 48 32.52 -20.91 42.43
C LYS I 48 32.31 -19.70 43.30
N GLU I 49 31.71 -18.64 42.76
CA GLU I 49 31.46 -17.43 43.52
C GLU I 49 30.40 -17.64 44.59
N GLU I 50 29.43 -18.51 44.33
CA GLU I 50 28.42 -18.85 45.34
C GLU I 50 28.92 -19.95 46.26
N GLY I 51 30.06 -20.56 45.95
CA GLY I 51 30.58 -21.57 46.83
C GLY I 51 29.93 -22.91 46.66
N LEU I 52 29.32 -23.14 45.50
CA LEU I 52 28.63 -24.40 45.26
C LEU I 52 29.62 -25.48 44.83
N VAL I 53 30.73 -25.08 44.19
CA VAL I 53 31.69 -26.00 43.62
C VAL I 53 33.08 -25.41 43.81
N GLU I 54 34.08 -26.30 43.84
CA GLU I 54 35.48 -25.87 43.72
C GLU I 54 36.07 -26.16 42.34
N ASP I 55 35.59 -27.19 41.66
CA ASP I 55 36.05 -27.50 40.32
C ASP I 55 34.83 -27.78 39.44
N ARG I 56 35.05 -27.68 38.13
CA ARG I 56 33.98 -27.63 37.14
C ARG I 56 33.30 -28.98 36.91
N ASP I 57 33.88 -30.07 37.39
CA ASP I 57 33.29 -31.38 37.22
C ASP I 57 32.25 -31.70 38.29
N GLN I 58 32.05 -30.78 39.24
CA GLN I 58 30.99 -30.90 40.24
C GLN I 58 29.69 -30.24 39.82
N MET I 59 29.73 -29.37 38.82
CA MET I 59 28.55 -28.58 38.49
C MET I 59 27.44 -29.49 37.97
N ARG I 60 27.79 -30.42 37.09
CA ARG I 60 26.80 -31.31 36.52
C ARG I 60 26.24 -32.27 37.55
N LYS I 61 26.78 -32.28 38.77
CA LYS I 61 26.25 -33.07 39.86
C LYS I 61 25.38 -32.24 40.83
N LEU I 62 25.17 -30.96 40.54
CA LEU I 62 24.28 -30.16 41.38
C LEU I 62 22.82 -30.43 41.04
N ASP I 63 21.94 -30.11 41.97
CA ASP I 63 20.50 -30.07 41.76
C ASP I 63 20.14 -29.43 40.42
N PRO I 64 19.31 -30.09 39.60
CA PRO I 64 19.05 -29.55 38.24
C PRO I 64 18.37 -28.19 38.21
N ASP I 65 17.69 -27.77 39.28
CA ASP I 65 17.18 -26.40 39.36
C ASP I 65 18.30 -25.41 39.58
N THR I 66 19.30 -25.76 40.39
CA THR I 66 20.47 -24.90 40.54
C THR I 66 21.22 -24.82 39.22
N GLN I 67 21.38 -25.96 38.54
CA GLN I 67 22.08 -25.97 37.26
C GLN I 67 21.37 -25.08 36.25
N LYS I 68 20.04 -25.14 36.19
CA LYS I 68 19.31 -24.40 35.16
C LYS I 68 19.31 -22.90 35.42
N ARG I 69 19.36 -22.48 36.67
CA ARG I 69 19.48 -21.05 37.00
C ARG I 69 20.81 -20.48 36.53
N ILE I 70 21.91 -21.18 36.80
CA ILE I 70 23.23 -20.69 36.44
C ILE I 70 23.44 -20.87 34.95
N GLN I 71 22.83 -21.90 34.38
CA GLN I 71 22.80 -22.01 32.94
C GLN I 71 22.21 -20.75 32.33
N LYS I 72 21.14 -20.23 32.92
CA LYS I 72 20.41 -19.16 32.29
C LYS I 72 21.23 -17.90 32.23
N LEU I 73 21.90 -17.56 33.37
CA LEU I 73 22.73 -16.36 33.37
C LEU I 73 23.87 -16.47 32.35
N ALA I 74 24.47 -17.63 32.18
CA ALA I 74 25.52 -17.73 31.19
C ALA I 74 24.99 -17.44 29.79
N GLY I 75 23.80 -17.97 29.47
CA GLY I 75 23.18 -17.66 28.20
C GLY I 75 22.93 -16.17 28.05
N ARG I 76 22.58 -15.50 29.14
CA ARG I 76 22.49 -14.05 29.15
C ARG I 76 23.86 -13.38 29.08
N LYS I 77 24.89 -13.92 29.76
CA LYS I 77 26.21 -13.29 29.69
C LYS I 77 26.89 -13.52 28.34
N ILE I 78 26.72 -14.69 27.76
CA ILE I 78 27.34 -14.97 26.47
C ILE I 78 26.66 -14.17 25.38
N ALA I 79 25.33 -14.05 25.45
CA ALA I 79 24.62 -13.22 24.48
C ALA I 79 25.14 -11.80 24.53
N GLU I 80 25.43 -11.31 25.73
CA GLU I 80 26.03 -10.00 25.89
C GLU I 80 27.40 -9.96 25.26
N MET I 81 28.18 -11.05 25.40
CA MET I 81 29.48 -11.11 24.73
C MET I 81 29.30 -11.12 23.22
N ALA I 82 28.23 -11.73 22.73
CA ALA I 82 27.96 -11.80 21.30
C ALA I 82 27.64 -10.45 20.71
N LYS I 83 27.21 -9.46 21.52
CA LYS I 83 26.82 -8.18 20.97
C LYS I 83 27.99 -7.45 20.36
N GLU I 84 29.21 -7.73 20.86
CA GLU I 84 30.40 -6.99 20.43
C GLU I 84 31.34 -7.73 19.49
N SER I 85 31.24 -9.05 19.36
CA SER I 85 32.11 -9.78 18.44
C SER I 85 31.52 -11.13 18.06
N ASN I 86 32.03 -11.70 16.97
CA ASN I 86 31.73 -13.08 16.64
C ASN I 86 32.26 -13.96 17.76
N VAL I 87 31.56 -15.06 18.01
CA VAL I 87 31.89 -15.95 19.13
C VAL I 87 31.66 -17.37 18.67
N ILE I 88 32.52 -18.28 19.16
CA ILE I 88 32.31 -19.73 19.16
C ILE I 88 32.10 -20.14 20.60
N VAL I 89 30.98 -20.79 20.89
CA VAL I 89 30.62 -21.23 22.23
C VAL I 89 30.98 -22.72 22.34
N ASP I 90 31.94 -23.05 23.20
CA ASP I 90 32.40 -24.41 23.46
C ASP I 90 31.53 -24.98 24.57
N THR I 91 30.64 -25.91 24.22
CA THR I 91 29.64 -26.33 25.20
C THR I 91 29.16 -27.74 24.88
N HIS I 92 27.89 -28.03 25.23
CA HIS I 92 27.34 -29.37 25.16
C HIS I 92 25.89 -29.37 24.73
N SER I 93 25.56 -30.27 23.80
CA SER I 93 24.17 -30.37 23.34
C SER I 93 23.27 -30.82 24.47
N THR I 94 23.69 -31.86 25.20
CA THR I 94 23.10 -32.22 26.48
C THR I 94 24.21 -32.51 27.47
N VAL I 95 23.91 -32.30 28.73
CA VAL I 95 24.78 -32.59 29.86
C VAL I 95 24.20 -33.78 30.60
N LYS I 96 25.05 -34.77 30.89
CA LYS I 96 24.63 -35.99 31.59
C LYS I 96 24.67 -35.69 33.06
N THR I 97 23.50 -35.52 33.66
CA THR I 97 23.40 -35.28 35.09
C THR I 97 22.87 -36.55 35.74
N PRO I 98 23.06 -36.69 37.05
CA PRO I 98 22.53 -37.87 37.74
C PRO I 98 21.03 -38.04 37.60
N LYS I 99 20.28 -36.97 37.32
CA LYS I 99 18.83 -37.01 37.17
C LYS I 99 18.38 -37.08 35.72
N GLY I 100 19.30 -37.35 34.81
CA GLY I 100 19.02 -37.54 33.39
C GLY I 100 19.79 -36.56 32.52
N TYR I 101 19.52 -36.67 31.21
CA TYR I 101 20.10 -35.74 30.24
C TYR I 101 19.41 -34.38 30.34
N LEU I 102 20.21 -33.33 30.51
CA LEU I 102 19.74 -31.95 30.58
C LEU I 102 20.15 -31.23 29.31
N ALA I 103 19.19 -30.67 28.59
CA ALA I 103 19.52 -29.95 27.37
C ALA I 103 20.44 -28.79 27.67
N GLY I 104 21.52 -28.67 26.89
CA GLY I 104 22.46 -27.58 27.12
C GLY I 104 21.91 -26.22 26.70
N LEU I 105 20.97 -26.23 25.76
CA LEU I 105 20.33 -25.01 25.26
C LEU I 105 18.81 -25.18 25.28
N PRO I 106 18.20 -25.23 26.45
CA PRO I 106 16.74 -25.21 26.51
C PRO I 106 16.19 -23.98 25.80
N ILE I 107 14.93 -24.04 25.40
CA ILE I 107 14.40 -23.08 24.43
C ILE I 107 14.67 -21.63 24.84
N TRP I 108 14.60 -21.32 26.14
CA TRP I 108 14.84 -19.93 26.54
C TRP I 108 16.32 -19.56 26.42
N VAL I 109 17.23 -20.51 26.65
CA VAL I 109 18.64 -20.24 26.43
C VAL I 109 18.94 -20.17 24.93
N LEU I 110 18.38 -21.09 24.16
CA LEU I 110 18.56 -21.12 22.72
C LEU I 110 18.18 -19.80 22.09
N GLU I 111 17.00 -19.28 22.46
CA GLU I 111 16.50 -18.05 21.88
C GLU I 111 17.24 -16.82 22.38
N GLU I 112 18.00 -16.92 23.49
CA GLU I 112 18.79 -15.76 23.91
C GLU I 112 20.12 -15.74 23.16
N LEU I 113 20.70 -16.90 22.89
CA LEU I 113 21.93 -16.97 22.08
C LEU I 113 21.65 -16.89 20.57
N ASN I 114 20.57 -17.53 20.11
CA ASN I 114 20.23 -17.60 18.70
C ASN I 114 21.41 -17.99 17.81
N PRO I 115 21.93 -19.20 17.96
CA PRO I 115 23.10 -19.56 17.15
C PRO I 115 22.71 -19.69 15.68
N ASP I 116 23.66 -19.35 14.82
CA ASP I 116 23.55 -19.52 13.39
C ASP I 116 23.85 -20.94 12.99
N ILE I 117 24.79 -21.60 13.67
CA ILE I 117 25.23 -22.96 13.36
C ILE I 117 25.48 -23.72 14.65
N ILE I 118 25.11 -24.99 14.65
CA ILE I 118 25.37 -25.89 15.78
C ILE I 118 26.20 -27.05 15.27
N VAL I 119 27.43 -27.12 15.74
CA VAL I 119 28.40 -28.13 15.34
C VAL I 119 28.38 -29.25 16.39
N ILE I 120 28.28 -30.49 15.93
CA ILE I 120 28.42 -31.68 16.78
C ILE I 120 29.74 -32.35 16.42
N VAL I 121 30.61 -32.45 17.39
CA VAL I 121 31.88 -33.14 17.18
C VAL I 121 31.71 -34.59 17.61
N GLU I 122 32.06 -35.51 16.71
CA GLU I 122 31.86 -36.91 16.96
C GLU I 122 33.09 -37.70 16.56
N THR I 123 33.29 -38.82 17.24
CA THR I 123 34.11 -39.91 16.77
C THR I 123 33.60 -41.17 17.46
N SER I 124 34.20 -42.31 17.12
CA SER I 124 33.74 -43.57 17.67
C SER I 124 34.04 -43.63 19.18
N SER I 125 33.09 -44.24 19.92
CA SER I 125 33.18 -44.23 21.38
C SER I 125 34.38 -45.00 21.90
N ASP I 126 34.82 -46.07 21.23
CA ASP I 126 36.08 -46.69 21.66
C ASP I 126 37.19 -45.65 21.70
N GLU I 127 37.21 -44.73 20.71
CA GLU I 127 38.28 -43.72 20.69
C GLU I 127 38.06 -42.70 21.76
N ILE I 128 36.80 -42.30 21.97
CA ILE I 128 36.51 -41.36 23.06
C ILE I 128 36.93 -41.95 24.39
N LEU I 129 36.54 -43.19 24.66
CA LEU I 129 36.87 -43.81 25.93
C LEU I 129 38.37 -43.86 26.16
N MET I 130 39.14 -44.26 25.16
CA MET I 130 40.58 -44.33 25.31
C MET I 130 41.17 -42.96 25.61
N ARG I 131 40.60 -41.89 25.05
CA ARG I 131 41.11 -40.56 25.32
C ARG I 131 40.87 -40.15 26.78
N ARG I 132 39.70 -40.46 27.33
CA ARG I 132 39.45 -40.14 28.73
C ARG I 132 40.45 -40.84 29.65
N LEU I 133 40.76 -42.10 29.35
CA LEU I 133 41.60 -42.87 30.25
C LEU I 133 43.02 -42.32 30.34
N GLY I 134 43.47 -41.62 29.30
CA GLY I 134 44.77 -41.01 29.25
C GLY I 134 44.76 -39.54 29.63
N ASP I 135 43.63 -39.03 30.11
CA ASP I 135 43.40 -37.60 30.27
C ASP I 135 43.14 -37.23 31.72
N ALA I 136 44.22 -37.14 32.50
CA ALA I 136 44.26 -36.61 33.87
C ALA I 136 44.38 -35.08 33.91
N THR I 137 44.29 -34.37 32.77
CA THR I 137 44.09 -32.92 32.82
C THR I 137 42.72 -32.65 33.43
N ARG I 138 41.84 -33.66 33.33
CA ARG I 138 40.53 -33.71 33.95
C ARG I 138 40.44 -34.93 34.85
N ASN I 139 39.42 -34.90 35.72
CA ASN I 139 38.98 -36.02 36.55
C ASN I 139 37.90 -36.76 35.75
N ARG I 140 38.35 -37.52 34.76
CA ARG I 140 37.47 -38.04 33.72
C ARG I 140 36.58 -39.20 34.16
N ASP I 141 35.31 -39.12 33.74
CA ASP I 141 34.29 -40.09 34.14
C ASP I 141 34.54 -41.40 33.42
N ILE I 142 34.86 -42.45 34.20
CA ILE I 142 34.88 -43.81 33.66
C ILE I 142 33.44 -44.33 33.53
N GLU I 143 32.83 -44.05 32.37
CA GLU I 143 31.68 -44.77 31.84
C GLU I 143 32.11 -45.61 30.63
N LEU I 144 31.30 -46.62 30.34
CA LEU I 144 31.49 -47.53 29.20
C LEU I 144 31.25 -46.86 27.86
N THR I 145 31.76 -47.52 26.82
CA THR I 145 31.52 -47.03 25.46
C THR I 145 30.04 -47.03 25.11
N SER I 146 29.25 -47.96 25.63
CA SER I 146 27.83 -47.91 25.31
C SER I 146 27.12 -46.68 25.89
N ASP I 147 27.61 -46.21 27.06
CA ASP I 147 27.08 -44.99 27.67
C ASP I 147 27.48 -43.75 26.88
N ILE I 148 28.68 -43.78 26.30
CA ILE I 148 29.14 -42.72 25.41
C ILE I 148 28.30 -42.72 24.15
N ASP I 149 27.98 -43.91 23.63
CA ASP I 149 27.12 -44.00 22.46
C ASP I 149 25.72 -43.48 22.76
N GLU I 150 25.14 -43.86 23.89
CA GLU I 150 23.84 -43.32 24.27
C GLU I 150 23.91 -41.81 24.35
N HIS I 151 24.98 -41.28 24.91
CA HIS I 151 25.10 -39.84 25.00
C HIS I 151 25.17 -39.22 23.61
N GLN I 152 25.98 -39.79 22.72
CA GLN I 152 26.07 -39.23 21.37
C GLN I 152 24.74 -39.36 20.63
N PHE I 153 23.96 -40.40 20.93
CA PHE I 153 22.62 -40.53 20.35
C PHE I 153 21.72 -39.38 20.78
N MET I 154 21.65 -39.11 22.08
CA MET I 154 20.77 -38.06 22.57
C MET I 154 21.25 -36.67 22.14
N ASN I 155 22.57 -36.48 21.98
CA ASN I 155 23.05 -35.16 21.56
C ASN I 155 22.52 -34.82 20.17
N ARG I 156 22.39 -35.83 19.29
CA ARG I 156 21.82 -35.58 17.96
C ARG I 156 20.37 -35.15 18.08
N CYS I 157 19.61 -35.82 18.94
CA CYS I 157 18.21 -35.48 19.11
C CYS I 157 18.04 -34.03 19.58
N ALA I 158 18.79 -33.64 20.62
CA ALA I 158 18.65 -32.29 21.13
C ALA I 158 19.01 -31.28 20.06
N ALA I 159 20.10 -31.54 19.33
CA ALA I 159 20.61 -30.60 18.34
C ALA I 159 19.65 -30.42 17.18
N MET I 160 19.07 -31.51 16.67
CA MET I 160 18.14 -31.32 15.58
C MET I 160 16.88 -30.62 16.04
N ALA I 161 16.49 -30.78 17.31
CA ALA I 161 15.40 -29.99 17.85
C ALA I 161 15.75 -28.51 17.88
N TYR I 162 16.96 -28.20 18.30
CA TYR I 162 17.41 -26.81 18.27
C TYR I 162 17.26 -26.22 16.86
N GLY I 163 17.63 -26.98 15.84
CA GLY I 163 17.55 -26.45 14.49
C GLY I 163 16.14 -26.29 14.00
N VAL I 164 15.24 -27.17 14.46
CA VAL I 164 13.82 -27.07 14.10
C VAL I 164 13.24 -25.80 14.67
N LEU I 165 13.66 -25.45 15.88
CA LEU I 165 13.08 -24.33 16.60
C LEU I 165 13.63 -23.00 16.12
N THR I 166 14.88 -22.93 15.71
CA THR I 166 15.49 -21.66 15.35
C THR I 166 15.83 -21.51 13.87
N GLY I 167 16.02 -22.60 13.15
CA GLY I 167 16.55 -22.54 11.81
C GLY I 167 18.06 -22.66 11.72
N ALA I 168 18.74 -22.81 12.85
CA ALA I 168 20.18 -23.00 12.81
C ALA I 168 20.50 -24.31 12.11
N THR I 169 21.60 -24.31 11.37
CA THR I 169 22.06 -25.53 10.73
C THR I 169 22.85 -26.36 11.73
N VAL I 170 22.76 -27.68 11.58
CA VAL I 170 23.33 -28.64 12.51
C VAL I 170 24.39 -29.42 11.74
N LYS I 171 25.64 -29.14 12.06
CA LYS I 171 26.78 -29.65 11.30
C LYS I 171 27.49 -30.71 12.10
N ILE I 172 27.74 -31.85 11.49
CA ILE I 172 28.47 -32.93 12.14
C ILE I 172 29.88 -33.01 11.60
N ILE I 173 30.86 -33.01 12.49
CA ILE I 173 32.27 -33.02 12.11
C ILE I 173 32.93 -34.18 12.84
N LYS I 174 33.46 -35.13 12.09
CA LYS I 174 34.18 -36.26 12.68
C LYS I 174 35.58 -35.82 13.03
N ASN I 175 35.99 -36.06 14.26
CA ASN I 175 37.31 -35.73 14.77
C ASN I 175 37.94 -37.04 15.22
N ARG I 176 38.52 -37.75 14.25
CA ARG I 176 39.02 -39.09 14.48
C ARG I 176 40.51 -39.10 14.83
N ASP I 177 40.90 -40.15 15.53
CA ASP I 177 42.29 -40.37 15.87
C ASP I 177 43.12 -40.35 14.60
N GLY I 178 44.17 -39.53 14.60
CA GLY I 178 45.04 -39.36 13.43
C GLY I 178 44.59 -38.31 12.43
N LEU I 179 43.43 -37.75 12.56
CA LEU I 179 42.87 -36.85 11.55
C LEU I 179 42.33 -35.58 12.18
N LEU I 180 43.01 -35.07 13.23
CA LEU I 180 42.61 -33.80 13.84
C LEU I 180 42.67 -32.65 12.84
N ASP I 181 43.74 -32.63 12.03
CA ASP I 181 43.91 -31.56 11.06
C ASP I 181 42.75 -31.57 10.04
N LYS I 182 42.22 -32.70 9.72
CA LYS I 182 41.10 -32.78 8.79
C LYS I 182 39.82 -32.17 9.36
N ALA I 183 39.61 -32.25 10.69
CA ALA I 183 38.40 -31.64 11.28
C ALA I 183 38.50 -30.11 11.31
N VAL I 184 39.70 -29.58 11.52
CA VAL I 184 39.91 -28.14 11.54
C VAL I 184 39.65 -27.55 10.17
N GLU I 185 40.15 -28.20 9.13
CA GLU I 185 39.85 -27.75 7.77
C GLU I 185 38.34 -27.71 7.57
N GLU I 186 37.64 -28.72 8.07
CA GLU I 186 36.19 -28.84 7.88
C GLU I 186 35.45 -27.70 8.55
N LEU I 187 35.83 -27.36 9.78
CA LEU I 187 35.16 -26.27 10.47
C LEU I 187 35.51 -24.93 9.85
N ILE I 188 36.77 -24.71 9.49
CA ILE I 188 37.17 -23.48 8.83
C ILE I 188 36.34 -23.24 7.58
N SER I 189 36.14 -24.28 6.76
CA SER I 189 35.34 -24.12 5.55
C SER I 189 33.93 -23.70 5.86
N VAL I 190 33.37 -24.21 6.96
CA VAL I 190 32.01 -23.86 7.34
C VAL I 190 31.88 -22.41 7.76
N LEU I 191 32.93 -21.83 8.32
CA LEU I 191 32.82 -20.51 8.89
C LEU I 191 33.08 -19.44 7.86
N LYS I 192 32.85 -19.76 6.58
CA LYS I 192 33.00 -18.81 5.49
C LYS I 192 31.82 -18.53 4.59
N LYS J 2 -29.61 7.87 -43.48
CA LYS J 2 -28.17 7.67 -43.31
C LYS J 2 -27.63 6.64 -44.35
N ASN J 3 -26.53 6.98 -45.03
CA ASN J 3 -26.01 6.18 -46.14
C ASN J 3 -24.87 5.27 -45.72
N LYS J 4 -24.69 4.20 -46.48
CA LYS J 4 -23.67 3.23 -46.11
C LYS J 4 -22.33 3.70 -46.66
N VAL J 5 -21.32 3.62 -45.80
CA VAL J 5 -19.94 4.01 -46.08
C VAL J 5 -19.07 2.78 -45.87
N VAL J 6 -18.46 2.30 -46.94
CA VAL J 6 -17.56 1.16 -46.91
C VAL J 6 -16.16 1.65 -47.20
N VAL J 7 -15.22 1.23 -46.38
CA VAL J 7 -13.81 1.50 -46.55
C VAL J 7 -13.17 0.22 -47.05
N VAL J 8 -12.39 0.31 -48.13
CA VAL J 8 -11.60 -0.82 -48.61
C VAL J 8 -10.12 -0.48 -48.47
N THR J 9 -9.35 -1.34 -47.80
CA THR J 9 -7.95 -1.09 -47.50
C THR J 9 -7.14 -2.31 -47.91
N GLY J 10 -5.83 -2.10 -48.14
CA GLY J 10 -4.91 -3.17 -48.51
C GLY J 10 -3.57 -2.58 -48.86
N VAL J 11 -2.48 -3.32 -48.67
CA VAL J 11 -1.17 -2.72 -48.96
C VAL J 11 -1.08 -2.43 -50.45
N PRO J 12 -0.25 -1.48 -50.86
CA PRO J 12 -0.01 -1.31 -52.30
C PRO J 12 0.40 -2.63 -52.93
N GLY J 13 -0.17 -2.92 -54.10
CA GLY J 13 0.07 -4.13 -54.83
C GLY J 13 -0.91 -5.24 -54.58
N VAL J 14 -1.73 -5.14 -53.53
CA VAL J 14 -2.59 -6.25 -53.14
C VAL J 14 -3.94 -6.27 -53.87
N GLY J 15 -4.35 -5.15 -54.48
CA GLY J 15 -5.54 -5.08 -55.29
C GLY J 15 -6.78 -4.45 -54.68
N GLY J 16 -6.66 -3.62 -53.65
CA GLY J 16 -7.83 -2.92 -53.14
C GLY J 16 -8.55 -2.09 -54.21
N THR J 17 -7.78 -1.33 -54.99
CA THR J 17 -8.37 -0.54 -56.07
C THR J 17 -9.08 -1.43 -57.09
N THR J 18 -8.41 -2.49 -57.53
CA THR J 18 -8.99 -3.39 -58.53
C THR J 18 -10.27 -4.06 -58.02
N LEU J 19 -10.26 -4.52 -56.76
CA LEU J 19 -11.44 -5.15 -56.16
C LEU J 19 -12.60 -4.17 -56.05
N THR J 20 -12.27 -2.94 -55.72
CA THR J 20 -13.26 -1.88 -55.57
C THR J 20 -13.86 -1.52 -56.93
N GLN J 21 -13.05 -1.44 -57.99
CA GLN J 21 -13.63 -1.11 -59.29
C GLN J 21 -14.48 -2.27 -59.84
N LYS J 22 -13.96 -3.49 -59.80
CA LYS J 22 -14.72 -4.64 -60.29
C LYS J 22 -16.01 -4.83 -59.49
N THR J 23 -15.96 -4.60 -58.17
CA THR J 23 -17.15 -4.80 -57.35
C THR J 23 -18.21 -3.76 -57.68
N ILE J 24 -17.79 -2.51 -57.82
CA ILE J 24 -18.76 -1.45 -58.08
C ILE J 24 -19.48 -1.68 -59.39
N GLU J 25 -18.80 -2.19 -60.42
CA GLU J 25 -19.46 -2.31 -61.69
C GLU J 25 -20.49 -3.42 -61.68
N LYS J 26 -20.16 -4.56 -61.00
CA LYS J 26 -21.16 -5.64 -60.93
C LYS J 26 -22.33 -5.25 -60.03
N LEU J 27 -22.09 -4.42 -59.00
CA LEU J 27 -23.18 -3.91 -58.20
C LEU J 27 -24.10 -3.01 -59.01
N LYS J 28 -23.52 -2.25 -59.99
CA LYS J 28 -24.38 -1.44 -60.86
C LYS J 28 -25.32 -2.28 -61.72
N GLU J 29 -24.94 -3.53 -62.02
CA GLU J 29 -25.79 -4.41 -62.81
C GLU J 29 -26.99 -4.94 -62.01
N GLU J 30 -26.89 -5.02 -60.70
CA GLU J 30 -28.01 -5.40 -59.85
C GLU J 30 -28.79 -4.18 -59.39
N GLY J 31 -28.45 -2.99 -59.88
CA GLY J 31 -29.18 -1.78 -59.53
C GLY J 31 -28.77 -1.14 -58.24
N ILE J 32 -27.58 -1.44 -57.75
CA ILE J 32 -27.11 -0.99 -56.45
C ILE J 32 -26.07 0.09 -56.70
N GLU J 33 -26.38 1.34 -56.31
CA GLU J 33 -25.50 2.45 -56.61
C GLU J 33 -24.52 2.70 -55.46
N TYR J 34 -23.25 2.46 -55.74
CA TYR J 34 -22.15 2.93 -54.91
C TYR J 34 -21.27 3.81 -55.79
N LYS J 35 -20.67 4.83 -55.20
CA LYS J 35 -19.72 5.70 -55.88
C LYS J 35 -18.33 5.38 -55.37
N MET J 36 -17.37 5.21 -56.27
CA MET J 36 -15.99 4.93 -55.87
C MET J 36 -15.26 6.23 -55.53
N VAL J 37 -14.47 6.22 -54.45
CA VAL J 37 -13.60 7.36 -54.15
C VAL J 37 -12.26 6.91 -53.56
N ASN J 38 -11.14 7.29 -54.21
CA ASN J 38 -9.79 7.03 -53.70
C ASN J 38 -9.32 8.22 -52.84
N PHE J 39 -9.13 7.96 -51.55
CA PHE J 39 -8.64 8.96 -50.60
C PHE J 39 -7.34 9.61 -51.09
N GLY J 40 -6.42 8.82 -51.62
CA GLY J 40 -5.15 9.38 -52.06
C GLY J 40 -5.30 10.35 -53.21
N THR J 41 -6.26 10.08 -54.11
CA THR J 41 -6.57 11.02 -55.17
C THR J 41 -7.06 12.34 -54.60
N VAL J 42 -8.00 12.27 -53.66
CA VAL J 42 -8.54 13.48 -53.03
C VAL J 42 -7.41 14.28 -52.38
N MET J 43 -6.53 13.59 -51.63
CA MET J 43 -5.38 14.27 -51.06
C MET J 43 -4.49 14.88 -52.14
N PHE J 44 -4.28 14.14 -53.25
CA PHE J 44 -3.33 14.56 -54.29
C PHE J 44 -3.78 15.85 -55.00
N GLU J 45 -5.09 16.08 -55.14
CA GLU J 45 -5.57 17.36 -55.68
C GLU J 45 -5.09 18.52 -54.82
N VAL J 46 -5.24 18.39 -53.50
CA VAL J 46 -4.81 19.42 -52.56
C VAL J 46 -3.29 19.55 -52.56
N ALA J 47 -2.60 18.41 -52.48
CA ALA J 47 -1.14 18.45 -52.38
C ALA J 47 -0.51 19.02 -53.62
N LYS J 48 -0.99 18.64 -54.81
CA LYS J 48 -0.43 19.18 -56.06
C LYS J 48 -0.85 20.62 -56.31
N GLU J 49 -2.04 21.00 -55.85
CA GLU J 49 -2.51 22.37 -56.00
C GLU J 49 -1.69 23.32 -55.12
N GLU J 50 -1.18 22.81 -53.99
CA GLU J 50 -0.29 23.55 -53.09
C GLU J 50 1.18 23.47 -53.49
N GLY J 51 1.55 22.69 -54.51
CA GLY J 51 2.92 22.65 -54.94
C GLY J 51 3.84 21.83 -54.05
N LEU J 52 3.27 20.96 -53.22
CA LEU J 52 4.07 20.16 -52.29
C LEU J 52 4.60 18.90 -52.95
N VAL J 53 3.92 18.40 -53.99
CA VAL J 53 4.33 17.18 -54.69
C VAL J 53 3.99 17.34 -56.16
N GLU J 54 4.68 16.57 -57.01
CA GLU J 54 4.32 16.42 -58.42
C GLU J 54 3.68 15.07 -58.73
N ASP J 55 3.90 14.04 -57.92
CA ASP J 55 3.19 12.78 -58.12
C ASP J 55 2.73 12.20 -56.77
N ARG J 56 1.85 11.20 -56.85
CA ARG J 56 1.12 10.74 -55.68
C ARG J 56 1.97 9.93 -54.71
N ASP J 57 3.07 9.36 -55.17
CA ASP J 57 3.94 8.53 -54.34
C ASP J 57 4.95 9.34 -53.56
N GLN J 58 4.93 10.68 -53.72
CA GLN J 58 5.72 11.55 -52.89
C GLN J 58 5.02 11.97 -51.61
N MET J 59 3.70 11.77 -51.53
CA MET J 59 2.95 12.28 -50.39
C MET J 59 3.31 11.55 -49.12
N ARG J 60 3.50 10.23 -49.18
CA ARG J 60 3.88 9.55 -47.95
C ARG J 60 5.28 9.89 -47.50
N LYS J 61 6.04 10.69 -48.26
CA LYS J 61 7.40 11.05 -47.87
C LYS J 61 7.52 12.47 -47.30
N LEU J 62 6.41 13.18 -47.15
CA LEU J 62 6.34 14.50 -46.53
C LEU J 62 6.32 14.42 -45.01
N ASP J 63 6.63 15.52 -44.35
CA ASP J 63 6.44 15.66 -42.91
C ASP J 63 5.09 15.08 -42.51
N PRO J 64 5.00 14.24 -41.45
CA PRO J 64 3.69 13.70 -41.08
C PRO J 64 2.72 14.74 -40.57
N ASP J 65 3.19 15.91 -40.12
CA ASP J 65 2.26 16.99 -39.80
C ASP J 65 1.60 17.52 -41.07
N THR J 66 2.36 17.63 -42.16
CA THR J 66 1.77 18.03 -43.43
C THR J 66 0.81 16.96 -43.95
N GLN J 67 1.16 15.70 -43.79
CA GLN J 67 0.29 14.62 -44.27
C GLN J 67 -1.03 14.63 -43.54
N LYS J 68 -0.99 14.79 -42.20
CA LYS J 68 -2.22 14.73 -41.41
C LYS J 68 -3.08 15.95 -41.70
N ARG J 69 -2.46 17.07 -42.01
CA ARG J 69 -3.24 18.24 -42.39
C ARG J 69 -4.06 17.98 -43.63
N ILE J 70 -3.43 17.46 -44.68
CA ILE J 70 -4.11 17.20 -45.95
C ILE J 70 -5.02 15.98 -45.81
N GLN J 71 -4.60 15.00 -45.00
CA GLN J 71 -5.47 13.88 -44.63
C GLN J 71 -6.79 14.39 -44.03
N LYS J 72 -6.72 15.40 -43.18
CA LYS J 72 -7.91 15.87 -42.49
C LYS J 72 -8.92 16.47 -43.46
N LEU J 73 -8.42 17.30 -44.40
CA LEU J 73 -9.27 17.91 -45.41
C LEU J 73 -9.94 16.88 -46.30
N ALA J 74 -9.20 15.83 -46.71
CA ALA J 74 -9.75 14.85 -47.64
C ALA J 74 -10.89 14.06 -47.02
N GLY J 75 -10.76 13.71 -45.73
CA GLY J 75 -11.81 12.98 -45.07
C GLY J 75 -13.11 13.76 -44.93
N ARG J 76 -13.02 15.10 -44.68
CA ARG J 76 -14.23 15.92 -44.65
C ARG J 76 -14.82 16.08 -46.04
N LYS J 77 -13.99 16.22 -47.07
CA LYS J 77 -14.55 16.30 -48.42
C LYS J 77 -15.22 15.00 -48.79
N ILE J 78 -14.66 13.88 -48.32
CA ILE J 78 -15.25 12.58 -48.58
C ILE J 78 -16.53 12.37 -47.76
N ALA J 79 -16.55 12.86 -46.51
CA ALA J 79 -17.74 12.73 -45.68
C ALA J 79 -18.96 13.40 -46.29
N GLU J 80 -18.78 14.56 -46.93
CA GLU J 80 -19.89 15.23 -47.61
C GLU J 80 -20.37 14.41 -48.78
N MET J 81 -19.48 13.70 -49.45
CA MET J 81 -19.91 12.86 -50.56
C MET J 81 -20.88 11.79 -50.10
N ALA J 82 -20.65 11.23 -48.90
CA ALA J 82 -21.56 10.21 -48.38
C ALA J 82 -22.96 10.79 -48.20
N LYS J 83 -23.11 12.09 -48.08
CA LYS J 83 -24.40 12.71 -47.94
C LYS J 83 -25.25 12.54 -49.19
N GLU J 84 -24.61 12.44 -50.39
CA GLU J 84 -25.31 12.41 -51.68
C GLU J 84 -25.35 11.02 -52.33
N SER J 85 -24.62 10.02 -51.82
CA SER J 85 -24.73 8.65 -52.32
C SER J 85 -24.05 7.69 -51.35
N ASN J 86 -24.36 6.40 -51.50
CA ASN J 86 -23.53 5.36 -50.92
C ASN J 86 -22.15 5.44 -51.54
N VAL J 87 -21.14 5.06 -50.76
CA VAL J 87 -19.76 5.19 -51.22
C VAL J 87 -18.87 4.04 -50.75
N ILE J 88 -17.94 3.67 -51.61
CA ILE J 88 -16.81 2.83 -51.23
C ILE J 88 -15.55 3.70 -51.25
N VAL J 89 -14.84 3.77 -50.13
CA VAL J 89 -13.61 4.56 -49.99
C VAL J 89 -12.42 3.59 -50.04
N ASP J 90 -11.63 3.73 -51.13
CA ASP J 90 -10.44 2.94 -51.41
C ASP J 90 -9.24 3.66 -50.81
N THR J 91 -8.68 3.08 -49.74
CA THR J 91 -7.67 3.79 -48.97
C THR J 91 -6.76 2.79 -48.26
N HIS J 92 -6.21 3.16 -47.10
CA HIS J 92 -5.20 2.32 -46.46
C HIS J 92 -5.38 2.36 -44.96
N SER J 93 -5.34 1.20 -44.33
CA SER J 93 -5.42 1.14 -42.88
C SER J 93 -4.26 1.87 -42.21
N THR J 94 -3.02 1.63 -42.66
CA THR J 94 -1.89 2.51 -42.33
C THR J 94 -1.10 2.83 -43.57
N VAL J 95 -0.44 3.98 -43.56
CA VAL J 95 0.48 4.39 -44.60
C VAL J 95 1.89 4.36 -44.04
N LYS J 96 2.81 3.73 -44.75
CA LYS J 96 4.19 3.59 -44.33
C LYS J 96 4.93 4.85 -44.73
N THR J 97 5.28 5.65 -43.76
CA THR J 97 6.08 6.83 -44.02
C THR J 97 7.47 6.57 -43.47
N PRO J 98 8.45 7.37 -43.91
CA PRO J 98 9.82 7.20 -43.37
C PRO J 98 9.91 7.36 -41.87
N LYS J 99 8.94 8.03 -41.25
CA LYS J 99 8.98 8.23 -39.80
C LYS J 99 8.08 7.22 -39.09
N GLY J 100 7.55 6.23 -39.82
CA GLY J 100 6.72 5.18 -39.28
C GLY J 100 5.35 5.09 -39.96
N TYR J 101 4.55 4.16 -39.46
CA TYR J 101 3.20 3.96 -39.95
C TYR J 101 2.29 5.10 -39.47
N LEU J 102 1.53 5.69 -40.39
CA LEU J 102 0.51 6.69 -40.05
C LEU J 102 -0.86 6.05 -40.23
N ALA J 103 -1.68 6.08 -39.17
CA ALA J 103 -3.03 5.54 -39.23
C ALA J 103 -3.77 6.27 -40.32
N GLY J 104 -4.45 5.52 -41.18
CA GLY J 104 -5.20 6.13 -42.25
C GLY J 104 -6.48 6.78 -41.78
N LEU J 105 -7.02 6.35 -40.64
CA LEU J 105 -8.23 6.92 -40.06
C LEU J 105 -7.98 7.24 -38.59
N PRO J 106 -7.15 8.23 -38.29
CA PRO J 106 -7.00 8.65 -36.90
C PRO J 106 -8.37 9.04 -36.37
N ILE J 107 -8.51 9.05 -35.05
CA ILE J 107 -9.85 9.01 -34.47
C ILE J 107 -10.74 10.11 -35.05
N TRP J 108 -10.19 11.30 -35.24
CA TRP J 108 -11.01 12.41 -35.72
C TRP J 108 -11.44 12.20 -37.16
N VAL J 109 -10.63 11.54 -37.99
CA VAL J 109 -11.07 11.22 -39.35
C VAL J 109 -12.04 10.05 -39.31
N LEU J 110 -11.77 9.08 -38.46
CA LEU J 110 -12.67 7.95 -38.31
C LEU J 110 -14.07 8.41 -37.89
N GLU J 111 -14.15 9.31 -36.90
CA GLU J 111 -15.50 9.72 -36.47
C GLU J 111 -16.19 10.66 -37.48
N GLU J 112 -15.47 11.32 -38.31
CA GLU J 112 -16.05 12.13 -39.36
C GLU J 112 -16.44 11.32 -40.60
N LEU J 113 -15.67 10.27 -40.93
CA LEU J 113 -16.07 9.37 -42.03
C LEU J 113 -17.20 8.45 -41.56
N ASN J 114 -17.16 8.05 -40.28
CA ASN J 114 -18.10 7.13 -39.68
C ASN J 114 -18.41 5.89 -40.54
N PRO J 115 -17.38 5.06 -40.79
CA PRO J 115 -17.55 3.91 -41.69
C PRO J 115 -18.39 2.82 -41.07
N ASP J 116 -19.15 2.13 -41.90
CA ASP J 116 -19.94 0.95 -41.52
C ASP J 116 -19.13 -0.34 -41.60
N ILE J 117 -18.23 -0.45 -42.57
CA ILE J 117 -17.47 -1.67 -42.80
C ILE J 117 -16.08 -1.23 -43.19
N ILE J 118 -15.08 -1.95 -42.66
CA ILE J 118 -13.68 -1.78 -43.02
C ILE J 118 -13.18 -3.09 -43.60
N VAL J 119 -12.89 -3.09 -44.88
CA VAL J 119 -12.49 -4.29 -45.60
C VAL J 119 -10.96 -4.31 -45.65
N ILE J 120 -10.38 -5.43 -45.26
CA ILE J 120 -8.94 -5.63 -45.37
C ILE J 120 -8.73 -6.63 -46.50
N VAL J 121 -8.09 -6.18 -47.57
CA VAL J 121 -7.72 -7.05 -48.69
C VAL J 121 -6.33 -7.51 -48.41
N GLU J 122 -6.12 -8.82 -48.39
CA GLU J 122 -4.85 -9.42 -48.03
C GLU J 122 -4.52 -10.54 -49.01
N THR J 123 -3.23 -10.79 -49.18
CA THR J 123 -2.76 -12.07 -49.66
C THR J 123 -1.35 -12.30 -49.13
N SER J 124 -0.75 -13.41 -49.52
CA SER J 124 0.60 -13.67 -49.02
C SER J 124 1.56 -12.62 -49.59
N SER J 125 2.52 -12.16 -48.76
CA SER J 125 3.45 -11.11 -49.15
C SER J 125 4.28 -11.54 -50.35
N ASP J 126 4.45 -12.84 -50.50
CA ASP J 126 5.00 -13.49 -51.68
C ASP J 126 4.45 -12.97 -53.01
N GLU J 127 3.11 -12.96 -53.11
CA GLU J 127 2.38 -12.58 -54.32
C GLU J 127 2.28 -11.08 -54.45
N ILE J 128 2.13 -10.40 -53.33
CA ILE J 128 2.13 -8.95 -53.36
C ILE J 128 3.42 -8.44 -53.96
N LEU J 129 4.56 -8.96 -53.48
CA LEU J 129 5.86 -8.52 -53.95
C LEU J 129 6.01 -8.74 -55.44
N MET J 130 5.63 -9.92 -55.92
CA MET J 130 5.74 -10.21 -57.35
C MET J 130 4.86 -9.29 -58.17
N ARG J 131 3.71 -8.86 -57.64
CA ARG J 131 2.89 -7.92 -58.38
C ARG J 131 3.53 -6.54 -58.43
N ARG J 132 4.11 -6.09 -57.32
CA ARG J 132 4.81 -4.81 -57.28
C ARG J 132 5.95 -4.78 -58.29
N LEU J 133 6.64 -5.91 -58.49
CA LEU J 133 7.73 -5.95 -59.45
C LEU J 133 7.25 -5.84 -60.89
N GLY J 134 6.00 -6.15 -61.18
CA GLY J 134 5.63 -6.17 -62.57
C GLY J 134 5.05 -4.86 -63.00
N ASP J 135 5.18 -3.83 -62.15
CA ASP J 135 4.44 -2.58 -62.23
C ASP J 135 5.33 -1.35 -62.35
N ALA J 136 5.50 -0.95 -63.59
CA ALA J 136 6.07 0.32 -63.98
C ALA J 136 5.02 1.44 -64.04
N THR J 137 3.78 1.19 -63.59
CA THR J 137 2.84 2.32 -63.49
C THR J 137 3.10 3.20 -62.25
N ARG J 138 3.70 2.63 -61.19
CA ARG J 138 4.01 3.36 -59.98
C ARG J 138 5.52 3.28 -59.68
N ASN J 139 5.87 3.82 -58.51
CA ASN J 139 7.12 3.53 -57.80
C ASN J 139 6.80 2.39 -56.84
N ARG J 140 6.51 1.20 -57.40
CA ARG J 140 6.05 0.10 -56.53
C ARG J 140 7.27 -0.44 -55.77
N ASP J 141 7.10 -0.44 -54.44
CA ASP J 141 8.18 -0.41 -53.46
C ASP J 141 8.81 -1.79 -53.31
N ILE J 142 10.09 -1.89 -53.69
CA ILE J 142 10.90 -3.05 -53.35
C ILE J 142 11.19 -2.95 -51.85
N GLU J 143 10.25 -3.48 -51.08
CA GLU J 143 10.44 -3.88 -49.71
C GLU J 143 10.61 -5.37 -49.75
N LEU J 144 11.25 -5.90 -48.72
CA LEU J 144 11.29 -7.33 -48.55
C LEU J 144 9.86 -7.84 -48.33
N THR J 145 9.67 -9.14 -48.49
CA THR J 145 8.38 -9.68 -48.10
C THR J 145 8.18 -9.48 -46.59
N SER J 146 9.26 -9.50 -45.81
CA SER J 146 9.06 -9.29 -44.39
C SER J 146 8.62 -7.86 -44.09
N ASP J 147 9.00 -6.89 -44.91
CA ASP J 147 8.49 -5.54 -44.73
C ASP J 147 7.01 -5.45 -45.11
N ILE J 148 6.58 -6.24 -46.11
CA ILE J 148 5.15 -6.32 -46.47
C ILE J 148 4.34 -7.04 -45.38
N ASP J 149 4.89 -8.12 -44.81
CA ASP J 149 4.25 -8.82 -43.70
C ASP J 149 4.08 -7.90 -42.50
N GLU J 150 5.13 -7.13 -42.18
CA GLU J 150 5.03 -6.14 -41.11
C GLU J 150 3.93 -5.13 -41.41
N HIS J 151 3.78 -4.71 -42.65
CA HIS J 151 2.74 -3.74 -42.95
C HIS J 151 1.35 -4.38 -42.80
N GLN J 152 1.15 -5.59 -43.34
CA GLN J 152 -0.15 -6.23 -43.18
C GLN J 152 -0.46 -6.59 -41.72
N PHE J 153 0.55 -6.89 -40.91
CA PHE J 153 0.33 -7.05 -39.48
C PHE J 153 -0.22 -5.75 -38.90
N MET J 154 0.47 -4.62 -39.13
CA MET J 154 0.01 -3.37 -38.52
C MET J 154 -1.34 -2.94 -39.06
N ASN J 155 -1.62 -3.24 -40.33
CA ASN J 155 -2.92 -2.89 -40.86
C ASN J 155 -4.03 -3.61 -40.12
N ARG J 156 -3.80 -4.86 -39.72
CA ARG J 156 -4.84 -5.55 -38.96
C ARG J 156 -5.05 -4.85 -37.64
N CYS J 157 -3.95 -4.47 -36.98
CA CYS J 157 -4.05 -3.81 -35.67
C CYS J 157 -4.82 -2.51 -35.76
N ALA J 158 -4.42 -1.61 -36.64
CA ALA J 158 -5.16 -0.35 -36.70
C ALA J 158 -6.64 -0.57 -37.04
N ALA J 159 -6.93 -1.47 -37.99
CA ALA J 159 -8.30 -1.67 -38.42
C ALA J 159 -9.20 -2.19 -37.30
N MET J 160 -8.71 -3.12 -36.50
CA MET J 160 -9.49 -3.60 -35.39
C MET J 160 -9.68 -2.50 -34.36
N ALA J 161 -8.68 -1.63 -34.21
CA ALA J 161 -8.87 -0.45 -33.37
C ALA J 161 -9.99 0.44 -33.92
N TYR J 162 -10.02 0.64 -35.24
CA TYR J 162 -11.13 1.41 -35.82
C TYR J 162 -12.46 0.77 -35.45
N GLY J 163 -12.52 -0.56 -35.47
CA GLY J 163 -13.76 -1.23 -35.15
C GLY J 163 -14.17 -1.14 -33.69
N VAL J 164 -13.19 -1.14 -32.77
CA VAL J 164 -13.46 -0.95 -31.36
C VAL J 164 -14.02 0.44 -31.12
N LEU J 165 -13.56 1.43 -31.85
CA LEU J 165 -13.96 2.81 -31.58
C LEU J 165 -15.31 3.17 -32.17
N THR J 166 -15.70 2.58 -33.31
CA THR J 166 -16.92 2.99 -33.99
C THR J 166 -18.00 1.94 -34.05
N GLY J 167 -17.69 0.68 -33.91
CA GLY J 167 -18.66 -0.38 -34.14
C GLY J 167 -18.64 -0.94 -35.54
N ALA J 168 -17.75 -0.45 -36.41
CA ALA J 168 -17.61 -0.92 -37.76
C ALA J 168 -17.16 -2.36 -37.69
N THR J 169 -17.65 -3.20 -38.61
CA THR J 169 -17.20 -4.58 -38.70
C THR J 169 -15.97 -4.61 -39.59
N VAL J 170 -15.08 -5.55 -39.31
CA VAL J 170 -13.77 -5.63 -39.97
C VAL J 170 -13.69 -6.93 -40.74
N LYS J 171 -13.80 -6.84 -42.05
CA LYS J 171 -13.91 -7.99 -42.92
C LYS J 171 -12.59 -8.16 -43.67
N ILE J 172 -12.02 -9.35 -43.57
CA ILE J 172 -10.82 -9.71 -44.29
C ILE J 172 -11.22 -10.49 -45.51
N ILE J 173 -10.73 -10.05 -46.66
CA ILE J 173 -11.00 -10.68 -47.94
C ILE J 173 -9.66 -11.00 -48.58
N LYS J 174 -9.44 -12.28 -48.89
CA LYS J 174 -8.25 -12.75 -49.59
C LYS J 174 -8.40 -12.52 -51.09
N ASN J 175 -7.39 -11.92 -51.72
CA ASN J 175 -7.36 -11.65 -53.16
C ASN J 175 -6.13 -12.39 -53.68
N ARG J 176 -6.27 -13.70 -53.92
CA ARG J 176 -5.14 -14.55 -54.26
C ARG J 176 -4.94 -14.56 -55.77
N ASP J 177 -3.69 -14.76 -56.20
CA ASP J 177 -3.35 -14.68 -57.62
C ASP J 177 -4.26 -15.59 -58.43
N GLY J 178 -4.86 -15.03 -59.46
CA GLY J 178 -5.72 -15.79 -60.32
C GLY J 178 -7.13 -15.91 -59.85
N LEU J 179 -7.45 -15.40 -58.66
CA LEU J 179 -8.73 -15.62 -58.00
C LEU J 179 -9.36 -14.30 -57.58
N LEU J 180 -9.18 -13.25 -58.39
CA LEU J 180 -9.84 -11.99 -58.09
C LEU J 180 -11.35 -12.16 -58.04
N ASP J 181 -11.91 -12.97 -58.95
CA ASP J 181 -13.34 -13.12 -59.02
C ASP J 181 -13.91 -13.60 -57.68
N LYS J 182 -13.18 -14.45 -56.95
CA LYS J 182 -13.64 -14.86 -55.63
C LYS J 182 -13.64 -13.73 -54.62
N ALA J 183 -12.67 -12.81 -54.70
CA ALA J 183 -12.70 -11.69 -53.77
C ALA J 183 -13.86 -10.75 -54.07
N VAL J 184 -14.15 -10.54 -55.36
CA VAL J 184 -15.31 -9.72 -55.74
C VAL J 184 -16.62 -10.41 -55.33
N GLU J 185 -16.72 -11.70 -55.49
CA GLU J 185 -17.88 -12.45 -55.03
C GLU J 185 -18.14 -12.24 -53.54
N GLU J 186 -17.06 -12.30 -52.73
CA GLU J 186 -17.23 -12.15 -51.29
C GLU J 186 -17.67 -10.73 -50.95
N LEU J 187 -17.10 -9.73 -51.62
CA LEU J 187 -17.40 -8.33 -51.32
C LEU J 187 -18.79 -7.92 -51.76
N ILE J 188 -19.22 -8.36 -52.95
CA ILE J 188 -20.59 -8.13 -53.33
C ILE J 188 -21.52 -8.71 -52.29
N SER J 189 -21.21 -9.93 -51.85
CA SER J 189 -22.01 -10.59 -50.82
C SER J 189 -22.07 -9.74 -49.55
N VAL J 190 -20.97 -9.10 -49.20
CA VAL J 190 -21.00 -8.20 -48.05
C VAL J 190 -21.84 -6.95 -48.31
N LEU J 191 -22.01 -6.50 -49.56
CA LEU J 191 -22.69 -5.25 -49.84
C LEU J 191 -24.16 -5.44 -50.21
N LYS J 192 -24.78 -6.53 -49.77
CA LYS J 192 -26.21 -6.73 -50.03
C LYS J 192 -27.01 -6.73 -48.72
N LYS K 2 6.59 24.42 -30.06
CA LYS K 2 5.99 23.13 -29.63
C LYS K 2 7.00 21.97 -29.77
N ASN K 3 7.60 21.65 -28.63
CA ASN K 3 8.71 20.70 -28.50
C ASN K 3 8.34 19.28 -28.94
N LYS K 4 9.38 18.50 -29.26
CA LYS K 4 9.22 17.13 -29.74
C LYS K 4 9.09 16.13 -28.59
N VAL K 5 8.17 15.19 -28.74
CA VAL K 5 7.95 14.14 -27.76
C VAL K 5 8.10 12.82 -28.52
N VAL K 6 9.18 12.10 -28.23
CA VAL K 6 9.46 10.81 -28.85
C VAL K 6 9.39 9.76 -27.77
N VAL K 7 8.62 8.70 -28.04
CA VAL K 7 8.54 7.55 -27.16
C VAL K 7 9.34 6.40 -27.77
N VAL K 8 10.22 5.81 -26.97
CA VAL K 8 10.95 4.60 -27.34
C VAL K 8 10.49 3.48 -26.42
N THR K 9 10.04 2.38 -27.04
CA THR K 9 9.48 1.23 -26.34
C THR K 9 10.23 -0.03 -26.78
N GLY K 10 10.20 -1.06 -25.94
CA GLY K 10 10.81 -2.33 -26.26
C GLY K 10 10.71 -3.29 -25.09
N VAL K 11 10.66 -4.59 -25.33
CA VAL K 11 10.52 -5.51 -24.19
C VAL K 11 11.81 -5.41 -23.37
N PRO K 12 11.76 -5.73 -22.08
CA PRO K 12 12.99 -5.80 -21.30
C PRO K 12 14.05 -6.60 -22.05
N GLY K 13 15.28 -6.08 -22.06
CA GLY K 13 16.37 -6.78 -22.68
C GLY K 13 16.60 -6.45 -24.14
N VAL K 14 15.66 -5.75 -24.78
CA VAL K 14 15.74 -5.53 -26.22
C VAL K 14 16.61 -4.35 -26.57
N GLY K 15 16.93 -3.50 -25.60
CA GLY K 15 17.85 -2.40 -25.82
C GLY K 15 17.24 -1.05 -26.01
N GLY K 16 16.02 -0.81 -25.52
CA GLY K 16 15.44 0.51 -25.58
C GLY K 16 16.28 1.58 -24.89
N THR K 17 16.75 1.29 -23.68
CA THR K 17 17.56 2.26 -22.96
C THR K 17 18.89 2.49 -23.69
N THR K 18 19.58 1.42 -24.06
CA THR K 18 20.89 1.58 -24.70
C THR K 18 20.79 2.37 -26.00
N LEU K 19 19.79 2.08 -26.81
CA LEU K 19 19.61 2.81 -28.05
C LEU K 19 19.34 4.29 -27.77
N THR K 20 18.56 4.57 -26.72
CA THR K 20 18.22 5.94 -26.35
C THR K 20 19.42 6.74 -25.88
N GLN K 21 20.28 6.14 -25.06
CA GLN K 21 21.48 6.85 -24.59
C GLN K 21 22.44 7.10 -25.75
N LYS K 22 22.70 6.07 -26.56
CA LYS K 22 23.67 6.20 -27.65
C LYS K 22 23.20 7.25 -28.66
N THR K 23 21.90 7.32 -28.87
CA THR K 23 21.33 8.25 -29.83
C THR K 23 21.41 9.71 -29.33
N ILE K 24 21.09 9.95 -28.06
CA ILE K 24 20.94 11.31 -27.60
C ILE K 24 22.23 12.09 -27.68
N GLU K 25 23.35 11.45 -27.26
CA GLU K 25 24.59 12.19 -27.17
C GLU K 25 25.21 12.37 -28.55
N LYS K 26 25.08 11.35 -29.43
CA LYS K 26 25.57 11.61 -30.79
C LYS K 26 24.69 12.65 -31.48
N LEU K 27 23.47 12.82 -31.02
CA LEU K 27 22.72 14.01 -31.47
C LEU K 27 23.28 15.32 -30.86
N LYS K 28 23.74 15.28 -29.64
CA LYS K 28 24.34 16.48 -29.05
C LYS K 28 25.56 16.95 -29.86
N GLU K 29 26.14 16.05 -30.66
CA GLU K 29 27.27 16.36 -31.55
C GLU K 29 26.81 17.04 -32.82
N GLU K 30 25.56 16.84 -33.26
CA GLU K 30 25.05 17.64 -34.36
C GLU K 30 24.31 18.87 -33.85
N GLY K 31 24.27 19.06 -32.54
CA GLY K 31 23.60 20.19 -31.94
C GLY K 31 22.12 20.03 -31.68
N ILE K 32 21.63 18.81 -31.61
CA ILE K 32 20.21 18.53 -31.48
C ILE K 32 19.95 18.04 -30.06
N GLU K 33 19.27 18.85 -29.26
CA GLU K 33 19.12 18.59 -27.83
C GLU K 33 17.79 17.90 -27.51
N TYR K 34 17.88 16.68 -26.97
CA TYR K 34 16.76 15.98 -26.34
C TYR K 34 17.17 15.64 -24.91
N LYS K 35 16.20 15.59 -24.01
CA LYS K 35 16.45 15.15 -22.63
C LYS K 35 16.02 13.70 -22.47
N MET K 36 16.85 12.89 -21.83
CA MET K 36 16.45 11.51 -21.57
C MET K 36 15.57 11.45 -20.32
N VAL K 37 14.46 10.71 -20.40
CA VAL K 37 13.57 10.46 -19.27
C VAL K 37 13.15 9.00 -19.36
N ASN K 38 13.54 8.20 -18.38
CA ASN K 38 13.08 6.82 -18.28
C ASN K 38 11.81 6.82 -17.45
N PHE K 39 10.68 6.47 -18.06
CA PHE K 39 9.40 6.47 -17.36
C PHE K 39 9.48 5.66 -16.07
N GLY K 40 10.17 4.52 -16.12
CA GLY K 40 10.17 3.63 -14.97
C GLY K 40 10.86 4.19 -13.76
N THR K 41 11.95 4.95 -13.96
CA THR K 41 12.63 5.60 -12.86
C THR K 41 11.72 6.58 -12.16
N VAL K 42 10.95 7.34 -12.94
CA VAL K 42 10.02 8.31 -12.37
C VAL K 42 9.01 7.60 -11.48
N MET K 43 8.49 6.45 -11.91
CA MET K 43 7.58 5.67 -11.06
C MET K 43 8.28 5.18 -9.80
N PHE K 44 9.52 4.70 -9.93
CA PHE K 44 10.27 4.07 -8.84
C PHE K 44 10.56 5.06 -7.70
N GLU K 45 10.73 6.34 -8.02
CA GLU K 45 10.85 7.33 -6.96
C GLU K 45 9.60 7.35 -6.09
N VAL K 46 8.42 7.40 -6.71
CA VAL K 46 7.18 7.44 -5.93
C VAL K 46 6.97 6.14 -5.18
N ALA K 47 7.12 5.01 -5.86
CA ALA K 47 6.89 3.71 -5.21
C ALA K 47 7.88 3.52 -4.07
N LYS K 48 9.14 3.92 -4.29
CA LYS K 48 10.19 3.85 -3.28
C LYS K 48 9.98 4.85 -2.15
N GLU K 49 9.41 6.01 -2.46
CA GLU K 49 9.07 6.97 -1.42
C GLU K 49 7.88 6.48 -0.59
N GLU K 50 6.99 5.69 -1.19
CA GLU K 50 5.83 5.13 -0.50
C GLU K 50 6.09 3.78 0.17
N GLY K 51 7.27 3.18 0.03
CA GLY K 51 7.57 1.94 0.73
C GLY K 51 7.01 0.66 0.14
N LEU K 52 6.65 0.66 -1.14
CA LEU K 52 6.06 -0.51 -1.79
C LEU K 52 7.11 -1.48 -2.31
N VAL K 53 8.30 -0.97 -2.65
CA VAL K 53 9.35 -1.75 -3.30
C VAL K 53 10.73 -1.23 -2.91
N GLU K 54 11.73 -2.09 -3.07
CA GLU K 54 13.14 -1.72 -2.95
C GLU K 54 13.84 -1.58 -4.30
N ASP K 55 13.44 -2.33 -5.33
CA ASP K 55 14.07 -2.20 -6.64
C ASP K 55 12.99 -2.16 -7.71
N ARG K 56 13.40 -1.69 -8.89
CA ARG K 56 12.47 -1.34 -9.96
C ARG K 56 11.83 -2.55 -10.64
N ASP K 57 12.41 -3.74 -10.47
CA ASP K 57 11.84 -4.94 -11.06
C ASP K 57 10.76 -5.57 -10.20
N GLN K 58 10.48 -4.98 -9.04
CA GLN K 58 9.34 -5.38 -8.24
C GLN K 58 8.09 -4.57 -8.57
N MET K 59 8.24 -3.42 -9.25
CA MET K 59 7.09 -2.56 -9.46
C MET K 59 6.05 -3.24 -10.33
N ARG K 60 6.48 -3.93 -11.39
CA ARG K 60 5.49 -4.57 -12.26
C ARG K 60 4.82 -5.76 -11.61
N LYS K 61 5.26 -6.18 -10.42
CA LYS K 61 4.65 -7.28 -9.68
C LYS K 61 3.70 -6.75 -8.61
N LEU K 62 3.52 -5.43 -8.55
CA LEU K 62 2.59 -4.76 -7.64
C LEU K 62 1.15 -4.83 -8.15
N ASP K 63 0.24 -4.63 -7.23
CA ASP K 63 -1.19 -4.47 -7.47
C ASP K 63 -1.35 -3.56 -8.67
N PRO K 64 -2.10 -3.97 -9.71
CA PRO K 64 -2.19 -3.10 -10.89
C PRO K 64 -2.91 -1.78 -10.65
N ASP K 65 -3.80 -1.68 -9.65
CA ASP K 65 -4.40 -0.38 -9.31
C ASP K 65 -3.37 0.57 -8.72
N THR K 66 -2.46 0.04 -7.89
CA THR K 66 -1.34 0.85 -7.44
C THR K 66 -0.43 1.26 -8.58
N GLN K 67 -0.17 0.34 -9.51
CA GLN K 67 0.72 0.68 -10.62
C GLN K 67 0.16 1.80 -11.46
N LYS K 68 -1.15 1.75 -11.75
CA LYS K 68 -1.79 2.77 -12.56
C LYS K 68 -1.90 4.09 -11.81
N ARG K 69 -2.03 4.04 -10.48
CA ARG K 69 -2.00 5.27 -9.68
C ARG K 69 -0.64 5.96 -9.78
N ILE K 70 0.43 5.18 -9.64
CA ILE K 70 1.79 5.73 -9.75
C ILE K 70 2.12 6.04 -11.21
N GLN K 71 1.56 5.27 -12.15
CA GLN K 71 1.80 5.48 -13.57
C GLN K 71 1.46 6.87 -14.04
N LYS K 72 0.25 7.35 -13.63
CA LYS K 72 -0.21 8.68 -14.10
C LYS K 72 0.61 9.82 -13.49
N LEU K 73 0.91 9.75 -12.21
CA LEU K 73 1.73 10.81 -11.64
C LEU K 73 3.03 10.95 -12.41
N ALA K 74 3.61 9.81 -12.81
CA ALA K 74 4.80 9.84 -13.64
C ALA K 74 4.50 10.49 -14.98
N GLY K 75 3.28 10.27 -15.52
CA GLY K 75 2.86 10.91 -16.75
C GLY K 75 2.72 12.42 -16.62
N ARG K 76 2.27 12.90 -15.42
CA ARG K 76 2.11 14.35 -15.24
C ARG K 76 3.46 15.07 -15.20
N LYS K 77 4.47 14.49 -14.56
CA LYS K 77 5.80 15.08 -14.52
C LYS K 77 6.53 15.01 -15.86
N ILE K 78 6.33 13.93 -16.61
CA ILE K 78 7.02 13.81 -17.89
C ILE K 78 6.45 14.81 -18.88
N ALA K 79 5.13 14.99 -18.86
CA ALA K 79 4.50 15.99 -19.72
C ALA K 79 5.04 17.39 -19.44
N GLU K 80 5.25 17.70 -18.15
CA GLU K 80 5.81 18.98 -17.73
C GLU K 80 7.27 19.12 -18.15
N MET K 81 8.05 18.03 -18.11
CA MET K 81 9.40 18.11 -18.66
C MET K 81 9.34 18.51 -20.13
N ALA K 82 8.30 18.03 -20.83
CA ALA K 82 8.12 18.42 -22.24
C ALA K 82 7.85 19.91 -22.42
N LYS K 83 7.33 20.62 -21.45
CA LYS K 83 7.07 22.03 -21.54
C LYS K 83 8.33 22.85 -21.61
N GLU K 84 9.43 22.31 -20.99
CA GLU K 84 10.73 22.99 -20.84
C GLU K 84 11.83 22.48 -21.78
N SER K 85 11.68 21.36 -22.47
CA SER K 85 12.69 20.89 -23.41
C SER K 85 12.10 19.83 -24.33
N ASN K 86 12.82 19.56 -25.44
CA ASN K 86 12.62 18.32 -26.21
C ASN K 86 12.92 17.13 -25.32
N VAL K 87 12.19 16.03 -25.54
CA VAL K 87 12.28 14.89 -24.64
C VAL K 87 12.13 13.57 -25.40
N ILE K 88 12.93 12.58 -25.01
CA ILE K 88 12.73 11.18 -25.39
C ILE K 88 12.33 10.42 -24.15
N VAL K 89 11.18 9.75 -24.22
CA VAL K 89 10.62 9.00 -23.11
C VAL K 89 10.94 7.52 -23.33
N ASP K 90 11.79 6.98 -22.46
CA ASP K 90 12.18 5.57 -22.49
C ASP K 90 11.19 4.77 -21.63
N THR K 91 10.37 3.96 -22.29
CA THR K 91 9.32 3.27 -21.54
C THR K 91 8.90 1.99 -22.26
N HIS K 92 7.62 1.69 -22.16
CA HIS K 92 7.06 0.43 -22.60
C HIS K 92 5.68 0.61 -23.20
N SER K 93 5.51 -0.05 -24.34
CA SER K 93 4.21 -0.10 -25.00
C SER K 93 3.23 -0.81 -24.09
N THR K 94 3.62 -1.97 -23.55
CA THR K 94 2.93 -2.60 -22.43
C THR K 94 3.95 -3.19 -21.45
N VAL K 95 3.52 -3.30 -20.18
CA VAL K 95 4.26 -3.94 -19.10
C VAL K 95 3.59 -5.27 -18.74
N LYS K 96 4.37 -6.32 -18.59
CA LYS K 96 3.88 -7.65 -18.23
C LYS K 96 3.77 -7.79 -16.72
N THR K 97 2.53 -7.80 -16.22
CA THR K 97 2.26 -8.05 -14.81
C THR K 97 1.66 -9.43 -14.60
N PRO K 98 1.60 -9.90 -13.35
CA PRO K 98 0.92 -11.17 -13.07
C PRO K 98 -0.57 -11.16 -13.41
N LYS K 99 -1.20 -10.00 -13.49
CA LYS K 99 -2.62 -9.90 -13.80
C LYS K 99 -2.83 -9.56 -15.28
N GLY K 100 -1.76 -9.65 -16.07
CA GLY K 100 -1.83 -9.47 -17.50
C GLY K 100 -0.99 -8.30 -17.98
N TYR K 101 -1.08 -8.08 -19.30
CA TYR K 101 -0.45 -6.95 -19.97
C TYR K 101 -1.15 -5.66 -19.58
N LEU K 102 -0.36 -4.68 -19.14
CA LEU K 102 -0.84 -3.35 -18.79
C LEU K 102 -0.38 -2.33 -19.82
N ALA K 103 -1.33 -1.60 -20.41
CA ALA K 103 -0.95 -0.54 -21.32
C ALA K 103 -0.05 0.46 -20.62
N GLY K 104 1.09 0.77 -21.25
CA GLY K 104 2.00 1.76 -20.68
C GLY K 104 1.52 3.19 -20.83
N LEU K 105 0.69 3.45 -21.83
CA LEU K 105 0.15 4.77 -22.12
C LEU K 105 -1.37 4.62 -22.27
N PRO K 106 -2.07 4.27 -21.21
CA PRO K 106 -3.53 4.29 -21.29
C PRO K 106 -4.00 5.66 -21.77
N ILE K 107 -5.22 5.70 -22.28
CA ILE K 107 -5.66 6.85 -23.06
C ILE K 107 -5.37 8.17 -22.31
N TRP K 108 -5.55 8.20 -20.98
CA TRP K 108 -5.38 9.45 -20.23
C TRP K 108 -3.91 9.87 -20.14
N VAL K 109 -2.97 8.91 -20.05
CA VAL K 109 -1.55 9.26 -20.10
C VAL K 109 -1.15 9.61 -21.53
N LEU K 110 -1.65 8.86 -22.50
CA LEU K 110 -1.36 9.13 -23.89
C LEU K 110 -1.72 10.56 -24.26
N GLU K 111 -2.90 11.00 -23.82
CA GLU K 111 -3.39 12.34 -24.18
C GLU K 111 -2.61 13.43 -23.46
N GLU K 112 -1.94 13.12 -22.34
CA GLU K 112 -1.11 14.06 -21.60
C GLU K 112 0.30 14.19 -22.16
N LEU K 113 0.86 13.13 -22.73
CA LEU K 113 2.13 13.27 -23.41
C LEU K 113 1.96 13.85 -24.81
N ASN K 114 0.90 13.43 -25.51
CA ASN K 114 0.70 13.74 -26.92
C ASN K 114 1.99 13.50 -27.72
N PRO K 115 2.46 12.25 -27.77
CA PRO K 115 3.73 11.98 -28.44
C PRO K 115 3.62 12.16 -29.94
N ASP K 116 4.71 12.62 -30.53
CA ASP K 116 4.81 12.78 -31.98
C ASP K 116 5.22 11.49 -32.68
N ILE K 117 6.05 10.67 -32.05
CA ILE K 117 6.56 9.45 -32.67
C ILE K 117 6.62 8.40 -31.57
N ILE K 118 6.21 7.19 -31.92
CA ILE K 118 6.32 6.04 -31.03
C ILE K 118 7.20 5.01 -31.73
N VAL K 119 8.38 4.76 -31.18
CA VAL K 119 9.35 3.83 -31.74
C VAL K 119 9.22 2.51 -31.00
N ILE K 120 9.18 1.42 -31.75
CA ILE K 120 9.21 0.06 -31.20
C ILE K 120 10.56 -0.53 -31.54
N VAL K 121 11.33 -0.84 -30.54
CA VAL K 121 12.60 -1.49 -30.72
C VAL K 121 12.35 -2.98 -30.64
N GLU K 122 12.80 -3.71 -31.67
CA GLU K 122 12.60 -5.16 -31.76
C GLU K 122 13.87 -5.89 -32.19
N THR K 123 13.97 -7.15 -31.77
CA THR K 123 14.84 -8.12 -32.43
C THR K 123 14.30 -9.52 -32.07
N SER K 124 15.01 -10.56 -32.46
CA SER K 124 14.51 -11.91 -32.23
C SER K 124 14.49 -12.27 -30.75
N SER K 125 13.52 -13.11 -30.35
CA SER K 125 13.39 -13.52 -28.96
C SER K 125 14.61 -14.30 -28.47
N ASP K 126 15.31 -14.99 -29.38
CA ASP K 126 16.60 -15.58 -29.05
C ASP K 126 17.57 -14.56 -28.44
N GLU K 127 17.74 -13.41 -29.12
CA GLU K 127 18.72 -12.41 -28.71
C GLU K 127 18.27 -11.71 -27.43
N ILE K 128 16.96 -11.48 -27.25
CA ILE K 128 16.45 -10.89 -26.02
C ILE K 128 16.74 -11.79 -24.82
N LEU K 129 16.40 -13.08 -24.92
CA LEU K 129 16.61 -13.94 -23.76
C LEU K 129 18.09 -13.95 -23.40
N MET K 130 18.94 -14.14 -24.40
CA MET K 130 20.38 -14.23 -24.14
C MET K 130 20.91 -12.91 -23.54
N ARG K 131 20.33 -11.76 -23.94
CA ARG K 131 20.74 -10.49 -23.30
C ARG K 131 20.30 -10.42 -21.85
N ARG K 132 19.07 -10.86 -21.54
CA ARG K 132 18.61 -10.86 -20.15
C ARG K 132 19.54 -11.73 -19.29
N LEU K 133 20.00 -12.85 -19.83
CA LEU K 133 20.91 -13.75 -19.13
C LEU K 133 22.30 -13.14 -18.96
N GLY K 134 22.65 -12.15 -19.77
CA GLY K 134 23.95 -11.51 -19.69
C GLY K 134 23.96 -10.24 -18.88
N ASP K 135 22.88 -9.95 -18.18
CA ASP K 135 22.65 -8.66 -17.55
C ASP K 135 22.45 -8.88 -16.06
N ALA K 136 23.50 -8.74 -15.28
CA ALA K 136 23.35 -8.78 -13.83
C ALA K 136 22.97 -7.43 -13.21
N THR K 137 22.73 -6.38 -13.99
CA THR K 137 22.18 -5.15 -13.44
C THR K 137 20.68 -5.27 -13.17
N ARG K 138 20.00 -6.15 -13.88
CA ARG K 138 18.57 -6.34 -13.70
C ARG K 138 18.19 -7.79 -13.48
N ASN K 139 17.54 -8.07 -12.34
CA ASN K 139 16.83 -9.33 -12.12
C ASN K 139 15.92 -9.51 -13.32
N ARG K 140 16.50 -9.70 -14.51
CA ARG K 140 15.73 -9.73 -15.76
C ARG K 140 14.99 -11.06 -15.88
N ASP K 141 13.70 -10.96 -16.20
CA ASP K 141 12.84 -12.12 -16.15
C ASP K 141 13.14 -12.98 -17.37
N ILE K 142 13.70 -14.15 -17.10
CA ILE K 142 13.91 -15.28 -18.00
C ILE K 142 12.52 -15.88 -18.22
N GLU K 143 11.94 -15.54 -19.35
CA GLU K 143 10.77 -16.21 -19.86
C GLU K 143 11.19 -17.19 -20.94
N LEU K 144 10.22 -17.98 -21.39
CA LEU K 144 10.37 -18.68 -22.64
C LEU K 144 10.47 -17.65 -23.74
N THR K 145 11.13 -18.04 -24.85
CA THR K 145 11.22 -17.16 -26.01
C THR K 145 9.85 -16.88 -26.61
N SER K 146 8.92 -17.83 -26.54
CA SER K 146 7.58 -17.59 -27.03
C SER K 146 6.81 -16.60 -26.17
N ASP K 147 7.13 -16.53 -24.88
CA ASP K 147 6.55 -15.49 -24.04
C ASP K 147 7.11 -14.12 -24.37
N ILE K 148 8.35 -14.06 -24.82
CA ILE K 148 8.89 -12.79 -25.29
C ILE K 148 8.23 -12.40 -26.60
N ASP K 149 8.05 -13.35 -27.49
CA ASP K 149 7.30 -13.10 -28.73
C ASP K 149 5.86 -12.70 -28.44
N GLU K 150 5.20 -13.37 -27.49
CA GLU K 150 3.85 -12.93 -27.13
C GLU K 150 3.84 -11.45 -26.70
N HIS K 151 4.85 -11.03 -25.92
CA HIS K 151 4.96 -9.62 -25.49
C HIS K 151 5.22 -8.66 -26.67
N GLN K 152 6.09 -9.02 -27.61
CA GLN K 152 6.32 -8.14 -28.76
C GLN K 152 5.07 -8.01 -29.65
N PHE K 153 4.28 -9.08 -29.72
CA PHE K 153 2.99 -9.01 -30.41
C PHE K 153 2.08 -8.00 -29.73
N MET K 154 1.90 -8.11 -28.41
CA MET K 154 0.95 -7.21 -27.76
C MET K 154 1.44 -5.77 -27.81
N ASN K 155 2.77 -5.57 -27.82
CA ASN K 155 3.32 -4.22 -27.89
C ASN K 155 2.98 -3.56 -29.22
N ARG K 156 3.01 -4.32 -30.32
CA ARG K 156 2.64 -3.77 -31.61
C ARG K 156 1.16 -3.37 -31.63
N CYS K 157 0.30 -4.21 -31.06
CA CYS K 157 -1.13 -3.89 -30.98
C CYS K 157 -1.35 -2.61 -30.22
N ALA K 158 -0.77 -2.51 -29.03
CA ALA K 158 -0.98 -1.31 -28.22
C ALA K 158 -0.46 -0.07 -28.92
N ALA K 159 0.73 -0.17 -29.50
CA ALA K 159 1.35 0.98 -30.15
C ALA K 159 0.52 1.48 -31.31
N MET K 160 -0.03 0.57 -32.13
CA MET K 160 -0.82 1.06 -33.26
C MET K 160 -2.09 1.75 -32.76
N ALA K 161 -2.64 1.28 -31.64
CA ALA K 161 -3.77 1.97 -31.05
C ALA K 161 -3.38 3.40 -30.64
N TYR K 162 -2.15 3.58 -30.14
CA TYR K 162 -1.69 4.90 -29.77
C TYR K 162 -1.68 5.82 -30.97
N GLY K 163 -1.18 5.31 -32.10
CA GLY K 163 -1.11 6.12 -33.30
C GLY K 163 -2.46 6.42 -33.88
N VAL K 164 -3.41 5.49 -33.71
CA VAL K 164 -4.76 5.80 -34.18
C VAL K 164 -5.34 6.93 -33.37
N LEU K 165 -5.09 6.91 -32.06
CA LEU K 165 -5.73 7.83 -31.15
C LEU K 165 -5.10 9.22 -31.15
N THR K 166 -3.78 9.32 -31.35
CA THR K 166 -3.10 10.60 -31.26
C THR K 166 -2.64 11.15 -32.60
N GLY K 167 -2.50 10.29 -33.60
CA GLY K 167 -1.92 10.66 -34.87
C GLY K 167 -0.43 10.42 -34.94
N ALA K 168 0.18 9.91 -33.87
CA ALA K 168 1.61 9.65 -33.88
C ALA K 168 1.94 8.53 -34.85
N THR K 169 3.09 8.66 -35.54
CA THR K 169 3.58 7.59 -36.39
C THR K 169 4.31 6.58 -35.54
N VAL K 170 4.19 5.32 -35.95
CA VAL K 170 4.69 4.17 -35.22
C VAL K 170 5.79 3.56 -36.06
N LYS K 171 7.02 3.72 -35.61
CA LYS K 171 8.22 3.33 -36.34
C LYS K 171 8.83 2.10 -35.69
N ILE K 172 9.09 1.08 -36.49
CA ILE K 172 9.76 -0.13 -36.00
C ILE K 172 11.24 -0.12 -36.42
N ILE K 173 12.10 -0.36 -35.44
CA ILE K 173 13.54 -0.34 -35.61
C ILE K 173 14.11 -1.64 -35.06
N LYS K 174 14.81 -2.37 -35.93
CA LYS K 174 15.49 -3.59 -35.52
C LYS K 174 16.81 -3.22 -34.87
N ASN K 175 17.03 -3.74 -33.66
CA ASN K 175 18.25 -3.55 -32.89
C ASN K 175 18.90 -4.92 -32.75
N ARG K 176 19.65 -5.32 -33.75
CA ARG K 176 20.22 -6.67 -33.81
C ARG K 176 21.61 -6.73 -33.17
N ASP K 177 21.93 -7.91 -32.65
CA ASP K 177 23.20 -8.10 -31.98
C ASP K 177 24.33 -7.67 -32.90
N GLY K 178 25.22 -6.82 -32.36
CA GLY K 178 26.37 -6.30 -33.07
C GLY K 178 26.07 -5.11 -33.92
N LEU K 179 24.80 -4.74 -34.06
CA LEU K 179 24.35 -3.69 -34.97
C LEU K 179 23.62 -2.59 -34.21
N LEU K 180 24.04 -2.36 -32.96
CA LEU K 180 23.46 -1.26 -32.20
C LEU K 180 23.63 0.04 -32.98
N ASP K 181 24.77 0.19 -33.65
CA ASP K 181 25.03 1.41 -34.40
C ASP K 181 24.04 1.57 -35.57
N LYS K 182 23.66 0.48 -36.25
CA LYS K 182 22.70 0.67 -37.35
C LYS K 182 21.34 1.18 -36.85
N ALA K 183 20.94 0.75 -35.65
CA ALA K 183 19.68 1.23 -35.09
C ALA K 183 19.75 2.70 -34.69
N VAL K 184 20.92 3.15 -34.19
CA VAL K 184 21.10 4.55 -33.84
C VAL K 184 21.05 5.41 -35.10
N GLU K 185 21.75 4.98 -36.14
CA GLU K 185 21.72 5.66 -37.43
C GLU K 185 20.31 5.85 -37.95
N GLU K 186 19.48 4.79 -37.84
CA GLU K 186 18.08 4.87 -38.27
C GLU K 186 17.27 5.80 -37.40
N LEU K 187 17.46 5.77 -36.08
CA LEU K 187 16.66 6.63 -35.22
C LEU K 187 17.04 8.10 -35.38
N ILE K 188 18.33 8.38 -35.55
CA ILE K 188 18.76 9.76 -35.80
C ILE K 188 18.06 10.32 -37.03
N SER K 189 17.96 9.50 -38.09
CA SER K 189 17.27 9.92 -39.31
C SER K 189 15.79 10.22 -39.07
N VAL K 190 15.14 9.44 -38.20
CA VAL K 190 13.72 9.63 -37.90
C VAL K 190 13.52 10.97 -37.21
N LEU K 191 14.61 11.71 -36.96
CA LEU K 191 14.62 12.96 -36.21
C LEU K 191 15.28 14.03 -37.10
N LYS K 192 14.45 14.66 -37.95
CA LYS K 192 14.96 15.70 -38.86
C LYS K 192 14.40 17.11 -38.72
N LYS L 2 -15.79 -0.22 -7.47
CA LYS L 2 -16.16 -0.67 -6.13
C LYS L 2 -15.98 -2.21 -6.19
N ASN L 3 -16.74 -2.85 -7.06
CA ASN L 3 -16.74 -4.29 -7.18
C ASN L 3 -15.90 -4.73 -8.36
N LYS L 4 -15.43 -5.96 -8.30
CA LYS L 4 -14.54 -6.49 -9.32
C LYS L 4 -15.32 -7.03 -10.50
N VAL L 5 -14.87 -6.66 -11.71
CA VAL L 5 -15.47 -7.06 -12.97
C VAL L 5 -14.38 -7.68 -13.84
N VAL L 6 -14.50 -8.96 -14.12
CA VAL L 6 -13.55 -9.71 -14.94
C VAL L 6 -14.26 -10.17 -16.20
N VAL L 7 -13.64 -9.93 -17.35
CA VAL L 7 -14.13 -10.40 -18.64
C VAL L 7 -13.22 -11.54 -19.10
N VAL L 8 -13.83 -12.68 -19.43
CA VAL L 8 -13.11 -13.84 -19.97
C VAL L 8 -13.57 -14.02 -21.40
N THR L 9 -12.60 -14.11 -22.33
CA THR L 9 -12.86 -14.16 -23.77
C THR L 9 -12.13 -15.34 -24.40
N GLY L 10 -12.60 -15.74 -25.58
CA GLY L 10 -12.01 -16.86 -26.27
C GLY L 10 -12.84 -17.27 -27.47
N VAL L 11 -12.20 -17.79 -28.51
CA VAL L 11 -12.97 -18.21 -29.67
C VAL L 11 -13.83 -19.40 -29.24
N PRO L 12 -14.98 -19.62 -29.88
CA PRO L 12 -15.75 -20.84 -29.61
C PRO L 12 -14.92 -22.11 -29.74
N GLY L 13 -15.12 -23.00 -28.78
CA GLY L 13 -14.40 -24.24 -28.69
C GLY L 13 -13.18 -24.19 -27.81
N VAL L 14 -12.71 -23.01 -27.42
CA VAL L 14 -11.46 -22.92 -26.70
C VAL L 14 -11.63 -23.14 -25.20
N GLY L 15 -12.84 -23.01 -24.69
CA GLY L 15 -13.11 -23.33 -23.31
C GLY L 15 -13.25 -22.17 -22.36
N GLY L 16 -13.56 -20.97 -22.84
CA GLY L 16 -13.82 -19.88 -21.93
C GLY L 16 -14.90 -20.21 -20.92
N THR L 17 -16.01 -20.82 -21.40
CA THR L 17 -17.09 -21.23 -20.52
C THR L 17 -16.66 -22.28 -19.51
N THR L 18 -15.99 -23.35 -19.96
CA THR L 18 -15.59 -24.39 -19.01
C THR L 18 -14.69 -23.84 -17.93
N LEU L 19 -13.73 -23.02 -18.33
CA LEU L 19 -12.78 -22.43 -17.40
C LEU L 19 -13.44 -21.50 -16.39
N THR L 20 -14.43 -20.73 -16.82
CA THR L 20 -15.12 -19.83 -15.91
C THR L 20 -15.98 -20.60 -14.92
N GLN L 21 -16.68 -21.64 -15.37
CA GLN L 21 -17.51 -22.42 -14.48
C GLN L 21 -16.66 -23.12 -13.44
N LYS L 22 -15.55 -23.73 -13.88
CA LYS L 22 -14.69 -24.46 -12.95
C LYS L 22 -13.99 -23.51 -11.97
N THR L 23 -13.63 -22.31 -12.43
CA THR L 23 -12.94 -21.37 -11.54
C THR L 23 -13.86 -20.87 -10.44
N ILE L 24 -15.09 -20.51 -10.81
CA ILE L 24 -16.07 -20.02 -9.85
C ILE L 24 -16.41 -21.09 -8.83
N GLU L 25 -16.44 -22.35 -9.26
CA GLU L 25 -16.73 -23.46 -8.36
C GLU L 25 -15.69 -23.58 -7.26
N LYS L 26 -14.41 -23.47 -7.61
CA LYS L 26 -13.37 -23.58 -6.60
C LYS L 26 -13.21 -22.30 -5.80
N LEU L 27 -13.50 -21.14 -6.38
CA LEU L 27 -13.39 -19.95 -5.58
C LEU L 27 -14.45 -19.97 -4.49
N LYS L 28 -15.70 -20.45 -4.83
CA LYS L 28 -16.73 -20.57 -3.79
C LYS L 28 -16.41 -21.59 -2.72
N GLU L 29 -15.59 -22.59 -3.01
CA GLU L 29 -15.16 -23.48 -1.93
C GLU L 29 -14.15 -22.82 -1.01
N GLU L 30 -13.54 -21.73 -1.44
CA GLU L 30 -12.68 -20.90 -0.62
C GLU L 30 -13.41 -19.73 0.05
N GLY L 31 -14.70 -19.53 -0.24
CA GLY L 31 -15.46 -18.38 0.21
C GLY L 31 -15.39 -17.13 -0.66
N ILE L 32 -14.99 -17.23 -1.93
CA ILE L 32 -14.86 -16.09 -2.83
C ILE L 32 -16.01 -16.14 -3.81
N GLU L 33 -16.87 -15.10 -3.76
CA GLU L 33 -18.13 -15.10 -4.49
C GLU L 33 -17.96 -14.27 -5.76
N TYR L 34 -18.09 -14.94 -6.89
CA TYR L 34 -18.32 -14.26 -8.14
C TYR L 34 -19.59 -14.83 -8.73
N LYS L 35 -20.31 -13.99 -9.48
CA LYS L 35 -21.46 -14.43 -10.26
C LYS L 35 -21.00 -14.59 -11.70
N MET L 36 -21.27 -15.75 -12.31
CA MET L 36 -21.02 -15.98 -13.72
C MET L 36 -22.18 -15.40 -14.53
N VAL L 37 -21.85 -14.68 -15.59
CA VAL L 37 -22.85 -14.17 -16.53
C VAL L 37 -22.27 -14.32 -17.93
N ASN L 38 -22.99 -15.05 -18.78
CA ASN L 38 -22.63 -15.22 -20.20
C ASN L 38 -23.27 -14.08 -20.99
N PHE L 39 -22.42 -13.24 -21.59
CA PHE L 39 -22.90 -12.09 -22.37
C PHE L 39 -23.91 -12.52 -23.43
N GLY L 40 -23.62 -13.61 -24.14
CA GLY L 40 -24.52 -14.05 -25.19
C GLY L 40 -25.88 -14.49 -24.66
N THR L 41 -25.89 -15.09 -23.47
CA THR L 41 -27.16 -15.46 -22.85
C THR L 41 -27.99 -14.21 -22.57
N VAL L 42 -27.37 -13.18 -21.99
CA VAL L 42 -28.10 -11.95 -21.74
C VAL L 42 -28.68 -11.42 -23.05
N MET L 43 -27.86 -11.41 -24.12
CA MET L 43 -28.34 -11.00 -25.44
C MET L 43 -29.44 -11.91 -25.95
N PHE L 44 -29.29 -13.22 -25.72
CA PHE L 44 -30.23 -14.21 -26.26
C PHE L 44 -31.61 -14.04 -25.62
N GLU L 45 -31.69 -13.62 -24.35
CA GLU L 45 -32.99 -13.31 -23.75
C GLU L 45 -33.66 -12.13 -24.46
N VAL L 46 -32.93 -11.06 -24.69
CA VAL L 46 -33.48 -9.90 -25.38
C VAL L 46 -33.82 -10.25 -26.83
N ALA L 47 -32.89 -10.88 -27.55
CA ALA L 47 -33.11 -11.16 -28.98
C ALA L 47 -34.27 -12.13 -29.19
N LYS L 48 -34.34 -13.17 -28.34
CA LYS L 48 -35.41 -14.16 -28.47
C LYS L 48 -36.75 -13.56 -28.13
N GLU L 49 -36.77 -12.56 -27.24
CA GLU L 49 -38.02 -11.88 -26.85
C GLU L 49 -38.52 -10.96 -27.95
N GLU L 50 -37.66 -10.42 -28.80
CA GLU L 50 -38.06 -9.58 -29.94
C GLU L 50 -38.37 -10.40 -31.20
N GLY L 51 -38.19 -11.72 -31.17
CA GLY L 51 -38.50 -12.55 -32.33
C GLY L 51 -37.43 -12.64 -33.40
N LEU L 52 -36.19 -12.35 -33.07
CA LEU L 52 -35.14 -12.38 -34.09
C LEU L 52 -34.49 -13.75 -34.28
N VAL L 53 -34.45 -14.58 -33.25
CA VAL L 53 -33.71 -15.85 -33.31
C VAL L 53 -34.44 -16.93 -32.55
N GLU L 54 -34.12 -18.18 -32.91
CA GLU L 54 -34.55 -19.31 -32.10
C GLU L 54 -33.44 -19.96 -31.29
N ASP L 55 -32.20 -19.96 -31.76
CA ASP L 55 -31.09 -20.54 -31.02
C ASP L 55 -29.95 -19.53 -31.03
N ARG L 56 -29.01 -19.71 -30.11
CA ARG L 56 -28.05 -18.64 -29.86
C ARG L 56 -27.02 -18.49 -30.98
N ASP L 57 -26.87 -19.50 -31.83
CA ASP L 57 -25.85 -19.43 -32.86
C ASP L 57 -26.32 -18.70 -34.09
N GLN L 58 -27.57 -18.25 -34.08
CA GLN L 58 -28.08 -17.38 -35.12
C GLN L 58 -27.83 -15.90 -34.84
N MET L 59 -27.43 -15.51 -33.63
CA MET L 59 -27.32 -14.07 -33.37
C MET L 59 -26.24 -13.42 -34.22
N ARG L 60 -25.09 -14.08 -34.42
CA ARG L 60 -24.00 -13.50 -35.19
C ARG L 60 -24.32 -13.36 -36.65
N LYS L 61 -25.47 -13.84 -37.11
CA LYS L 61 -25.85 -13.68 -38.51
C LYS L 61 -26.85 -12.54 -38.70
N LEU L 62 -27.16 -11.81 -37.65
CA LEU L 62 -28.10 -10.71 -37.78
C LEU L 62 -27.39 -9.50 -38.34
N ASP L 63 -28.15 -8.57 -38.88
CA ASP L 63 -27.70 -7.22 -39.26
C ASP L 63 -26.82 -6.70 -38.13
N PRO L 64 -25.62 -6.19 -38.38
CA PRO L 64 -24.80 -5.72 -37.25
C PRO L 64 -25.42 -4.56 -36.49
N ASP L 65 -26.29 -3.77 -37.10
CA ASP L 65 -26.99 -2.74 -36.34
C ASP L 65 -27.93 -3.37 -35.31
N THR L 66 -28.62 -4.44 -35.73
CA THR L 66 -29.41 -5.24 -34.81
C THR L 66 -28.52 -5.90 -33.76
N GLN L 67 -27.35 -6.39 -34.17
CA GLN L 67 -26.46 -6.97 -33.18
C GLN L 67 -26.00 -5.92 -32.18
N LYS L 68 -25.64 -4.72 -32.65
CA LYS L 68 -25.14 -3.71 -31.72
C LYS L 68 -26.23 -3.17 -30.80
N ARG L 69 -27.48 -3.11 -31.26
CA ARG L 69 -28.53 -2.64 -30.38
C ARG L 69 -28.72 -3.57 -29.20
N ILE L 70 -28.71 -4.88 -29.44
CA ILE L 70 -28.90 -5.86 -28.38
C ILE L 70 -27.65 -5.95 -27.53
N GLN L 71 -26.50 -5.74 -28.15
CA GLN L 71 -25.25 -5.72 -27.41
C GLN L 71 -25.24 -4.62 -26.37
N LYS L 72 -25.72 -3.44 -26.73
CA LYS L 72 -25.70 -2.33 -25.80
C LYS L 72 -26.66 -2.60 -24.64
N LEU L 73 -27.85 -3.13 -24.94
CA LEU L 73 -28.82 -3.48 -23.91
C LEU L 73 -28.32 -4.61 -23.01
N ALA L 74 -27.66 -5.61 -23.61
CA ALA L 74 -27.09 -6.68 -22.79
C ALA L 74 -26.00 -6.12 -21.89
N GLY L 75 -25.22 -5.16 -22.37
CA GLY L 75 -24.17 -4.59 -21.55
C GLY L 75 -24.71 -3.75 -20.42
N ARG L 76 -25.83 -3.04 -20.65
CA ARG L 76 -26.38 -2.24 -19.54
C ARG L 76 -26.92 -3.13 -18.44
N LYS L 77 -27.56 -4.26 -18.77
CA LYS L 77 -28.04 -5.13 -17.73
C LYS L 77 -26.93 -5.75 -16.92
N ILE L 78 -25.79 -6.04 -17.56
CA ILE L 78 -24.66 -6.61 -16.84
C ILE L 78 -24.02 -5.57 -15.93
N ALA L 79 -23.94 -4.32 -16.40
CA ALA L 79 -23.41 -3.25 -15.55
C ALA L 79 -24.25 -3.13 -14.28
N GLU L 80 -25.55 -3.36 -14.40
CA GLU L 80 -26.39 -3.34 -13.21
C GLU L 80 -26.00 -4.48 -12.28
N MET L 81 -25.72 -5.66 -12.86
CA MET L 81 -25.37 -6.83 -12.04
C MET L 81 -24.11 -6.58 -11.21
N ALA L 82 -23.15 -5.82 -11.76
CA ALA L 82 -21.91 -5.52 -11.06
C ALA L 82 -22.09 -4.60 -9.84
N LYS L 83 -23.17 -3.81 -9.75
CA LYS L 83 -23.33 -2.98 -8.57
C LYS L 83 -23.61 -3.81 -7.33
N GLU L 84 -24.13 -5.03 -7.51
CA GLU L 84 -24.57 -5.90 -6.43
C GLU L 84 -23.62 -7.03 -6.08
N SER L 85 -22.67 -7.37 -6.95
CA SER L 85 -21.71 -8.42 -6.63
C SER L 85 -20.57 -8.42 -7.63
N ASN L 86 -19.47 -9.07 -7.26
CA ASN L 86 -18.43 -9.43 -8.21
C ASN L 86 -19.00 -10.35 -9.30
N VAL L 87 -18.47 -10.18 -10.52
CA VAL L 87 -18.96 -10.88 -11.70
C VAL L 87 -17.84 -11.17 -12.68
N ILE L 88 -17.93 -12.34 -13.31
CA ILE L 88 -17.10 -12.72 -14.43
C ILE L 88 -18.03 -12.79 -15.61
N VAL L 89 -17.71 -12.04 -16.65
CA VAL L 89 -18.52 -12.00 -17.88
C VAL L 89 -17.82 -12.92 -18.89
N ASP L 90 -18.48 -14.02 -19.28
CA ASP L 90 -18.01 -14.99 -20.27
C ASP L 90 -18.49 -14.55 -21.66
N THR L 91 -17.58 -14.08 -22.50
CA THR L 91 -17.96 -13.44 -23.75
C THR L 91 -16.83 -13.53 -24.76
N HIS L 92 -16.71 -12.56 -25.64
CA HIS L 92 -15.85 -12.67 -26.79
C HIS L 92 -15.22 -11.31 -27.10
N SER L 93 -13.94 -11.34 -27.40
CA SER L 93 -13.25 -10.14 -27.80
C SER L 93 -13.81 -9.58 -29.11
N THR L 94 -13.99 -10.44 -30.10
CA THR L 94 -14.68 -10.08 -31.32
C THR L 94 -15.63 -11.22 -31.66
N VAL L 95 -16.70 -10.89 -32.38
CA VAL L 95 -17.64 -11.85 -32.93
C VAL L 95 -17.47 -11.87 -34.45
N LYS L 96 -17.36 -13.07 -35.01
CA LYS L 96 -17.20 -13.25 -36.44
C LYS L 96 -18.60 -13.28 -37.07
N THR L 97 -18.94 -12.20 -37.78
CA THR L 97 -20.19 -12.04 -38.52
C THR L 97 -19.91 -12.08 -40.01
N PRO L 98 -20.93 -12.23 -40.85
CA PRO L 98 -20.71 -12.31 -42.29
C PRO L 98 -20.10 -11.06 -42.90
N LYS L 99 -20.28 -9.90 -42.23
CA LYS L 99 -19.66 -8.66 -42.67
C LYS L 99 -18.38 -8.30 -41.93
N GLY L 100 -17.80 -9.24 -41.21
CA GLY L 100 -16.51 -9.09 -40.60
C GLY L 100 -16.57 -9.25 -39.10
N TYR L 101 -15.42 -9.02 -38.45
CA TYR L 101 -15.30 -9.08 -36.99
C TYR L 101 -15.96 -7.85 -36.39
N LEU L 102 -16.84 -8.07 -35.41
CA LEU L 102 -17.51 -7.03 -34.65
C LEU L 102 -16.88 -7.05 -33.26
N ALA L 103 -16.37 -5.91 -32.80
CA ALA L 103 -15.83 -5.88 -31.43
C ALA L 103 -16.88 -6.24 -30.39
N GLY L 104 -16.50 -7.06 -29.42
CA GLY L 104 -17.44 -7.42 -28.36
C GLY L 104 -17.63 -6.33 -27.33
N LEU L 105 -16.63 -5.47 -27.14
CA LEU L 105 -16.69 -4.38 -26.15
C LEU L 105 -16.34 -3.08 -26.87
N PRO L 106 -17.14 -2.67 -27.83
CA PRO L 106 -16.96 -1.31 -28.38
C PRO L 106 -16.94 -0.32 -27.25
N ILE L 107 -16.36 0.85 -27.51
CA ILE L 107 -15.96 1.75 -26.43
C ILE L 107 -17.15 2.07 -25.53
N TRP L 108 -18.34 2.24 -26.08
CA TRP L 108 -19.46 2.62 -25.21
C TRP L 108 -19.89 1.48 -24.28
N VAL L 109 -19.78 0.22 -24.71
CA VAL L 109 -20.03 -0.92 -23.82
C VAL L 109 -18.88 -1.07 -22.82
N LEU L 110 -17.65 -0.89 -23.31
CA LEU L 110 -16.47 -0.94 -22.47
C LEU L 110 -16.57 0.09 -21.33
N GLU L 111 -17.05 1.31 -21.61
CA GLU L 111 -17.14 2.33 -20.57
C GLU L 111 -18.22 2.00 -19.53
N GLU L 112 -19.21 1.16 -19.92
CA GLU L 112 -20.30 0.75 -19.04
C GLU L 112 -19.99 -0.51 -18.23
N LEU L 113 -19.21 -1.44 -18.78
CA LEU L 113 -18.71 -2.56 -17.98
C LEU L 113 -17.52 -2.12 -17.15
N ASN L 114 -16.67 -1.31 -17.72
CA ASN L 114 -15.46 -0.90 -17.06
C ASN L 114 -14.76 -2.09 -16.43
N PRO L 115 -14.27 -3.02 -17.23
CA PRO L 115 -13.65 -4.21 -16.64
C PRO L 115 -12.31 -3.90 -16.00
N ASP L 116 -12.01 -4.64 -14.94
CA ASP L 116 -10.67 -4.59 -14.35
C ASP L 116 -9.68 -5.51 -15.09
N ILE L 117 -10.11 -6.65 -15.58
CA ILE L 117 -9.19 -7.61 -16.18
C ILE L 117 -9.88 -8.19 -17.40
N ILE L 118 -9.11 -8.31 -18.49
CA ILE L 118 -9.57 -8.95 -19.71
C ILE L 118 -8.68 -10.15 -19.97
N VAL L 119 -9.27 -11.32 -19.83
CA VAL L 119 -8.61 -12.61 -19.95
C VAL L 119 -8.85 -13.14 -21.36
N ILE L 120 -7.78 -13.55 -22.03
CA ILE L 120 -7.87 -14.19 -23.32
C ILE L 120 -7.52 -15.65 -23.11
N VAL L 121 -8.48 -16.53 -23.36
CA VAL L 121 -8.22 -17.97 -23.34
C VAL L 121 -7.88 -18.39 -24.77
N GLU L 122 -6.72 -19.08 -24.90
CA GLU L 122 -6.17 -19.48 -26.19
C GLU L 122 -5.60 -20.90 -26.10
N THR L 123 -5.55 -21.57 -27.27
CA THR L 123 -4.64 -22.70 -27.53
C THR L 123 -4.42 -22.80 -29.05
N SER L 124 -3.76 -23.84 -29.48
CA SER L 124 -3.54 -24.01 -30.91
C SER L 124 -4.85 -24.25 -31.65
N SER L 125 -4.93 -23.74 -32.87
CA SER L 125 -6.13 -23.89 -33.71
C SER L 125 -6.42 -25.36 -34.06
N ASP L 126 -5.41 -26.18 -34.11
CA ASP L 126 -5.64 -27.61 -34.15
C ASP L 126 -6.56 -28.11 -33.06
N GLU L 127 -6.25 -27.75 -31.79
CA GLU L 127 -7.01 -28.25 -30.65
C GLU L 127 -8.38 -27.62 -30.60
N ILE L 128 -8.50 -26.35 -30.99
CA ILE L 128 -9.81 -25.72 -31.07
C ILE L 128 -10.69 -26.44 -32.09
N LEU L 129 -10.12 -26.72 -33.27
CA LEU L 129 -10.89 -27.37 -34.31
C LEU L 129 -11.37 -28.74 -33.86
N MET L 130 -10.48 -29.52 -33.29
CA MET L 130 -10.82 -30.87 -32.89
C MET L 130 -11.89 -30.85 -31.81
N ARG L 131 -11.90 -29.82 -30.96
CA ARG L 131 -12.95 -29.70 -29.95
C ARG L 131 -14.32 -29.37 -30.56
N ARG L 132 -14.36 -28.51 -31.58
CA ARG L 132 -15.60 -28.20 -32.29
C ARG L 132 -16.23 -29.45 -32.93
N LEU L 133 -15.38 -30.34 -33.45
CA LEU L 133 -15.81 -31.57 -34.09
C LEU L 133 -16.43 -32.54 -33.11
N GLY L 134 -16.19 -32.34 -31.82
CA GLY L 134 -16.74 -33.19 -30.77
C GLY L 134 -17.91 -32.65 -29.97
N ASP L 135 -18.48 -31.52 -30.37
CA ASP L 135 -19.53 -30.83 -29.59
C ASP L 135 -20.57 -30.30 -30.62
N ALA L 136 -21.46 -31.19 -31.10
CA ALA L 136 -22.60 -30.86 -31.97
C ALA L 136 -23.84 -30.39 -31.18
N THR L 137 -23.66 -30.23 -29.85
CA THR L 137 -24.64 -29.53 -29.01
C THR L 137 -24.77 -28.09 -29.49
N ARG L 138 -23.77 -27.62 -30.25
CA ARG L 138 -23.79 -26.33 -30.90
C ARG L 138 -23.84 -26.54 -32.42
N ASN L 139 -24.22 -25.46 -33.09
CA ASN L 139 -24.01 -25.26 -34.51
C ASN L 139 -22.63 -24.59 -34.63
N ARG L 140 -21.61 -25.40 -34.32
CA ARG L 140 -20.24 -24.92 -34.35
C ARG L 140 -19.80 -24.88 -35.81
N ASP L 141 -19.19 -23.76 -36.19
CA ASP L 141 -18.68 -23.59 -37.55
C ASP L 141 -17.41 -24.44 -37.68
N ILE L 142 -17.50 -25.51 -38.48
CA ILE L 142 -16.28 -26.23 -38.92
C ILE L 142 -15.69 -25.34 -39.99
N GLU L 143 -14.82 -24.42 -39.56
CA GLU L 143 -13.91 -23.66 -40.39
C GLU L 143 -12.49 -24.21 -40.29
N LEU L 144 -11.64 -23.70 -41.19
CA LEU L 144 -10.23 -24.05 -41.26
C LEU L 144 -9.47 -23.58 -40.03
N THR L 145 -8.35 -24.24 -39.75
CA THR L 145 -7.50 -23.78 -38.66
C THR L 145 -6.90 -22.40 -38.93
N SER L 146 -6.64 -22.03 -40.18
CA SER L 146 -6.15 -20.68 -40.41
C SER L 146 -7.26 -19.65 -40.19
N ASP L 147 -8.53 -20.04 -40.39
CA ASP L 147 -9.63 -19.15 -40.01
C ASP L 147 -9.71 -19.00 -38.51
N ILE L 148 -9.39 -20.05 -37.77
CA ILE L 148 -9.28 -19.95 -36.31
C ILE L 148 -8.09 -19.08 -35.90
N ASP L 149 -6.93 -19.24 -36.56
CA ASP L 149 -5.77 -18.41 -36.24
C ASP L 149 -6.04 -16.91 -36.46
N GLU L 150 -6.70 -16.57 -37.59
CA GLU L 150 -7.10 -15.20 -37.89
C GLU L 150 -8.02 -14.63 -36.79
N HIS L 151 -8.96 -15.42 -36.30
CA HIS L 151 -9.83 -14.93 -35.24
C HIS L 151 -9.03 -14.68 -33.96
N GLN L 152 -8.17 -15.63 -33.56
CA GLN L 152 -7.37 -15.44 -32.35
C GLN L 152 -6.43 -14.27 -32.51
N PHE L 153 -6.00 -13.98 -33.74
CA PHE L 153 -5.18 -12.79 -34.01
C PHE L 153 -5.95 -11.50 -33.74
N MET L 154 -7.14 -11.34 -34.35
CA MET L 154 -7.92 -10.12 -34.16
C MET L 154 -8.43 -9.98 -32.74
N ASN L 155 -8.64 -11.08 -32.03
CA ASN L 155 -9.04 -10.96 -30.62
C ASN L 155 -7.97 -10.30 -29.77
N ARG L 156 -6.69 -10.61 -30.04
CA ARG L 156 -5.60 -9.97 -29.32
C ARG L 156 -5.56 -8.47 -29.60
N CYS L 157 -5.74 -8.08 -30.87
CA CYS L 157 -5.76 -6.68 -31.26
C CYS L 157 -6.88 -5.92 -30.57
N ALA L 158 -8.13 -6.37 -30.68
CA ALA L 158 -9.20 -5.64 -30.02
C ALA L 158 -8.99 -5.61 -28.49
N ALA L 159 -8.50 -6.72 -27.90
CA ALA L 159 -8.33 -6.81 -26.46
C ALA L 159 -7.29 -5.83 -25.94
N MET L 160 -6.17 -5.69 -26.65
CA MET L 160 -5.15 -4.73 -26.23
C MET L 160 -5.67 -3.31 -26.36
N ALA L 161 -6.54 -3.06 -27.35
CA ALA L 161 -7.21 -1.77 -27.49
C ALA L 161 -8.11 -1.51 -26.30
N TYR L 162 -8.80 -2.53 -25.80
CA TYR L 162 -9.61 -2.36 -24.59
C TYR L 162 -8.75 -1.90 -23.42
N GLY L 163 -7.56 -2.48 -23.27
CA GLY L 163 -6.64 -2.11 -22.20
C GLY L 163 -6.07 -0.72 -22.34
N VAL L 164 -5.87 -0.25 -23.58
CA VAL L 164 -5.41 1.12 -23.81
C VAL L 164 -6.47 2.14 -23.39
N LEU L 165 -7.74 1.83 -23.65
CA LEU L 165 -8.85 2.74 -23.40
C LEU L 165 -9.31 2.75 -21.96
N THR L 166 -9.20 1.60 -21.24
CA THR L 166 -9.67 1.51 -19.85
C THR L 166 -8.58 1.33 -18.81
N GLY L 167 -7.40 0.84 -19.18
CA GLY L 167 -6.43 0.53 -18.17
C GLY L 167 -6.51 -0.88 -17.66
N ALA L 168 -7.43 -1.69 -18.19
CA ALA L 168 -7.56 -3.08 -17.78
C ALA L 168 -6.31 -3.87 -18.18
N THR L 169 -5.94 -4.84 -17.34
CA THR L 169 -4.84 -5.71 -17.76
C THR L 169 -5.40 -6.81 -18.64
N VAL L 170 -4.58 -7.27 -19.59
CA VAL L 170 -4.98 -8.23 -20.59
C VAL L 170 -4.16 -9.47 -20.36
N LYS L 171 -4.80 -10.51 -19.90
CA LYS L 171 -4.11 -11.73 -19.48
C LYS L 171 -4.41 -12.83 -20.48
N ILE L 172 -3.36 -13.44 -21.01
CA ILE L 172 -3.50 -14.57 -21.90
C ILE L 172 -3.26 -15.83 -21.08
N ILE L 173 -4.19 -16.77 -21.15
CA ILE L 173 -4.11 -18.04 -20.42
C ILE L 173 -4.24 -19.16 -21.43
N LYS L 174 -3.32 -20.12 -21.37
CA LYS L 174 -3.34 -21.30 -22.22
C LYS L 174 -4.22 -22.38 -21.61
N ASN L 175 -5.16 -22.86 -22.42
CA ASN L 175 -6.07 -23.93 -22.01
C ASN L 175 -5.83 -25.08 -22.98
N ARG L 176 -4.83 -25.90 -22.69
CA ARG L 176 -4.36 -26.96 -23.60
C ARG L 176 -4.97 -28.33 -23.28
N ASP L 177 -5.16 -29.14 -24.32
CA ASP L 177 -5.71 -30.47 -24.12
C ASP L 177 -4.85 -31.15 -23.06
N GLY L 178 -5.49 -31.66 -22.02
CA GLY L 178 -4.74 -32.35 -21.00
C GLY L 178 -4.18 -31.49 -19.90
N LEU L 179 -4.37 -30.17 -19.96
CA LEU L 179 -3.87 -29.21 -19.01
C LEU L 179 -5.00 -28.25 -18.62
N LEU L 180 -6.23 -28.75 -18.56
CA LEU L 180 -7.34 -27.88 -18.16
C LEU L 180 -7.15 -27.32 -16.79
N ASP L 181 -6.78 -28.20 -15.85
CA ASP L 181 -6.60 -27.82 -14.44
C ASP L 181 -5.43 -26.82 -14.29
N LYS L 182 -4.44 -26.93 -15.08
CA LYS L 182 -3.38 -25.96 -14.99
C LYS L 182 -3.93 -24.57 -15.34
N ALA L 183 -4.92 -24.51 -16.29
CA ALA L 183 -5.48 -23.21 -16.71
C ALA L 183 -6.36 -22.60 -15.63
N VAL L 184 -7.14 -23.42 -14.92
CA VAL L 184 -7.99 -22.92 -13.82
C VAL L 184 -7.11 -22.42 -12.68
N GLU L 185 -6.06 -23.13 -12.36
CA GLU L 185 -5.11 -22.63 -11.39
C GLU L 185 -4.62 -21.25 -11.76
N GLU L 186 -4.33 -20.99 -13.04
CA GLU L 186 -3.76 -19.68 -13.37
C GLU L 186 -4.79 -18.58 -13.13
N LEU L 187 -6.05 -18.83 -13.47
CA LEU L 187 -7.09 -17.80 -13.30
C LEU L 187 -7.44 -17.57 -11.83
N ILE L 188 -7.58 -18.65 -11.06
CA ILE L 188 -7.81 -18.48 -9.63
C ILE L 188 -6.72 -17.61 -9.05
N SER L 189 -5.47 -17.87 -9.44
CA SER L 189 -4.36 -17.04 -9.00
C SER L 189 -4.51 -15.59 -9.42
N VAL L 190 -5.03 -15.34 -10.61
CA VAL L 190 -5.12 -13.96 -11.08
C VAL L 190 -6.18 -13.18 -10.31
N LEU L 191 -7.19 -13.84 -9.80
CA LEU L 191 -8.28 -13.10 -9.18
C LEU L 191 -8.02 -12.88 -7.70
N LYS L 192 -6.77 -12.96 -7.30
CA LYS L 192 -6.38 -12.74 -5.93
C LYS L 192 -5.34 -11.63 -5.69
P AMP M . 11.57 0.13 53.90
O1P AMP M . 11.32 1.61 53.87
O2P AMP M . 10.59 -0.91 53.42
O3P AMP M . 11.91 -0.37 55.29
O5' AMP M . 12.86 -0.15 53.00
C5' AMP M . 14.12 0.29 53.46
C4' AMP M . 15.07 0.55 52.31
O4' AMP M . 15.30 -0.66 51.57
C3' AMP M . 14.53 1.50 51.25
O3' AMP M . 14.69 2.86 51.61
C2' AMP M . 15.32 1.13 50.01
O2' AMP M . 16.58 1.76 50.03
C1' AMP M . 15.51 -0.38 50.20
N9 AMP M . 14.59 -1.21 49.39
C8 AMP M . 13.47 -1.86 49.84
N7 AMP M . 12.89 -2.64 48.96
C5 AMP M . 13.68 -2.48 47.83
C6 AMP M . 13.60 -3.03 46.54
N6 AMP M . 12.70 -3.94 46.18
N1 AMP M . 14.52 -2.64 45.63
C2 AMP M . 15.47 -1.77 46.01
N3 AMP M . 15.65 -1.20 47.20
C4 AMP M . 14.72 -1.61 48.07
HOP2 AMP M . 10.62 -1.29 52.51
HOP3 AMP M . 11.36 -0.32 56.10
H5'1 AMP M . 14.49 -0.49 54.12
H5'2 AMP M . 13.94 1.18 54.06
H4' AMP M . 16.06 0.84 52.65
H3' AMP M . 13.47 1.31 51.09
HO3' AMP M . 14.33 3.40 50.86
H2' AMP M . 14.76 1.37 49.11
HO2' AMP M . 16.58 2.36 50.83
H1' AMP M . 16.52 -0.68 49.94
H8 AMP M . 13.10 -1.75 50.86
HN61 AMP M . 12.01 -4.27 46.86
HN62 AMP M . 12.68 -4.31 45.23
H2 AMP M . 16.17 -1.49 45.22
P AMP N . 4.46 2.73 58.16
O1P AMP N . 3.49 1.61 58.34
O2P AMP N . 4.76 3.27 56.74
O3P AMP N . 5.79 2.40 58.83
O5' AMP N . 3.88 3.81 59.15
C5' AMP N . 3.83 5.18 58.85
C4' AMP N . 3.25 5.90 60.06
O4' AMP N . 1.84 6.20 59.84
C3' AMP N . 3.31 5.09 61.36
O3' AMP N . 3.58 5.98 62.44
C2' AMP N . 1.91 4.50 61.44
O2' AMP N . 1.48 4.11 62.73
C1' AMP N . 1.05 5.60 60.86
N9 AMP N . -0.18 5.11 60.22
C8 AMP N . -0.25 4.04 59.35
N7 AMP N . -1.46 3.80 58.91
C5 AMP N . -2.24 4.77 59.52
C6 AMP N . -3.60 5.11 59.40
N6 AMP N . -4.48 4.41 58.65
N1 AMP N . -4.04 6.20 60.06
C2 AMP N . -3.17 6.90 60.80
N3 AMP N . -1.87 6.67 61.00
C4 AMP N . -1.46 5.60 60.33
HOP2 AMP N . 4.56 2.75 55.92
HOP3 AMP N . 6.01 2.47 59.78
H5'1 AMP N . 3.20 5.30 57.96
H5'2 AMP N . 4.83 5.50 58.60
H4' AMP N . 3.70 6.89 60.16
H3' AMP N . 4.07 4.31 61.34
HO3' AMP N . 3.10 5.63 63.23
H2' AMP N . 1.88 3.61 60.80
HO2' AMP N . 0.50 3.96 62.66
H1' AMP N . 0.79 6.36 61.59
H8 AMP N . 0.62 3.46 59.06
HN61 AMP N . -4.19 3.59 58.13
HN62 AMP N . -5.46 4.70 58.61
H2 AMP N . -3.59 7.77 61.29
MG MG O . 7.86 0.32 56.11
P AMP P . 13.31 16.15 18.04
O1P AMP P . 12.07 16.93 18.44
O2P AMP P . 14.04 15.38 19.14
O3P AMP P . 14.23 17.01 17.25
O5' AMP P . 12.97 14.93 17.10
C5' AMP P . 12.51 15.11 15.79
C4' AMP P . 11.65 13.92 15.38
O4' AMP P . 12.41 12.68 15.45
C3' AMP P . 10.42 13.62 16.24
O3' AMP P . 9.36 14.52 15.96
C2' AMP P . 10.12 12.14 15.91
O2' AMP P . 9.36 12.00 14.70
C1' AMP P . 11.55 11.59 15.69
N9 AMP P . 12.11 10.80 16.84
C8 AMP P . 13.01 11.25 17.74
N7 AMP P . 13.34 10.37 18.68
C5 AMP P . 12.61 9.29 18.32
C6 AMP P . 12.59 7.93 18.84
N6 AMP P . 13.24 7.56 19.92
N1 AMP P . 11.86 7.02 18.19
C2 AMP P . 11.16 7.40 17.13
N3 AMP P . 11.07 8.61 16.57
C4 AMP P . 11.82 9.47 17.20
HOP2 AMP P . 14.15 14.39 19.11
HOP3 AMP P . 15.02 17.52 17.57
H5'1 AMP P . 13.38 15.24 15.16
H5'2 AMP P . 11.94 16.05 15.78
H4' AMP P . 11.40 14.00 14.32
H3' AMP P . 10.65 13.69 17.31
HO3' AMP P . 8.88 14.69 16.81
H2' AMP P . 9.61 11.67 16.75
HO2' AMP P . 9.41 12.88 14.23
H1' AMP P . 11.57 10.92 14.82
H8 AMP P . 13.42 12.25 17.69
HN61 AMP P . 13.80 8.22 20.45
HN62 AMP P . 13.19 6.59 20.24
H2 AMP P . 10.57 6.61 16.66
P AMP Q . 13.90 22.90 23.12
O1P AMP Q . 15.14 22.77 23.91
O2P AMP Q . 12.90 21.91 23.34
O3P AMP Q . 14.19 22.95 21.66
O5' AMP Q . 13.40 24.38 23.31
C5' AMP Q . 12.04 24.73 23.42
C4' AMP Q . 11.95 26.23 23.43
O4' AMP Q . 11.83 26.68 24.81
C3' AMP Q . 13.18 26.94 22.86
O3' AMP Q . 12.78 28.20 22.32
C2' AMP Q . 14.03 27.17 24.12
O2' AMP Q . 15.00 28.17 23.97
C1' AMP Q . 12.94 27.51 25.14
N9 AMP Q . 13.30 27.18 26.53
C8 AMP Q . 13.85 26.01 26.98
N7 AMP Q . 13.94 25.92 28.27
C5 AMP Q . 13.40 27.11 28.73
C6 AMP Q . 13.26 27.67 30.02
N6 AMP Q . 13.63 27.05 31.15
N1 AMP Q . 12.75 28.91 30.11
C2 AMP Q . 12.43 29.57 28.98
N3 AMP Q . 12.52 29.14 27.72
C4 AMP Q . 13.02 27.91 27.66
HOP2 AMP Q . 12.00 22.12 23.69
HOP3 AMP Q . 14.43 23.75 21.12
H5'1 AMP Q . 11.66 24.27 24.32
H5'2 AMP Q . 11.52 24.27 22.58
H4' AMP Q . 11.03 26.57 22.97
H3' AMP Q . 13.71 26.36 22.11
HO3' AMP Q . 13.54 28.83 22.42
H2' AMP Q . 14.54 26.25 24.40
H1' AMP Q . 12.66 28.56 25.09
H8 AMP Q . 14.20 25.23 26.30
HN61 AMP Q . 14.05 26.12 31.11
HN62 AMP Q . 13.51 27.50 32.05
H2 AMP Q . 12.03 30.57 29.13
MG MG R . 14.60 19.07 20.89
P AMP S . -16.65 -7.63 27.78
O1P AMP S . -16.92 -6.56 28.83
O2P AMP S . -15.85 -7.23 26.61
O3P AMP S . -17.95 -8.20 27.21
O5' AMP S . -15.88 -8.80 28.53
C5' AMP S . -16.58 -9.67 29.41
C4' AMP S . -15.65 -10.33 30.41
O4' AMP S . -14.66 -11.12 29.69
C3' AMP S . -14.76 -9.40 31.25
O3' AMP S . -15.41 -8.74 32.32
C2' AMP S . -13.63 -10.31 31.69
O2' AMP S . -14.01 -11.12 32.78
C1' AMP S . -13.45 -11.19 30.43
N9 AMP S . -12.31 -10.69 29.62
C8 AMP S . -12.37 -9.94 28.48
N7 AMP S . -11.20 -9.60 27.99
C5 AMP S . -10.31 -10.19 28.86
C6 AMP S . -8.90 -10.27 28.88
N6 AMP S . -8.13 -9.74 27.94
N1 AMP S . -8.31 -10.97 29.87
C2 AMP S . -9.10 -11.57 30.78
N3 AMP S . -10.42 -11.56 30.87
C4 AMP S . -10.97 -10.87 29.88
HOP2 AMP S . -15.30 -7.87 26.08
HOP3 AMP S . -18.84 -7.77 27.18
H5'1 AMP S . -17.08 -10.40 28.78
H5'2 AMP S . -17.34 -9.06 29.90
H4' AMP S . -16.19 -11.05 31.03
H3' AMP S . -14.40 -8.62 30.58
HO3' AMP S . -14.95 -7.86 32.44
H2' AMP S . -12.74 -9.74 31.93
HO2' AMP S . -14.85 -10.73 33.14
H1' AMP S . -13.29 -12.24 30.65
H8 AMP S . -13.32 -9.64 28.02
HN61 AMP S . -8.55 -9.24 27.17
HN62 AMP S . -7.13 -9.82 28.00
H2 AMP S . -8.56 -12.12 31.55
P AMP T . -20.78 -0.59 26.17
O1P AMP T . -20.62 -0.77 24.55
O2P AMP T . -19.54 -0.55 27.11
O3P AMP T . -21.54 -1.68 26.70
O5' AMP T . -21.55 0.77 26.26
C5' AMP T . -22.28 1.08 27.41
C4' AMP T . -23.53 1.86 27.08
O4' AMP T . -23.20 3.21 26.62
C3' AMP T . -24.40 1.25 25.99
O3' AMP T . -25.79 1.35 26.36
C2' AMP T . -24.12 2.12 24.75
O2' AMP T . -25.22 2.15 23.85
C1' AMP T . -23.83 3.48 25.38
N9 AMP T . -22.99 4.41 24.58
C8 AMP T . -21.81 4.14 23.93
N7 AMP T . -21.24 5.21 23.41
C5 AMP T . -22.09 6.24 23.74
C6 AMP T . -22.05 7.65 23.51
N6 AMP T . -21.07 8.27 22.87
N1 AMP T . -23.07 8.39 23.99
C2 AMP T . -24.05 7.79 24.65
N3 AMP T . -24.20 6.50 24.94
C4 AMP T . -23.19 5.78 24.46
HOP2 AMP T . -18.61 -0.55 26.76
HOP3 AMP T . -22.23 -2.21 26.22
H5'1 AMP T . -21.61 1.64 28.06
H5'2 AMP T . -22.50 0.12 27.89
H4' AMP T . -24.09 2.06 27.99
H3' AMP T . -24.15 0.21 25.81
HO3' AMP T . -26.26 1.83 25.63
H2' AMP T . -23.22 1.75 24.25
HO2' AMP T . -25.24 3.07 23.46
H1' AMP T . -24.76 4.02 25.58
H8 AMP T . -21.39 3.15 23.85
HN61 AMP T . -20.27 7.74 22.52
HN62 AMP T . -21.10 9.27 22.73
H2 AMP T . -24.84 8.45 25.02
MG MG U . -18.31 -4.39 25.68
P AMP V . -2.96 39.30 0.74
O1P AMP V . -3.43 40.61 0.28
O2P AMP V . -3.79 38.07 0.79
O3P AMP V . -2.47 39.33 2.11
O5' AMP V . -1.75 38.90 -0.20
C5' AMP V . -0.53 39.60 -0.08
C4' AMP V . 0.25 39.54 -1.37
O4' AMP V . 0.52 38.16 -1.76
C3' AMP V . -0.41 40.12 -2.61
O3' AMP V . -0.36 41.54 -2.65
C2' AMP V . 0.34 39.44 -3.75
O2' AMP V . 1.62 40.05 -3.94
C1' AMP V . 0.63 38.06 -3.15
N9 AMP V . -0.30 37.00 -3.58
C8 AMP V . -1.32 36.49 -2.84
N7 AMP V . -2.04 35.57 -3.45
C5 AMP V . -1.45 35.49 -4.69
C6 AMP V . -1.74 34.70 -5.83
N6 AMP V . -2.73 33.81 -5.87
N1 AMP V . -0.95 34.83 -6.92
C2 AMP V . 0.06 35.72 -6.86
N3 AMP V . 0.42 36.52 -5.86
C4 AMP V . -0.37 36.36 -4.81
HOP2 AMP V . -4.16 37.64 -0.03
HOP3 AMP V . -2.91 38.96 2.91
H5'1 AMP V . 0.00 39.14 0.75
H5'2 AMP V . -0.78 40.61 0.22
H4' AMP V . 1.25 39.96 -1.22
H3' AMP V . -1.46 39.83 -2.65
HO3' AMP V . -0.82 41.84 -3.47
H2' AMP V . -0.27 39.42 -4.65
HO2' AMP V . 1.71 40.73 -3.22
H1' AMP V . 1.63 37.73 -3.41
H8 AMP V . -1.51 36.80 -1.81
HN61 AMP V . -3.33 33.68 -5.06
HN62 AMP V . -2.90 33.27 -6.71
H2 AMP V . 0.66 35.78 -7.76
P AMP W . -9.58 42.58 5.22
O1P AMP W . -10.41 41.51 5.87
O2P AMP W . -9.56 42.73 3.71
O3P AMP W . -8.15 42.53 5.68
O5' AMP W . -10.08 43.89 5.96
C5' AMP W . -10.25 45.12 5.31
C4' AMP W . -10.65 46.15 6.33
O4' AMP W . -12.09 46.34 6.28
C3' AMP W . -10.34 45.78 7.79
O3' AMP W . -10.01 46.98 8.53
C2' AMP W . -11.66 45.18 8.28
O2' AMP W . -11.88 45.24 9.67
C1' AMP W . -12.69 46.03 7.54
N9 AMP W . -13.95 45.33 7.28
C8 AMP W . -14.10 44.10 6.71
N7 AMP W . -15.35 43.77 6.44
C5 AMP W . -16.07 44.85 6.89
C6 AMP W . -17.45 45.17 6.85
N6 AMP W . -18.39 44.35 6.38
N1 AMP W . -17.83 46.37 7.32
C2 AMP W . -16.91 47.21 7.80
N3 AMP W . -15.59 47.03 7.89
C4 AMP W . -15.24 45.83 7.41
HOP2 AMP W . -9.44 41.96 3.10
HOP3 AMP W . -7.79 42.88 6.54
H5'1 AMP W . -11.02 44.98 4.53
H5'2 AMP W . -9.32 45.36 4.81
H4' AMP W . -10.26 47.12 6.07
H3' AMP W . -9.52 45.07 7.88
HO3' AMP W . -10.48 46.92 9.40
H2' AMP W . -11.69 44.14 7.95
HO2' AMP W . -11.52 44.39 10.05
H1' AMP W . -12.89 46.96 8.07
H8 AMP W . -13.26 43.44 6.49
HN61 AMP W . -18.14 43.43 6.00
HN62 AMP W . -19.36 44.61 6.38
H2 AMP W . -17.29 48.16 8.16
MG MG X . -6.36 39.92 3.17
P AMP Y . -5.36 47.27 -37.50
O1P AMP Y . -6.52 48.18 -37.24
O2P AMP Y . -4.50 46.96 -36.32
O3P AMP Y . -4.47 47.81 -38.55
O5' AMP Y . -5.75 45.83 -38.08
C5' AMP Y . -6.22 45.69 -39.42
C4' AMP Y . -7.05 44.43 -39.54
O4' AMP Y . -6.23 43.27 -39.27
C3' AMP Y . -8.19 44.28 -38.52
O3' AMP Y . -9.32 45.01 -38.88
C2' AMP Y . -8.42 42.77 -38.50
O2' AMP Y . -9.21 42.34 -39.61
C1' AMP Y . -7.00 42.23 -38.69
N9 AMP Y . -6.39 41.80 -37.40
C8 AMP Y . -5.53 42.53 -36.63
N7 AMP Y . -5.10 41.88 -35.56
C5 AMP Y . -5.70 40.65 -35.66
C6 AMP Y . -5.57 39.46 -34.90
N6 AMP Y . -4.78 39.35 -33.83
N1 AMP Y . -6.25 38.37 -35.31
C2 AMP Y . -7.00 38.45 -36.41
N3 AMP Y . -7.19 39.50 -37.21
C4 AMP Y . -6.51 40.57 -36.78
HOP2 AMP Y . -4.03 46.09 -36.21
HOP3 AMP Y . -4.18 48.74 -38.67
H5'1 AMP Y . -5.34 45.67 -40.06
H5'2 AMP Y . -6.78 46.60 -39.65
H4' AMP Y . -7.40 44.29 -40.57
H3' AMP Y . -7.85 44.61 -37.55
HO3' AMP Y . -9.94 45.00 -38.09
H2' AMP Y . -8.87 42.47 -37.55
HO2' AMP Y . -9.49 43.17 -40.08
H1' AMP Y . -6.94 41.39 -39.37
H8 AMP Y . -5.24 43.54 -36.86
HN61 AMP Y . -4.22 40.14 -33.51
HN62 AMP Y . -4.73 38.47 -33.32
H2 AMP Y . -7.52 37.53 -36.69
P AMP Z . -4.78 55.07 -34.01
O1P AMP Z . -3.46 55.13 -33.26
O2P AMP Z . -5.94 54.23 -33.51
O3P AMP Z . -4.50 54.73 -35.48
O5' AMP Z . -5.30 56.55 -34.09
C5' AMP Z . -6.65 56.88 -33.90
C4' AMP Z . -6.86 58.33 -34.18
O4' AMP Z . -6.89 59.06 -32.92
C3' AMP Z . -5.76 58.98 -35.01
O3' AMP Z . -6.34 59.97 -35.86
C2' AMP Z . -4.87 59.63 -33.96
O2' AMP Z . -4.15 60.75 -34.41
C1' AMP Z . -5.87 60.05 -32.91
N9 AMP Z . -5.32 60.08 -31.56
C8 AMP Z . -4.62 59.05 -30.96
N7 AMP Z . -4.42 59.23 -29.67
C5 AMP Z . -4.99 60.47 -29.42
C6 AMP Z . -5.09 61.24 -28.25
N6 AMP Z . -4.63 60.85 -27.08
N1 AMP Z . -5.73 62.43 -28.34
C2 AMP Z . -6.21 62.82 -29.52
N3 AMP Z . -6.17 62.18 -30.69
C4 AMP Z . -5.55 61.00 -30.57
HOP2 AMP Z . -5.81 53.47 -32.87
HOP3 AMP Z . -3.99 55.27 -36.13
H5'1 AMP Z . -6.90 56.60 -32.89
H5'2 AMP Z . -7.22 56.23 -34.57
H4' AMP Z . -7.85 58.51 -34.59
H3' AMP Z . -5.21 58.26 -35.62
HO3' AMP Z . -5.71 60.75 -35.88
H2' AMP Z . -4.19 58.86 -33.59
HO2' AMP Z . -3.20 60.45 -34.50
H1' AMP Z . -6.32 61.02 -33.14
H8 AMP Z . -4.28 58.18 -31.50
HN61 AMP Z . -4.17 59.94 -26.97
HN62 AMP Z . -4.73 61.45 -26.26
H2 AMP Z . -6.71 63.79 -29.51
MG MG AA . -4.06 50.80 -35.56
P AMP BA . -33.68 26.39 -20.06
O1P AMP BA . -33.82 27.57 -19.10
O2P AMP BA . -33.15 26.57 -21.42
O3P AMP BA . -35.01 25.74 -20.25
O5' AMP BA . -32.90 25.28 -19.26
C5' AMP BA . -33.51 24.65 -18.14
C4' AMP BA . -32.45 24.21 -17.16
O4' AMP BA . -31.54 23.28 -17.81
C3' AMP BA . -31.49 25.30 -16.64
O3' AMP BA . -32.02 26.15 -15.63
C2' AMP BA . -30.27 24.49 -16.19
O2' AMP BA . -30.47 23.95 -14.90
C1' AMP BA . -30.24 23.37 -17.23
N9 AMP BA . -29.24 23.65 -18.27
C8 AMP BA . -29.49 24.16 -19.53
N7 AMP BA . -28.43 24.34 -20.26
C5 AMP BA . -27.39 23.92 -19.43
C6 AMP BA . -25.99 23.80 -19.64
N6 AMP BA . -25.38 24.19 -20.74
N1 AMP BA . -25.26 23.27 -18.64
C2 AMP BA . -25.86 22.90 -17.50
N3 AMP BA . -27.16 23.00 -17.19
C4 AMP BA . -27.88 23.51 -18.20
HOP2 AMP BA . -32.43 25.98 -21.80
HOP3 AMP BA . -35.69 25.55 -19.56
H5'1 AMP BA . -34.10 23.83 -18.53
H5'2 AMP BA . -34.21 25.38 -17.71
H4' AMP BA . -32.90 23.65 -16.34
H3' AMP BA . -31.22 25.95 -17.47
HO3' AMP BA . -31.76 25.76 -14.75
H2' AMP BA . -29.36 25.10 -16.21
HO2' AMP BA . -29.66 23.43 -14.68
H1' AMP BA . -30.03 22.40 -16.80
H8 AMP BA . -30.50 24.38 -19.88
HN61 AMP BA . -25.90 24.61 -21.50
HN62 AMP BA . -24.38 24.07 -20.83
H2 AMP BA . -25.20 22.49 -16.74
P AMP CA . -38.19 33.03 -23.63
O1P AMP CA . -37.97 32.73 -25.11
O2P AMP CA . -37.04 33.28 -22.75
O3P AMP CA . -38.96 31.88 -22.91
O5' AMP CA . -39.35 34.09 -23.52
C5' AMP CA . -39.30 35.04 -22.49
C4' AMP CA . -40.52 35.93 -22.50
O4' AMP CA . -40.21 37.16 -23.21
C3' AMP CA . -41.78 35.40 -23.16
O3' AMP CA . -42.91 35.97 -22.49
C2' AMP CA . -41.69 35.96 -24.57
O2' AMP CA . -42.93 36.07 -25.24
C1' AMP CA . -41.11 37.33 -24.30
N9 AMP CA . -40.36 37.97 -25.40
C8 AMP CA . -39.35 37.47 -26.17
N7 AMP CA . -38.85 38.33 -27.02
C5 AMP CA . -39.61 39.47 -26.81
C6 AMP CA . -39.53 40.78 -27.33
N6 AMP CA . -38.61 41.17 -28.20
N1 AMP CA . -40.37 41.71 -26.84
C2 AMP CA . -41.25 41.35 -25.90
N3 AMP CA . -41.41 40.16 -25.33
C4 AMP CA . -40.56 39.26 -25.83
HOP2 AMP CA . -36.80 32.67 -22.01
HOP3 AMP CA . -39.84 31.49 -23.18
H5'1 AMP CA . -38.38 35.60 -22.63
H5'2 AMP CA . -39.21 34.48 -21.57
H4' AMP CA . -40.74 36.26 -21.48
H3' AMP CA . -41.83 34.30 -23.16
HO3' AMP CA . -43.57 36.23 -23.19
H2' AMP CA . -41.01 35.34 -25.16
HO2' AMP CA . -42.79 35.68 -26.14
H1' AMP CA . -41.90 38.02 -24.00
H8 AMP CA . -38.98 36.45 -26.06
HN61 AMP CA . -37.89 40.52 -28.53
HN62 AMP CA . -38.59 42.13 -28.55
H2 AMP CA . -41.91 42.15 -25.56
MG MG DA . -35.56 29.12 -22.80
P AMP EA . -1.00 -48.02 28.58
O1P AMP EA . -0.35 -48.96 27.65
O2P AMP EA . -0.12 -47.06 29.39
O3P AMP EA . -1.82 -48.77 29.57
O5' AMP EA . -1.94 -47.06 27.74
C5' AMP EA . -3.12 -47.54 27.15
C4' AMP EA . -3.49 -46.70 25.94
O4' AMP EA . -3.66 -45.32 26.36
C3' AMP EA . -2.45 -46.63 24.83
O3' AMP EA . -2.57 -47.73 23.95
C2' AMP EA . -2.73 -45.29 24.16
O2' AMP EA . -3.70 -45.41 23.14
C1' AMP EA . -3.31 -44.45 25.32
N9 AMP EA . -2.33 -43.47 25.85
C8 AMP EA . -1.61 -43.54 27.02
N7 AMP EA . -0.84 -42.49 27.22
C5 AMP EA . -1.08 -41.68 26.12
C6 AMP EA . -0.64 -40.39 25.77
N6 AMP EA . 0.31 -39.71 26.42
N1 AMP EA . -1.16 -39.82 24.67
C2 AMP EA . -2.05 -40.51 23.94
N3 AMP EA . -2.51 -41.75 24.15
C4 AMP EA . -2.00 -42.27 25.27
HOP2 AMP EA . -0.28 -46.08 29.40
HOP3 AMP EA . -1.87 -49.75 29.70
H5'1 AMP EA . -3.89 -47.54 27.91
H5'2 AMP EA . -2.93 -48.59 26.87
H4' AMP EA . -4.47 -46.97 25.56
H3' AMP EA . -1.45 -46.61 25.26
HO3' AMP EA . -2.37 -47.39 23.03
H2' AMP EA . -1.81 -44.86 23.76
HO2' AMP EA . -4.05 -46.33 23.19
H1' AMP EA . -4.19 -43.91 25.01
H8 AMP EA . -1.66 -44.39 27.70
HN61 AMP EA . 0.77 -40.12 27.24
HN62 AMP EA . 0.58 -38.78 26.13
H2 AMP EA . -2.43 -39.99 23.08
P AMP FA . 4.11 -53.84 31.92
O1P AMP FA . 4.83 -53.90 33.24
O2P AMP FA . 4.63 -53.00 30.81
O3P AMP FA . 2.67 -53.43 32.16
O5' AMP FA . 4.03 -55.33 31.42
C5' AMP FA . 5.18 -55.96 30.91
C4' AMP FA . 5.24 -57.41 31.30
O4' AMP FA . 6.62 -57.79 31.57
C3' AMP FA . 4.45 -57.84 32.54
O3' AMP FA . 4.07 -59.20 32.40
C2' AMP FA . 5.51 -57.77 33.64
O2' AMP FA . 5.23 -58.59 34.76
C1' AMP FA . 6.74 -58.24 32.91
N9 AMP FA . 7.98 -57.65 33.42
C8 AMP FA . 8.20 -56.31 33.64
N7 AMP FA . 9.44 -56.03 33.98
C5 AMP FA . 10.07 -57.26 33.98
C6 AMP FA . 11.41 -57.64 34.18
N6 AMP FA . 12.37 -56.82 34.58
N1 AMP FA . 11.73 -58.94 34.00
C2 AMP FA . 10.76 -59.79 33.68
N3 AMP FA . 9.46 -59.56 33.50
C4 AMP FA . 9.18 -58.27 33.64
HOP2 AMP FA . 4.35 -53.13 29.86
HOP3 AMP FA . 1.96 -53.97 32.59
H5'1 AMP FA . 6.03 -55.39 31.29
H5'2 AMP FA . 5.15 -55.81 29.84
H4' AMP FA . 4.96 -58.03 30.45
H3' AMP FA . 3.59 -57.20 32.74
HO3' AMP FA . 4.41 -59.69 33.18
H2' AMP FA . 5.61 -56.73 33.96
HO2' AMP FA . 5.33 -58.01 35.56
H1' AMP FA . 6.83 -59.33 32.89
H8 AMP FA . 7.41 -55.57 33.55
HN61 AMP FA . 12.16 -55.84 34.78
HN62 AMP FA . 13.31 -57.16 34.70
H2 AMP FA . 11.08 -60.83 33.56
MG MG GA . 1.53 -50.06 31.05
P AMP HA . 13.88 -32.24 -4.28
O1P AMP HA . 15.16 -33.11 -4.14
O2P AMP HA . 12.63 -32.66 -3.62
O3P AMP HA . 13.43 -32.08 -5.75
O5' AMP HA . 14.20 -30.79 -3.71
C5' AMP HA . 15.08 -29.94 -4.43
C4' AMP HA . 15.70 -28.89 -3.53
O4' AMP HA . 14.64 -28.10 -2.91
C3' AMP HA . 16.48 -29.41 -2.34
O3' AMP HA . 17.79 -29.82 -2.68
C2' AMP HA . 16.43 -28.23 -1.35
O2' AMP HA . 17.41 -27.23 -1.61
C1' AMP HA . 15.05 -27.63 -1.65
N9 AMP HA . 14.04 -27.96 -0.64
C8 AMP HA . 12.99 -28.83 -0.73
N7 AMP HA . 12.22 -28.86 0.34
C5 AMP HA . 12.82 -27.94 1.19
C6 AMP HA . 12.48 -27.48 2.48
N6 AMP HA . 11.38 -27.83 3.11
N1 AMP HA . 13.30 -26.56 3.05
C2 AMP HA . 14.37 -26.14 2.38
N3 AMP HA . 14.78 -26.48 1.16
C4 AMP HA . 13.95 -27.40 0.61
HOP2 AMP HA . 12.17 -33.52 -3.83
HOP3 AMP HA . 13.33 -32.80 -6.43
H5'1 AMP HA . 14.49 -29.49 -5.23
H5'2 AMP HA . 15.82 -30.58 -4.89
H4' AMP HA . 16.28 -28.17 -4.11
H3' AMP HA . 15.97 -30.26 -1.89
HO3' AMP HA . 18.10 -30.43 -1.96
H2' AMP HA . 16.53 -28.61 -0.33
HO2' AMP HA . 18.02 -27.61 -2.30
H1' AMP HA . 15.10 -26.54 -1.72
H8 AMP HA . 12.80 -29.44 -1.61
HN61 AMP HA . 10.71 -28.47 2.68
HN62 AMP HA . 11.18 -27.46 4.04
H2 AMP HA . 14.98 -25.40 2.91
P AMP IA . 13.05 -40.49 -6.46
O1P AMP IA . 11.89 -41.39 -6.67
O2P AMP IA . 13.54 -40.29 -5.06
O3P AMP IA . 12.93 -39.12 -7.20
O5' AMP IA . 14.16 -41.26 -7.27
C5' AMP IA . 14.60 -42.50 -6.80
C4' AMP IA . 14.89 -43.44 -7.94
O4' AMP IA . 14.70 -44.79 -7.46
C3' AMP IA . 14.01 -43.30 -9.17
O3' AMP IA . 14.76 -43.69 -10.32
C2' AMP IA . 12.92 -44.34 -8.94
O2' AMP IA . 12.32 -44.80 -10.13
C1' AMP IA . 13.71 -45.45 -8.24
N9 AMP IA . 12.92 -46.27 -7.32
C8 AMP IA . 12.02 -45.81 -6.39
N7 AMP IA . 11.51 -46.74 -5.63
C5 AMP IA . 12.10 -47.90 -6.09
C6 AMP IA . 12.04 -49.24 -5.65
N6 AMP IA . 11.15 -49.67 -4.77
N1 AMP IA . 12.87 -50.12 -6.24
C2 AMP IA . 13.66 -49.71 -7.22
N3 AMP IA . 13.78 -48.49 -7.75
C4 AMP IA . 12.97 -47.62 -7.13
HOP2 AMP IA . 14.34 -39.75 -4.85
HOP3 AMP IA . 13.10 -38.94 -8.16
H5'1 AMP IA . 13.83 -42.87 -6.14
H5'2 AMP IA . 15.48 -42.29 -6.19
H4' AMP IA . 15.95 -43.39 -8.21
H3' AMP IA . 13.62 -42.29 -9.29
HO3' AMP IA . 14.31 -44.49 -10.72
H2' AMP IA . 12.17 -43.94 -8.27
HO2' AMP IA . 11.98 -44.00 -10.60
H1' AMP IA . 14.21 -46.10 -8.96
H8 AMP IA . 11.77 -44.75 -6.29
HN61 AMP IA . 10.46 -49.04 -4.37
HN62 AMP IA . 11.15 -50.65 -4.48
H2 AMP IA . 14.31 -50.48 -7.65
MG MG JA . 12.44 -36.06 -5.40
P AMP KA . 33.08 -28.39 29.51
O1P AMP KA . 32.61 -28.16 28.14
O2P AMP KA . 34.27 -27.61 29.98
O3P AMP KA . 33.36 -29.84 29.81
O5' AMP KA . 31.92 -27.95 30.51
C5' AMP KA . 32.12 -28.12 31.89
C4' AMP KA . 30.82 -28.18 32.65
O4' AMP KA . 30.03 -27.01 32.32
C3' AMP KA . 29.87 -29.34 32.37
O3' AMP KA . 30.20 -30.49 33.14
C2' AMP KA . 28.51 -28.78 32.75
O2' AMP KA . 28.27 -28.86 34.14
C1' AMP KA . 28.65 -27.30 32.38
N9 AMP KA . 28.01 -26.93 31.09
C8 AMP KA . 28.61 -26.61 29.90
N7 AMP KA . 27.76 -26.24 28.96
C5 AMP KA . 26.55 -26.31 29.59
C6 AMP KA . 25.22 -26.04 29.14
N6 AMP KA . 24.93 -25.58 27.93
N1 AMP KA . 24.22 -26.24 30.00
C2 AMP KA . 24.50 -26.69 31.22
N3 AMP KA . 25.69 -26.97 31.76
C4 AMP KA . 26.65 -26.75 30.89
HOP2 AMP KA . 34.99 -28.01 30.53
HOP3 AMP KA . 32.86 -30.63 29.47
H5'1 AMP KA . 32.74 -27.29 32.21
H5'2 AMP KA . 32.70 -29.04 32.01
H4' AMP KA . 30.99 -28.10 33.72
H3' AMP KA . 29.92 -29.58 31.30
HO3' AMP KA . 30.24 -31.26 32.51
H2' AMP KA . 27.73 -29.29 32.17
HO2' AMP KA . 28.80 -29.65 34.46
H1' AMP KA . 28.21 -26.67 33.14
H8 AMP KA . 29.69 -26.69 29.75
HN61 AMP KA . 25.66 -25.42 27.25
HN62 AMP KA . 23.96 -25.42 27.67
H2 AMP KA . 23.64 -26.85 31.86
P AMP LA . 39.04 -32.21 24.64
O1P AMP LA . 39.16 -31.29 23.52
O2P AMP LA . 37.75 -33.01 24.95
O3P AMP LA . 39.43 -31.61 26.01
O5' AMP LA . 40.23 -33.20 24.42
C5' AMP LA . 40.10 -34.57 24.67
C4' AMP LA . 41.43 -35.27 24.52
O4' AMP LA . 41.54 -35.85 23.18
C3' AMP LA . 42.65 -34.35 24.68
O3' AMP LA . 43.71 -35.12 25.22
C2' AMP LA . 42.99 -34.00 23.24
O2' AMP LA . 44.32 -33.60 23.02
C1' AMP LA . 42.68 -35.30 22.52
N9 AMP LA . 42.38 -35.19 21.11
C8 AMP LA . 41.55 -34.30 20.48
N7 AMP LA . 41.36 -34.55 19.21
C5 AMP LA . 42.13 -35.69 18.99
C6 AMP LA . 42.35 -36.46 17.84
N6 AMP LA . 41.79 -36.22 16.66
N1 AMP LA . 43.18 -37.54 17.95
C2 AMP LA . 43.73 -37.80 19.13
N3 AMP LA . 43.59 -37.13 20.28
C4 AMP LA . 42.77 -36.08 20.14
HOP2 AMP LA . 36.95 -32.94 24.38
HOP3 AMP LA . 40.34 -31.57 26.42
H5'1 AMP LA . 39.34 -34.95 23.98
H5'2 AMP LA . 39.69 -34.67 25.69
H4' AMP LA . 41.48 -36.14 25.17
H3' AMP LA . 42.44 -33.47 25.28
HO3' AMP LA . 44.33 -35.35 24.47
H2' AMP LA . 42.33 -33.19 22.90
HO2' AMP LA . 44.29 -32.65 22.71
H1' AMP LA . 43.50 -36.02 22.64
H8 AMP LA . 41.09 -33.46 20.99
HN61 AMP LA . 41.15 -35.42 16.55
HN62 AMP LA . 41.98 -36.81 15.85
H2 AMP LA . 44.38 -38.67 19.16
MG MG MA . 36.16 -29.23 26.55
P AMP NA . -3.19 4.84 -53.07
O1P AMP NA . -2.09 3.82 -52.87
O2P AMP NA . -4.61 4.60 -52.49
O3P AMP NA . -3.42 5.32 -54.49
O5' AMP NA . -2.79 6.13 -52.28
C5' AMP NA . -1.81 7.00 -52.79
C4' AMP NA . -1.23 7.79 -51.63
O4' AMP NA . -2.30 8.55 -51.00
C3' AMP NA . -0.66 6.97 -50.48
O3' AMP NA . 0.63 6.46 -50.76
C2' AMP NA . -0.71 7.98 -49.33
O2' AMP NA . 0.34 8.93 -49.43
C1' AMP NA . -2.01 8.73 -49.63
N9 AMP NA . -3.15 8.25 -48.82
C8 AMP NA . -4.18 7.43 -49.22
N7 AMP NA . -5.04 7.15 -48.27
C5 AMP NA . -4.56 7.84 -47.18
C6 AMP NA . -5.03 7.99 -45.86
N6 AMP NA . -6.19 7.48 -45.41
N1 AMP NA . -4.32 8.75 -45.02
C2 AMP NA . -3.20 9.32 -45.46
N3 AMP NA . -2.66 9.26 -46.67
C4 AMP NA . -3.39 8.51 -47.49
HOP2 AMP NA . -4.78 3.95 -51.76
HOP3 AMP NA . -3.13 4.87 -55.32
H5'1 AMP NA . -2.30 7.63 -53.53
H5'2 AMP NA . -1.07 6.39 -53.30
H4' AMP NA . -0.53 8.53 -52.00
H3' AMP NA . -1.30 6.12 -50.25
HO3' AMP NA . 0.91 5.91 -49.98
H2' AMP NA . -0.70 7.47 -48.38
HO2' AMP NA . 0.71 8.84 -50.36
H1' AMP NA . -1.91 9.80 -49.44
H8 AMP NA . -4.27 7.06 -50.24
HN61 AMP NA . -6.78 6.94 -46.03
HN62 AMP NA . -6.47 7.63 -44.45
H2 AMP NA . -2.67 9.91 -44.72
P AMP OA . -4.05 -2.70 -57.24
O1P AMP OA . -5.51 -2.88 -57.62
O2P AMP OA . -3.52 -2.71 -55.83
O3P AMP OA . -3.51 -1.34 -57.78
O5' AMP OA . -3.33 -3.74 -58.19
C5' AMP OA . -2.11 -4.37 -57.85
C4' AMP OA . -1.61 -5.22 -59.01
O4' AMP OA . -1.98 -6.62 -58.79
C3' AMP OA . -2.14 -4.87 -60.40
O3' AMP OA . -1.14 -5.11 -61.39
C2' AMP OA . -3.31 -5.84 -60.56
O2' AMP OA . -3.67 -6.13 -61.90
C1' AMP OA . -2.78 -7.09 -59.86
N9 AMP OA . -3.80 -7.99 -59.28
C8 AMP OA . -4.84 -7.63 -58.45
N7 AMP OA . -5.54 -8.64 -58.00
C5 AMP OA . -4.94 -9.74 -58.58
C6 AMP OA . -5.20 -11.12 -58.51
N6 AMP OA . -6.21 -11.66 -57.81
N1 AMP OA . -4.40 -11.95 -59.20
C2 AMP OA . -3.42 -11.44 -59.93
N3 AMP OA . -3.08 -10.16 -60.10
C4 AMP OA . -3.87 -9.36 -59.39
HOP2 AMP OA . -4.11 -2.59 -55.04
HOP3 AMP OA . -2.83 -1.20 -58.48
H5'1 AMP OA . -2.32 -4.97 -56.95
H5'2 AMP OA . -1.41 -3.59 -57.57
H4' AMP OA . -0.51 -5.23 -59.01
H3' AMP OA . -2.47 -3.83 -60.48
HO3' AMP OA . -1.57 -5.62 -62.12
H2' AMP OA . -4.17 -5.44 -60.03
HO2' AMP OA . -4.16 -5.33 -62.22
H1' AMP OA . -2.16 -7.69 -60.53
H8 AMP OA . -5.05 -6.60 -58.19
HN61 AMP OA . -6.85 -11.06 -57.28
HN62 AMP OA . -6.35 -12.66 -57.78
H2 AMP OA . -2.82 -12.16 -60.47
MG MG PA . -4.79 1.40 -55.19
P AMP QA . 12.42 -0.09 -17.23
O1P AMP QA . 12.51 -1.50 -17.67
O2P AMP QA . 12.19 1.05 -18.23
O3P AMP QA . 13.63 0.31 -16.47
O5' AMP QA . 11.16 0.02 -16.27
C5' AMP QA . 11.09 -0.77 -15.11
C4' AMP QA . 9.66 -0.93 -14.66
O4' AMP QA . 9.04 0.39 -14.63
C3' AMP QA . 8.70 -1.77 -15.50
O3' AMP QA . 8.83 -3.16 -15.26
C2' AMP QA . 7.33 -1.20 -15.10
O2' AMP QA . 6.81 -1.73 -13.87
C1' AMP QA . 7.65 0.28 -14.86
N9 AMP QA . 7.29 1.11 -16.04
C8 AMP QA . 8.11 1.68 -16.96
N7 AMP QA . 7.49 2.34 -17.90
C5 AMP QA . 6.15 2.20 -17.57
C6 AMP QA . 4.97 2.71 -18.13
N6 AMP QA . 4.94 3.48 -19.22
N1 AMP QA . 3.81 2.42 -17.52
C2 AMP QA . 3.82 1.65 -16.43
N3 AMP QA . 4.86 1.11 -15.80
C4 AMP QA . 6.01 1.42 -16.42
HOP2 AMP QA . 11.48 1.74 -18.09
HOP3 AMP QA . 14.29 -0.28 -16.03
H5'1 AMP QA . 11.71 -0.28 -14.36
H5'2 AMP QA . 11.56 -1.72 -15.34
H4' AMP QA . 9.63 -1.29 -13.64
H3' AMP QA . 8.88 -1.60 -16.55
HO3' AMP QA . 9.00 -3.29 -14.29
H2' AMP QA . 6.63 -1.38 -15.91
HO2' AMP QA . 7.60 -1.82 -13.26
H1' AMP QA . 7.15 0.69 -13.99
H8 AMP QA . 9.20 1.60 -16.92
HN61 AMP QA . 5.82 3.73 -19.69
HN62 AMP QA . 4.07 3.82 -19.59
H2 AMP QA . 2.84 1.45 -15.99
P AMP RA . 19.04 -2.58 -22.40
O1P AMP RA . 19.45 -1.36 -23.23
O2P AMP RA . 17.78 -3.33 -22.67
O3P AMP RA . 18.86 -2.25 -20.92
O5' AMP RA . 20.31 -3.55 -22.46
C5' AMP RA . 20.13 -4.95 -22.52
C4' AMP RA . 21.46 -5.69 -22.55
O4' AMP RA . 21.77 -5.94 -23.94
C3' AMP RA . 22.67 -4.98 -21.96
O3' AMP RA . 23.60 -5.94 -21.45
C2' AMP RA . 23.28 -4.29 -23.18
O2' AMP RA . 24.67 -4.09 -23.04
C1' AMP RA . 22.99 -5.31 -24.29
N9 AMP RA . 22.76 -4.71 -25.60
C8 AMP RA . 21.91 -3.68 -25.87
N7 AMP RA . 21.70 -3.47 -27.15
C5 AMP RA . 22.49 -4.42 -27.76
C6 AMP RA . 22.72 -4.75 -29.11
N6 AMP RA . 22.25 -4.04 -30.13
N1 AMP RA . 23.53 -5.79 -29.38
C2 AMP RA . 24.09 -6.45 -28.37
N3 AMP RA . 23.97 -6.22 -27.07
C4 AMP RA . 23.15 -5.20 -26.82
HOP2 AMP RA . 17.14 -3.57 -21.94
HOP3 AMP RA . 19.53 -2.34 -20.20
H5'1 AMP RA . 19.54 -5.15 -23.43
H5'2 AMP RA . 19.52 -5.22 -21.66
H4' AMP RA . 21.36 -6.66 -22.08
H3' AMP RA . 22.40 -4.27 -21.18
HO3' AMP RA . 24.52 -5.63 -21.68
H2' AMP RA . 22.76 -3.36 -23.38
H1' AMP RA . 23.79 -6.06 -24.34
H8 AMP RA . 21.44 -3.09 -25.09
HN61 AMP RA . 21.70 -3.21 -29.96
HN62 AMP RA . 22.45 -4.33 -31.08
H2 AMP RA . 24.74 -7.28 -28.66
MG MG SA . 15.64 -0.05 -20.24
P AMP TA . -21.29 -17.80 -26.49
O1P AMP TA . -20.43 -18.26 -27.53
O2P AMP TA . -20.70 -17.18 -25.30
O3P AMP TA . -22.16 -18.86 -26.03
O5' AMP TA . -22.07 -16.58 -27.12
C5' AMP TA . -23.18 -16.85 -27.95
C4' AMP TA . -23.42 -15.73 -28.96
O4' AMP TA . -23.64 -14.48 -28.29
C3' AMP TA . -22.26 -15.44 -29.88
O3' AMP TA . -22.18 -16.37 -30.93
C2' AMP TA . -22.53 -14.01 -30.34
O2' AMP TA . -23.52 -13.93 -31.37
C1' AMP TA . -23.15 -13.42 -29.09
N9 AMP TA . -22.18 -12.63 -28.30
C8 AMP TA . -21.57 -13.03 -27.14
N7 AMP TA . -20.87 -12.10 -26.57
C5 AMP TA . -21.03 -11.00 -27.41
C6 AMP TA . -20.58 -9.67 -27.33
N6 AMP TA . -19.97 -9.16 -26.27
N1 AMP TA . -20.92 -8.83 -28.33
C2 AMP TA . -21.67 -9.29 -29.32
N3 AMP TA . -22.18 -10.51 -29.50
C4 AMP TA . -21.83 -11.32 -28.48
HOP2 AMP TA . -20.76 -16.20 -25.12
HOP3 AMP TA . -21.98 -19.51 -25.30
H5'1 AMP TA . -24.04 -16.98 -27.28
H5'2 AMP TA . -22.98 -17.80 -28.43
H4' AMP TA . -24.35 -15.89 -29.49
H3' AMP TA . -21.31 -15.45 -29.34
HO3' AMP TA . -21.30 -16.26 -31.36
H2' AMP TA . -21.59 -13.56 -30.65
HO2' AMP TA . -23.88 -14.85 -31.48
H1' AMP TA . -23.99 -12.77 -29.33
H8 AMP TA . -21.67 -14.04 -26.73
HN61 AMP TA . -19.81 -9.74 -25.44
HN62 AMP TA . -19.66 -8.19 -26.26
H2 AMP TA . -21.92 -8.56 -30.09
P AMP UA . -16.50 -24.48 -23.91
O1P AMP UA . -16.18 -24.38 -22.53
O2P AMP UA . -16.19 -23.32 -24.87
O3P AMP UA . -17.99 -24.97 -24.13
O5' AMP UA . -15.52 -25.62 -24.42
C5' AMP UA . -15.79 -26.24 -25.66
C4' AMP UA . -15.53 -27.73 -25.64
O4' AMP UA . -14.12 -28.00 -25.36
C3' AMP UA . -16.33 -28.56 -24.63
O3' AMP UA . -16.72 -29.82 -25.19
C2' AMP UA . -15.32 -28.77 -23.49
O2' AMP UA . -15.55 -29.93 -22.75
C1' AMP UA . -14.00 -28.87 -24.24
N9 AMP UA . -12.80 -28.47 -23.48
C8 AMP UA . -12.59 -27.29 -22.83
N7 AMP UA . -11.40 -27.18 -22.28
C5 AMP UA . -10.80 -28.40 -22.58
C6 AMP UA . -9.55 -28.94 -22.24
N6 AMP UA . -8.60 -28.27 -21.59
N1 AMP UA . -9.28 -30.20 -22.65
C2 AMP UA . -10.20 -30.87 -23.35
N3 AMP UA . -11.42 -30.45 -23.73
C4 AMP UA . -11.65 -29.20 -23.31
HOP2 AMP UA . -15.39 -22.74 -24.76
HOP3 AMP UA . -18.62 -25.34 -23.45
H5'1 AMP UA . -15.18 -25.73 -26.39
H5'2 AMP UA . -16.84 -26.01 -25.88
H4' AMP UA . -15.65 -28.13 -26.65
H3' AMP UA . -17.21 -28.03 -24.29
HO3' AMP UA . -16.79 -30.46 -24.44
H2' AMP UA . -15.33 -27.89 -22.85
HO2' AMP UA . -14.66 -30.25 -22.42
H1' AMP UA . -13.83 -29.88 -24.61
H8 AMP UA . -13.35 -26.50 -22.77
HN61 AMP UA . -8.76 -27.32 -21.30
HN62 AMP UA . -7.71 -28.71 -21.37
H2 AMP UA . -9.92 -31.87 -23.64
MG MG VA . -18.85 -20.62 -24.32
#